data_5XZN
#
_entry.id   5XZN
#
_cell.length_a   125.121
_cell.length_b   121.080
_cell.length_c   185.119
_cell.angle_alpha   90.000
_cell.angle_beta   101.960
_cell.angle_gamma   90.000
#
_symmetry.space_group_name_H-M   'I 1 2 1'
#
loop_
_entity.id
_entity.type
_entity.pdbx_description
1 polymer Catalase
2 non-polymer 'CIS-HEME D HYDROXYCHLORIN GAMMA-SPIROLACTONE'
3 non-polymer 'CALCIUM ION'
4 non-polymer 'PENTAETHYLENE GLYCOL'
5 water water
#
_entity_poly.entity_id   1
_entity_poly.type   'polypeptide(L)'
_entity_poly.pdbx_seq_one_letter_code
;SPLAAYEVDDSTGYLTSDVGGPIQDQTSLKAGIRGPTLLEDFMFRQKIQHFDHERVPERAVHARGAGAHGTFTSYADWSN
ITAASFLNATGKQTPVFVRFSTVAGSRGSADTARDVHGFATRFYTDEGNFDIVGNNIPVFFIQDAIQFPDLIHSVKPRPD
NEIPQAATAHDSAWDFFSQQPSTMHTLFWAMSGHGIPRSYRHMDGFGCHTFRFVKDDGSSKLIKWHFKSRQGKASLVWEE
AQVLSGKNADFHRQDLWDAIESGNGPEWDVCVQIVDESQAQAFGFDLLDPTKIIPEEYAPLTKLGLLKLDRNPTNYFAET
EQVMFQPGHIVRGIDFTEDPLLQGRLFSYLDTQLNRNGGPNFEQLPINMPRVPIHNNNRDGAGQMFIHRNKYPYTPNTLN
SGYPRQANQNAGRGFFTAPGRTASGALVREVSPTFNDHWSQPRLFFNSLTPVEQQFLVNAMRFEISLVKSEEVKKNVLTQ
LNRVSHDVAVRVAAAIGLGAPDADDTYYHNNKTAGVSIVGSGPLPTIKTLRVGILATTSESSALDQAAQLRTRLEKDGLV
VTVVAETLREGVDQTYSTADATGFDGVVVVDGAAALFASTASSPLFPTGRPLQIFVDAYRWGKPVGVCGGKSSEVLDAAD
VPEDGDGVYSEESVDMFVEEFEKGLATFRFTDRFALDS
;
_entity_poly.pdbx_strand_id   A,B,C,D
#
loop_
_chem_comp.id
_chem_comp.type
_chem_comp.name
_chem_comp.formula
1PE non-polymer 'PENTAETHYLENE GLYCOL' 'C10 H22 O6'
CA non-polymer 'CALCIUM ION' 'Ca 2'
HDD non-polymer 'CIS-HEME D HYDROXYCHLORIN GAMMA-SPIROLACTONE' 'C34 H32 Fe N4 O5'
#
# COMPACT_ATOMS: atom_id res chain seq x y z
N SER A 1 3.31 3.71 29.73
CA SER A 1 3.22 4.38 28.42
C SER A 1 3.44 3.34 27.34
N PRO A 2 2.59 3.31 26.30
CA PRO A 2 2.87 2.47 25.13
C PRO A 2 4.20 2.86 24.47
N LEU A 3 4.67 4.10 24.67
CA LEU A 3 6.00 4.56 24.13
C LEU A 3 7.13 3.86 24.89
N ALA A 4 7.12 3.82 26.22
CA ALA A 4 8.28 3.26 26.95
C ALA A 4 8.49 1.80 26.58
N ALA A 5 7.43 1.03 26.33
CA ALA A 5 7.51 -0.40 26.07
C ALA A 5 8.21 -0.65 24.72
N TYR A 6 8.18 0.36 23.82
CA TYR A 6 8.68 0.19 22.46
C TYR A 6 10.00 0.89 22.29
N GLU A 7 10.59 1.43 23.35
CA GLU A 7 11.92 2.08 23.22
C GLU A 7 12.98 1.00 23.04
N VAL A 8 13.87 1.24 22.09
CA VAL A 8 14.93 0.28 21.73
C VAL A 8 16.28 0.90 22.01
N ASP A 9 17.07 0.23 22.83
N ASP A 9 17.06 0.22 22.87
CA ASP A 9 18.40 0.73 23.26
CA ASP A 9 18.43 0.62 23.31
C ASP A 9 19.48 0.00 22.46
C ASP A 9 19.46 -0.04 22.40
N ASP A 10 20.30 0.77 21.74
CA ASP A 10 21.39 0.28 20.89
C ASP A 10 22.70 0.90 21.37
N SER A 11 22.77 1.18 22.66
CA SER A 11 24.00 1.78 23.27
C SER A 11 25.06 0.69 23.46
N THR A 12 24.70 -0.58 23.37
CA THR A 12 25.64 -1.72 23.47
C THR A 12 25.18 -2.79 22.49
N GLY A 13 26.05 -3.78 22.29
CA GLY A 13 25.67 -5.01 21.61
C GLY A 13 26.22 -5.12 20.20
N TYR A 14 26.09 -6.33 19.69
CA TYR A 14 26.42 -6.69 18.31
C TYR A 14 25.19 -6.48 17.42
N LEU A 15 25.53 -6.00 16.22
CA LEU A 15 24.55 -5.87 15.12
C LEU A 15 23.80 -7.19 14.88
N THR A 16 22.47 -7.11 14.69
CA THR A 16 21.63 -8.24 14.34
C THR A 16 20.69 -7.91 13.17
N SER A 17 20.18 -8.92 12.52
CA SER A 17 19.04 -8.73 11.61
C SER A 17 17.82 -8.33 12.44
N ASP A 18 16.73 -8.05 11.75
CA ASP A 18 15.44 -7.80 12.43
C ASP A 18 14.89 -9.05 13.11
N VAL A 19 15.51 -10.21 12.89
CA VAL A 19 15.03 -11.45 13.57
C VAL A 19 16.14 -11.92 14.52
N GLY A 20 17.03 -11.04 14.93
CA GLY A 20 17.93 -11.32 16.08
C GLY A 20 19.14 -12.13 15.71
N GLY A 21 19.41 -12.38 14.43
CA GLY A 21 20.65 -13.10 14.05
C GLY A 21 21.81 -12.13 13.97
N PRO A 22 22.93 -12.35 14.68
CA PRO A 22 24.06 -11.44 14.60
C PRO A 22 24.66 -11.45 13.19
N ILE A 23 24.96 -10.26 12.68
CA ILE A 23 25.37 -10.08 11.28
C ILE A 23 26.39 -8.94 11.20
N GLN A 24 26.89 -8.74 9.98
CA GLN A 24 27.65 -7.51 9.66
C GLN A 24 26.88 -6.74 8.59
N ASP A 25 27.32 -5.52 8.30
CA ASP A 25 26.56 -4.70 7.29
C ASP A 25 27.47 -3.70 6.57
N GLN A 26 28.76 -3.99 6.47
CA GLN A 26 29.73 -3.03 5.86
C GLN A 26 30.31 -3.46 4.53
N THR A 27 30.37 -4.76 4.24
CA THR A 27 30.86 -5.26 2.96
C THR A 27 29.87 -6.26 2.35
N SER A 28 29.58 -6.10 1.09
CA SER A 28 28.75 -7.04 0.30
C SER A 28 29.48 -8.39 0.13
N LEU A 29 28.67 -9.46 0.07
CA LEU A 29 29.19 -10.82 -0.30
C LEU A 29 29.40 -10.94 -1.81
N LYS A 30 30.61 -11.28 -2.22
CA LYS A 30 31.03 -11.26 -3.65
C LYS A 30 31.66 -12.58 -4.07
N ALA A 31 31.52 -12.93 -5.34
CA ALA A 31 32.21 -14.08 -5.96
C ALA A 31 33.64 -13.64 -6.29
N GLY A 32 34.49 -13.67 -5.29
CA GLY A 32 35.88 -13.21 -5.40
C GLY A 32 36.04 -11.77 -4.98
N ILE A 33 37.27 -11.40 -4.62
CA ILE A 33 37.57 -10.08 -4.01
C ILE A 33 37.24 -8.92 -4.97
N ARG A 34 37.26 -9.12 -6.28
CA ARG A 34 36.88 -8.10 -7.28
C ARG A 34 35.66 -8.61 -8.06
N GLY A 35 34.81 -9.40 -7.43
CA GLY A 35 33.72 -10.07 -8.14
C GLY A 35 32.35 -9.44 -7.89
N PRO A 36 31.36 -9.96 -8.63
CA PRO A 36 29.99 -9.47 -8.55
C PRO A 36 29.31 -9.84 -7.24
N THR A 37 28.37 -9.02 -6.80
CA THR A 37 27.65 -9.29 -5.55
C THR A 37 26.66 -10.44 -5.71
N LEU A 38 26.52 -11.25 -4.68
CA LEU A 38 25.64 -12.44 -4.73
C LEU A 38 24.21 -12.12 -4.28
N LEU A 39 23.27 -12.72 -4.96
CA LEU A 39 21.85 -12.66 -4.59
C LEU A 39 21.64 -13.28 -3.21
N GLU A 40 22.46 -14.25 -2.80
CA GLU A 40 22.24 -14.89 -1.48
C GLU A 40 22.70 -13.97 -0.34
N ASP A 41 23.18 -12.77 -0.63
CA ASP A 41 23.57 -11.82 0.45
C ASP A 41 22.29 -11.21 1.08
N PHE A 42 21.72 -11.95 2.01
CA PHE A 42 20.53 -11.49 2.79
C PHE A 42 20.87 -10.29 3.69
N MET A 43 22.12 -10.11 4.10
CA MET A 43 22.50 -9.01 4.99
C MET A 43 22.32 -7.73 4.19
N PHE A 44 22.83 -7.72 2.97
CA PHE A 44 22.71 -6.58 2.03
C PHE A 44 21.22 -6.32 1.78
N ARG A 45 20.47 -7.32 1.36
CA ARG A 45 19.09 -7.05 0.89
C ARG A 45 18.18 -6.63 2.06
N GLN A 46 18.28 -7.18 3.25
CA GLN A 46 17.35 -6.72 4.31
C GLN A 46 17.66 -5.27 4.71
N LYS A 47 18.95 -4.91 4.72
CA LYS A 47 19.34 -3.53 5.05
C LYS A 47 18.87 -2.53 3.98
N ILE A 48 19.11 -2.87 2.73
CA ILE A 48 18.78 -1.93 1.61
C ILE A 48 17.28 -1.95 1.37
N GLN A 49 16.60 -3.07 1.55
CA GLN A 49 15.11 -3.07 1.45
C GLN A 49 14.56 -2.07 2.49
N HIS A 50 15.04 -2.15 3.73
CA HIS A 50 14.56 -1.24 4.79
C HIS A 50 14.80 0.19 4.32
N PHE A 51 16.01 0.49 3.86
CA PHE A 51 16.35 1.87 3.46
C PHE A 51 15.43 2.33 2.34
N ASP A 52 15.25 1.47 1.35
CA ASP A 52 14.45 1.78 0.16
C ASP A 52 13.00 2.12 0.52
N HIS A 53 12.51 1.60 1.65
CA HIS A 53 11.12 1.77 2.10
C HIS A 53 11.04 2.71 3.30
N GLU A 54 12.06 3.49 3.64
CA GLU A 54 12.01 4.36 4.85
C GLU A 54 10.87 5.39 4.73
N ARG A 55 10.61 5.95 3.55
CA ARG A 55 9.72 7.09 3.44
C ARG A 55 8.25 6.69 3.44
N VAL A 56 7.44 7.61 3.94
CA VAL A 56 5.98 7.53 3.90
C VAL A 56 5.47 8.83 3.29
N PRO A 57 4.23 8.82 2.74
CA PRO A 57 3.72 10.07 2.19
C PRO A 57 3.72 11.16 3.25
N GLU A 58 4.12 12.36 2.87
CA GLU A 58 3.98 13.52 3.76
C GLU A 58 2.49 13.80 3.95
N ARG A 59 2.12 14.51 5.02
CA ARG A 59 0.72 14.94 5.22
C ARG A 59 0.26 15.80 4.04
N ALA A 60 -0.97 15.64 3.63
CA ALA A 60 -1.47 16.38 2.43
C ALA A 60 -1.47 17.88 2.66
N VAL A 61 -1.63 18.32 3.94
CA VAL A 61 -1.39 19.71 4.38
C VAL A 61 -0.63 19.60 5.70
N HIS A 62 0.03 20.70 6.10
CA HIS A 62 0.79 20.73 7.37
C HIS A 62 1.90 19.69 7.33
N ALA A 63 2.47 19.46 6.15
CA ALA A 63 3.59 18.51 6.00
C ALA A 63 4.85 18.90 6.79
N ARG A 64 5.11 20.18 6.93
CA ARG A 64 6.29 20.72 7.65
C ARG A 64 5.93 21.05 9.10
N GLY A 65 6.45 20.31 10.07
CA GLY A 65 6.10 20.61 11.46
C GLY A 65 6.97 19.90 12.45
N ALA A 66 6.70 20.12 13.72
CA ALA A 66 7.56 19.59 14.82
C ALA A 66 6.71 19.48 16.08
N GLY A 67 7.01 18.43 16.87
CA GLY A 67 6.20 18.06 18.02
C GLY A 67 7.00 17.84 19.30
N ALA A 68 6.23 17.84 20.37
CA ALA A 68 6.77 17.66 21.75
C ALA A 68 5.70 17.12 22.66
N HIS A 69 6.19 16.37 23.68
CA HIS A 69 5.37 15.81 24.77
C HIS A 69 5.20 16.84 25.90
N GLY A 70 4.11 16.70 26.62
CA GLY A 70 3.94 17.48 27.86
C GLY A 70 2.76 17.01 28.65
N THR A 71 2.21 17.95 29.44
CA THR A 71 1.12 17.68 30.37
C THR A 71 0.09 18.79 30.28
N PHE A 72 -1.16 18.41 30.41
CA PHE A 72 -2.26 19.34 30.69
C PHE A 72 -2.75 19.17 32.15
N THR A 73 -2.94 20.29 32.85
CA THR A 73 -3.42 20.28 34.28
C THR A 73 -4.68 21.12 34.37
N SER A 74 -5.78 20.51 34.79
CA SER A 74 -7.05 21.24 34.98
C SER A 74 -6.95 22.19 36.18
N TYR A 75 -7.50 23.37 36.04
CA TYR A 75 -7.54 24.37 37.15
C TYR A 75 -8.71 24.05 38.08
N ALA A 76 -9.69 23.26 37.68
CA ALA A 76 -10.92 23.10 38.48
C ALA A 76 -11.65 21.81 38.12
N ASP A 77 -12.71 21.53 38.85
CA ASP A 77 -13.74 20.55 38.45
C ASP A 77 -14.73 21.31 37.60
N TRP A 78 -14.71 21.05 36.29
CA TRP A 78 -15.58 21.73 35.30
C TRP A 78 -16.87 20.97 35.04
N SER A 79 -17.29 20.05 35.93
N SER A 79 -17.29 20.06 35.93
CA SER A 79 -18.58 19.30 35.83
CA SER A 79 -18.54 19.29 35.75
C SER A 79 -19.74 20.25 35.53
C SER A 79 -19.76 20.21 35.60
N ASN A 80 -19.69 21.48 36.03
CA ASN A 80 -20.81 22.46 35.89
C ASN A 80 -21.02 22.84 34.43
N ILE A 81 -20.01 22.65 33.56
CA ILE A 81 -20.13 23.02 32.13
C ILE A 81 -19.86 21.83 31.20
N THR A 82 -19.18 20.75 31.63
CA THR A 82 -18.88 19.61 30.71
C THR A 82 -18.69 18.33 31.52
N ALA A 83 -19.11 17.22 30.97
CA ALA A 83 -18.87 15.88 31.50
C ALA A 83 -17.43 15.44 31.24
N ALA A 84 -16.60 16.21 30.50
CA ALA A 84 -15.28 15.71 30.04
C ALA A 84 -14.44 15.29 31.26
N SER A 85 -13.99 14.05 31.28
CA SER A 85 -13.22 13.49 32.42
C SER A 85 -11.93 14.23 32.67
N PHE A 86 -11.18 14.66 31.65
CA PHE A 86 -9.86 15.26 31.85
C PHE A 86 -10.01 16.64 32.51
N LEU A 87 -11.24 17.15 32.54
CA LEU A 87 -11.56 18.49 33.13
C LEU A 87 -12.35 18.33 34.44
N ASN A 88 -12.39 17.15 35.04
CA ASN A 88 -13.37 16.89 36.14
C ASN A 88 -12.78 17.07 37.56
N ALA A 89 -11.58 17.56 37.73
CA ALA A 89 -11.02 17.79 39.08
C ALA A 89 -9.87 18.78 39.03
N THR A 90 -9.80 19.68 40.01
CA THR A 90 -8.67 20.59 40.22
C THR A 90 -7.39 19.76 40.21
N GLY A 91 -6.40 20.18 39.42
CA GLY A 91 -5.06 19.56 39.39
C GLY A 91 -5.01 18.26 38.61
N LYS A 92 -6.10 17.82 38.00
CA LYS A 92 -6.06 16.55 37.24
C LYS A 92 -5.10 16.69 36.05
N GLN A 93 -4.15 15.78 35.96
CA GLN A 93 -3.07 15.83 34.94
C GLN A 93 -3.39 14.85 33.82
N THR A 94 -3.19 15.30 32.58
CA THR A 94 -3.36 14.40 31.42
C THR A 94 -2.15 14.54 30.51
N PRO A 95 -1.49 13.42 30.09
CA PRO A 95 -0.38 13.59 29.17
C PRO A 95 -0.84 14.18 27.82
N VAL A 96 0.03 14.94 27.20
CA VAL A 96 -0.27 15.50 25.85
C VAL A 96 0.90 15.26 24.92
N PHE A 97 0.55 15.37 23.61
CA PHE A 97 1.54 15.52 22.54
C PHE A 97 1.03 16.62 21.62
N VAL A 98 1.89 17.54 21.24
CA VAL A 98 1.51 18.69 20.39
C VAL A 98 2.39 18.62 19.16
N ARG A 99 1.80 18.83 17.98
CA ARG A 99 2.60 19.16 16.79
C ARG A 99 2.17 20.51 16.23
N PHE A 100 3.16 21.33 15.91
CA PHE A 100 3.04 22.66 15.27
C PHE A 100 3.52 22.51 13.83
N SER A 101 3.03 23.37 12.95
CA SER A 101 3.30 23.19 11.50
C SER A 101 3.03 24.47 10.73
N THR A 102 3.51 24.51 9.50
CA THR A 102 2.91 25.42 8.49
C THR A 102 1.78 24.65 7.82
N VAL A 103 1.30 25.16 6.67
CA VAL A 103 0.18 24.48 5.94
C VAL A 103 0.62 24.04 4.54
N ALA A 104 1.13 24.98 3.74
CA ALA A 104 1.30 24.77 2.29
C ALA A 104 2.58 24.02 1.92
N GLY A 105 3.68 24.28 2.60
CA GLY A 105 4.97 23.72 2.22
C GLY A 105 5.03 22.20 2.39
N SER A 106 5.86 21.59 1.57
CA SER A 106 6.23 20.16 1.72
C SER A 106 7.20 19.99 2.89
N ARG A 107 7.57 18.77 3.13
N ARG A 107 7.44 18.76 3.30
CA ARG A 107 8.70 18.43 4.02
CA ARG A 107 8.03 18.45 4.64
C ARG A 107 9.97 19.10 3.51
C ARG A 107 9.47 19.00 4.77
N GLY A 108 10.72 19.65 4.46
N GLY A 108 10.15 19.37 3.68
CA GLY A 108 11.97 20.36 4.18
CA GLY A 108 11.51 19.98 3.75
C GLY A 108 11.72 21.80 3.80
C GLY A 108 11.59 21.52 3.66
N SER A 109 10.45 22.21 3.57
CA SER A 109 10.28 23.65 3.34
C SER A 109 10.55 24.43 4.63
N ALA A 110 10.69 25.73 4.50
CA ALA A 110 11.21 26.55 5.62
C ALA A 110 10.12 26.81 6.64
N ASP A 111 10.48 26.81 7.93
CA ASP A 111 9.56 27.16 9.04
C ASP A 111 9.02 28.57 8.85
N THR A 112 9.83 29.49 8.35
CA THR A 112 9.49 30.95 8.36
C THR A 112 8.90 31.40 7.04
N ALA A 113 8.31 30.48 6.30
CA ALA A 113 7.37 30.85 5.22
C ALA A 113 6.25 31.70 5.82
N ARG A 114 5.66 32.57 5.00
CA ARG A 114 4.40 33.22 5.42
C ARG A 114 3.23 32.26 5.21
N ASP A 115 2.55 31.89 6.26
CA ASP A 115 1.51 30.85 6.18
C ASP A 115 0.60 30.90 7.38
N VAL A 116 -0.52 30.20 7.28
CA VAL A 116 -1.24 29.75 8.49
C VAL A 116 -0.42 28.65 9.17
N HIS A 117 -0.53 28.52 10.49
CA HIS A 117 0.24 27.51 11.24
C HIS A 117 -0.70 26.57 11.98
N GLY A 118 -0.35 25.28 12.04
CA GLY A 118 -1.07 24.31 12.85
C GLY A 118 -0.61 24.32 14.28
N PHE A 119 -1.51 23.89 15.13
CA PHE A 119 -1.27 23.72 16.57
C PHE A 119 -2.25 22.62 16.94
N ALA A 120 -1.77 21.38 16.90
CA ALA A 120 -2.57 20.16 17.11
C ALA A 120 -2.18 19.55 18.44
N THR A 121 -3.17 19.38 19.31
CA THR A 121 -2.91 18.89 20.68
C THR A 121 -3.71 17.61 20.90
N ARG A 122 -3.00 16.57 21.34
CA ARG A 122 -3.60 15.30 21.77
C ARG A 122 -3.58 15.25 23.30
N PHE A 123 -4.73 15.03 23.89
CA PHE A 123 -4.92 14.78 25.34
C PHE A 123 -5.13 13.27 25.46
N TYR A 124 -4.20 12.55 26.09
CA TYR A 124 -4.33 11.10 26.28
C TYR A 124 -5.18 10.87 27.54
N THR A 125 -6.48 11.09 27.44
CA THR A 125 -7.34 11.16 28.65
C THR A 125 -7.66 9.77 29.15
N ASP A 126 -8.16 9.72 30.41
CA ASP A 126 -8.60 8.46 31.01
C ASP A 126 -9.95 7.98 30.49
N GLU A 127 -10.54 8.68 29.48
N GLU A 127 -10.56 8.67 29.50
CA GLU A 127 -11.76 8.25 28.79
CA GLU A 127 -11.75 8.16 28.77
C GLU A 127 -11.52 8.27 27.27
C GLU A 127 -11.50 8.36 27.27
N GLY A 128 -10.25 8.16 26.87
CA GLY A 128 -9.88 8.07 25.44
C GLY A 128 -9.08 9.27 24.97
N ASN A 129 -8.45 9.13 23.81
CA ASN A 129 -7.67 10.24 23.26
C ASN A 129 -8.66 11.31 22.76
N PHE A 130 -8.34 12.55 23.09
CA PHE A 130 -9.11 13.73 22.65
C PHE A 130 -8.13 14.62 21.92
N ASP A 131 -8.40 14.93 20.64
CA ASP A 131 -7.52 15.85 19.87
C ASP A 131 -8.25 17.18 19.61
N ILE A 132 -7.56 18.28 19.84
CA ILE A 132 -7.99 19.61 19.36
C ILE A 132 -7.01 19.96 18.25
N VAL A 133 -7.52 19.89 17.02
CA VAL A 133 -6.65 20.09 15.84
C VAL A 133 -6.86 21.52 15.39
N GLY A 134 -6.00 22.39 15.91
CA GLY A 134 -6.19 23.83 15.76
C GLY A 134 -5.15 24.51 14.87
N ASN A 135 -5.29 25.83 14.72
CA ASN A 135 -4.34 26.69 13.98
C ASN A 135 -4.00 27.91 14.83
N ASN A 136 -3.01 28.69 14.40
CA ASN A 136 -2.60 29.91 15.15
C ASN A 136 -3.46 31.10 14.76
N ILE A 137 -4.42 30.90 13.86
CA ILE A 137 -5.34 31.94 13.34
C ILE A 137 -6.72 31.38 13.57
N PRO A 138 -7.64 32.15 14.19
CA PRO A 138 -8.90 31.57 14.65
C PRO A 138 -9.99 31.32 13.61
N VAL A 139 -9.74 31.82 12.40
CA VAL A 139 -10.75 31.76 11.30
C VAL A 139 -10.11 31.07 10.11
N PHE A 140 -10.92 30.39 9.32
CA PHE A 140 -10.42 29.63 8.17
C PHE A 140 -10.88 30.29 6.88
N PHE A 141 -10.20 29.95 5.79
CA PHE A 141 -10.42 30.62 4.50
C PHE A 141 -11.77 30.32 3.84
N ILE A 142 -12.35 29.18 4.14
CA ILE A 142 -13.55 28.67 3.43
C ILE A 142 -14.62 28.25 4.42
N GLN A 143 -15.83 28.14 3.92
CA GLN A 143 -17.04 27.90 4.78
C GLN A 143 -17.64 26.49 4.57
N ASP A 144 -17.04 25.64 3.75
CA ASP A 144 -17.54 24.27 3.53
C ASP A 144 -16.35 23.38 3.24
N ALA A 145 -16.23 22.27 3.94
CA ALA A 145 -15.09 21.36 3.78
C ALA A 145 -14.93 20.88 2.31
N ILE A 146 -16.01 20.84 1.52
CA ILE A 146 -15.92 20.33 0.14
C ILE A 146 -14.98 21.22 -0.68
N GLN A 147 -14.75 22.45 -0.25
CA GLN A 147 -13.90 23.40 -0.98
C GLN A 147 -12.42 23.23 -0.62
N PHE A 148 -12.10 22.37 0.34
CA PHE A 148 -10.71 22.34 0.83
C PHE A 148 -9.74 22.05 -0.30
N PRO A 149 -9.99 21.08 -1.21
CA PRO A 149 -8.99 20.87 -2.28
C PRO A 149 -8.84 22.04 -3.24
N ASP A 150 -9.90 22.84 -3.37
CA ASP A 150 -9.83 24.04 -4.21
C ASP A 150 -8.86 25.04 -3.57
N LEU A 151 -9.05 25.36 -2.29
CA LEU A 151 -8.15 26.27 -1.57
C LEU A 151 -6.72 25.72 -1.66
N ILE A 152 -6.56 24.44 -1.32
CA ILE A 152 -5.17 23.90 -1.18
C ILE A 152 -4.46 23.79 -2.54
N HIS A 153 -5.17 23.34 -3.57
CA HIS A 153 -4.59 23.39 -4.93
C HIS A 153 -4.16 24.81 -5.28
N SER A 154 -4.97 25.78 -4.94
CA SER A 154 -4.68 27.18 -5.35
C SER A 154 -3.45 27.73 -4.62
N VAL A 155 -3.21 27.37 -3.37
N VAL A 155 -3.24 27.33 -3.40
CA VAL A 155 -2.06 27.97 -2.60
CA VAL A 155 -2.15 27.88 -2.56
C VAL A 155 -0.79 27.13 -2.77
C VAL A 155 -0.84 27.15 -2.85
N LYS A 156 -0.92 25.82 -3.05
CA LYS A 156 0.24 24.94 -3.31
C LYS A 156 0.79 25.28 -4.69
N PRO A 157 1.99 24.80 -5.00
CA PRO A 157 2.68 25.22 -6.21
C PRO A 157 1.88 24.95 -7.49
N ARG A 158 2.09 25.74 -8.53
CA ARG A 158 1.39 25.52 -9.81
C ARG A 158 1.75 24.12 -10.33
N PRO A 159 0.75 23.30 -10.75
CA PRO A 159 0.99 21.88 -10.95
C PRO A 159 1.71 21.46 -12.23
N ASP A 160 2.05 22.39 -13.12
CA ASP A 160 2.87 22.05 -14.31
C ASP A 160 4.37 21.99 -13.93
N ASN A 161 4.82 22.90 -13.08
CA ASN A 161 6.26 23.01 -12.74
C ASN A 161 6.53 22.96 -11.24
N GLU A 162 5.50 22.79 -10.42
CA GLU A 162 5.62 22.75 -8.96
C GLU A 162 6.43 23.97 -8.45
N ILE A 163 6.04 25.16 -8.87
CA ILE A 163 6.58 26.45 -8.38
C ILE A 163 5.41 27.32 -8.01
N PRO A 164 5.38 28.09 -6.92
CA PRO A 164 6.46 28.22 -5.93
C PRO A 164 6.20 27.47 -4.62
N GLN A 165 7.28 27.06 -3.97
CA GLN A 165 7.24 26.34 -2.69
C GLN A 165 6.76 27.27 -1.55
N ALA A 166 5.88 26.74 -0.73
CA ALA A 166 5.54 27.29 0.59
C ALA A 166 5.22 28.78 0.48
N ALA A 167 4.34 29.17 -0.41
CA ALA A 167 4.07 30.61 -0.63
C ALA A 167 2.70 30.78 -1.28
N THR A 168 1.99 31.82 -0.86
CA THR A 168 0.78 32.30 -1.51
C THR A 168 1.13 33.36 -2.56
N ALA A 169 2.40 33.70 -2.78
CA ALA A 169 2.78 34.80 -3.68
C ALA A 169 2.82 34.32 -5.14
N HIS A 170 1.65 33.94 -5.70
CA HIS A 170 1.53 33.46 -7.08
C HIS A 170 0.11 33.60 -7.55
N ASP A 171 -0.07 33.68 -8.86
CA ASP A 171 -1.38 33.95 -9.48
C ASP A 171 -2.51 33.06 -8.95
N SER A 172 -2.31 31.74 -8.88
CA SER A 172 -3.46 30.86 -8.56
C SER A 172 -4.05 31.19 -7.19
N ALA A 173 -3.21 31.46 -6.23
CA ALA A 173 -3.66 31.65 -4.85
C ALA A 173 -4.51 32.91 -4.82
N TRP A 174 -3.98 33.99 -5.41
CA TRP A 174 -4.69 35.30 -5.38
C TRP A 174 -5.91 35.23 -6.32
N ASP A 175 -5.89 34.40 -7.34
CA ASP A 175 -7.12 34.14 -8.16
C ASP A 175 -8.21 33.56 -7.28
N PHE A 176 -7.88 32.49 -6.52
CA PHE A 176 -8.85 31.88 -5.59
C PHE A 176 -9.31 32.92 -4.57
N PHE A 177 -8.40 33.63 -3.87
CA PHE A 177 -8.84 34.59 -2.84
C PHE A 177 -9.80 35.61 -3.44
N SER A 178 -9.48 36.11 -4.63
CA SER A 178 -10.29 37.21 -5.25
C SER A 178 -11.62 36.67 -5.73
N GLN A 179 -11.74 35.38 -6.05
CA GLN A 179 -13.01 34.80 -6.55
C GLN A 179 -13.84 34.19 -5.41
N GLN A 180 -13.22 33.95 -4.24
CA GLN A 180 -13.88 33.28 -3.07
C GLN A 180 -13.79 34.21 -1.87
N PRO A 181 -14.71 35.19 -1.76
CA PRO A 181 -14.53 36.28 -0.81
C PRO A 181 -14.51 35.83 0.65
N SER A 182 -15.02 34.65 0.97
CA SER A 182 -14.90 34.05 2.32
C SER A 182 -13.45 34.10 2.80
N THR A 183 -12.52 34.00 1.88
CA THR A 183 -11.08 33.96 2.22
C THR A 183 -10.57 35.26 2.86
N MET A 184 -11.31 36.36 2.78
CA MET A 184 -10.70 37.65 3.20
C MET A 184 -10.28 37.63 4.67
N HIS A 185 -11.02 37.04 5.59
CA HIS A 185 -10.66 37.18 7.01
C HIS A 185 -9.33 36.48 7.27
N THR A 186 -9.20 35.20 6.93
CA THR A 186 -7.95 34.49 7.14
C THR A 186 -6.81 35.15 6.37
N LEU A 187 -7.07 35.62 5.15
CA LEU A 187 -6.06 36.27 4.31
C LEU A 187 -5.49 37.46 5.08
N PHE A 188 -6.34 38.28 5.69
CA PHE A 188 -5.83 39.45 6.46
C PHE A 188 -4.97 38.94 7.62
N TRP A 189 -5.39 37.91 8.33
CA TRP A 189 -4.57 37.35 9.43
C TRP A 189 -3.22 36.88 8.88
N ALA A 190 -3.23 36.15 7.77
CA ALA A 190 -1.98 35.57 7.23
C ALA A 190 -1.03 36.66 6.74
N MET A 191 -1.58 37.78 6.27
CA MET A 191 -0.78 38.94 5.81
C MET A 191 -0.31 39.83 6.98
N SER A 192 -0.80 39.59 8.17
CA SER A 192 -0.34 40.26 9.43
C SER A 192 0.89 39.50 9.92
N GLY A 193 1.43 39.92 11.05
CA GLY A 193 2.54 39.20 11.67
C GLY A 193 2.15 37.79 12.06
N HIS A 194 0.85 37.47 12.17
CA HIS A 194 0.40 36.11 12.50
C HIS A 194 0.86 35.10 11.42
N GLY A 195 1.13 35.56 10.21
CA GLY A 195 1.67 34.71 9.15
C GLY A 195 3.14 34.36 9.35
N ILE A 196 3.86 35.15 10.16
CA ILE A 196 5.31 34.91 10.38
C ILE A 196 5.60 35.05 11.88
N PRO A 197 5.06 34.14 12.69
CA PRO A 197 5.32 34.16 14.14
C PRO A 197 6.82 34.02 14.45
N ARG A 198 7.24 34.62 15.56
CA ARG A 198 8.64 34.54 16.02
C ARG A 198 8.98 33.08 16.39
N SER A 199 8.04 32.33 16.91
CA SER A 199 8.24 30.91 17.27
C SER A 199 6.88 30.27 17.48
N TYR A 200 6.85 28.96 17.61
CA TYR A 200 5.64 28.22 17.97
C TYR A 200 5.16 28.64 19.37
N ARG A 201 6.13 29.05 20.19
CA ARG A 201 5.87 29.37 21.61
C ARG A 201 5.26 30.76 21.76
N HIS A 202 5.41 31.59 20.75
CA HIS A 202 4.99 33.01 20.72
C HIS A 202 3.74 33.16 19.84
N MET A 203 2.99 32.08 19.65
CA MET A 203 1.69 32.12 18.95
C MET A 203 0.65 31.40 19.80
N ASP A 204 -0.60 31.70 19.54
CA ASP A 204 -1.76 31.08 20.20
C ASP A 204 -2.28 29.90 19.36
N GLY A 205 -3.16 29.11 19.97
CA GLY A 205 -3.86 28.03 19.28
C GLY A 205 -5.34 28.24 19.35
N PHE A 206 -6.04 27.95 18.27
CA PHE A 206 -7.49 28.13 18.16
C PHE A 206 -8.14 26.87 17.59
N GLY A 207 -9.25 26.46 18.16
CA GLY A 207 -10.02 25.35 17.59
C GLY A 207 -10.69 25.78 16.30
N CYS A 208 -10.85 27.08 16.08
CA CYS A 208 -11.59 27.73 14.96
C CYS A 208 -13.10 27.50 15.04
N HIS A 209 -13.56 26.25 14.97
CA HIS A 209 -14.99 25.92 14.98
C HIS A 209 -15.62 26.15 16.37
N THR A 210 -16.88 26.47 16.36
CA THR A 210 -17.74 26.32 17.54
C THR A 210 -17.92 24.83 17.81
N PHE A 211 -17.61 24.41 19.02
CA PHE A 211 -17.93 23.06 19.49
C PHE A 211 -18.99 23.16 20.58
N ARG A 212 -19.41 22.02 21.11
CA ARG A 212 -20.32 21.99 22.26
C ARG A 212 -19.63 21.37 23.45
N PHE A 213 -19.88 21.97 24.61
CA PHE A 213 -19.68 21.34 25.94
C PHE A 213 -21.01 20.74 26.35
N VAL A 214 -20.98 19.46 26.71
CA VAL A 214 -22.18 18.67 27.00
C VAL A 214 -22.05 18.13 28.43
N LYS A 215 -23.06 18.42 29.23
CA LYS A 215 -23.04 17.97 30.64
C LYS A 215 -23.56 16.56 30.73
N ASP A 216 -23.33 15.92 31.87
CA ASP A 216 -23.95 14.58 32.06
C ASP A 216 -25.47 14.64 32.17
N ASP A 217 -26.10 15.81 32.34
CA ASP A 217 -27.58 15.90 32.30
C ASP A 217 -28.06 16.06 30.85
N GLY A 218 -27.14 16.11 29.90
CA GLY A 218 -27.52 16.19 28.47
C GLY A 218 -27.60 17.61 27.94
N SER A 219 -27.51 18.61 28.81
CA SER A 219 -27.57 20.02 28.42
C SER A 219 -26.26 20.40 27.70
N SER A 220 -26.33 21.39 26.85
CA SER A 220 -25.15 21.80 26.07
C SER A 220 -25.01 23.32 25.99
N LYS A 221 -23.77 23.76 25.82
CA LYS A 221 -23.44 25.15 25.50
C LYS A 221 -22.48 25.14 24.29
N LEU A 222 -22.36 26.28 23.68
CA LEU A 222 -21.44 26.45 22.54
C LEU A 222 -20.13 27.01 23.02
N ILE A 223 -19.01 26.54 22.46
CA ILE A 223 -17.69 26.94 22.95
C ILE A 223 -16.73 27.21 21.79
N LYS A 224 -15.77 28.04 22.06
CA LYS A 224 -14.59 28.22 21.19
C LYS A 224 -13.35 27.94 22.03
N TRP A 225 -12.39 27.17 21.50
CA TRP A 225 -11.12 26.91 22.17
C TRP A 225 -10.11 27.99 21.83
N HIS A 226 -9.51 28.58 22.85
N HIS A 226 -9.40 28.52 22.83
CA HIS A 226 -8.36 29.50 22.74
CA HIS A 226 -8.36 29.56 22.61
C HIS A 226 -7.25 29.00 23.65
C HIS A 226 -7.20 29.29 23.56
N PHE A 227 -6.09 28.75 23.06
CA PHE A 227 -4.86 28.45 23.83
C PHE A 227 -4.02 29.72 23.83
N LYS A 228 -3.89 30.37 24.99
CA LYS A 228 -3.27 31.69 25.12
C LYS A 228 -1.82 31.55 25.60
N SER A 229 -0.86 31.98 24.81
CA SER A 229 0.57 31.82 25.06
C SER A 229 0.94 32.57 26.34
N ARG A 230 1.62 31.89 27.24
CA ARG A 230 2.28 32.54 28.39
C ARG A 230 3.66 33.12 28.03
N GLN A 231 4.16 32.95 26.81
CA GLN A 231 5.45 33.53 26.38
C GLN A 231 5.25 34.92 25.77
N GLY A 232 4.00 35.31 25.48
CA GLY A 232 3.62 36.52 24.76
C GLY A 232 3.52 36.28 23.25
N LYS A 233 2.96 37.22 22.53
CA LYS A 233 2.82 37.16 21.06
C LYS A 233 3.96 37.93 20.44
N ALA A 234 4.60 37.36 19.41
CA ALA A 234 5.67 38.06 18.71
C ALA A 234 5.75 37.51 17.30
N SER A 235 6.20 38.36 16.43
CA SER A 235 6.30 38.08 14.99
C SER A 235 7.75 38.33 14.58
N LEU A 236 8.13 37.80 13.45
CA LEU A 236 9.27 38.29 12.66
C LEU A 236 8.82 39.49 11.81
N VAL A 237 9.74 40.23 11.20
CA VAL A 237 9.41 41.08 10.03
C VAL A 237 9.70 40.30 8.73
N TRP A 238 9.02 40.68 7.68
CA TRP A 238 9.03 39.86 6.43
C TRP A 238 10.45 39.68 5.92
N GLU A 239 11.23 40.74 5.82
CA GLU A 239 12.58 40.60 5.23
C GLU A 239 13.42 39.61 6.07
N GLU A 240 13.27 39.69 7.37
CA GLU A 240 13.94 38.79 8.31
C GLU A 240 13.48 37.34 8.08
N ALA A 241 12.17 37.11 7.96
CA ALA A 241 11.62 35.78 7.67
C ALA A 241 12.24 35.21 6.38
N GLN A 242 12.39 36.04 5.34
CA GLN A 242 12.97 35.58 4.05
CA GLN A 242 12.95 35.54 4.07
C GLN A 242 14.40 35.11 4.26
N VAL A 243 15.20 35.90 4.96
CA VAL A 243 16.63 35.55 5.13
C VAL A 243 16.70 34.30 6.00
N LEU A 244 15.92 34.26 7.08
CA LEU A 244 15.90 33.11 7.99
C LEU A 244 15.49 31.83 7.23
N SER A 245 14.54 31.92 6.30
N SER A 245 14.60 31.90 6.22
CA SER A 245 14.20 30.74 5.47
CA SER A 245 14.20 30.70 5.42
C SER A 245 15.47 30.10 4.89
C SER A 245 15.37 30.10 4.60
N GLY A 246 16.40 30.90 4.34
CA GLY A 246 17.65 30.40 3.74
C GLY A 246 18.67 30.04 4.79
N LYS A 247 18.88 30.90 5.79
CA LYS A 247 19.97 30.68 6.78
C LYS A 247 19.60 29.55 7.75
N ASN A 248 18.32 29.32 8.05
CA ASN A 248 17.91 28.28 9.02
C ASN A 248 16.44 27.91 8.81
N ALA A 249 16.23 26.99 7.85
CA ALA A 249 14.90 26.44 7.56
C ALA A 249 14.27 25.76 8.78
N ASP A 250 15.09 25.35 9.75
CA ASP A 250 14.68 24.64 10.99
C ASP A 250 14.45 25.61 12.16
N PHE A 251 14.32 26.90 11.91
CA PHE A 251 14.33 27.91 13.01
C PHE A 251 13.25 27.59 14.06
N HIS A 252 12.01 27.33 13.69
CA HIS A 252 10.96 27.12 14.71
C HIS A 252 11.15 25.78 15.41
N ARG A 253 11.50 24.72 14.68
CA ARG A 253 11.70 23.44 15.39
C ARG A 253 12.93 23.49 16.31
N GLN A 254 13.96 24.20 15.94
CA GLN A 254 15.16 24.33 16.79
C GLN A 254 14.81 25.17 18.02
N ASP A 255 14.04 26.21 17.85
CA ASP A 255 13.64 27.11 18.95
C ASP A 255 12.88 26.28 19.97
N LEU A 256 11.96 25.42 19.55
CA LEU A 256 11.12 24.63 20.44
C LEU A 256 11.98 23.58 21.15
N TRP A 257 12.80 22.90 20.36
N TRP A 257 12.82 22.86 20.40
CA TRP A 257 13.69 21.84 20.88
CA TRP A 257 13.66 21.78 20.97
C TRP A 257 14.52 22.42 22.05
C TRP A 257 14.60 22.37 22.04
N ASP A 258 15.17 23.51 21.74
CA ASP A 258 16.14 24.19 22.65
C ASP A 258 15.42 24.70 23.89
N ALA A 259 14.24 25.29 23.76
CA ALA A 259 13.49 25.82 24.91
C ALA A 259 13.18 24.66 25.87
N ILE A 260 12.77 23.52 25.36
CA ILE A 260 12.47 22.32 26.16
C ILE A 260 13.76 21.84 26.82
N GLU A 261 14.86 21.75 26.10
N GLU A 261 14.85 21.68 26.07
CA GLU A 261 16.09 21.12 26.67
CA GLU A 261 16.12 21.15 26.62
C GLU A 261 16.68 22.05 27.77
C GLU A 261 16.53 22.01 27.84
N SER A 262 16.45 23.34 27.70
CA SER A 262 16.96 24.33 28.68
C SER A 262 16.02 24.43 29.89
N GLY A 263 14.95 23.67 29.96
CA GLY A 263 14.01 23.78 31.11
C GLY A 263 13.09 24.98 31.00
N ASN A 264 12.89 25.51 29.77
CA ASN A 264 12.00 26.63 29.43
C ASN A 264 10.83 26.13 28.54
N GLY A 265 10.23 25.02 28.92
CA GLY A 265 9.15 24.41 28.14
C GLY A 265 7.97 25.37 28.04
N PRO A 266 7.44 25.59 26.83
CA PRO A 266 6.38 26.58 26.66
C PRO A 266 5.04 26.19 27.30
N GLU A 267 4.31 27.23 27.70
CA GLU A 267 3.03 27.13 28.39
C GLU A 267 1.97 27.95 27.68
N TRP A 268 0.77 27.42 27.77
CA TRP A 268 -0.47 28.10 27.35
C TRP A 268 -1.54 27.90 28.42
N ASP A 269 -2.38 28.91 28.55
CA ASP A 269 -3.67 28.70 29.23
C ASP A 269 -4.68 28.20 28.20
N VAL A 270 -5.23 27.04 28.46
CA VAL A 270 -6.30 26.45 27.63
C VAL A 270 -7.56 27.15 28.10
N CYS A 271 -8.16 27.93 27.23
CA CYS A 271 -9.35 28.73 27.52
C CYS A 271 -10.51 28.41 26.61
N VAL A 272 -11.71 28.77 27.06
CA VAL A 272 -12.90 28.72 26.19
C VAL A 272 -13.64 30.03 26.27
N GLN A 273 -14.30 30.40 25.18
CA GLN A 273 -15.49 31.26 25.25
C GLN A 273 -16.67 30.31 25.35
N ILE A 274 -17.63 30.63 26.23
N ILE A 274 -17.68 30.64 26.16
CA ILE A 274 -18.84 29.81 26.49
CA ILE A 274 -18.81 29.69 26.37
C ILE A 274 -20.03 30.70 26.23
C ILE A 274 -20.10 30.51 26.38
N VAL A 275 -20.96 30.21 25.41
CA VAL A 275 -22.21 30.93 25.19
C VAL A 275 -23.35 29.93 25.08
N ASP A 276 -24.57 30.42 25.26
N ASP A 276 -24.59 30.41 25.27
CA ASP A 276 -25.78 29.59 25.23
CA ASP A 276 -25.80 29.57 25.19
C ASP A 276 -26.10 29.19 23.78
C ASP A 276 -26.07 29.17 23.74
N GLU A 277 -26.74 28.04 23.56
CA GLU A 277 -27.28 27.62 22.25
C GLU A 277 -28.14 28.72 21.63
N SER A 278 -28.88 29.47 22.45
CA SER A 278 -29.74 30.56 21.94
C SER A 278 -28.95 31.71 21.31
N GLN A 279 -27.62 31.79 21.51
N GLN A 279 -27.63 31.75 21.44
CA GLN A 279 -26.77 32.89 21.01
CA GLN A 279 -26.84 32.91 20.95
C GLN A 279 -26.22 32.57 19.61
C GLN A 279 -26.17 32.54 19.63
N ALA A 280 -26.63 31.47 18.96
CA ALA A 280 -25.99 31.05 17.69
C ALA A 280 -26.02 32.16 16.65
N GLN A 281 -27.05 33.02 16.63
CA GLN A 281 -27.14 34.15 15.67
C GLN A 281 -27.24 35.50 16.39
N ALA A 282 -26.91 35.56 17.67
CA ALA A 282 -27.15 36.76 18.51
C ALA A 282 -26.08 37.83 18.34
N PHE A 283 -24.87 37.47 17.88
CA PHE A 283 -23.70 38.38 17.81
C PHE A 283 -23.57 39.05 16.46
N GLY A 284 -24.53 38.93 15.54
CA GLY A 284 -24.43 39.60 14.23
C GLY A 284 -23.82 38.72 13.16
N PHE A 285 -23.58 37.46 13.49
CA PHE A 285 -23.04 36.47 12.54
C PHE A 285 -23.46 35.13 13.09
N ASP A 286 -23.14 34.07 12.34
CA ASP A 286 -23.61 32.71 12.63
C ASP A 286 -22.44 31.95 13.29
N LEU A 287 -22.67 31.36 14.46
CA LEU A 287 -21.61 30.62 15.17
C LEU A 287 -21.25 29.33 14.41
N LEU A 288 -21.99 28.96 13.40
CA LEU A 288 -21.60 27.80 12.56
C LEU A 288 -20.60 28.23 11.47
N ASP A 289 -20.34 29.51 11.34
CA ASP A 289 -19.49 30.05 10.25
C ASP A 289 -18.04 30.12 10.72
N PRO A 290 -17.13 29.30 10.16
CA PRO A 290 -15.74 29.26 10.61
C PRO A 290 -14.85 30.42 10.14
N THR A 291 -15.43 31.40 9.45
CA THR A 291 -14.74 32.65 9.02
C THR A 291 -14.96 33.77 10.02
N LYS A 292 -15.60 33.47 11.16
CA LYS A 292 -15.97 34.53 12.12
C LYS A 292 -15.37 34.21 13.49
N ILE A 293 -14.93 35.24 14.19
CA ILE A 293 -14.62 35.14 15.65
C ILE A 293 -15.79 35.69 16.47
N ILE A 294 -15.87 35.29 17.72
CA ILE A 294 -16.70 35.99 18.74
C ILE A 294 -15.78 37.01 19.39
N PRO A 295 -16.04 38.32 19.18
CA PRO A 295 -15.23 39.34 19.82
C PRO A 295 -15.24 39.09 21.33
N GLU A 296 -14.09 39.20 21.92
CA GLU A 296 -13.96 39.01 23.38
C GLU A 296 -14.85 39.98 24.16
N GLU A 297 -15.21 41.12 23.57
CA GLU A 297 -16.10 42.08 24.25
C GLU A 297 -17.44 41.40 24.48
N TYR A 298 -17.83 40.43 23.64
CA TYR A 298 -19.15 39.78 23.70
C TYR A 298 -19.13 38.54 24.60
N ALA A 299 -17.97 37.93 24.78
CA ALA A 299 -17.84 36.60 25.42
C ALA A 299 -16.41 36.47 25.91
N PRO A 300 -16.16 36.64 27.22
CA PRO A 300 -14.81 36.60 27.73
C PRO A 300 -14.30 35.16 27.79
N LEU A 301 -13.01 35.06 28.02
CA LEU A 301 -12.31 33.77 28.09
C LEU A 301 -12.40 33.24 29.50
N THR A 302 -12.69 31.97 29.65
CA THR A 302 -12.58 31.24 30.93
C THR A 302 -11.34 30.35 30.83
N LYS A 303 -10.46 30.41 31.82
CA LYS A 303 -9.23 29.60 31.84
C LYS A 303 -9.55 28.25 32.45
N LEU A 304 -9.37 27.17 31.67
CA LEU A 304 -9.73 25.80 32.13
C LEU A 304 -8.53 25.08 32.74
N GLY A 305 -7.34 25.32 32.19
CA GLY A 305 -6.14 24.62 32.63
C GLY A 305 -4.89 25.05 31.92
N LEU A 306 -3.80 24.41 32.33
CA LEU A 306 -2.44 24.73 31.87
C LEU A 306 -1.95 23.64 30.92
N LEU A 307 -1.50 24.06 29.75
CA LEU A 307 -0.75 23.18 28.79
C LEU A 307 0.73 23.52 28.88
N LYS A 308 1.56 22.53 29.17
CA LYS A 308 3.02 22.74 29.18
C LYS A 308 3.68 21.67 28.32
N LEU A 309 4.59 22.09 27.46
CA LEU A 309 5.41 21.14 26.69
C LEU A 309 6.80 21.13 27.29
N ASP A 310 7.29 19.96 27.65
CA ASP A 310 8.54 19.90 28.43
C ASP A 310 9.35 18.64 28.13
N ARG A 311 9.02 17.83 27.13
CA ARG A 311 9.90 16.70 26.78
C ARG A 311 9.93 16.51 25.25
N ASN A 312 11.12 16.53 24.71
CA ASN A 312 11.27 16.31 23.26
C ASN A 312 11.09 14.83 22.95
N PRO A 313 10.76 14.53 21.69
CA PRO A 313 10.72 13.14 21.28
C PRO A 313 12.10 12.44 21.33
N THR A 314 12.03 11.13 21.26
CA THR A 314 13.20 10.24 21.14
C THR A 314 13.54 9.94 19.67
N ASN A 315 12.51 9.64 18.88
CA ASN A 315 12.68 9.40 17.43
C ASN A 315 11.63 10.25 16.71
N TYR A 316 12.12 11.22 15.95
CA TYR A 316 11.22 12.14 15.22
C TYR A 316 10.23 11.40 14.30
N PHE A 317 10.73 10.45 13.51
CA PHE A 317 9.85 9.74 12.55
C PHE A 317 8.78 9.03 13.34
N ALA A 318 9.17 8.24 14.35
CA ALA A 318 8.22 7.32 15.00
C ALA A 318 7.13 8.11 15.75
N GLU A 319 7.51 9.25 16.35
CA GLU A 319 6.58 10.05 17.18
C GLU A 319 6.02 11.22 16.39
N THR A 320 6.83 12.16 15.95
CA THR A 320 6.31 13.35 15.26
C THR A 320 5.80 13.03 13.85
N GLU A 321 6.56 12.35 13.01
CA GLU A 321 6.08 12.13 11.62
C GLU A 321 4.85 11.24 11.67
N GLN A 322 4.80 10.25 12.54
CA GLN A 322 3.68 9.27 12.56
C GLN A 322 2.44 9.70 13.40
N VAL A 323 2.49 10.82 14.15
CA VAL A 323 1.28 11.14 14.94
C VAL A 323 0.13 11.48 13.98
N MET A 324 -1.04 10.91 14.20
CA MET A 324 -2.18 10.98 13.24
C MET A 324 -3.38 11.56 13.99
N PHE A 325 -3.46 12.88 13.97
CA PHE A 325 -4.54 13.62 14.65
C PHE A 325 -5.87 13.48 13.93
N GLN A 326 -6.97 13.51 14.69
CA GLN A 326 -8.33 13.51 14.08
C GLN A 326 -9.29 14.30 14.98
N PRO A 327 -10.10 15.19 14.41
CA PRO A 327 -11.21 15.77 15.18
C PRO A 327 -12.21 14.69 15.60
N GLY A 328 -12.23 13.54 14.94
CA GLY A 328 -13.03 12.40 15.33
C GLY A 328 -12.61 11.79 16.66
N HIS A 329 -11.39 12.10 17.12
CA HIS A 329 -10.94 11.66 18.47
C HIS A 329 -11.61 12.60 19.48
N ILE A 330 -12.84 12.23 19.82
CA ILE A 330 -13.71 13.06 20.70
C ILE A 330 -13.99 12.25 21.95
N VAL A 331 -14.33 12.92 23.04
CA VAL A 331 -14.67 12.22 24.31
C VAL A 331 -16.03 12.71 24.81
N ARG A 332 -16.62 11.90 25.70
CA ARG A 332 -17.88 12.27 26.36
C ARG A 332 -17.72 13.65 26.98
N GLY A 333 -18.71 14.54 26.79
CA GLY A 333 -18.63 15.90 27.33
C GLY A 333 -18.34 16.95 26.28
N ILE A 334 -17.94 16.52 25.08
CA ILE A 334 -17.69 17.40 23.90
C ILE A 334 -18.60 16.92 22.80
N ASP A 335 -19.07 17.82 21.95
CA ASP A 335 -19.83 17.41 20.75
C ASP A 335 -19.49 18.36 19.62
N PHE A 336 -19.83 17.93 18.40
CA PHE A 336 -19.64 18.74 17.19
C PHE A 336 -20.72 19.80 17.11
N THR A 337 -20.54 20.70 16.16
CA THR A 337 -21.62 21.51 15.63
C THR A 337 -21.76 21.30 14.12
N GLU A 338 -22.82 21.88 13.60
CA GLU A 338 -23.20 21.83 12.16
C GLU A 338 -22.36 22.82 11.33
N ASP A 339 -21.19 23.21 11.78
CA ASP A 339 -20.26 23.99 10.94
C ASP A 339 -19.85 23.13 9.75
N PRO A 340 -20.19 23.50 8.50
CA PRO A 340 -19.96 22.64 7.33
C PRO A 340 -18.48 22.37 7.04
N LEU A 341 -17.60 23.19 7.61
CA LEU A 341 -16.14 22.94 7.49
C LEU A 341 -15.76 21.87 8.48
N LEU A 342 -16.17 21.99 9.75
CA LEU A 342 -15.93 20.89 10.72
C LEU A 342 -16.54 19.57 10.29
N GLN A 343 -17.77 19.60 9.78
CA GLN A 343 -18.50 18.37 9.47
C GLN A 343 -17.67 17.51 8.50
N GLY A 344 -17.11 18.11 7.45
CA GLY A 344 -16.35 17.31 6.47
C GLY A 344 -14.96 16.93 6.93
N ARG A 345 -14.37 17.72 7.82
CA ARG A 345 -13.07 17.32 8.43
C ARG A 345 -13.24 15.95 9.04
N LEU A 346 -14.37 15.70 9.70
CA LEU A 346 -14.49 14.42 10.42
C LEU A 346 -14.20 13.24 9.50
N PHE A 347 -14.65 13.27 8.25
CA PHE A 347 -14.37 12.24 7.23
C PHE A 347 -12.89 12.20 6.84
N SER A 348 -12.30 13.36 6.52
N SER A 348 -12.29 13.37 6.56
CA SER A 348 -10.95 13.41 5.91
CA SER A 348 -10.95 13.51 5.95
C SER A 348 -9.93 12.76 6.86
C SER A 348 -9.85 12.89 6.84
N TYR A 349 -9.91 13.14 8.14
CA TYR A 349 -8.77 12.79 9.00
C TYR A 349 -8.81 11.30 9.34
N LEU A 350 -9.93 10.62 9.19
CA LEU A 350 -9.91 9.14 9.34
C LEU A 350 -9.33 8.51 8.06
N ASP A 351 -9.82 8.96 6.92
CA ASP A 351 -9.47 8.43 5.58
C ASP A 351 -7.97 8.66 5.32
N THR A 352 -7.48 9.86 5.56
CA THR A 352 -6.11 10.19 5.09
C THR A 352 -5.05 9.34 5.81
N GLN A 353 -5.32 8.87 7.01
CA GLN A 353 -4.30 8.03 7.69
C GLN A 353 -4.07 6.72 6.93
N LEU A 354 -5.04 6.24 6.15
CA LEU A 354 -4.83 5.03 5.31
C LEU A 354 -3.70 5.33 4.30
N ASN A 355 -3.71 6.55 3.74
CA ASN A 355 -2.65 6.95 2.79
C ASN A 355 -1.30 7.00 3.51
N ARG A 356 -1.24 7.65 4.67
CA ARG A 356 0.08 7.82 5.35
C ARG A 356 0.62 6.48 5.83
N ASN A 357 -0.24 5.71 6.47
CA ASN A 357 0.20 4.49 7.21
C ASN A 357 0.30 3.30 6.25
N GLY A 358 -0.47 3.33 5.16
CA GLY A 358 -0.56 2.21 4.19
C GLY A 358 -1.42 1.05 4.63
N GLY A 359 -2.16 1.22 5.71
CA GLY A 359 -2.96 0.12 6.27
C GLY A 359 -3.83 0.69 7.39
N PRO A 360 -4.80 -0.10 7.88
CA PRO A 360 -5.86 0.41 8.75
C PRO A 360 -5.56 0.38 10.24
N ASN A 361 -4.37 -0.10 10.63
CA ASN A 361 -4.04 -0.28 12.06
C ASN A 361 -3.19 0.87 12.59
N PHE A 362 -3.34 2.08 12.05
CA PHE A 362 -2.52 3.24 12.43
C PHE A 362 -2.72 3.61 13.90
N GLU A 363 -3.88 3.32 14.49
CA GLU A 363 -4.09 3.67 15.93
C GLU A 363 -3.23 2.77 16.82
N GLN A 364 -2.63 1.70 16.30
CA GLN A 364 -1.73 0.82 17.10
C GLN A 364 -0.32 1.38 17.20
N LEU A 365 0.06 2.35 16.39
CA LEU A 365 1.38 2.97 16.50
C LEU A 365 1.49 3.58 17.91
N PRO A 366 2.63 3.40 18.60
CA PRO A 366 2.72 3.84 20.00
C PRO A 366 2.23 5.27 20.27
N ILE A 367 2.56 6.20 19.38
CA ILE A 367 2.20 7.62 19.55
C ILE A 367 0.68 7.78 19.42
N ASN A 368 0.01 6.87 18.71
CA ASN A 368 -1.46 6.96 18.49
C ASN A 368 -2.27 6.18 19.53
N MET A 369 -1.64 5.22 20.23
N MET A 369 -1.59 5.35 20.31
CA MET A 369 -2.35 4.37 21.21
CA MET A 369 -2.28 4.48 21.28
C MET A 369 -2.88 5.21 22.36
C MET A 369 -2.95 5.32 22.36
N PRO A 370 -4.03 4.82 22.94
CA PRO A 370 -4.59 5.44 24.14
C PRO A 370 -3.85 4.89 25.37
N ARG A 371 -4.28 5.35 26.53
N ARG A 371 -4.21 5.46 26.51
CA ARG A 371 -3.67 5.04 27.84
CA ARG A 371 -3.69 5.10 27.86
C ARG A 371 -4.61 4.17 28.66
C ARG A 371 -4.84 4.51 28.69
N VAL A 372 -5.72 3.74 28.05
CA VAL A 372 -6.80 2.96 28.66
C VAL A 372 -7.00 1.73 27.81
N PRO A 373 -7.61 0.67 28.36
CA PRO A 373 -7.93 -0.52 27.59
C PRO A 373 -8.83 -0.26 26.38
N ILE A 374 -8.56 -1.03 25.33
CA ILE A 374 -9.37 -1.00 24.10
C ILE A 374 -10.23 -2.24 24.10
N HIS A 375 -11.54 -2.06 23.93
CA HIS A 375 -12.47 -3.19 23.88
C HIS A 375 -13.37 -3.04 22.66
N ASN A 376 -13.01 -3.70 21.56
CA ASN A 376 -13.95 -3.64 20.40
C ASN A 376 -13.73 -4.81 19.47
N ASN A 377 -14.55 -4.89 18.44
CA ASN A 377 -14.62 -6.03 17.52
C ASN A 377 -13.94 -5.68 16.18
N ASN A 378 -13.14 -4.62 16.15
CA ASN A 378 -12.23 -4.34 15.00
C ASN A 378 -11.20 -5.46 14.93
N ARG A 379 -10.99 -6.02 13.76
CA ARG A 379 -10.09 -7.18 13.59
C ARG A 379 -9.24 -7.08 12.32
N ASP A 380 -8.16 -7.88 12.31
CA ASP A 380 -7.36 -8.16 11.10
C ASP A 380 -6.83 -6.83 10.57
N GLY A 381 -6.73 -6.74 9.24
CA GLY A 381 -6.04 -5.62 8.58
C GLY A 381 -4.55 -5.84 8.54
N ALA A 382 -3.90 -5.26 7.55
CA ALA A 382 -2.43 -5.24 7.44
C ALA A 382 -1.83 -4.65 8.70
N GLY A 383 -0.71 -5.21 9.19
CA GLY A 383 -0.02 -4.60 10.32
C GLY A 383 -0.72 -4.83 11.65
N GLN A 384 -1.54 -5.87 11.78
CA GLN A 384 -2.29 -6.11 13.04
C GLN A 384 -1.31 -6.54 14.13
N MET A 385 -1.23 -5.75 15.19
CA MET A 385 -0.22 -5.95 16.26
C MET A 385 -0.85 -6.63 17.48
N PHE A 386 -2.14 -6.80 17.53
CA PHE A 386 -2.81 -7.44 18.69
C PHE A 386 -3.07 -8.91 18.40
N ILE A 387 -3.24 -9.69 19.48
CA ILE A 387 -3.72 -11.08 19.41
C ILE A 387 -4.99 -11.10 20.25
N HIS A 388 -6.10 -10.99 19.57
CA HIS A 388 -7.42 -10.90 20.22
C HIS A 388 -7.86 -12.26 20.79
N ARG A 389 -8.18 -12.30 22.08
N ARG A 389 -8.14 -12.30 22.09
CA ARG A 389 -8.64 -13.54 22.75
CA ARG A 389 -8.66 -13.53 22.75
C ARG A 389 -10.13 -13.78 22.57
C ARG A 389 -10.10 -13.82 22.35
N ASN A 390 -10.92 -12.78 22.20
CA ASN A 390 -12.37 -12.98 22.03
C ASN A 390 -12.65 -13.52 20.63
N LYS A 391 -13.00 -14.80 20.50
N LYS A 391 -13.00 -14.81 20.56
CA LYS A 391 -13.23 -15.44 19.19
CA LYS A 391 -13.35 -15.65 19.40
C LYS A 391 -14.70 -15.30 18.75
C LYS A 391 -14.69 -15.26 18.75
N TYR A 392 -15.49 -14.41 19.39
CA TYR A 392 -16.86 -14.11 18.94
C TYR A 392 -17.02 -12.60 18.82
N PRO A 393 -16.23 -11.94 17.94
CA PRO A 393 -16.27 -10.46 17.84
C PRO A 393 -17.45 -9.92 17.03
N TYR A 394 -18.63 -10.20 17.52
CA TYR A 394 -19.89 -9.67 16.94
C TYR A 394 -20.81 -9.33 18.11
N THR A 395 -21.67 -8.38 17.83
CA THR A 395 -22.78 -7.96 18.71
C THR A 395 -24.06 -8.05 17.92
N PRO A 396 -25.18 -8.55 18.47
CA PRO A 396 -25.22 -9.22 19.77
C PRO A 396 -24.69 -10.66 19.76
N ASN A 397 -24.10 -11.04 20.89
CA ASN A 397 -23.60 -12.43 21.06
C ASN A 397 -24.05 -13.00 22.39
N THR A 398 -24.12 -14.32 22.45
CA THR A 398 -24.11 -15.02 23.76
C THR A 398 -22.78 -15.73 23.96
N LEU A 399 -22.05 -16.06 22.91
CA LEU A 399 -20.86 -16.93 23.04
C LEU A 399 -19.70 -16.20 23.72
N ASN A 400 -19.68 -14.86 23.77
CA ASN A 400 -18.75 -14.08 24.60
C ASN A 400 -19.51 -13.35 25.71
N SER A 401 -20.65 -13.91 26.16
N SER A 401 -20.64 -13.94 26.13
CA SER A 401 -21.46 -13.40 27.30
CA SER A 401 -21.47 -13.46 27.25
C SER A 401 -21.90 -11.95 27.07
C SER A 401 -21.84 -11.99 27.06
N GLY A 402 -22.05 -11.56 25.82
CA GLY A 402 -22.60 -10.24 25.52
C GLY A 402 -21.57 -9.13 25.65
N TYR A 403 -20.26 -9.43 25.70
CA TYR A 403 -19.20 -8.41 25.81
C TYR A 403 -18.55 -8.23 24.45
N PRO A 404 -18.03 -7.03 24.14
CA PRO A 404 -18.12 -5.83 24.97
C PRO A 404 -19.55 -5.27 25.05
N ARG A 405 -19.80 -4.49 26.12
N ARG A 405 -19.85 -4.56 26.13
CA ARG A 405 -21.10 -3.85 26.39
CA ARG A 405 -21.19 -3.94 26.27
C ARG A 405 -21.24 -2.51 25.65
C ARG A 405 -21.23 -2.64 25.47
N GLN A 406 -22.43 -2.25 25.08
CA GLN A 406 -22.69 -0.95 24.44
C GLN A 406 -22.59 0.19 25.47
N ALA A 407 -21.89 1.26 25.17
CA ALA A 407 -21.79 2.45 26.04
C ALA A 407 -22.54 3.62 25.43
N ASN A 408 -23.20 4.40 26.25
CA ASN A 408 -24.13 5.46 25.77
C ASN A 408 -24.36 6.48 26.89
N GLN A 409 -25.31 7.40 26.72
CA GLN A 409 -25.51 8.46 27.73
C GLN A 409 -25.79 7.80 29.09
N ASN A 410 -26.50 6.68 29.11
CA ASN A 410 -26.99 6.13 30.39
C ASN A 410 -25.95 5.25 31.05
N ALA A 411 -25.13 4.57 30.27
CA ALA A 411 -24.29 3.47 30.80
C ALA A 411 -22.90 3.44 30.17
N GLY A 412 -21.88 3.20 30.98
CA GLY A 412 -20.53 2.92 30.50
C GLY A 412 -19.78 4.16 30.10
N ARG A 413 -20.26 5.34 30.49
N ARG A 413 -20.24 5.33 30.53
CA ARG A 413 -19.62 6.65 30.19
CA ARG A 413 -19.60 6.62 30.20
C ARG A 413 -19.50 6.78 28.66
C ARG A 413 -19.46 6.68 28.67
N GLY A 414 -20.51 6.29 27.93
CA GLY A 414 -20.48 6.38 26.47
C GLY A 414 -20.43 7.81 25.99
N PHE A 415 -19.72 8.07 24.88
CA PHE A 415 -19.99 9.28 24.10
C PHE A 415 -21.47 9.32 23.73
N PHE A 416 -22.04 10.51 23.71
CA PHE A 416 -23.41 10.66 23.16
C PHE A 416 -23.50 12.02 22.46
N THR A 417 -24.23 12.04 21.34
CA THR A 417 -24.54 13.28 20.62
C THR A 417 -25.43 14.15 21.51
N ALA A 418 -25.13 15.45 21.62
CA ALA A 418 -25.92 16.36 22.49
C ALA A 418 -27.40 16.11 22.19
N PRO A 419 -28.23 15.72 23.18
CA PRO A 419 -29.57 15.30 22.86
C PRO A 419 -30.58 16.39 22.50
N GLY A 420 -30.21 17.65 22.66
CA GLY A 420 -30.96 18.83 22.21
C GLY A 420 -30.86 19.04 20.70
N ARG A 421 -29.90 18.39 20.05
CA ARG A 421 -29.64 18.69 18.62
C ARG A 421 -30.75 18.16 17.74
N THR A 422 -31.15 18.94 16.74
CA THR A 422 -32.17 18.55 15.74
C THR A 422 -31.72 18.94 14.34
N ALA A 423 -32.45 18.46 13.34
CA ALA A 423 -32.30 19.00 11.98
C ALA A 423 -33.70 19.12 11.44
N SER A 424 -33.92 20.06 10.55
N SER A 424 -33.87 20.08 10.54
CA SER A 424 -35.24 20.22 9.92
CA SER A 424 -35.16 20.51 9.95
C SER A 424 -35.09 20.96 8.60
C SER A 424 -34.90 20.89 8.49
N GLY A 425 -35.73 20.44 7.58
CA GLY A 425 -35.84 21.10 6.27
C GLY A 425 -35.44 20.19 5.14
N ALA A 426 -35.19 20.76 4.00
CA ALA A 426 -34.97 19.98 2.77
C ALA A 426 -33.53 19.48 2.81
N LEU A 427 -33.24 18.41 2.10
CA LEU A 427 -31.83 17.95 1.89
C LEU A 427 -31.23 18.82 0.79
N VAL A 428 -30.33 19.71 1.16
CA VAL A 428 -29.92 20.80 0.25
C VAL A 428 -28.39 20.86 0.14
N ARG A 429 -27.94 21.28 -1.03
CA ARG A 429 -26.58 21.74 -1.31
C ARG A 429 -26.63 23.25 -1.51
N GLU A 430 -27.04 23.91 -0.43
N GLU A 430 -27.05 23.95 -0.47
CA GLU A 430 -27.29 25.37 -0.34
CA GLU A 430 -27.10 25.43 -0.53
C GLU A 430 -26.41 25.97 0.77
C GLU A 430 -26.47 26.01 0.73
N VAL A 431 -25.86 27.16 0.54
CA VAL A 431 -25.14 27.93 1.59
C VAL A 431 -26.15 28.75 2.39
N SER A 432 -26.03 28.76 3.72
CA SER A 432 -26.91 29.57 4.57
C SER A 432 -26.69 31.05 4.25
N PRO A 433 -27.73 31.87 4.00
CA PRO A 433 -27.54 33.30 3.81
C PRO A 433 -26.91 33.98 5.04
N THR A 434 -26.97 33.34 6.21
CA THR A 434 -26.33 33.88 7.44
C THR A 434 -24.80 33.86 7.32
N PHE A 435 -24.28 33.16 6.31
CA PHE A 435 -22.82 33.11 6.06
C PHE A 435 -22.31 34.22 5.12
N ASN A 436 -23.18 35.12 4.64
CA ASN A 436 -22.81 35.90 3.42
C ASN A 436 -21.97 37.14 3.66
N ASP A 437 -21.77 37.59 4.88
CA ASP A 437 -20.95 38.79 5.14
C ASP A 437 -19.48 38.35 5.22
N HIS A 438 -18.75 38.48 4.11
CA HIS A 438 -17.33 38.08 4.02
C HIS A 438 -16.36 39.20 4.37
N TRP A 439 -16.83 40.40 4.65
CA TRP A 439 -15.97 41.61 4.67
C TRP A 439 -15.95 42.39 6.00
N SER A 440 -17.03 42.35 6.79
N SER A 440 -16.99 42.36 6.83
CA SER A 440 -17.11 43.14 8.03
CA SER A 440 -17.00 43.24 8.02
C SER A 440 -16.00 42.69 8.98
C SER A 440 -16.02 42.71 9.08
N GLN A 441 -15.82 41.39 9.21
CA GLN A 441 -14.83 40.93 10.23
C GLN A 441 -13.39 41.13 9.74
N PRO A 442 -13.04 40.89 8.46
CA PRO A 442 -11.72 41.31 8.01
C PRO A 442 -11.47 42.78 8.36
N ARG A 443 -12.49 43.62 8.21
CA ARG A 443 -12.31 45.08 8.52
C ARG A 443 -12.12 45.27 10.04
N LEU A 444 -12.88 44.53 10.86
CA LEU A 444 -12.75 44.60 12.33
C LEU A 444 -11.30 44.27 12.68
N PHE A 445 -10.77 43.19 12.10
CA PHE A 445 -9.38 42.73 12.34
C PHE A 445 -8.43 43.85 11.95
N PHE A 446 -8.51 44.36 10.75
CA PHE A 446 -7.63 45.44 10.25
C PHE A 446 -7.70 46.65 11.17
N ASN A 447 -8.91 47.03 11.55
CA ASN A 447 -9.13 48.23 12.43
C ASN A 447 -8.42 48.06 13.76
N SER A 448 -8.17 46.82 14.20
CA SER A 448 -7.69 46.45 15.54
C SER A 448 -6.17 46.38 15.58
N LEU A 449 -5.52 46.57 14.45
CA LEU A 449 -4.06 46.59 14.37
C LEU A 449 -3.55 48.02 14.57
N THR A 450 -2.33 48.15 15.05
CA THR A 450 -1.71 49.48 15.23
C THR A 450 -1.35 50.03 13.87
N PRO A 451 -1.05 51.34 13.74
CA PRO A 451 -0.70 51.90 12.44
C PRO A 451 0.47 51.19 11.77
N VAL A 452 1.56 50.92 12.48
N VAL A 452 1.55 50.94 12.50
CA VAL A 452 2.71 50.27 11.81
CA VAL A 452 2.73 50.24 11.91
C VAL A 452 2.32 48.83 11.46
C VAL A 452 2.29 48.86 11.45
N GLU A 453 1.50 48.21 12.28
CA GLU A 453 1.01 46.84 11.99
C GLU A 453 0.13 46.84 10.74
N GLN A 454 -0.72 47.82 10.59
CA GLN A 454 -1.47 48.02 9.34
C GLN A 454 -0.50 48.18 8.18
N GLN A 455 0.57 48.95 8.37
CA GLN A 455 1.52 49.16 7.25
C GLN A 455 2.18 47.81 6.88
N PHE A 456 2.55 47.00 7.87
CA PHE A 456 3.19 45.71 7.59
C PHE A 456 2.22 44.86 6.76
N LEU A 457 0.95 44.86 7.11
CA LEU A 457 -0.04 44.04 6.37
C LEU A 457 -0.22 44.57 4.94
N VAL A 458 -0.35 45.90 4.74
CA VAL A 458 -0.38 46.48 3.39
C VAL A 458 0.89 46.07 2.63
N ASN A 459 2.03 46.11 3.31
CA ASN A 459 3.32 45.80 2.65
C ASN A 459 3.44 44.31 2.28
N ALA A 460 2.85 43.42 3.07
CA ALA A 460 2.83 41.97 2.74
C ALA A 460 1.97 41.78 1.48
N MET A 461 0.82 42.46 1.40
CA MET A 461 -0.05 42.40 0.19
C MET A 461 0.66 43.05 -1.00
N ARG A 462 1.38 44.17 -0.81
CA ARG A 462 2.11 44.80 -1.90
C ARG A 462 3.16 43.85 -2.44
N PHE A 463 3.87 43.21 -1.52
CA PHE A 463 4.91 42.22 -1.89
C PHE A 463 4.29 41.11 -2.77
N GLU A 464 3.31 40.41 -2.22
CA GLU A 464 2.72 39.23 -2.87
C GLU A 464 1.96 39.55 -4.16
N ILE A 465 1.12 40.59 -4.13
CA ILE A 465 0.28 40.90 -5.32
C ILE A 465 1.18 41.39 -6.45
N SER A 466 2.29 42.07 -6.11
CA SER A 466 3.20 42.54 -7.18
C SER A 466 3.84 41.38 -7.94
N LEU A 467 3.82 40.16 -7.37
CA LEU A 467 4.40 38.97 -8.02
C LEU A 467 3.32 38.24 -8.81
N VAL A 468 2.08 38.66 -8.70
CA VAL A 468 0.99 38.09 -9.56
C VAL A 468 1.17 38.60 -10.98
N LYS A 469 1.26 37.69 -11.94
N LYS A 469 1.30 37.72 -11.97
CA LYS A 469 1.59 38.02 -13.35
CA LYS A 469 1.57 38.17 -13.36
C LYS A 469 0.36 38.56 -14.09
C LYS A 469 0.29 38.72 -13.99
N SER A 470 -0.82 38.04 -13.79
CA SER A 470 -2.07 38.40 -14.48
C SER A 470 -2.58 39.77 -14.00
N GLU A 471 -2.59 40.77 -14.90
N GLU A 471 -2.86 40.71 -14.93
CA GLU A 471 -3.16 42.10 -14.59
CA GLU A 471 -3.48 42.02 -14.60
C GLU A 471 -4.62 41.93 -14.13
C GLU A 471 -4.96 41.83 -14.18
N GLU A 472 -5.35 41.00 -14.75
N GLU A 472 -5.67 40.88 -14.77
CA GLU A 472 -6.79 40.77 -14.44
CA GLU A 472 -7.09 40.65 -14.37
C GLU A 472 -6.96 40.21 -13.01
C GLU A 472 -7.12 40.10 -12.94
N VAL A 473 -6.16 39.21 -12.62
CA VAL A 473 -6.17 38.71 -11.22
C VAL A 473 -5.89 39.88 -10.29
N LYS A 474 -4.89 40.71 -10.61
CA LYS A 474 -4.58 41.84 -9.73
C LYS A 474 -5.79 42.79 -9.57
N LYS A 475 -6.48 43.08 -10.66
CA LYS A 475 -7.68 43.96 -10.58
C LYS A 475 -8.74 43.31 -9.72
N ASN A 476 -8.94 42.00 -9.88
CA ASN A 476 -9.98 41.29 -9.13
C ASN A 476 -9.61 41.32 -7.63
N VAL A 477 -8.32 41.18 -7.30
CA VAL A 477 -7.89 41.28 -5.89
C VAL A 477 -8.26 42.64 -5.32
N LEU A 478 -7.93 43.69 -6.07
CA LEU A 478 -8.27 45.07 -5.60
C LEU A 478 -9.78 45.22 -5.39
N THR A 479 -10.60 44.68 -6.31
CA THR A 479 -12.08 44.70 -6.13
C THR A 479 -12.44 44.12 -4.77
N GLN A 480 -11.86 42.96 -4.45
CA GLN A 480 -12.21 42.28 -3.20
C GLN A 480 -11.66 43.04 -2.00
N LEU A 481 -10.38 43.45 -2.02
CA LEU A 481 -9.81 44.17 -0.86
C LEU A 481 -10.62 45.45 -0.59
N ASN A 482 -11.04 46.12 -1.66
CA ASN A 482 -11.75 47.41 -1.54
C ASN A 482 -13.06 47.25 -0.74
N ARG A 483 -13.64 46.06 -0.72
N ARG A 483 -13.64 46.06 -0.76
CA ARG A 483 -14.90 45.84 0.03
CA ARG A 483 -14.90 45.76 -0.03
C ARG A 483 -14.62 45.75 1.53
C ARG A 483 -14.62 45.74 1.48
N VAL A 484 -13.38 45.40 1.88
CA VAL A 484 -12.93 45.46 3.29
C VAL A 484 -12.55 46.88 3.67
N SER A 485 -11.68 47.49 2.88
CA SER A 485 -11.15 48.84 3.18
C SER A 485 -10.71 49.52 1.89
N HIS A 486 -11.28 50.68 1.61
CA HIS A 486 -10.83 51.48 0.46
C HIS A 486 -9.36 51.84 0.63
N ASP A 487 -8.96 52.24 1.83
CA ASP A 487 -7.56 52.68 2.07
C ASP A 487 -6.60 51.52 1.81
N VAL A 488 -6.93 50.32 2.23
CA VAL A 488 -6.06 49.17 1.90
C VAL A 488 -5.93 49.05 0.39
N ALA A 489 -7.05 49.08 -0.32
CA ALA A 489 -7.03 48.90 -1.78
C ALA A 489 -6.17 50.01 -2.41
N VAL A 490 -6.35 51.26 -2.00
CA VAL A 490 -5.57 52.40 -2.56
C VAL A 490 -4.08 52.16 -2.32
N ARG A 491 -3.69 51.81 -1.11
CA ARG A 491 -2.27 51.66 -0.73
C ARG A 491 -1.64 50.47 -1.47
N VAL A 492 -2.35 49.36 -1.59
CA VAL A 492 -1.84 48.17 -2.32
C VAL A 492 -1.76 48.51 -3.80
N ALA A 493 -2.79 49.17 -4.34
CA ALA A 493 -2.86 49.56 -5.75
C ALA A 493 -1.64 50.39 -6.13
N ALA A 494 -1.20 51.26 -5.21
CA ALA A 494 -0.10 52.20 -5.52
C ALA A 494 1.15 51.39 -5.84
N ALA A 495 1.33 50.24 -5.19
CA ALA A 495 2.58 49.47 -5.42
C ALA A 495 2.56 48.75 -6.77
N ILE A 496 1.36 48.47 -7.32
CA ILE A 496 1.26 47.64 -8.55
C ILE A 496 0.84 48.51 -9.77
N GLY A 497 0.76 49.82 -9.64
CA GLY A 497 0.56 50.73 -10.80
C GLY A 497 -0.87 50.68 -11.31
N LEU A 498 -1.82 50.10 -10.55
CA LEU A 498 -3.26 50.14 -10.93
C LEU A 498 -4.02 51.16 -10.09
N GLY A 499 -5.18 51.57 -10.55
CA GLY A 499 -6.07 52.40 -9.72
C GLY A 499 -6.93 51.51 -8.87
N ALA A 500 -7.23 51.91 -7.64
CA ALA A 500 -8.20 51.20 -6.80
C ALA A 500 -9.60 51.56 -7.28
N PRO A 501 -10.55 50.62 -7.22
CA PRO A 501 -11.93 50.92 -7.51
C PRO A 501 -12.44 51.93 -6.50
N ASP A 502 -13.52 52.62 -6.88
CA ASP A 502 -14.14 53.59 -5.97
C ASP A 502 -14.59 52.89 -4.70
N ALA A 503 -14.52 53.62 -3.58
CA ALA A 503 -15.04 53.20 -2.26
C ALA A 503 -16.41 52.55 -2.40
N ASP A 504 -16.58 51.40 -1.75
CA ASP A 504 -17.87 50.69 -1.66
C ASP A 504 -18.10 50.44 -0.17
N ASP A 505 -18.92 51.29 0.43
CA ASP A 505 -18.94 51.38 1.90
C ASP A 505 -19.88 50.34 2.52
N THR A 506 -20.40 49.40 1.77
CA THR A 506 -21.44 48.50 2.32
C THR A 506 -20.99 47.90 3.66
N TYR A 507 -19.76 47.41 3.78
CA TYR A 507 -19.26 46.67 4.96
C TYR A 507 -18.23 47.47 5.77
N TYR A 508 -17.98 48.73 5.41
CA TYR A 508 -17.01 49.56 6.14
C TYR A 508 -17.56 49.94 7.51
N HIS A 509 -16.69 49.96 8.49
CA HIS A 509 -17.01 50.37 9.87
C HIS A 509 -15.71 50.66 10.59
N ASN A 510 -15.80 51.20 11.79
CA ASN A 510 -14.62 51.63 12.57
C ASN A 510 -14.52 50.84 13.87
N ASN A 511 -15.28 49.74 14.04
CA ASN A 511 -15.22 48.90 15.27
C ASN A 511 -13.88 48.17 15.37
N LYS A 512 -13.45 47.98 16.59
CA LYS A 512 -12.19 47.28 16.93
C LYS A 512 -12.49 46.20 17.95
N THR A 513 -11.54 45.29 18.13
CA THR A 513 -11.68 44.21 19.10
C THR A 513 -10.34 43.95 19.75
N ALA A 514 -10.36 43.56 21.02
CA ALA A 514 -9.14 43.31 21.80
C ALA A 514 -8.50 41.97 21.44
N GLY A 515 -7.20 41.90 21.57
CA GLY A 515 -6.50 40.60 21.68
C GLY A 515 -6.05 40.02 20.36
N VAL A 516 -6.22 40.73 19.25
CA VAL A 516 -5.78 40.23 17.91
C VAL A 516 -4.49 40.90 17.45
N SER A 517 -4.15 42.08 17.96
CA SER A 517 -2.88 42.79 17.65
C SER A 517 -1.68 42.10 18.31
N ILE A 518 -0.60 41.97 17.56
CA ILE A 518 0.72 41.56 18.09
C ILE A 518 1.46 42.81 18.62
N VAL A 519 1.57 43.84 17.80
CA VAL A 519 2.33 45.09 18.11
C VAL A 519 1.71 45.73 19.33
N GLY A 520 0.38 45.61 19.49
CA GLY A 520 -0.34 46.22 20.64
C GLY A 520 -0.32 45.38 21.89
N SER A 521 0.20 44.15 21.85
CA SER A 521 0.06 43.15 22.96
C SER A 521 1.12 43.44 24.03
N GLY A 522 1.96 44.43 23.81
CA GLY A 522 2.76 45.04 24.90
C GLY A 522 4.03 44.23 25.09
N PRO A 523 4.86 44.56 26.08
CA PRO A 523 6.15 43.88 26.19
C PRO A 523 5.93 42.40 26.49
N LEU A 524 6.90 41.58 26.07
CA LEU A 524 6.85 40.15 26.41
C LEU A 524 6.89 39.99 27.93
N PRO A 525 6.15 39.01 28.48
CA PRO A 525 6.13 38.77 29.93
C PRO A 525 7.38 38.05 30.43
N THR A 526 8.21 37.53 29.53
CA THR A 526 9.47 36.84 29.90
C THR A 526 10.42 36.95 28.73
N ILE A 527 11.70 37.20 29.04
CA ILE A 527 12.77 37.27 28.01
C ILE A 527 13.61 35.98 28.08
N LYS A 528 13.23 35.01 28.88
CA LYS A 528 14.00 33.75 28.92
C LYS A 528 13.96 33.14 27.51
N THR A 529 15.09 32.57 27.09
CA THR A 529 15.32 31.91 25.76
C THR A 529 15.67 32.93 24.68
N LEU A 530 15.40 34.23 24.84
CA LEU A 530 15.74 35.17 23.75
C LEU A 530 17.26 35.17 23.52
N ARG A 531 17.65 35.46 22.30
CA ARG A 531 19.02 35.21 21.79
C ARG A 531 19.76 36.52 21.75
N VAL A 532 20.93 36.57 22.39
CA VAL A 532 21.80 37.78 22.26
C VAL A 532 23.09 37.40 21.56
N GLY A 533 23.36 38.04 20.44
CA GLY A 533 24.63 37.96 19.72
C GLY A 533 25.56 39.06 20.20
N ILE A 534 26.72 38.66 20.69
CA ILE A 534 27.78 39.61 21.11
C ILE A 534 28.87 39.57 20.04
N LEU A 535 29.00 40.65 19.27
CA LEU A 535 29.97 40.73 18.16
C LEU A 535 31.32 41.20 18.72
N ALA A 536 32.30 40.31 18.72
CA ALA A 536 33.63 40.55 19.35
C ALA A 536 34.74 40.26 18.33
N THR A 537 35.99 40.23 18.81
CA THR A 537 37.19 39.98 17.97
C THR A 537 38.20 39.19 18.79
N THR A 538 39.01 38.36 18.13
CA THR A 538 40.14 37.63 18.76
C THR A 538 41.37 38.56 18.81
N SER A 539 41.36 39.64 18.03
N SER A 539 41.30 39.72 18.16
CA SER A 539 42.43 40.67 17.92
CA SER A 539 42.42 40.65 17.87
C SER A 539 42.79 41.25 19.29
C SER A 539 42.69 41.62 19.05
N GLU A 540 41.79 41.70 20.03
CA GLU A 540 41.96 42.50 21.29
C GLU A 540 41.51 41.64 22.46
N SER A 541 42.40 41.34 23.42
CA SER A 541 42.03 40.64 24.69
C SER A 541 40.86 41.37 25.36
N SER A 542 40.81 42.70 25.28
CA SER A 542 39.77 43.56 25.92
C SER A 542 38.39 43.24 25.33
N ALA A 543 38.30 43.09 24.01
CA ALA A 543 37.04 42.70 23.32
C ALA A 543 36.53 41.38 23.91
N LEU A 544 37.39 40.38 24.05
CA LEU A 544 36.95 39.05 24.58
C LEU A 544 36.58 39.15 26.06
N ASP A 545 37.28 39.99 26.84
CA ASP A 545 36.89 40.18 28.26
C ASP A 545 35.52 40.88 28.33
N GLN A 546 35.32 41.95 27.53
CA GLN A 546 34.03 42.71 27.44
C GLN A 546 32.95 41.67 27.12
N ALA A 547 33.23 40.78 26.15
CA ALA A 547 32.22 39.78 25.70
C ALA A 547 31.93 38.85 26.85
N ALA A 548 32.94 38.37 27.55
CA ALA A 548 32.76 37.40 28.65
C ALA A 548 32.01 38.02 29.81
N GLN A 549 32.27 39.30 30.09
CA GLN A 549 31.53 40.05 31.13
C GLN A 549 30.06 40.22 30.69
N LEU A 550 29.75 40.63 29.46
CA LEU A 550 28.32 40.70 28.99
C LEU A 550 27.69 39.29 29.13
N ARG A 551 28.38 38.23 28.70
CA ARG A 551 27.82 36.85 28.67
C ARG A 551 27.33 36.45 30.05
N THR A 552 28.19 36.67 31.04
CA THR A 552 27.88 36.35 32.44
C THR A 552 26.62 37.11 32.87
N ARG A 553 26.56 38.43 32.61
N ARG A 553 26.49 38.41 32.60
CA ARG A 553 25.43 39.33 32.97
CA ARG A 553 25.36 39.22 33.15
C ARG A 553 24.13 38.80 32.38
C ARG A 553 24.07 38.99 32.33
N LEU A 554 24.17 38.49 31.09
CA LEU A 554 22.96 38.15 30.27
C LEU A 554 22.54 36.69 30.54
N GLU A 555 23.48 35.76 30.65
CA GLU A 555 23.13 34.33 30.86
C GLU A 555 22.47 34.16 32.22
N LYS A 556 22.86 35.00 33.18
CA LYS A 556 22.24 35.03 34.52
C LYS A 556 20.70 35.14 34.38
N ASP A 557 20.22 35.91 33.40
CA ASP A 557 18.78 36.24 33.23
C ASP A 557 18.09 35.31 32.22
N GLY A 558 18.76 34.25 31.78
CA GLY A 558 18.18 33.12 31.02
C GLY A 558 18.25 33.38 29.51
N LEU A 559 19.02 34.38 29.10
CA LEU A 559 19.25 34.74 27.68
C LEU A 559 20.22 33.73 27.08
N VAL A 560 19.99 33.34 25.83
CA VAL A 560 20.92 32.40 25.15
C VAL A 560 21.95 33.28 24.47
N VAL A 561 23.20 33.25 24.93
CA VAL A 561 24.20 34.20 24.46
C VAL A 561 25.10 33.49 23.49
N THR A 562 25.36 34.16 22.38
CA THR A 562 26.33 33.74 21.36
C THR A 562 27.40 34.80 21.28
N VAL A 563 28.63 34.41 21.60
CA VAL A 563 29.77 35.28 21.29
C VAL A 563 30.31 34.93 19.90
N VAL A 564 30.38 35.93 19.03
CA VAL A 564 30.81 35.78 17.62
C VAL A 564 32.19 36.41 17.50
N ALA A 565 33.11 35.75 16.84
CA ALA A 565 34.41 36.34 16.47
C ALA A 565 34.90 35.73 15.17
N GLU A 566 36.06 36.15 14.70
CA GLU A 566 36.61 35.69 13.41
C GLU A 566 36.79 34.16 13.40
N THR A 567 37.25 33.57 14.52
CA THR A 567 37.58 32.14 14.63
C THR A 567 37.09 31.63 15.98
N LEU A 568 36.85 30.33 16.10
CA LEU A 568 36.46 29.73 17.39
C LEU A 568 37.66 29.66 18.33
N ARG A 569 37.40 29.78 19.61
N ARG A 569 37.36 29.62 19.63
CA ARG A 569 38.40 29.61 20.69
CA ARG A 569 38.29 29.38 20.77
C ARG A 569 37.58 29.72 21.95
C ARG A 569 37.42 29.19 22.01
N GLU A 570 38.20 29.43 23.10
N GLU A 570 38.00 28.89 23.17
CA GLU A 570 37.57 29.44 24.43
CA GLU A 570 37.19 28.99 24.42
C GLU A 570 36.65 30.67 24.54
C GLU A 570 36.64 30.43 24.51
N GLY A 571 35.35 30.49 24.79
CA GLY A 571 34.49 31.67 25.03
C GLY A 571 33.80 32.19 23.77
N VAL A 572 34.24 31.75 22.60
CA VAL A 572 33.63 32.15 21.29
C VAL A 572 32.80 30.98 20.74
N ASP A 573 31.51 31.22 20.47
CA ASP A 573 30.57 30.12 20.11
C ASP A 573 30.45 29.96 18.59
N GLN A 574 30.67 31.03 17.85
N GLN A 574 30.46 31.06 17.84
CA GLN A 574 30.30 31.09 16.42
CA GLN A 574 30.24 31.05 16.36
C GLN A 574 31.24 32.02 15.67
C GLN A 574 31.28 31.93 15.69
N THR A 575 31.58 31.66 14.42
CA THR A 575 32.38 32.52 13.55
C THR A 575 31.50 33.54 12.85
N TYR A 576 32.10 34.62 12.37
CA TYR A 576 31.36 35.63 11.58
C TYR A 576 30.80 34.96 10.32
N SER A 577 31.52 33.98 9.79
CA SER A 577 31.15 33.25 8.55
C SER A 577 29.76 32.59 8.73
N THR A 578 29.45 32.03 9.87
CA THR A 578 28.17 31.29 10.10
C THR A 578 27.12 32.19 10.76
N ALA A 579 27.49 33.41 11.17
CA ALA A 579 26.58 34.29 11.92
C ALA A 579 25.72 35.11 10.96
N ASP A 580 24.52 35.40 11.45
CA ASP A 580 23.56 36.30 10.78
C ASP A 580 22.66 36.97 11.82
N ALA A 581 22.18 38.17 11.53
CA ALA A 581 21.24 38.88 12.43
C ALA A 581 19.98 38.06 12.66
N THR A 582 19.58 37.19 11.71
CA THR A 582 18.36 36.38 11.97
C THR A 582 18.57 35.36 13.10
N GLY A 583 19.80 35.12 13.52
CA GLY A 583 20.17 34.27 14.68
C GLY A 583 19.94 34.90 16.05
N PHE A 584 19.62 36.19 16.10
CA PHE A 584 19.54 36.94 17.39
C PHE A 584 18.24 37.73 17.52
N ASP A 585 17.81 37.90 18.76
CA ASP A 585 16.73 38.84 19.17
C ASP A 585 17.32 40.19 19.57
N GLY A 586 18.61 40.21 19.87
CA GLY A 586 19.33 41.48 20.14
C GLY A 586 20.80 41.34 19.83
N VAL A 587 21.44 42.42 19.42
CA VAL A 587 22.86 42.38 19.01
C VAL A 587 23.61 43.48 19.78
N VAL A 588 24.71 43.05 20.42
CA VAL A 588 25.64 43.93 21.18
C VAL A 588 27.01 43.89 20.48
N VAL A 589 27.59 45.06 20.15
CA VAL A 589 29.02 45.18 19.70
C VAL A 589 29.85 45.60 20.90
N VAL A 590 30.90 44.86 21.22
CA VAL A 590 31.85 45.27 22.30
C VAL A 590 32.79 46.29 21.67
N ASP A 591 33.08 47.40 22.36
CA ASP A 591 33.73 48.52 21.65
C ASP A 591 35.17 48.12 21.25
N GLY A 592 35.80 47.15 21.92
CA GLY A 592 37.11 46.62 21.50
C GLY A 592 37.15 46.05 20.09
N ALA A 593 35.98 45.77 19.49
CA ALA A 593 35.84 45.19 18.13
C ALA A 593 35.59 46.25 17.07
N ALA A 594 35.68 47.55 17.39
CA ALA A 594 35.35 48.65 16.46
C ALA A 594 36.05 48.52 15.10
N ALA A 595 37.28 47.99 15.03
CA ALA A 595 38.06 47.94 13.75
C ALA A 595 37.35 47.07 12.69
N LEU A 596 36.59 46.06 13.12
N LEU A 596 36.59 46.05 13.12
CA LEU A 596 35.91 45.11 12.20
CA LEU A 596 35.88 45.11 12.23
C LEU A 596 34.72 45.76 11.49
C LEU A 596 34.82 45.83 11.40
N PHE A 597 34.32 46.97 11.89
CA PHE A 597 33.12 47.65 11.35
C PHE A 597 33.51 48.70 10.28
N ALA A 598 34.83 48.88 10.00
CA ALA A 598 35.33 49.86 9.00
C ALA A 598 35.02 49.36 7.59
N SER A 599 34.82 50.27 6.63
CA SER A 599 34.46 49.99 5.21
C SER A 599 35.59 49.26 4.46
N THR A 600 36.85 49.41 4.89
CA THR A 600 38.06 48.78 4.28
C THR A 600 38.32 47.39 4.89
N ALA A 601 37.63 47.03 5.97
CA ALA A 601 37.79 45.72 6.67
C ALA A 601 37.57 44.55 5.70
N SER A 602 38.42 43.54 5.78
CA SER A 602 38.45 42.39 4.85
C SER A 602 39.14 41.22 5.53
N SER A 603 38.72 39.99 5.26
CA SER A 603 39.30 38.78 5.90
C SER A 603 38.93 37.57 5.04
N PRO A 604 39.87 36.63 4.79
CA PRO A 604 39.49 35.35 4.19
C PRO A 604 38.58 34.49 5.06
N LEU A 605 38.32 34.88 6.31
CA LEU A 605 37.58 34.05 7.28
C LEU A 605 36.08 34.38 7.30
N PHE A 606 35.66 35.41 6.58
CA PHE A 606 34.21 35.76 6.51
C PHE A 606 33.98 36.73 5.36
N PRO A 607 32.73 36.83 4.85
CA PRO A 607 32.46 37.68 3.71
C PRO A 607 32.66 39.16 4.02
N THR A 608 33.06 39.92 3.00
CA THR A 608 33.30 41.37 3.10
C THR A 608 32.10 42.03 3.80
N GLY A 609 32.36 42.78 4.86
CA GLY A 609 31.34 43.58 5.55
C GLY A 609 30.44 42.76 6.46
N ARG A 610 30.74 41.51 6.76
CA ARG A 610 29.82 40.64 7.56
C ARG A 610 29.54 41.25 8.94
N PRO A 611 30.55 41.65 9.74
CA PRO A 611 30.27 42.10 11.10
C PRO A 611 29.31 43.30 11.12
N LEU A 612 29.56 44.28 10.25
CA LEU A 612 28.71 45.50 10.22
C LEU A 612 27.32 45.10 9.72
N GLN A 613 27.26 44.22 8.71
N GLN A 613 27.22 44.23 8.72
CA GLN A 613 25.97 43.75 8.12
CA GLN A 613 25.89 43.89 8.16
C GLN A 613 25.08 43.18 9.24
C GLN A 613 25.05 43.19 9.25
N ILE A 614 25.64 42.39 10.15
CA ILE A 614 24.86 41.73 11.23
C ILE A 614 24.22 42.85 12.07
N PHE A 615 25.00 43.87 12.43
CA PHE A 615 24.50 44.98 13.28
C PHE A 615 23.44 45.78 12.52
N VAL A 616 23.70 46.12 11.25
CA VAL A 616 22.82 46.99 10.43
C VAL A 616 21.50 46.25 10.13
N ASP A 617 21.58 44.95 9.82
CA ASP A 617 20.38 44.11 9.71
C ASP A 617 19.56 44.06 10.99
N ALA A 618 20.18 43.82 12.14
CA ALA A 618 19.47 43.75 13.41
C ALA A 618 18.72 45.08 13.62
N TYR A 619 19.39 46.21 13.34
CA TYR A 619 18.82 47.55 13.55
C TYR A 619 17.59 47.71 12.61
N ARG A 620 17.78 47.44 11.32
N ARG A 620 17.81 47.41 11.33
CA ARG A 620 16.71 47.58 10.28
CA ARG A 620 16.79 47.60 10.26
C ARG A 620 15.48 46.78 10.71
C ARG A 620 15.56 46.72 10.54
N TRP A 621 15.70 45.62 11.30
CA TRP A 621 14.60 44.65 11.58
C TRP A 621 13.95 44.97 12.91
N GLY A 622 14.35 46.08 13.56
CA GLY A 622 13.62 46.55 14.74
C GLY A 622 14.17 46.05 16.05
N LYS A 623 15.29 45.33 16.05
CA LYS A 623 15.76 44.66 17.28
C LYS A 623 16.49 45.66 18.19
N PRO A 624 16.56 45.37 19.50
CA PRO A 624 17.44 46.11 20.40
C PRO A 624 18.90 45.89 19.96
N VAL A 625 19.62 47.01 19.75
CA VAL A 625 21.05 46.95 19.32
C VAL A 625 21.86 47.94 20.17
N GLY A 626 23.13 47.65 20.40
CA GLY A 626 23.93 48.56 21.23
C GLY A 626 25.41 48.30 21.12
N VAL A 627 26.19 49.29 21.55
CA VAL A 627 27.66 49.18 21.68
C VAL A 627 27.93 49.36 23.16
N CYS A 628 28.67 48.43 23.75
CA CYS A 628 29.05 48.42 25.18
C CYS A 628 30.56 48.72 25.25
N GLY A 629 31.00 49.76 25.98
CA GLY A 629 32.46 50.01 26.13
C GLY A 629 32.84 51.42 26.54
N GLY A 630 32.67 52.44 25.68
CA GLY A 630 33.09 53.82 26.01
C GLY A 630 33.39 54.67 24.79
N LYS A 631 33.84 54.07 23.68
CA LYS A 631 33.99 54.75 22.37
C LYS A 631 32.59 55.02 21.79
N SER A 632 31.86 53.95 21.43
CA SER A 632 30.40 53.88 21.15
C SER A 632 30.06 54.49 19.77
N SER A 633 30.36 55.77 19.58
CA SER A 633 29.93 56.57 18.40
C SER A 633 30.56 56.04 17.11
N GLU A 634 31.78 55.49 17.17
CA GLU A 634 32.52 54.94 16.01
C GLU A 634 31.66 53.89 15.28
N VAL A 635 31.15 52.94 16.05
CA VAL A 635 30.36 51.79 15.53
C VAL A 635 28.98 52.31 15.11
N LEU A 636 28.34 53.14 15.95
CA LEU A 636 26.98 53.66 15.65
C LEU A 636 27.06 54.55 14.41
N ASP A 637 28.12 55.32 14.24
CA ASP A 637 28.37 56.12 13.00
C ASP A 637 28.54 55.19 11.79
N ALA A 638 29.34 54.12 11.90
CA ALA A 638 29.57 53.16 10.81
C ALA A 638 28.21 52.58 10.36
N ALA A 639 27.34 52.29 11.33
CA ALA A 639 26.04 51.61 11.10
C ALA A 639 24.99 52.63 10.69
N ASP A 640 25.34 53.92 10.71
N ASP A 640 25.32 53.93 10.74
CA ASP A 640 24.40 55.07 10.63
CA ASP A 640 24.33 55.02 10.57
C ASP A 640 23.23 54.78 11.56
C ASP A 640 23.20 54.80 11.58
N VAL A 641 23.51 54.32 12.78
CA VAL A 641 22.52 54.07 13.85
C VAL A 641 22.56 55.26 14.79
N PRO A 642 21.43 55.98 15.01
CA PRO A 642 21.41 57.14 15.90
C PRO A 642 21.43 56.71 17.38
N GLU A 643 22.30 57.33 18.16
CA GLU A 643 22.54 56.96 19.56
C GLU A 643 21.30 57.28 20.40
N ASP A 644 20.49 58.27 20.02
CA ASP A 644 19.30 58.65 20.84
C ASP A 644 18.11 57.71 20.54
N GLY A 645 18.23 56.95 19.44
CA GLY A 645 17.18 56.03 18.95
C GLY A 645 16.64 55.16 20.06
N ASP A 646 15.32 54.96 20.05
CA ASP A 646 14.61 53.96 20.87
C ASP A 646 15.17 52.58 20.51
N GLY A 647 15.45 51.76 21.52
CA GLY A 647 16.09 50.43 21.39
C GLY A 647 17.51 50.51 20.81
N VAL A 648 18.22 51.64 20.96
CA VAL A 648 19.69 51.74 20.65
C VAL A 648 20.41 52.08 21.96
N TYR A 649 21.34 51.24 22.40
CA TYR A 649 22.00 51.36 23.73
C TYR A 649 23.49 51.68 23.54
N SER A 650 23.98 52.63 24.33
N SER A 650 24.04 52.56 24.37
CA SER A 650 25.40 53.07 24.36
CA SER A 650 25.49 52.91 24.27
C SER A 650 25.79 53.27 25.82
C SER A 650 26.02 53.32 25.65
N GLU A 651 26.52 52.34 26.39
CA GLU A 651 26.95 52.43 27.81
C GLU A 651 28.38 51.91 27.92
N GLU A 652 29.25 52.67 28.60
CA GLU A 652 30.61 52.21 28.98
C GLU A 652 30.45 51.11 30.04
N SER A 653 29.48 51.26 30.94
N SER A 653 29.45 51.26 30.90
CA SER A 653 29.20 50.32 32.06
CA SER A 653 29.14 50.36 32.04
C SER A 653 28.46 49.09 31.51
C SER A 653 28.42 49.09 31.53
N VAL A 654 28.90 47.89 31.88
CA VAL A 654 28.25 46.60 31.49
C VAL A 654 26.90 46.48 32.19
N ASP A 655 26.84 46.89 33.46
N ASP A 655 26.89 46.47 33.52
CA ASP A 655 25.61 46.88 34.31
CA ASP A 655 25.76 45.92 34.33
C ASP A 655 24.50 47.78 33.76
C ASP A 655 24.51 46.80 34.15
N MET A 656 24.76 49.09 33.58
N MET A 656 24.69 48.01 33.61
CA MET A 656 23.81 50.05 32.95
CA MET A 656 23.62 48.98 33.27
C MET A 656 23.40 49.55 31.56
C MET A 656 23.32 49.02 31.76
N PHE A 657 24.33 48.89 30.86
CA PHE A 657 24.10 48.52 29.44
C PHE A 657 23.09 47.36 29.41
N VAL A 658 23.30 46.40 30.28
CA VAL A 658 22.47 45.18 30.38
C VAL A 658 21.05 45.48 30.90
N GLU A 659 20.93 46.26 31.99
N GLU A 659 20.92 46.27 31.97
CA GLU A 659 19.60 46.67 32.54
CA GLU A 659 19.59 46.62 32.53
C GLU A 659 18.78 47.31 31.43
C GLU A 659 18.76 47.34 31.45
N GLU A 660 19.38 48.21 30.63
CA GLU A 660 18.69 48.95 29.55
C GLU A 660 18.33 47.98 28.42
N PHE A 661 19.31 47.18 28.01
CA PHE A 661 19.18 46.25 26.86
C PHE A 661 18.08 45.23 27.12
N GLU A 662 17.97 44.69 28.33
CA GLU A 662 16.95 43.67 28.67
C GLU A 662 15.54 44.26 28.63
N LYS A 663 15.37 45.55 28.93
CA LYS A 663 14.06 46.20 28.72
C LYS A 663 13.76 46.22 27.21
N GLY A 664 14.75 46.43 26.37
CA GLY A 664 14.57 46.40 24.91
C GLY A 664 14.20 45.00 24.43
N LEU A 665 14.73 43.95 25.05
CA LEU A 665 14.41 42.55 24.63
C LEU A 665 12.95 42.25 24.95
N ALA A 666 12.42 42.80 26.04
CA ALA A 666 10.98 42.66 26.41
C ALA A 666 10.14 43.46 25.41
N THR A 667 10.51 44.68 25.07
CA THR A 667 9.81 45.51 24.06
C THR A 667 9.81 44.75 22.74
N PHE A 668 10.95 44.11 22.44
CA PHE A 668 11.13 43.05 21.39
C PHE A 668 11.34 43.67 20.01
N ARG A 669 10.45 44.57 19.59
CA ARG A 669 10.61 45.33 18.35
C ARG A 669 10.38 46.82 18.52
N PHE A 670 11.23 47.60 17.86
CA PHE A 670 11.20 49.06 17.83
C PHE A 670 10.61 49.45 16.48
N THR A 671 9.31 49.74 16.50
CA THR A 671 8.51 49.92 15.27
C THR A 671 8.66 51.31 14.65
N ASP A 672 9.29 52.24 15.38
N ASP A 672 9.29 52.28 15.33
CA ASP A 672 9.59 53.62 14.91
CA ASP A 672 9.48 53.64 14.77
C ASP A 672 10.52 53.57 13.70
C ASP A 672 10.55 53.59 13.66
N ARG A 673 11.21 52.44 13.47
CA ARG A 673 12.21 52.28 12.37
C ARG A 673 11.58 51.90 11.03
N PHE A 674 10.23 51.82 10.95
CA PHE A 674 9.56 51.42 9.71
C PHE A 674 8.73 52.59 9.20
N ALA A 675 8.92 52.92 7.94
CA ALA A 675 8.23 54.04 7.26
C ALA A 675 6.73 53.74 7.09
N LEU A 676 5.91 54.76 7.25
CA LEU A 676 4.44 54.68 7.01
C LEU A 676 4.07 55.43 5.75
N ASP A 677 3.01 54.97 5.12
CA ASP A 677 2.42 55.68 3.98
C ASP A 677 1.90 57.06 4.46
N SER A 678 1.92 58.03 3.55
CA SER A 678 1.39 59.40 3.81
C SER A 678 -0.14 59.37 3.94
N SER B 1 -14.40 1.68 -26.22
CA SER B 1 -14.08 0.81 -25.03
C SER B 1 -12.67 1.12 -24.54
N PRO B 2 -12.55 1.65 -23.32
CA PRO B 2 -11.24 1.78 -22.67
C PRO B 2 -10.51 0.43 -22.53
N LEU B 3 -11.21 -0.71 -22.67
CA LEU B 3 -10.53 -2.04 -22.63
C LEU B 3 -9.78 -2.29 -23.95
N ALA B 4 -10.30 -1.84 -25.08
CA ALA B 4 -9.71 -2.15 -26.42
C ALA B 4 -8.28 -1.61 -26.50
N ALA B 5 -8.07 -0.37 -26.09
CA ALA B 5 -6.78 0.31 -26.10
C ALA B 5 -5.78 -0.46 -25.24
N TYR B 6 -6.28 -1.20 -24.24
CA TYR B 6 -5.38 -1.82 -23.25
C TYR B 6 -5.15 -3.28 -23.51
N GLU B 7 -5.71 -3.86 -24.56
CA GLU B 7 -5.46 -5.26 -24.90
C GLU B 7 -4.02 -5.42 -25.36
N VAL B 8 -3.39 -6.47 -24.91
CA VAL B 8 -1.97 -6.73 -25.23
C VAL B 8 -1.89 -8.07 -25.93
N ASP B 9 -1.34 -8.06 -27.13
N ASP B 9 -1.36 -8.06 -27.14
CA ASP B 9 -1.22 -9.27 -27.97
CA ASP B 9 -1.17 -9.24 -28.02
C ASP B 9 0.18 -9.85 -27.84
C ASP B 9 0.21 -9.83 -27.76
N ASP B 10 0.26 -11.11 -27.41
CA ASP B 10 1.54 -11.83 -27.25
C ASP B 10 1.51 -13.11 -28.11
N SER B 11 0.85 -13.04 -29.25
CA SER B 11 0.74 -14.22 -30.16
C SER B 11 2.02 -14.35 -30.99
N THR B 12 2.81 -13.30 -31.08
CA THR B 12 4.11 -13.26 -31.78
C THR B 12 5.10 -12.47 -30.94
N GLY B 13 6.35 -12.54 -31.32
CA GLY B 13 7.36 -11.63 -30.77
C GLY B 13 8.34 -12.26 -29.81
N TYR B 14 9.42 -11.53 -29.57
CA TYR B 14 10.48 -11.92 -28.64
C TYR B 14 10.10 -11.31 -27.27
N LEU B 15 10.42 -12.09 -26.23
CA LEU B 15 10.27 -11.72 -24.80
C LEU B 15 10.97 -10.39 -24.55
N THR B 16 10.33 -9.49 -23.82
CA THR B 16 10.92 -8.20 -23.40
C THR B 16 10.67 -8.00 -21.91
N SER B 17 11.50 -7.14 -21.35
CA SER B 17 11.17 -6.57 -20.03
C SER B 17 9.93 -5.68 -20.14
N ASP B 18 9.47 -5.17 -19.01
CA ASP B 18 8.33 -4.23 -19.00
C ASP B 18 8.69 -2.88 -19.62
N VAL B 19 9.97 -2.64 -19.92
CA VAL B 19 10.38 -1.39 -20.60
C VAL B 19 10.90 -1.75 -22.00
N GLY B 20 10.52 -2.90 -22.54
CA GLY B 20 10.69 -3.15 -23.99
C GLY B 20 12.05 -3.67 -24.35
N GLY B 21 12.91 -4.01 -23.40
CA GLY B 21 14.25 -4.57 -23.72
C GLY B 21 14.13 -6.06 -23.94
N PRO B 22 14.53 -6.57 -25.12
CA PRO B 22 14.43 -8.02 -25.33
C PRO B 22 15.34 -8.78 -24.38
N ILE B 23 14.80 -9.84 -23.76
CA ILE B 23 15.50 -10.62 -22.71
C ILE B 23 15.13 -12.09 -22.82
N GLN B 24 15.72 -12.88 -21.94
CA GLN B 24 15.34 -14.27 -21.72
C GLN B 24 14.81 -14.37 -20.29
N ASP B 25 14.22 -15.51 -19.94
CA ASP B 25 13.67 -15.66 -18.57
C ASP B 25 13.69 -17.10 -18.09
N GLN B 26 14.58 -17.94 -18.64
CA GLN B 26 14.58 -19.38 -18.33
C GLN B 26 15.78 -19.82 -17.49
N THR B 27 16.90 -19.12 -17.50
CA THR B 27 18.05 -19.49 -16.68
C THR B 27 18.59 -18.26 -15.97
N SER B 28 18.84 -18.38 -14.68
CA SER B 28 19.49 -17.35 -13.84
C SER B 28 20.95 -17.13 -14.29
N LEU B 29 21.45 -15.92 -14.07
CA LEU B 29 22.85 -15.54 -14.30
C LEU B 29 23.68 -15.92 -13.08
N LYS B 30 24.73 -16.72 -13.29
CA LYS B 30 25.49 -17.33 -12.20
C LYS B 30 26.99 -17.10 -12.40
N ALA B 31 27.71 -17.08 -11.29
CA ALA B 31 29.20 -17.03 -11.29
C ALA B 31 29.69 -18.47 -11.52
N GLY B 32 29.77 -18.83 -12.79
CA GLY B 32 30.13 -20.20 -13.23
C GLY B 32 28.93 -21.13 -13.28
N ILE B 33 29.07 -22.24 -13.98
CA ILE B 33 27.97 -23.13 -14.42
C ILE B 33 27.34 -23.84 -13.22
N ARG B 34 28.09 -24.00 -12.12
CA ARG B 34 27.54 -24.53 -10.84
C ARG B 34 27.64 -23.45 -9.76
N GLY B 35 27.59 -22.17 -10.12
CA GLY B 35 27.85 -21.11 -9.14
C GLY B 35 26.58 -20.45 -8.62
N PRO B 36 26.79 -19.51 -7.71
CA PRO B 36 25.70 -18.76 -7.10
C PRO B 36 25.11 -17.73 -8.06
N THR B 37 23.82 -17.40 -7.84
CA THR B 37 23.12 -16.42 -8.68
C THR B 37 23.58 -15.01 -8.36
N LEU B 38 23.70 -14.17 -9.41
CA LEU B 38 24.18 -12.79 -9.25
C LEU B 38 23.04 -11.82 -8.95
N LEU B 39 23.31 -10.87 -8.09
CA LEU B 39 22.42 -9.73 -7.79
C LEU B 39 22.18 -8.93 -9.06
N GLU B 40 23.15 -8.88 -9.99
CA GLU B 40 22.98 -8.05 -11.20
C GLU B 40 22.02 -8.69 -12.21
N ASP B 41 21.46 -9.87 -11.92
CA ASP B 41 20.47 -10.52 -12.80
C ASP B 41 19.13 -9.77 -12.70
N PHE B 42 18.99 -8.68 -13.45
CA PHE B 42 17.73 -7.89 -13.49
C PHE B 42 16.62 -8.68 -14.17
N MET B 43 16.94 -9.63 -15.04
CA MET B 43 15.92 -10.43 -15.73
C MET B 43 15.17 -11.27 -14.68
N PHE B 44 15.93 -11.90 -13.82
CA PHE B 44 15.42 -12.71 -12.72
C PHE B 44 14.57 -11.80 -11.82
N ARG B 45 15.16 -10.71 -11.31
CA ARG B 45 14.46 -9.96 -10.25
C ARG B 45 13.19 -9.30 -10.79
N GLN B 46 13.16 -8.75 -11.99
CA GLN B 46 11.92 -8.10 -12.49
C GLN B 46 10.81 -9.15 -12.62
N LYS B 47 11.14 -10.35 -13.03
CA LYS B 47 10.12 -11.38 -13.25
C LYS B 47 9.60 -11.88 -11.89
N ILE B 48 10.52 -12.14 -10.99
CA ILE B 48 10.14 -12.67 -9.65
C ILE B 48 9.48 -11.59 -8.82
N GLN B 49 9.92 -10.34 -8.89
CA GLN B 49 9.21 -9.26 -8.18
C GLN B 49 7.77 -9.21 -8.65
N HIS B 50 7.53 -9.24 -9.96
CA HIS B 50 6.16 -9.26 -10.46
C HIS B 50 5.38 -10.43 -9.85
N PHE B 51 5.94 -11.62 -9.93
CA PHE B 51 5.24 -12.80 -9.41
C PHE B 51 4.91 -12.62 -7.92
N ASP B 52 5.89 -12.18 -7.16
CA ASP B 52 5.80 -12.00 -5.70
C ASP B 52 4.68 -11.03 -5.33
N HIS B 53 4.33 -10.15 -6.25
CA HIS B 53 3.33 -9.06 -6.00
C HIS B 53 2.06 -9.28 -6.82
N GLU B 54 1.82 -10.46 -7.38
CA GLU B 54 0.61 -10.65 -8.25
C GLU B 54 -0.70 -10.50 -7.44
N ARG B 55 -0.71 -10.89 -6.18
CA ARG B 55 -1.98 -10.99 -5.45
C ARG B 55 -2.41 -9.62 -4.88
N VAL B 56 -3.72 -9.43 -4.79
CA VAL B 56 -4.33 -8.28 -4.10
C VAL B 56 -5.30 -8.85 -3.09
N PRO B 57 -5.70 -8.05 -2.10
CA PRO B 57 -6.67 -8.53 -1.12
C PRO B 57 -7.95 -9.00 -1.83
N GLU B 58 -8.51 -10.14 -1.45
CA GLU B 58 -9.85 -10.53 -1.91
C GLU B 58 -10.89 -9.54 -1.36
N ARG B 59 -12.05 -9.45 -2.02
CA ARG B 59 -13.17 -8.63 -1.55
C ARG B 59 -13.48 -9.04 -0.10
N ALA B 60 -13.82 -8.08 0.77
CA ALA B 60 -14.13 -8.40 2.18
C ALA B 60 -15.35 -9.31 2.29
N VAL B 61 -16.28 -9.17 1.36
CA VAL B 61 -17.40 -10.12 1.16
C VAL B 61 -17.54 -10.35 -0.34
N HIS B 62 -18.22 -11.43 -0.71
CA HIS B 62 -18.40 -11.80 -2.13
C HIS B 62 -17.05 -12.04 -2.80
N ALA B 63 -16.07 -12.55 -2.07
CA ALA B 63 -14.72 -12.80 -2.61
C ALA B 63 -14.75 -13.82 -3.77
N ARG B 64 -15.66 -14.80 -3.71
CA ARG B 64 -15.79 -15.88 -4.73
C ARG B 64 -16.83 -15.47 -5.75
N GLY B 65 -16.42 -15.25 -7.01
CA GLY B 65 -17.42 -14.85 -8.01
C GLY B 65 -16.85 -14.85 -9.40
N ALA B 66 -17.69 -14.54 -10.39
CA ALA B 66 -17.35 -14.60 -11.80
C ALA B 66 -18.20 -13.63 -12.59
N GLY B 67 -17.62 -13.09 -13.66
CA GLY B 67 -18.21 -11.98 -14.40
C GLY B 67 -18.28 -12.23 -15.89
N ALA B 68 -19.08 -11.40 -16.54
CA ALA B 68 -19.20 -11.38 -18.01
C ALA B 68 -19.67 -10.01 -18.48
N HIS B 69 -19.34 -9.72 -19.73
CA HIS B 69 -19.78 -8.54 -20.48
C HIS B 69 -21.11 -8.80 -21.17
N GLY B 70 -21.85 -7.73 -21.41
CA GLY B 70 -23.04 -7.83 -22.24
C GLY B 70 -23.61 -6.47 -22.54
N THR B 71 -24.93 -6.45 -22.76
N THR B 71 -24.92 -6.47 -22.84
CA THR B 71 -25.66 -5.26 -23.26
CA THR B 71 -25.68 -5.27 -23.22
C THR B 71 -26.99 -5.17 -22.56
C THR B 71 -26.96 -5.20 -22.40
N PHE B 72 -27.39 -3.97 -22.15
CA PHE B 72 -28.76 -3.65 -21.72
C PHE B 72 -29.43 -2.85 -22.84
N THR B 73 -30.68 -3.21 -23.10
CA THR B 73 -31.46 -2.53 -24.17
C THR B 73 -32.74 -2.04 -23.54
N SER B 74 -33.05 -0.74 -23.61
CA SER B 74 -34.30 -0.19 -23.04
C SER B 74 -35.49 -0.60 -23.92
N TYR B 75 -36.60 -0.93 -23.30
CA TYR B 75 -37.83 -1.28 -24.07
C TYR B 75 -38.58 -0.01 -24.49
N ALA B 76 -38.33 1.14 -23.88
CA ALA B 76 -39.16 2.33 -24.12
C ALA B 76 -38.39 3.58 -23.75
N ASP B 77 -38.98 4.73 -24.04
CA ASP B 77 -38.60 6.03 -23.47
C ASP B 77 -39.27 6.12 -22.12
N TRP B 78 -38.51 6.04 -21.02
CA TRP B 78 -39.05 6.04 -19.66
C TRP B 78 -39.00 7.44 -19.02
N SER B 79 -38.87 8.49 -19.83
N SER B 79 -38.89 8.48 -19.82
CA SER B 79 -38.83 9.90 -19.35
CA SER B 79 -38.78 9.87 -19.29
C SER B 79 -40.01 10.21 -18.41
C SER B 79 -40.01 10.26 -18.48
N ASN B 80 -41.13 9.54 -18.63
CA ASN B 80 -42.36 9.80 -17.84
C ASN B 80 -42.16 9.40 -16.36
N ILE B 81 -41.16 8.53 -16.06
CA ILE B 81 -40.90 8.07 -14.66
C ILE B 81 -39.46 8.37 -14.21
N THR B 82 -38.51 8.62 -15.10
CA THR B 82 -37.12 8.93 -14.65
C THR B 82 -36.39 9.71 -15.71
N ALA B 83 -35.47 10.57 -15.27
CA ALA B 83 -34.58 11.29 -16.17
C ALA B 83 -33.40 10.45 -16.65
N ALA B 84 -33.25 9.21 -16.16
CA ALA B 84 -32.06 8.38 -16.44
C ALA B 84 -31.83 8.25 -17.94
N SER B 85 -30.67 8.68 -18.42
CA SER B 85 -30.40 8.72 -19.87
C SER B 85 -30.42 7.33 -20.46
N PHE B 86 -29.96 6.30 -19.74
CA PHE B 86 -29.87 4.94 -20.34
C PHE B 86 -31.27 4.37 -20.59
N LEU B 87 -32.29 5.01 -20.04
CA LEU B 87 -33.70 4.53 -20.13
C LEU B 87 -34.52 5.51 -20.95
N ASN B 88 -33.90 6.37 -21.74
CA ASN B 88 -34.63 7.51 -22.34
C ASN B 88 -35.07 7.24 -23.79
N ALA B 89 -34.91 6.04 -24.32
CA ALA B 89 -35.34 5.78 -25.72
C ALA B 89 -35.58 4.30 -25.92
N THR B 90 -36.61 3.97 -26.71
CA THR B 90 -36.83 2.59 -27.15
C THR B 90 -35.60 2.11 -27.90
N GLY B 91 -35.07 0.97 -27.49
CA GLY B 91 -33.94 0.33 -28.19
C GLY B 91 -32.58 0.85 -27.76
N LYS B 92 -32.53 1.82 -26.87
CA LYS B 92 -31.22 2.39 -26.44
C LYS B 92 -30.37 1.28 -25.79
N GLN B 93 -29.17 1.08 -26.29
N GLN B 93 -29.14 1.14 -26.28
CA GLN B 93 -28.30 0.03 -25.75
CA GLN B 93 -28.17 0.08 -25.89
C GLN B 93 -27.20 0.69 -24.92
C GLN B 93 -27.05 0.64 -25.01
N THR B 94 -26.84 0.01 -23.84
CA THR B 94 -25.77 0.41 -22.90
C THR B 94 -24.92 -0.82 -22.62
N PRO B 95 -23.59 -0.72 -22.76
CA PRO B 95 -22.75 -1.86 -22.39
C PRO B 95 -22.84 -2.16 -20.88
N VAL B 96 -22.76 -3.43 -20.53
CA VAL B 96 -22.80 -3.85 -19.09
C VAL B 96 -21.63 -4.79 -18.81
N PHE B 97 -21.27 -4.86 -17.54
CA PHE B 97 -20.47 -5.95 -16.95
C PHE B 97 -21.16 -6.39 -15.69
N VAL B 98 -21.33 -7.71 -15.55
CA VAL B 98 -21.98 -8.30 -14.36
C VAL B 98 -20.99 -9.20 -13.66
N ARG B 99 -20.97 -9.15 -12.33
CA ARG B 99 -20.30 -10.19 -11.53
C ARG B 99 -21.33 -10.81 -10.61
N PHE B 100 -21.30 -12.13 -10.58
CA PHE B 100 -22.09 -12.98 -9.68
C PHE B 100 -21.18 -13.51 -8.60
N SER B 101 -21.70 -13.94 -7.46
CA SER B 101 -20.82 -14.35 -6.35
C SER B 101 -21.59 -15.13 -5.28
N THR B 102 -20.85 -15.72 -4.36
CA THR B 102 -21.38 -16.02 -3.03
C THR B 102 -21.06 -14.85 -2.12
N VAL B 103 -21.22 -15.00 -0.82
CA VAL B 103 -20.95 -13.91 0.15
C VAL B 103 -19.81 -14.26 1.12
N ALA B 104 -19.91 -15.40 1.80
CA ALA B 104 -19.05 -15.70 2.97
C ALA B 104 -17.69 -16.31 2.59
N GLY B 105 -17.63 -17.16 1.58
CA GLY B 105 -16.38 -17.88 1.26
C GLY B 105 -15.28 -16.95 0.77
N SER B 106 -14.07 -17.39 0.97
CA SER B 106 -12.86 -16.76 0.40
C SER B 106 -12.76 -17.16 -1.06
N ARG B 107 -11.76 -16.60 -1.74
N ARG B 107 -11.84 -16.54 -1.81
CA ARG B 107 -11.29 -17.07 -3.06
CA ARG B 107 -11.92 -16.48 -3.28
C ARG B 107 -10.96 -18.55 -2.99
C ARG B 107 -11.69 -17.88 -3.89
N GLY B 108 -11.42 -19.26 -4.00
N GLY B 108 -11.18 -18.87 -3.15
CA GLY B 108 -11.22 -20.71 -4.15
CA GLY B 108 -11.01 -20.24 -3.69
C GLY B 108 -12.32 -21.48 -3.47
C GLY B 108 -12.04 -21.28 -3.23
N SER B 109 -13.14 -20.83 -2.61
CA SER B 109 -14.21 -21.64 -2.00
C SER B 109 -15.20 -22.08 -3.08
N ALA B 110 -16.06 -23.05 -2.77
CA ALA B 110 -16.90 -23.67 -3.81
C ALA B 110 -18.05 -22.76 -4.20
N ASP B 111 -18.41 -22.80 -5.48
CA ASP B 111 -19.58 -22.07 -5.99
C ASP B 111 -20.87 -22.53 -5.29
N THR B 112 -20.98 -23.82 -4.99
CA THR B 112 -22.23 -24.46 -4.52
C THR B 112 -22.28 -24.57 -3.00
N ALA B 113 -21.57 -23.76 -2.27
CA ALA B 113 -21.88 -23.49 -0.87
C ALA B 113 -23.34 -23.01 -0.73
N ARG B 114 -23.96 -23.24 0.42
CA ARG B 114 -25.26 -22.63 0.72
C ARG B 114 -24.97 -21.19 1.14
N ASP B 115 -25.53 -20.22 0.46
CA ASP B 115 -25.22 -18.81 0.80
C ASP B 115 -26.21 -17.90 0.09
N VAL B 116 -26.16 -16.64 0.48
CA VAL B 116 -26.73 -15.52 -0.31
C VAL B 116 -25.79 -15.35 -1.52
N HIS B 117 -26.28 -14.93 -2.66
CA HIS B 117 -25.46 -14.70 -3.87
C HIS B 117 -25.55 -13.25 -4.30
N GLY B 118 -24.41 -12.71 -4.74
CA GLY B 118 -24.36 -11.40 -5.39
C GLY B 118 -24.76 -11.47 -6.85
N PHE B 119 -25.30 -10.34 -7.33
CA PHE B 119 -25.66 -10.05 -8.72
C PHE B 119 -25.42 -8.57 -8.92
N ALA B 120 -24.21 -8.20 -9.32
CA ALA B 120 -23.79 -6.79 -9.40
C ALA B 120 -23.68 -6.44 -10.87
N THR B 121 -24.37 -5.39 -11.29
CA THR B 121 -24.46 -5.00 -12.72
C THR B 121 -23.95 -3.57 -12.89
N ARG B 122 -22.99 -3.36 -13.76
CA ARG B 122 -22.54 -2.02 -14.17
C ARG B 122 -23.12 -1.68 -15.54
N PHE B 123 -23.80 -0.54 -15.62
CA PHE B 123 -24.29 0.05 -16.88
C PHE B 123 -23.31 1.15 -17.25
N TYR B 124 -22.56 1.03 -18.34
CA TYR B 124 -21.60 2.07 -18.73
C TYR B 124 -22.39 3.13 -19.51
N THR B 125 -23.15 3.95 -18.82
CA THR B 125 -24.14 4.81 -19.53
C THR B 125 -23.42 6.00 -20.17
N ASP B 126 -24.16 6.67 -21.06
CA ASP B 126 -23.72 7.93 -21.69
C ASP B 126 -23.77 9.15 -20.76
N GLU B 127 -24.19 8.96 -19.49
N GLU B 127 -24.16 8.97 -19.49
CA GLU B 127 -24.17 10.00 -18.42
CA GLU B 127 -24.08 10.05 -18.48
C GLU B 127 -23.46 9.43 -17.19
C GLU B 127 -23.41 9.49 -17.23
N GLY B 128 -22.59 8.47 -17.41
CA GLY B 128 -21.76 7.91 -16.32
C GLY B 128 -22.03 6.49 -15.99
N ASN B 129 -21.11 5.85 -15.25
CA ASN B 129 -21.32 4.47 -14.83
C ASN B 129 -22.40 4.43 -13.77
N PHE B 130 -23.33 3.50 -13.91
CA PHE B 130 -24.42 3.29 -12.94
C PHE B 130 -24.39 1.85 -12.50
N ASP B 131 -24.16 1.58 -11.22
CA ASP B 131 -24.12 0.20 -10.73
C ASP B 131 -25.36 -0.08 -9.91
N ILE B 132 -25.94 -1.24 -10.17
CA ILE B 132 -26.95 -1.84 -9.30
C ILE B 132 -26.28 -3.06 -8.66
N VAL B 133 -25.96 -2.92 -7.38
CA VAL B 133 -25.17 -3.93 -6.64
C VAL B 133 -26.19 -4.76 -5.84
N GLY B 134 -26.65 -5.83 -6.46
CA GLY B 134 -27.78 -6.60 -5.93
C GLY B 134 -27.41 -8.00 -5.49
N ASN B 135 -28.40 -8.70 -4.98
CA ASN B 135 -28.26 -10.11 -4.52
C ASN B 135 -29.36 -10.97 -5.14
N ASN B 136 -29.25 -12.30 -5.01
CA ASN B 136 -30.31 -13.18 -5.58
C ASN B 136 -31.48 -13.31 -4.62
N ILE B 137 -31.41 -12.68 -3.47
CA ILE B 137 -32.48 -12.72 -2.45
C ILE B 137 -32.83 -11.25 -2.23
N PRO B 138 -34.15 -10.91 -2.19
CA PRO B 138 -34.57 -9.50 -2.20
C PRO B 138 -34.45 -8.77 -0.86
N VAL B 139 -34.18 -9.50 0.22
CA VAL B 139 -34.16 -8.95 1.59
C VAL B 139 -32.79 -9.23 2.20
N PHE B 140 -32.39 -8.36 3.11
CA PHE B 140 -31.06 -8.52 3.76
C PHE B 140 -31.22 -8.88 5.22
N PHE B 141 -30.17 -9.42 5.84
CA PHE B 141 -30.27 -9.95 7.21
C PHE B 141 -30.42 -8.86 8.27
N ILE B 142 -29.96 -7.64 8.00
CA ILE B 142 -29.81 -6.59 9.03
C ILE B 142 -30.47 -5.28 8.56
N GLN B 143 -30.80 -4.42 9.52
CA GLN B 143 -31.57 -3.19 9.23
C GLN B 143 -30.70 -1.93 9.28
N ASP B 144 -29.41 -2.04 9.58
CA ASP B 144 -28.54 -0.86 9.73
C ASP B 144 -27.15 -1.29 9.30
N ALA B 145 -26.58 -0.56 8.36
CA ALA B 145 -25.23 -0.87 7.87
C ALA B 145 -24.19 -0.99 8.98
N ILE B 146 -24.35 -0.33 10.14
CA ILE B 146 -23.31 -0.38 11.18
C ILE B 146 -23.16 -1.81 11.71
N GLN B 147 -24.19 -2.64 11.49
CA GLN B 147 -24.17 -4.03 11.98
C GLN B 147 -23.49 -4.96 10.98
N PHE B 148 -23.05 -4.49 9.82
CA PHE B 148 -22.55 -5.43 8.81
C PHE B 148 -21.34 -6.23 9.32
N PRO B 149 -20.36 -5.63 10.03
CA PRO B 149 -19.25 -6.43 10.52
C PRO B 149 -19.68 -7.50 11.54
N ASP B 150 -20.74 -7.22 12.28
CA ASP B 150 -21.26 -8.20 13.27
C ASP B 150 -21.80 -9.41 12.51
N LEU B 151 -22.66 -9.18 11.50
CA LEU B 151 -23.20 -10.25 10.69
C LEU B 151 -22.05 -11.02 10.07
N ILE B 152 -21.18 -10.32 9.36
CA ILE B 152 -20.14 -11.02 8.57
C ILE B 152 -19.15 -11.75 9.49
N HIS B 153 -18.70 -11.16 10.59
CA HIS B 153 -17.83 -11.92 11.55
C HIS B 153 -18.59 -13.20 11.93
N SER B 154 -19.88 -13.09 12.23
CA SER B 154 -20.60 -14.29 12.76
C SER B 154 -20.71 -15.40 11.74
N VAL B 155 -20.88 -15.10 10.44
N VAL B 155 -20.79 -15.07 10.45
CA VAL B 155 -21.07 -16.16 9.42
CA VAL B 155 -21.08 -16.02 9.34
C VAL B 155 -19.71 -16.68 8.94
C VAL B 155 -19.75 -16.62 8.81
N LYS B 156 -18.70 -15.82 8.86
CA LYS B 156 -17.37 -16.22 8.38
C LYS B 156 -16.80 -17.20 9.41
N PRO B 157 -15.68 -17.85 9.08
CA PRO B 157 -15.12 -18.91 9.91
C PRO B 157 -14.75 -18.37 11.30
N ARG B 158 -14.84 -19.25 12.31
CA ARG B 158 -14.47 -18.85 13.70
C ARG B 158 -13.00 -18.37 13.73
N PRO B 159 -12.70 -17.23 14.36
CA PRO B 159 -11.40 -16.59 14.11
C PRO B 159 -10.18 -17.15 14.84
N ASP B 160 -10.36 -18.16 15.69
CA ASP B 160 -9.16 -18.80 16.32
C ASP B 160 -8.57 -19.81 15.32
N ASN B 161 -9.41 -20.55 14.60
CA ASN B 161 -8.94 -21.65 13.70
C ASN B 161 -9.32 -21.47 12.24
N GLU B 162 -10.11 -20.45 11.93
CA GLU B 162 -10.67 -20.21 10.58
C GLU B 162 -11.37 -21.46 10.07
N ILE B 163 -12.29 -21.97 10.88
CA ILE B 163 -13.22 -23.06 10.48
C ILE B 163 -14.62 -22.61 10.86
N PRO B 164 -15.68 -22.84 10.06
CA PRO B 164 -15.68 -23.52 8.77
C PRO B 164 -15.72 -22.56 7.58
N GLN B 165 -15.18 -23.03 6.46
CA GLN B 165 -15.19 -22.27 5.19
C GLN B 165 -16.59 -22.21 4.58
N ALA B 166 -17.01 -21.03 4.10
CA ALA B 166 -18.16 -20.85 3.21
C ALA B 166 -19.40 -21.56 3.78
N ALA B 167 -19.75 -21.27 5.02
CA ALA B 167 -20.87 -21.99 5.67
C ALA B 167 -21.40 -21.21 6.86
N THR B 168 -22.72 -21.23 7.03
CA THR B 168 -23.40 -20.73 8.22
C THR B 168 -23.56 -21.87 9.25
N ALA B 169 -23.13 -23.07 8.92
CA ALA B 169 -23.42 -24.28 9.76
C ALA B 169 -22.43 -24.32 10.94
N HIS B 170 -22.47 -23.31 11.79
CA HIS B 170 -21.61 -23.21 12.98
C HIS B 170 -22.24 -22.31 14.04
N ASP B 171 -21.78 -22.47 15.28
CA ASP B 171 -22.38 -21.81 16.46
C ASP B 171 -22.53 -20.28 16.27
N SER B 172 -21.47 -19.62 15.81
CA SER B 172 -21.43 -18.15 15.86
C SER B 172 -22.55 -17.61 14.97
N ALA B 173 -22.77 -18.22 13.81
CA ALA B 173 -23.76 -17.68 12.85
C ALA B 173 -25.15 -17.79 13.49
N TRP B 174 -25.45 -18.98 13.98
CA TRP B 174 -26.79 -19.22 14.56
C TRP B 174 -26.95 -18.44 15.87
N ASP B 175 -25.88 -18.17 16.61
CA ASP B 175 -25.90 -17.26 17.77
C ASP B 175 -26.43 -15.90 17.29
N PHE B 176 -25.80 -15.39 16.26
CA PHE B 176 -26.18 -14.04 15.72
C PHE B 176 -27.61 -14.09 15.22
N PHE B 177 -27.98 -15.10 14.41
CA PHE B 177 -29.36 -15.13 13.85
C PHE B 177 -30.37 -15.15 15.02
N SER B 178 -30.10 -15.96 16.05
CA SER B 178 -31.07 -16.10 17.18
C SER B 178 -31.08 -14.86 18.06
N GLN B 179 -30.03 -14.04 18.11
CA GLN B 179 -29.97 -12.84 18.95
C GLN B 179 -30.45 -11.60 18.16
N GLN B 180 -30.42 -11.66 16.83
CA GLN B 180 -30.75 -10.51 15.96
C GLN B 180 -31.91 -10.96 15.07
N PRO B 181 -33.18 -10.85 15.54
CA PRO B 181 -34.30 -11.43 14.83
C PRO B 181 -34.60 -10.87 13.43
N SER B 182 -34.08 -9.66 13.14
CA SER B 182 -34.16 -9.12 11.77
C SER B 182 -33.71 -10.17 10.77
N THR B 183 -32.78 -11.03 11.17
CA THR B 183 -32.15 -11.98 10.25
C THR B 183 -33.14 -13.03 9.70
N MET B 184 -34.29 -13.19 10.33
CA MET B 184 -35.16 -14.33 9.97
C MET B 184 -35.52 -14.31 8.50
N HIS B 185 -35.84 -13.19 7.87
CA HIS B 185 -36.37 -13.27 6.50
C HIS B 185 -35.29 -13.78 5.57
N THR B 186 -34.12 -13.16 5.57
CA THR B 186 -33.04 -13.62 4.69
C THR B 186 -32.67 -15.04 5.07
N LEU B 187 -32.70 -15.39 6.36
CA LEU B 187 -32.30 -16.77 6.76
C LEU B 187 -33.24 -17.77 6.09
N PHE B 188 -34.55 -17.50 6.11
CA PHE B 188 -35.52 -18.39 5.44
C PHE B 188 -35.20 -18.52 3.95
N TRP B 189 -34.95 -17.41 3.26
CA TRP B 189 -34.53 -17.50 1.86
C TRP B 189 -33.24 -18.33 1.70
N ALA B 190 -32.21 -18.11 2.51
CA ALA B 190 -30.91 -18.79 2.39
C ALA B 190 -31.10 -20.30 2.65
N MET B 191 -32.08 -20.67 3.49
CA MET B 191 -32.30 -22.10 3.83
C MET B 191 -33.20 -22.76 2.78
N SER B 192 -33.81 -21.99 1.89
CA SER B 192 -34.59 -22.46 0.74
C SER B 192 -33.65 -22.82 -0.39
N GLY B 193 -34.17 -23.25 -1.53
CA GLY B 193 -33.37 -23.52 -2.73
C GLY B 193 -32.64 -22.27 -3.23
N HIS B 194 -33.10 -21.09 -2.85
CA HIS B 194 -32.42 -19.81 -3.21
C HIS B 194 -30.99 -19.76 -2.64
N GLY B 195 -30.67 -20.57 -1.64
CA GLY B 195 -29.33 -20.67 -1.09
C GLY B 195 -28.40 -21.49 -1.96
N ILE B 196 -28.96 -22.39 -2.81
CA ILE B 196 -28.13 -23.30 -3.64
C ILE B 196 -28.74 -23.31 -5.02
N PRO B 197 -28.69 -22.18 -5.75
CA PRO B 197 -29.27 -22.11 -7.08
C PRO B 197 -28.50 -23.02 -8.04
N ARG B 198 -29.22 -23.51 -9.04
CA ARG B 198 -28.67 -24.39 -10.08
C ARG B 198 -27.55 -23.66 -10.84
N SER B 199 -27.70 -22.35 -11.07
CA SER B 199 -26.68 -21.58 -11.81
C SER B 199 -26.94 -20.11 -11.58
N TYR B 200 -25.98 -19.29 -11.98
CA TYR B 200 -26.19 -17.84 -11.92
C TYR B 200 -27.29 -17.45 -12.89
N ARG B 201 -27.49 -18.25 -13.95
CA ARG B 201 -28.49 -17.96 -14.98
C ARG B 201 -29.90 -18.29 -14.50
N HIS B 202 -30.03 -19.12 -13.48
CA HIS B 202 -31.30 -19.66 -12.96
C HIS B 202 -31.65 -18.99 -11.65
N MET B 203 -31.17 -17.75 -11.48
CA MET B 203 -31.50 -16.97 -10.28
C MET B 203 -31.82 -15.53 -10.75
N ASP B 204 -32.57 -14.85 -9.91
CA ASP B 204 -32.95 -13.43 -10.18
C ASP B 204 -31.96 -12.51 -9.49
N GLY B 205 -32.03 -11.24 -9.83
CA GLY B 205 -31.28 -10.18 -9.15
C GLY B 205 -32.20 -9.18 -8.50
N PHE B 206 -31.84 -8.69 -7.33
CA PHE B 206 -32.68 -7.72 -6.60
C PHE B 206 -31.78 -6.60 -6.11
N GLY B 207 -32.26 -5.37 -6.24
CA GLY B 207 -31.59 -4.20 -5.61
C GLY B 207 -31.70 -4.23 -4.09
N CYS B 208 -32.70 -4.94 -3.55
CA CYS B 208 -33.10 -5.03 -2.12
C CYS B 208 -33.70 -3.72 -1.60
N HIS B 209 -32.95 -2.63 -1.61
CA HIS B 209 -33.43 -1.36 -1.07
C HIS B 209 -34.50 -0.74 -1.96
N THR B 210 -35.31 0.09 -1.35
CA THR B 210 -36.09 1.10 -2.07
C THR B 210 -35.13 2.21 -2.55
N PHE B 211 -35.22 2.53 -3.81
CA PHE B 211 -34.50 3.67 -4.40
C PHE B 211 -35.57 4.64 -4.88
N ARG B 212 -35.13 5.72 -5.49
CA ARG B 212 -36.06 6.69 -6.10
C ARG B 212 -35.76 6.82 -7.58
N PHE B 213 -36.84 6.89 -8.35
CA PHE B 213 -36.79 7.42 -9.71
C PHE B 213 -37.16 8.88 -9.61
N VAL B 214 -36.36 9.73 -10.23
CA VAL B 214 -36.49 11.19 -10.20
C VAL B 214 -36.63 11.67 -11.65
N LYS B 215 -37.67 12.46 -11.89
CA LYS B 215 -37.91 13.04 -13.23
C LYS B 215 -37.16 14.36 -13.31
N ASP B 216 -37.00 14.87 -14.52
CA ASP B 216 -36.39 16.19 -14.76
C ASP B 216 -37.21 17.31 -14.12
N ASP B 217 -38.51 17.09 -13.87
CA ASP B 217 -39.33 18.12 -13.21
C ASP B 217 -39.13 18.07 -11.70
N GLY B 218 -38.30 17.17 -11.17
CA GLY B 218 -37.99 17.11 -9.74
C GLY B 218 -38.89 16.16 -8.98
N SER B 219 -39.97 15.67 -9.57
CA SER B 219 -40.89 14.75 -8.85
C SER B 219 -40.16 13.41 -8.67
N SER B 220 -40.59 12.60 -7.73
CA SER B 220 -39.95 11.28 -7.46
C SER B 220 -40.98 10.24 -7.09
N LYS B 221 -40.62 8.98 -7.36
CA LYS B 221 -41.37 7.79 -6.96
C LYS B 221 -40.39 6.83 -6.33
N LEU B 222 -40.92 5.89 -5.56
CA LEU B 222 -40.14 4.86 -4.86
C LEU B 222 -40.11 3.62 -5.72
N ILE B 223 -38.94 3.01 -5.89
CA ILE B 223 -38.84 1.82 -6.75
C ILE B 223 -38.09 0.70 -6.03
N LYS B 224 -38.37 -0.51 -6.48
CA LYS B 224 -37.54 -1.70 -6.22
C LYS B 224 -37.10 -2.29 -7.55
N TRP B 225 -35.81 -2.66 -7.63
CA TRP B 225 -35.26 -3.33 -8.82
C TRP B 225 -35.44 -4.84 -8.72
N HIS B 226 -35.94 -5.44 -9.79
N HIS B 226 -35.90 -5.50 -9.77
CA HIS B 226 -36.06 -6.90 -9.95
CA HIS B 226 -36.04 -6.97 -9.81
C HIS B 226 -35.56 -7.29 -11.32
C HIS B 226 -35.67 -7.45 -11.21
N PHE B 227 -34.52 -8.11 -11.37
CA PHE B 227 -34.02 -8.65 -12.64
C PHE B 227 -34.57 -10.08 -12.66
N LYS B 228 -35.46 -10.34 -13.61
N LYS B 228 -35.51 -10.34 -13.57
CA LYS B 228 -36.21 -11.63 -13.68
CA LYS B 228 -36.28 -11.62 -13.65
C LYS B 228 -35.61 -12.52 -14.77
C LYS B 228 -35.66 -12.50 -14.74
N SER B 229 -35.20 -13.71 -14.36
CA SER B 229 -34.44 -14.61 -15.22
C SER B 229 -35.34 -15.10 -16.34
N ARG B 230 -34.88 -15.04 -17.60
N ARG B 230 -34.84 -15.03 -17.58
CA ARG B 230 -35.55 -15.69 -18.75
CA ARG B 230 -35.49 -15.62 -18.77
C ARG B 230 -35.25 -17.20 -18.79
C ARG B 230 -35.06 -17.09 -18.95
N GLN B 231 -34.27 -17.67 -18.05
CA GLN B 231 -33.91 -19.10 -18.06
C GLN B 231 -34.80 -19.92 -17.12
N GLY B 232 -35.55 -19.25 -16.25
CA GLY B 232 -36.38 -19.88 -15.22
C GLY B 232 -35.61 -19.95 -13.94
N LYS B 233 -36.25 -20.37 -12.87
CA LYS B 233 -35.63 -20.54 -11.54
C LYS B 233 -35.40 -22.02 -11.31
N ALA B 234 -34.26 -22.35 -10.78
CA ALA B 234 -33.93 -23.75 -10.43
C ALA B 234 -32.89 -23.76 -9.33
N SER B 235 -32.89 -24.85 -8.58
CA SER B 235 -32.04 -25.07 -7.40
C SER B 235 -31.39 -26.44 -7.53
N LEU B 236 -30.32 -26.63 -6.81
CA LEU B 236 -29.78 -27.97 -6.47
C LEU B 236 -30.55 -28.49 -5.27
N VAL B 237 -30.35 -29.76 -4.91
CA VAL B 237 -30.69 -30.24 -3.55
C VAL B 237 -29.41 -30.30 -2.76
N TRP B 238 -29.48 -30.22 -1.45
CA TRP B 238 -28.29 -30.03 -0.60
C TRP B 238 -27.31 -31.19 -0.79
N GLU B 239 -27.79 -32.43 -0.75
CA GLU B 239 -26.86 -33.59 -0.75
C GLU B 239 -26.11 -33.60 -2.09
N GLU B 240 -26.67 -33.05 -3.16
CA GLU B 240 -26.05 -32.84 -4.49
C GLU B 240 -25.02 -31.69 -4.41
N ALA B 241 -25.42 -30.51 -3.92
CA ALA B 241 -24.53 -29.33 -3.72
C ALA B 241 -23.26 -29.70 -2.94
N GLN B 242 -23.35 -30.51 -1.89
CA GLN B 242 -22.19 -30.92 -1.06
C GLN B 242 -21.21 -31.71 -1.91
N VAL B 243 -21.68 -32.65 -2.72
CA VAL B 243 -20.79 -33.47 -3.60
C VAL B 243 -20.20 -32.53 -4.67
N LEU B 244 -21.03 -31.67 -5.24
CA LEU B 244 -20.59 -30.82 -6.37
C LEU B 244 -19.50 -29.86 -5.88
N SER B 245 -19.60 -29.40 -4.64
N SER B 245 -19.56 -29.42 -4.63
CA SER B 245 -18.56 -28.52 -4.04
CA SER B 245 -18.55 -28.49 -4.07
C SER B 245 -17.18 -29.20 -4.20
C SER B 245 -17.17 -29.18 -3.92
N GLY B 246 -17.12 -30.51 -3.98
CA GLY B 246 -15.85 -31.28 -4.08
C GLY B 246 -15.50 -31.64 -5.51
N LYS B 247 -16.45 -32.08 -6.31
CA LYS B 247 -16.21 -32.61 -7.66
C LYS B 247 -15.92 -31.44 -8.61
N ASN B 248 -16.55 -30.29 -8.39
CA ASN B 248 -16.31 -29.13 -9.28
C ASN B 248 -16.64 -27.82 -8.54
N ALA B 249 -15.68 -27.31 -7.80
CA ALA B 249 -15.77 -26.02 -7.09
C ALA B 249 -16.12 -24.86 -8.04
N ASP B 250 -15.87 -25.02 -9.35
CA ASP B 250 -16.04 -23.99 -10.37
C ASP B 250 -17.38 -24.12 -11.09
N PHE B 251 -18.34 -24.90 -10.59
CA PHE B 251 -19.52 -25.26 -11.41
C PHE B 251 -20.26 -24.02 -11.92
N HIS B 252 -20.50 -23.01 -11.07
CA HIS B 252 -21.33 -21.87 -11.54
C HIS B 252 -20.53 -21.03 -12.54
N ARG B 253 -19.27 -20.80 -12.27
CA ARG B 253 -18.46 -19.99 -13.23
C ARG B 253 -18.29 -20.77 -14.56
N GLN B 254 -18.17 -22.08 -14.54
N GLN B 254 -18.12 -22.10 -14.46
CA GLN B 254 -18.04 -22.82 -15.82
CA GLN B 254 -17.99 -23.08 -15.60
C GLN B 254 -19.39 -22.77 -16.53
C GLN B 254 -19.28 -22.99 -16.44
N ASP B 255 -20.45 -23.04 -15.78
CA ASP B 255 -21.80 -23.00 -16.40
C ASP B 255 -22.02 -21.68 -17.15
N LEU B 256 -21.65 -20.56 -16.54
CA LEU B 256 -21.81 -19.22 -17.17
C LEU B 256 -20.91 -19.08 -18.40
N TRP B 257 -19.64 -19.41 -18.24
N TRP B 257 -19.64 -19.45 -18.23
CA TRP B 257 -18.63 -19.33 -19.33
CA TRP B 257 -18.61 -19.35 -19.29
C TRP B 257 -19.15 -20.12 -20.53
C TRP B 257 -19.05 -20.15 -20.52
N ASP B 258 -19.53 -21.37 -20.29
CA ASP B 258 -19.93 -22.31 -21.38
C ASP B 258 -21.18 -21.77 -22.08
N ALA B 259 -22.14 -21.28 -21.30
CA ALA B 259 -23.41 -20.77 -21.87
C ALA B 259 -23.10 -19.62 -22.80
N ILE B 260 -22.17 -18.74 -22.41
CA ILE B 260 -21.79 -17.61 -23.30
C ILE B 260 -21.06 -18.17 -24.53
N GLU B 261 -20.14 -19.10 -24.35
N GLU B 261 -20.10 -19.08 -24.36
CA GLU B 261 -19.31 -19.57 -25.49
CA GLU B 261 -19.29 -19.56 -25.52
C GLU B 261 -20.19 -20.29 -26.54
C GLU B 261 -20.26 -20.17 -26.56
N SER B 262 -21.29 -20.89 -26.11
CA SER B 262 -22.19 -21.72 -26.98
C SER B 262 -23.25 -20.82 -27.64
N GLY B 263 -23.25 -19.53 -27.39
CA GLY B 263 -24.26 -18.61 -27.97
C GLY B 263 -25.57 -18.64 -27.20
N ASN B 264 -25.55 -19.11 -25.95
CA ASN B 264 -26.73 -19.18 -25.07
C ASN B 264 -26.53 -18.19 -23.91
N GLY B 265 -26.12 -16.97 -24.26
CA GLY B 265 -25.88 -15.96 -23.23
C GLY B 265 -27.15 -15.69 -22.44
N PRO B 266 -27.08 -15.71 -21.09
CA PRO B 266 -28.27 -15.56 -20.27
C PRO B 266 -28.88 -14.15 -20.35
N GLU B 267 -30.19 -14.13 -20.15
CA GLU B 267 -31.05 -12.94 -20.22
C GLU B 267 -31.92 -12.78 -18.98
N TRP B 268 -32.12 -11.52 -18.63
CA TRP B 268 -33.04 -11.06 -17.59
C TRP B 268 -33.86 -9.90 -18.12
N ASP B 269 -35.12 -9.86 -17.72
CA ASP B 269 -35.93 -8.63 -17.84
C ASP B 269 -35.57 -7.74 -16.66
N VAL B 270 -35.12 -6.54 -16.91
CA VAL B 270 -34.85 -5.60 -15.83
C VAL B 270 -36.16 -4.91 -15.52
N CYS B 271 -36.65 -5.08 -14.31
CA CYS B 271 -37.99 -4.64 -13.91
C CYS B 271 -37.90 -3.75 -12.68
N VAL B 272 -38.95 -2.97 -12.48
CA VAL B 272 -39.16 -2.24 -11.20
C VAL B 272 -40.59 -2.47 -10.72
N GLN B 273 -40.76 -2.43 -9.40
CA GLN B 273 -42.02 -2.03 -8.76
C GLN B 273 -41.93 -0.53 -8.56
N ILE B 274 -43.01 0.18 -8.87
N ILE B 274 -42.98 0.22 -8.85
CA ILE B 274 -43.06 1.67 -8.78
CA ILE B 274 -42.89 1.71 -8.71
C ILE B 274 -44.22 2.02 -7.86
C ILE B 274 -44.15 2.20 -8.01
N VAL B 275 -43.97 2.77 -6.81
CA VAL B 275 -45.05 3.26 -5.93
C VAL B 275 -44.82 4.70 -5.57
N ASP B 276 -45.88 5.34 -5.11
CA ASP B 276 -45.80 6.76 -4.73
C ASP B 276 -45.06 6.93 -3.40
N GLU B 277 -44.46 8.10 -3.25
CA GLU B 277 -43.82 8.51 -1.97
C GLU B 277 -44.81 8.33 -0.81
N SER B 278 -46.08 8.62 -1.05
CA SER B 278 -47.10 8.53 0.02
C SER B 278 -47.37 7.08 0.47
N GLN B 279 -46.80 6.07 -0.18
N GLN B 279 -46.84 6.09 -0.27
CA GLN B 279 -47.08 4.66 0.17
CA GLN B 279 -47.02 4.65 -0.01
C GLN B 279 -45.94 4.08 1.01
C GLN B 279 -45.88 4.08 0.84
N ALA B 280 -45.02 4.92 1.46
CA ALA B 280 -43.83 4.45 2.22
C ALA B 280 -44.25 3.53 3.37
N GLN B 281 -45.40 3.79 4.01
CA GLN B 281 -45.87 2.96 5.15
C GLN B 281 -47.25 2.37 4.85
N ALA B 282 -47.69 2.37 3.61
CA ALA B 282 -49.09 2.00 3.27
C ALA B 282 -49.27 0.47 3.20
N PHE B 283 -48.20 -0.33 3.08
CA PHE B 283 -48.31 -1.77 2.77
C PHE B 283 -48.21 -2.64 4.04
N GLY B 284 -48.23 -2.03 5.22
CA GLY B 284 -48.13 -2.74 6.50
C GLY B 284 -46.69 -2.89 6.98
N PHE B 285 -45.73 -2.26 6.30
CA PHE B 285 -44.32 -2.23 6.74
C PHE B 285 -43.74 -0.95 6.16
N ASP B 286 -42.48 -0.68 6.48
CA ASP B 286 -41.78 0.55 6.07
C ASP B 286 -40.95 0.27 4.83
N LEU B 287 -41.11 1.05 3.77
CA LEU B 287 -40.28 0.83 2.55
C LEU B 287 -38.80 1.17 2.79
N LEU B 288 -38.43 1.78 3.91
CA LEU B 288 -37.01 2.07 4.27
C LEU B 288 -36.38 0.79 4.86
N ASP B 289 -37.18 -0.25 5.12
CA ASP B 289 -36.71 -1.45 5.85
C ASP B 289 -36.28 -2.52 4.86
N PRO B 290 -34.96 -2.81 4.75
CA PRO B 290 -34.46 -3.75 3.75
C PRO B 290 -34.68 -5.25 4.08
N THR B 291 -35.39 -5.54 5.16
CA THR B 291 -35.81 -6.93 5.49
C THR B 291 -37.20 -7.22 4.94
N LYS B 292 -37.80 -6.30 4.17
CA LYS B 292 -39.20 -6.43 3.69
C LYS B 292 -39.23 -6.43 2.18
N ILE B 293 -40.07 -7.27 1.58
CA ILE B 293 -40.45 -7.17 0.15
C ILE B 293 -41.79 -6.43 0.03
N ILE B 294 -42.01 -5.81 -1.14
CA ILE B 294 -43.38 -5.38 -1.52
C ILE B 294 -43.98 -6.60 -2.25
N PRO B 295 -44.99 -7.28 -1.65
CA PRO B 295 -45.65 -8.36 -2.35
C PRO B 295 -46.15 -7.91 -3.73
N GLU B 296 -45.98 -8.74 -4.73
CA GLU B 296 -46.32 -8.37 -6.13
C GLU B 296 -47.83 -8.12 -6.24
N GLU B 297 -48.60 -8.69 -5.35
CA GLU B 297 -50.06 -8.44 -5.34
C GLU B 297 -50.32 -6.94 -5.03
N TYR B 298 -49.42 -6.22 -4.34
CA TYR B 298 -49.65 -4.80 -4.00
C TYR B 298 -49.03 -3.87 -5.02
N ALA B 299 -48.05 -4.37 -5.78
CA ALA B 299 -47.32 -3.55 -6.76
C ALA B 299 -46.77 -4.44 -7.85
N PRO B 300 -47.27 -4.40 -9.08
CA PRO B 300 -46.83 -5.29 -10.13
C PRO B 300 -45.49 -4.82 -10.71
N LEU B 301 -44.81 -5.71 -11.41
CA LEU B 301 -43.51 -5.38 -12.04
C LEU B 301 -43.77 -4.68 -13.39
N THR B 302 -43.02 -3.64 -13.66
CA THR B 302 -42.92 -3.02 -14.98
C THR B 302 -41.60 -3.44 -15.60
N LYS B 303 -41.66 -3.99 -16.81
CA LYS B 303 -40.43 -4.36 -17.56
C LYS B 303 -39.82 -3.12 -18.21
N LEU B 304 -38.58 -2.78 -17.86
CA LEU B 304 -37.91 -1.58 -18.44
C LEU B 304 -37.04 -1.97 -19.63
N GLY B 305 -36.37 -3.11 -19.58
CA GLY B 305 -35.43 -3.48 -20.64
C GLY B 305 -34.84 -4.86 -20.50
N LEU B 306 -34.01 -5.24 -21.46
CA LEU B 306 -33.39 -6.58 -21.51
C LEU B 306 -31.91 -6.48 -21.14
N LEU B 307 -31.50 -7.26 -20.17
CA LEU B 307 -30.05 -7.50 -19.88
C LEU B 307 -29.64 -8.83 -20.50
N LYS B 308 -28.63 -8.81 -21.35
CA LYS B 308 -28.05 -10.04 -21.90
C LYS B 308 -26.55 -10.07 -21.64
N LEU B 309 -26.06 -11.20 -21.16
CA LEU B 309 -24.62 -11.44 -21.03
C LEU B 309 -24.17 -12.31 -22.20
N ASP B 310 -23.20 -11.86 -22.99
CA ASP B 310 -22.86 -12.58 -24.23
C ASP B 310 -21.38 -12.56 -24.53
N ARG B 311 -20.49 -12.10 -23.62
CA ARG B 311 -19.03 -12.10 -23.89
C ARG B 311 -18.25 -12.32 -22.60
N ASN B 312 -17.41 -13.33 -22.64
CA ASN B 312 -16.51 -13.66 -21.52
C ASN B 312 -15.35 -12.69 -21.47
N PRO B 313 -14.80 -12.48 -20.26
CA PRO B 313 -13.60 -11.65 -20.16
C PRO B 313 -12.43 -12.26 -20.95
N THR B 314 -11.43 -11.42 -21.20
CA THR B 314 -10.12 -11.81 -21.79
C THR B 314 -9.14 -12.20 -20.69
N ASN B 315 -9.06 -11.37 -19.66
CA ASN B 315 -8.19 -11.63 -18.50
C ASN B 315 -9.03 -11.53 -17.23
N TYR B 316 -9.24 -12.66 -16.57
CA TYR B 316 -10.09 -12.72 -15.36
C TYR B 316 -9.59 -11.70 -14.29
N PHE B 317 -8.29 -11.67 -13.98
CA PHE B 317 -7.75 -10.75 -12.97
C PHE B 317 -8.09 -9.32 -13.35
N ALA B 318 -7.75 -8.93 -14.58
CA ALA B 318 -7.83 -7.52 -14.97
C ALA B 318 -9.26 -7.03 -14.91
N GLU B 319 -10.19 -7.90 -15.33
CA GLU B 319 -11.59 -7.51 -15.54
C GLU B 319 -12.42 -7.96 -14.34
N THR B 320 -12.58 -9.26 -14.14
CA THR B 320 -13.41 -9.76 -13.03
C THR B 320 -12.82 -9.43 -11.66
N GLU B 321 -11.57 -9.75 -11.41
CA GLU B 321 -11.04 -9.54 -10.05
C GLU B 321 -11.01 -8.06 -9.72
N GLN B 322 -10.67 -7.22 -10.69
CA GLN B 322 -10.48 -5.77 -10.40
C GLN B 322 -11.76 -4.95 -10.54
N VAL B 323 -12.91 -5.50 -10.99
CA VAL B 323 -14.09 -4.61 -11.12
C VAL B 323 -14.50 -4.18 -9.70
N MET B 324 -14.77 -2.87 -9.54
CA MET B 324 -14.98 -2.26 -8.23
C MET B 324 -16.31 -1.53 -8.26
N PHE B 325 -17.36 -2.26 -7.87
CA PHE B 325 -18.74 -1.74 -7.84
C PHE B 325 -18.97 -0.80 -6.67
N GLN B 326 -19.90 0.12 -6.88
CA GLN B 326 -20.29 1.06 -5.80
C GLN B 326 -21.73 1.48 -6.00
N PRO B 327 -22.59 1.42 -4.97
CA PRO B 327 -23.91 2.05 -5.09
C PRO B 327 -23.75 3.57 -5.21
N GLY B 328 -22.61 4.14 -4.86
CA GLY B 328 -22.36 5.58 -5.12
C GLY B 328 -22.18 5.91 -6.58
N HIS B 329 -21.99 4.90 -7.41
CA HIS B 329 -22.03 5.12 -8.88
C HIS B 329 -23.48 5.27 -9.31
N ILE B 330 -24.01 6.47 -9.19
CA ILE B 330 -25.41 6.82 -9.45
C ILE B 330 -25.45 7.80 -10.59
N VAL B 331 -26.57 7.89 -11.29
CA VAL B 331 -26.74 8.84 -12.43
C VAL B 331 -28.00 9.69 -12.18
N ARG B 332 -28.03 10.85 -12.82
CA ARG B 332 -29.21 11.71 -12.83
C ARG B 332 -30.44 10.88 -13.17
N GLY B 333 -31.51 11.08 -12.39
CA GLY B 333 -32.76 10.32 -12.57
C GLY B 333 -32.95 9.22 -11.59
N ILE B 334 -31.94 8.93 -10.73
CA ILE B 334 -31.99 7.89 -9.67
C ILE B 334 -31.60 8.61 -8.38
N ASP B 335 -32.19 8.28 -7.25
CA ASP B 335 -31.72 8.83 -5.96
C ASP B 335 -31.81 7.75 -4.89
N PHE B 336 -31.12 7.99 -3.79
CA PHE B 336 -31.14 7.10 -2.63
C PHE B 336 -32.44 7.28 -1.85
N THR B 337 -32.67 6.37 -0.93
CA THR B 337 -33.60 6.53 0.20
C THR B 337 -32.85 6.44 1.52
N GLU B 338 -33.56 6.78 2.59
CA GLU B 338 -33.11 6.79 4.00
C GLU B 338 -33.14 5.38 4.60
N ASP B 339 -33.00 4.35 3.80
CA ASP B 339 -32.81 2.96 4.28
C ASP B 339 -31.45 2.93 4.97
N PRO B 340 -31.36 2.68 6.31
CA PRO B 340 -30.11 2.80 7.03
C PRO B 340 -29.05 1.78 6.59
N LEU B 341 -29.46 0.75 5.87
CA LEU B 341 -28.50 -0.23 5.32
C LEU B 341 -27.87 0.36 4.08
N LEU B 342 -28.69 0.85 3.15
CA LEU B 342 -28.21 1.54 1.95
C LEU B 342 -27.32 2.73 2.36
N GLN B 343 -27.76 3.54 3.31
CA GLN B 343 -27.07 4.79 3.69
C GLN B 343 -25.60 4.45 3.96
N GLY B 344 -25.33 3.42 4.75
CA GLY B 344 -23.94 3.09 5.15
C GLY B 344 -23.15 2.42 4.04
N ARG B 345 -23.81 1.65 3.19
CA ARG B 345 -23.16 1.06 2.01
C ARG B 345 -22.46 2.18 1.24
N LEU B 346 -23.07 3.35 1.13
CA LEU B 346 -22.47 4.34 0.23
C LEU B 346 -21.03 4.66 0.67
N PHE B 347 -20.78 4.69 1.98
CA PHE B 347 -19.44 4.91 2.55
C PHE B 347 -18.50 3.75 2.23
N SER B 348 -18.97 2.52 2.47
N SER B 348 -18.95 2.51 2.50
CA SER B 348 -18.13 1.30 2.50
CA SER B 348 -18.07 1.32 2.51
C SER B 348 -17.48 1.03 1.14
C SER B 348 -17.45 1.12 1.13
N TYR B 349 -18.27 1.16 0.06
CA TYR B 349 -17.80 0.72 -1.27
C TYR B 349 -16.76 1.71 -1.81
N LEU B 350 -16.78 2.98 -1.43
CA LEU B 350 -15.72 3.91 -1.86
C LEU B 350 -14.43 3.62 -1.08
N ASP B 351 -14.55 3.44 0.22
CA ASP B 351 -13.39 3.20 1.08
C ASP B 351 -12.72 1.87 0.76
N THR B 352 -13.48 0.80 0.57
CA THR B 352 -12.89 -0.55 0.49
C THR B 352 -12.01 -0.66 -0.76
N GLN B 353 -12.27 0.12 -1.81
CA GLN B 353 -11.43 -0.01 -3.02
C GLN B 353 -9.99 0.43 -2.75
N LEU B 354 -9.80 1.31 -1.76
CA LEU B 354 -8.42 1.68 -1.34
C LEU B 354 -7.67 0.45 -0.85
N ASN B 355 -8.35 -0.42 -0.10
CA ASN B 355 -7.70 -1.66 0.40
C ASN B 355 -7.36 -2.52 -0.84
N ARG B 356 -8.32 -2.71 -1.75
CA ARG B 356 -8.12 -3.68 -2.83
C ARG B 356 -7.08 -3.19 -3.82
N ASN B 357 -7.14 -1.92 -4.19
CA ASN B 357 -6.30 -1.37 -5.26
C ASN B 357 -4.95 -0.89 -4.70
N GLY B 358 -4.88 -0.58 -3.40
CA GLY B 358 -3.69 -0.07 -2.74
C GLY B 358 -3.44 1.42 -2.99
N GLY B 359 -4.36 2.11 -3.65
CA GLY B 359 -4.18 3.54 -3.95
C GLY B 359 -5.48 4.07 -4.53
N PRO B 360 -5.55 5.40 -4.69
CA PRO B 360 -6.84 6.08 -4.93
C PRO B 360 -7.32 6.18 -6.38
N ASN B 361 -6.54 5.65 -7.31
CA ASN B 361 -6.82 5.83 -8.76
C ASN B 361 -7.48 4.60 -9.33
N PHE B 362 -8.23 3.84 -8.55
CA PHE B 362 -8.91 2.60 -8.98
C PHE B 362 -9.93 2.85 -10.09
N GLU B 363 -10.50 4.04 -10.22
CA GLU B 363 -11.50 4.28 -11.30
C GLU B 363 -10.78 4.36 -12.65
N GLN B 364 -9.46 4.43 -12.66
CA GLN B 364 -8.67 4.48 -13.91
C GLN B 364 -8.39 3.08 -14.47
N LEU B 365 -8.61 2.02 -13.70
CA LEU B 365 -8.49 0.66 -14.29
C LEU B 365 -9.47 0.54 -15.42
N PRO B 366 -9.08 -0.08 -16.56
CA PRO B 366 -10.01 -0.12 -17.71
C PRO B 366 -11.42 -0.60 -17.44
N ILE B 367 -11.59 -1.63 -16.62
CA ILE B 367 -12.94 -2.15 -16.30
C ILE B 367 -13.75 -1.13 -15.51
N ASN B 368 -13.10 -0.22 -14.79
CA ASN B 368 -13.80 0.79 -13.98
C ASN B 368 -14.01 2.11 -14.72
N MET B 369 -13.30 2.33 -15.82
N MET B 369 -13.29 2.34 -15.82
CA MET B 369 -13.43 3.60 -16.55
CA MET B 369 -13.37 3.59 -16.60
C MET B 369 -14.86 3.76 -17.07
C MET B 369 -14.78 3.76 -17.16
N PRO B 370 -15.27 5.01 -17.25
CA PRO B 370 -16.51 5.31 -17.95
C PRO B 370 -16.30 5.35 -19.45
N ARG B 371 -17.41 5.58 -20.14
N ARG B 371 -17.37 5.49 -20.21
CA ARG B 371 -17.48 5.71 -21.62
CA ARG B 371 -17.29 5.51 -21.70
C ARG B 371 -17.92 7.13 -22.01
C ARG B 371 -17.45 6.93 -22.23
N VAL B 372 -17.59 8.12 -21.19
N VAL B 372 -17.18 7.94 -21.39
CA VAL B 372 -17.71 9.56 -21.51
CA VAL B 372 -17.56 9.36 -21.59
C VAL B 372 -16.47 10.24 -20.97
C VAL B 372 -16.51 10.25 -20.91
N PRO B 373 -16.25 11.49 -21.37
CA PRO B 373 -15.16 12.28 -20.82
C PRO B 373 -15.30 12.54 -19.32
N ILE B 374 -14.14 12.58 -18.67
CA ILE B 374 -14.01 12.91 -17.24
C ILE B 374 -13.48 14.33 -17.15
N HIS B 375 -14.22 15.19 -16.44
CA HIS B 375 -13.79 16.57 -16.19
C HIS B 375 -13.84 16.88 -14.72
N ASN B 376 -12.71 16.76 -14.02
CA ASN B 376 -12.74 17.19 -12.60
C ASN B 376 -11.35 17.58 -12.17
N ASN B 377 -11.27 18.02 -10.92
CA ASN B 377 -10.03 18.55 -10.35
C ASN B 377 -9.40 17.52 -9.39
N ASN B 378 -9.80 16.28 -9.44
CA ASN B 378 -9.05 15.20 -8.76
C ASN B 378 -7.65 15.09 -9.37
N ARG B 379 -6.62 14.96 -8.55
CA ARG B 379 -5.21 15.00 -9.01
C ARG B 379 -4.34 13.99 -8.27
N ASP B 380 -3.24 13.66 -8.90
CA ASP B 380 -2.10 12.99 -8.24
C ASP B 380 -2.58 11.66 -7.66
N GLY B 381 -2.06 11.24 -6.52
CA GLY B 381 -2.31 9.90 -6.01
C GLY B 381 -1.43 8.85 -6.67
N ALA B 382 -1.07 7.81 -5.90
CA ALA B 382 -0.31 6.66 -6.43
C ALA B 382 -1.03 6.15 -7.69
N GLY B 383 -0.25 5.75 -8.69
CA GLY B 383 -0.83 5.09 -9.88
C GLY B 383 -1.59 6.05 -10.78
N GLN B 384 -1.25 7.34 -10.77
CA GLN B 384 -1.94 8.37 -11.62
C GLN B 384 -1.59 8.10 -13.10
N MET B 385 -2.57 7.72 -13.89
CA MET B 385 -2.38 7.33 -15.30
C MET B 385 -2.71 8.47 -16.24
N PHE B 386 -3.28 9.57 -15.77
CA PHE B 386 -3.63 10.72 -16.65
C PHE B 386 -2.55 11.79 -16.61
N ILE B 387 -2.47 12.56 -17.68
CA ILE B 387 -1.63 13.80 -17.74
CA ILE B 387 -1.62 13.79 -17.73
C ILE B 387 -2.57 14.98 -17.89
N HIS B 388 -2.94 15.64 -16.78
CA HIS B 388 -3.96 16.69 -16.83
C HIS B 388 -3.38 17.97 -17.41
N ARG B 389 -4.06 18.54 -18.40
N ARG B 389 -4.06 18.49 -18.43
CA ARG B 389 -3.61 19.80 -19.07
CA ARG B 389 -3.69 19.76 -19.10
C ARG B 389 -4.07 21.05 -18.31
C ARG B 389 -3.93 20.95 -18.17
N ASN B 390 -5.06 20.94 -17.44
CA ASN B 390 -5.58 22.14 -16.74
C ASN B 390 -4.68 22.37 -15.54
N LYS B 391 -3.86 23.42 -15.57
N LYS B 391 -3.90 23.45 -15.62
CA LYS B 391 -2.93 23.68 -14.45
CA LYS B 391 -2.92 23.91 -14.61
C LYS B 391 -3.57 24.60 -13.41
C LYS B 391 -3.58 24.57 -13.40
N TYR B 392 -4.88 24.83 -13.47
CA TYR B 392 -5.62 25.57 -12.42
C TYR B 392 -6.77 24.74 -11.87
N PRO B 393 -6.51 23.57 -11.26
CA PRO B 393 -7.58 22.67 -10.83
C PRO B 393 -8.17 23.07 -9.48
N TYR B 394 -8.83 24.19 -9.49
CA TYR B 394 -9.59 24.73 -8.33
C TYR B 394 -10.76 25.49 -8.87
N THR B 395 -11.83 25.49 -8.08
CA THR B 395 -13.07 26.22 -8.34
C THR B 395 -13.27 27.08 -7.09
N PRO B 396 -13.62 28.38 -7.19
CA PRO B 396 -13.74 29.10 -8.45
C PRO B 396 -12.40 29.62 -8.97
N ASN B 397 -12.26 29.61 -10.27
CA ASN B 397 -11.06 30.09 -10.97
C ASN B 397 -11.44 31.06 -12.08
N THR B 398 -10.51 31.95 -12.42
CA THR B 398 -10.59 32.66 -13.70
C THR B 398 -9.49 32.13 -14.61
N LEU B 399 -8.41 31.56 -14.08
CA LEU B 399 -7.24 31.25 -14.94
C LEU B 399 -7.48 30.04 -15.85
N ASN B 400 -8.52 29.25 -15.56
CA ASN B 400 -9.03 28.25 -16.52
C ASN B 400 -10.46 28.61 -16.96
N SER B 401 -10.79 29.90 -16.96
CA SER B 401 -12.08 30.45 -17.49
C SER B 401 -13.29 29.79 -16.81
N GLY B 402 -13.16 29.33 -15.56
CA GLY B 402 -14.29 28.78 -14.82
C GLY B 402 -14.61 27.33 -15.13
N TYR B 403 -13.75 26.65 -15.87
CA TYR B 403 -13.96 25.24 -16.17
C TYR B 403 -13.17 24.40 -15.19
N PRO B 404 -13.63 23.17 -14.91
CA PRO B 404 -14.93 22.61 -15.29
C PRO B 404 -16.09 23.33 -14.61
N ARG B 405 -17.24 23.37 -15.29
CA ARG B 405 -18.45 24.07 -14.82
C ARG B 405 -19.28 23.15 -13.91
N GLN B 406 -19.88 23.75 -12.88
CA GLN B 406 -20.73 22.98 -11.96
C GLN B 406 -21.90 22.39 -12.75
N ALA B 407 -22.28 21.16 -12.43
CA ALA B 407 -23.51 20.54 -12.97
C ALA B 407 -24.51 20.35 -11.84
N ASN B 408 -25.78 20.56 -12.13
CA ASN B 408 -26.86 20.50 -11.13
C ASN B 408 -28.19 20.30 -11.89
N GLN B 409 -29.29 20.44 -11.17
CA GLN B 409 -30.61 20.21 -11.80
C GLN B 409 -30.78 21.08 -13.03
N ASN B 410 -30.18 22.30 -13.08
CA ASN B 410 -30.42 23.23 -14.20
C ASN B 410 -29.16 23.46 -15.03
N ALA B 411 -28.15 22.61 -14.96
CA ALA B 411 -26.90 22.85 -15.71
C ALA B 411 -26.16 21.52 -15.92
N GLY B 412 -25.80 21.25 -17.14
CA GLY B 412 -24.85 20.19 -17.49
C GLY B 412 -25.37 18.78 -17.22
N ARG B 413 -26.68 18.59 -17.06
N ARG B 413 -26.68 18.58 -17.12
CA ARG B 413 -27.28 17.27 -16.75
CA ARG B 413 -27.29 17.27 -16.75
C ARG B 413 -26.75 16.76 -15.40
C ARG B 413 -26.64 16.79 -15.45
N GLY B 414 -26.49 17.65 -14.46
CA GLY B 414 -26.01 17.24 -13.14
C GLY B 414 -26.91 16.24 -12.45
N PHE B 415 -26.31 15.37 -11.66
CA PHE B 415 -27.05 14.68 -10.61
C PHE B 415 -27.65 15.73 -9.67
N PHE B 416 -28.84 15.45 -9.17
CA PHE B 416 -29.42 16.24 -8.07
C PHE B 416 -30.19 15.33 -7.14
N THR B 417 -30.07 15.62 -5.85
CA THR B 417 -30.85 14.96 -4.78
C THR B 417 -32.34 15.28 -5.06
N ALA B 418 -33.23 14.29 -4.95
CA ALA B 418 -34.68 14.52 -5.14
C ALA B 418 -35.13 15.72 -4.33
N PRO B 419 -35.66 16.79 -4.96
CA PRO B 419 -35.84 18.02 -4.19
C PRO B 419 -37.01 17.97 -3.19
N GLY B 420 -37.86 16.95 -3.25
CA GLY B 420 -38.93 16.77 -2.24
C GLY B 420 -38.42 16.13 -0.96
N ARG B 421 -37.16 15.68 -0.91
CA ARG B 421 -36.66 15.01 0.30
C ARG B 421 -36.42 16.01 1.43
N THR B 422 -36.76 15.57 2.63
CA THR B 422 -36.61 16.37 3.84
C THR B 422 -36.09 15.49 4.98
N ALA B 423 -35.70 16.16 6.05
CA ALA B 423 -35.40 15.46 7.31
C ALA B 423 -35.94 16.34 8.42
N SER B 424 -36.38 15.69 9.48
N SER B 424 -36.37 15.75 9.52
CA SER B 424 -36.97 16.34 10.68
CA SER B 424 -36.77 16.56 10.69
C SER B 424 -36.61 15.52 11.92
C SER B 424 -36.84 15.67 11.92
N GLY B 425 -36.33 16.19 13.01
CA GLY B 425 -36.34 15.53 14.31
C GLY B 425 -34.99 15.62 14.94
N ALA B 426 -34.84 14.90 16.03
CA ALA B 426 -33.60 14.86 16.81
C ALA B 426 -32.54 14.07 16.01
N LEU B 427 -31.30 14.37 16.36
CA LEU B 427 -30.14 13.57 15.84
C LEU B 427 -30.03 12.37 16.76
N VAL B 428 -30.43 11.21 16.26
CA VAL B 428 -30.65 10.01 17.09
C VAL B 428 -29.89 8.81 16.55
N ARG B 429 -29.42 7.99 17.49
CA ARG B 429 -29.01 6.60 17.26
C ARG B 429 -30.09 5.65 17.76
N GLU B 430 -31.23 5.71 17.10
N GLU B 430 -31.27 5.72 17.18
CA GLU B 430 -32.50 5.04 17.48
CA GLU B 430 -32.39 4.85 17.58
C GLU B 430 -33.07 4.29 16.27
C GLU B 430 -33.03 4.28 16.32
N VAL B 431 -33.61 3.09 16.48
CA VAL B 431 -34.27 2.29 15.43
C VAL B 431 -35.74 2.70 15.33
N SER B 432 -36.23 2.93 14.12
CA SER B 432 -37.67 3.24 13.90
C SER B 432 -38.53 2.08 14.40
N PRO B 433 -39.57 2.36 15.23
CA PRO B 433 -40.47 1.28 15.63
C PRO B 433 -41.20 0.61 14.45
N THR B 434 -41.25 1.28 13.32
CA THR B 434 -41.82 0.75 12.07
C THR B 434 -41.02 -0.44 11.53
N PHE B 435 -39.85 -0.68 12.07
CA PHE B 435 -38.94 -1.77 11.61
C PHE B 435 -39.13 -3.01 12.48
N ASN B 436 -40.01 -3.02 13.48
CA ASN B 436 -39.96 -3.99 14.60
C ASN B 436 -40.58 -5.35 14.26
N ASP B 437 -41.33 -5.52 13.17
CA ASP B 437 -41.93 -6.85 12.84
C ASP B 437 -40.90 -7.63 12.04
N HIS B 438 -40.19 -8.53 12.72
CA HIS B 438 -39.13 -9.37 12.15
C HIS B 438 -39.62 -10.72 11.70
N TRP B 439 -40.92 -11.03 11.90
CA TRP B 439 -41.39 -12.42 11.77
C TRP B 439 -42.51 -12.65 10.74
N SER B 440 -43.39 -11.68 10.50
N SER B 440 -43.39 -11.70 10.45
CA SER B 440 -44.54 -11.84 9.56
CA SER B 440 -44.56 -11.99 9.56
C SER B 440 -44.05 -12.19 8.16
C SER B 440 -44.10 -12.18 8.10
N GLN B 441 -43.09 -11.46 7.61
CA GLN B 441 -42.70 -11.68 6.20
C GLN B 441 -41.93 -13.00 6.04
N PRO B 442 -41.04 -13.41 6.97
CA PRO B 442 -40.52 -14.79 6.95
C PRO B 442 -41.67 -15.83 6.87
N ARG B 443 -42.76 -15.58 7.59
CA ARG B 443 -43.93 -16.49 7.57
C ARG B 443 -44.59 -16.44 6.19
N LEU B 444 -44.77 -15.25 5.62
CA LEU B 444 -45.31 -15.08 4.26
C LEU B 444 -44.48 -15.89 3.28
N PHE B 445 -43.15 -15.75 3.34
CA PHE B 445 -42.26 -16.47 2.41
C PHE B 445 -42.46 -17.99 2.58
N PHE B 446 -42.42 -18.47 3.82
CA PHE B 446 -42.54 -19.92 4.13
C PHE B 446 -43.89 -20.45 3.61
N ASN B 447 -44.96 -19.69 3.86
CA ASN B 447 -46.33 -20.07 3.41
C ASN B 447 -46.37 -20.22 1.90
N SER B 448 -45.54 -19.48 1.17
CA SER B 448 -45.61 -19.33 -0.30
C SER B 448 -44.84 -20.46 -1.00
N LEU B 449 -44.17 -21.30 -0.25
CA LEU B 449 -43.40 -22.43 -0.82
C LEU B 449 -44.33 -23.64 -0.94
N THR B 450 -43.96 -24.59 -1.80
CA THR B 450 -44.70 -25.85 -1.94
C THR B 450 -44.37 -26.76 -0.77
N PRO B 451 -45.19 -27.81 -0.51
CA PRO B 451 -44.88 -28.67 0.63
C PRO B 451 -43.48 -29.29 0.62
N VAL B 452 -43.00 -29.73 -0.55
N VAL B 452 -43.00 -29.74 -0.56
CA VAL B 452 -41.64 -30.35 -0.61
CA VAL B 452 -41.63 -30.32 -0.70
C VAL B 452 -40.60 -29.23 -0.44
C VAL B 452 -40.60 -29.22 -0.44
N GLU B 453 -40.84 -28.02 -0.96
CA GLU B 453 -39.91 -26.88 -0.73
C GLU B 453 -39.88 -26.52 0.76
N GLN B 454 -41.01 -26.51 1.45
CA GLN B 454 -41.02 -26.31 2.91
C GLN B 454 -40.17 -27.39 3.60
N GLN B 455 -40.31 -28.62 3.14
CA GLN B 455 -39.55 -29.74 3.73
C GLN B 455 -38.06 -29.50 3.46
N PHE B 456 -37.67 -29.15 2.25
CA PHE B 456 -36.23 -28.83 2.00
C PHE B 456 -35.72 -27.76 2.98
N LEU B 457 -36.50 -26.72 3.23
CA LEU B 457 -36.05 -25.61 4.10
C LEU B 457 -35.92 -26.12 5.54
N VAL B 458 -36.91 -26.87 6.02
CA VAL B 458 -36.80 -27.50 7.34
C VAL B 458 -35.53 -28.38 7.41
N ASN B 459 -35.27 -29.13 6.34
CA ASN B 459 -34.14 -30.11 6.30
C ASN B 459 -32.79 -29.34 6.33
N ALA B 460 -32.71 -28.21 5.65
CA ALA B 460 -31.52 -27.33 5.67
C ALA B 460 -31.31 -26.82 7.09
N MET B 461 -32.34 -26.35 7.78
CA MET B 461 -32.21 -25.89 9.18
C MET B 461 -31.83 -27.08 10.09
N ARG B 462 -32.43 -28.24 9.89
CA ARG B 462 -32.09 -29.44 10.69
C ARG B 462 -30.61 -29.80 10.51
N PHE B 463 -30.14 -29.74 9.27
CA PHE B 463 -28.72 -30.03 8.96
C PHE B 463 -27.85 -29.04 9.74
N GLU B 464 -28.06 -27.74 9.52
CA GLU B 464 -27.15 -26.72 10.10
C GLU B 464 -27.24 -26.67 11.62
N ILE B 465 -28.45 -26.63 12.20
CA ILE B 465 -28.57 -26.41 13.64
C ILE B 465 -28.06 -27.66 14.40
N SER B 466 -28.17 -28.85 13.79
CA SER B 466 -27.63 -30.09 14.39
C SER B 466 -26.11 -30.00 14.53
N LEU B 467 -25.45 -29.10 13.78
CA LEU B 467 -23.97 -28.93 13.90
C LEU B 467 -23.60 -27.82 14.89
N VAL B 468 -24.59 -27.12 15.44
CA VAL B 468 -24.36 -26.11 16.51
C VAL B 468 -24.05 -26.88 17.80
N LYS B 469 -22.89 -26.62 18.42
CA LYS B 469 -22.49 -27.35 19.65
C LYS B 469 -23.25 -26.84 20.87
N SER B 470 -23.50 -25.54 20.96
CA SER B 470 -24.07 -24.91 22.17
C SER B 470 -25.56 -25.28 22.30
N GLU B 471 -25.94 -26.09 23.30
N GLU B 471 -25.95 -25.63 23.55
CA GLU B 471 -27.36 -26.46 23.50
CA GLU B 471 -27.36 -25.86 23.95
C GLU B 471 -28.15 -25.16 23.65
C GLU B 471 -28.09 -24.52 24.09
N GLU B 472 -27.55 -24.16 24.27
N GLU B 472 -27.46 -23.49 24.69
CA GLU B 472 -28.17 -22.84 24.58
CA GLU B 472 -28.11 -22.17 24.80
C GLU B 472 -28.49 -22.08 23.26
C GLU B 472 -28.40 -21.66 23.38
N VAL B 473 -27.50 -21.90 22.39
CA VAL B 473 -27.75 -21.32 21.05
C VAL B 473 -28.89 -22.08 20.37
N LYS B 474 -28.89 -23.41 20.42
CA LYS B 474 -29.95 -24.21 19.74
C LYS B 474 -31.33 -23.82 20.34
N LYS B 475 -31.45 -23.65 21.66
N LYS B 475 -31.41 -23.71 21.67
CA LYS B 475 -32.73 -23.31 22.31
CA LYS B 475 -32.64 -23.28 22.41
C LYS B 475 -33.16 -21.91 21.85
C LYS B 475 -33.12 -21.96 21.81
N ASN B 476 -32.20 -20.99 21.75
CA ASN B 476 -32.48 -19.60 21.32
C ASN B 476 -32.92 -19.60 19.85
N VAL B 477 -32.33 -20.45 19.01
CA VAL B 477 -32.74 -20.58 17.60
C VAL B 477 -34.20 -21.01 17.56
N LEU B 478 -34.54 -22.03 18.35
CA LEU B 478 -35.94 -22.53 18.28
C LEU B 478 -36.90 -21.46 18.76
N THR B 479 -36.52 -20.65 19.74
CA THR B 479 -37.35 -19.53 20.21
C THR B 479 -37.67 -18.59 19.04
N GLN B 480 -36.68 -18.27 18.21
CA GLN B 480 -36.94 -17.32 17.10
C GLN B 480 -37.69 -17.99 15.98
N LEU B 481 -37.31 -19.21 15.58
CA LEU B 481 -38.07 -19.93 14.54
C LEU B 481 -39.56 -20.03 14.94
N ASN B 482 -39.82 -20.31 16.21
CA ASN B 482 -41.20 -20.50 16.72
C ASN B 482 -42.03 -19.23 16.52
N ARG B 483 -41.39 -18.07 16.48
CA ARG B 483 -42.14 -16.80 16.29
C ARG B 483 -42.59 -16.69 14.83
N VAL B 484 -41.89 -17.31 13.90
CA VAL B 484 -42.28 -17.37 12.46
C VAL B 484 -43.35 -18.46 12.29
N SER B 485 -43.07 -19.68 12.74
CA SER B 485 -43.95 -20.84 12.55
C SER B 485 -43.70 -21.85 13.66
N HIS B 486 -44.75 -22.18 14.41
CA HIS B 486 -44.62 -23.26 15.39
C HIS B 486 -44.27 -24.57 14.71
N ASP B 487 -44.87 -24.86 13.56
CA ASP B 487 -44.62 -26.14 12.84
C ASP B 487 -43.11 -26.21 12.52
N VAL B 488 -42.53 -25.13 11.98
CA VAL B 488 -41.08 -25.20 11.66
C VAL B 488 -40.28 -25.49 12.92
N ALA B 489 -40.59 -24.80 14.02
CA ALA B 489 -39.85 -24.98 15.28
C ALA B 489 -39.97 -26.46 15.70
N VAL B 490 -41.18 -27.01 15.64
CA VAL B 490 -41.39 -28.43 16.08
C VAL B 490 -40.57 -29.37 15.17
N ARG B 491 -40.60 -29.18 13.85
CA ARG B 491 -39.93 -30.12 12.91
C ARG B 491 -38.41 -30.00 13.06
N VAL B 492 -37.90 -28.78 13.27
CA VAL B 492 -36.46 -28.59 13.44
C VAL B 492 -36.05 -29.18 14.78
N ALA B 493 -36.82 -28.93 15.84
CA ALA B 493 -36.50 -29.43 17.20
C ALA B 493 -36.37 -30.97 17.18
N ALA B 494 -37.19 -31.62 16.39
CA ALA B 494 -37.22 -33.12 16.36
C ALA B 494 -35.84 -33.64 15.96
N ALA B 495 -35.17 -33.00 15.01
CA ALA B 495 -33.85 -33.47 14.55
C ALA B 495 -32.78 -33.28 15.62
N ILE B 496 -32.92 -32.32 16.53
CA ILE B 496 -31.86 -31.99 17.51
C ILE B 496 -32.29 -32.47 18.91
N GLY B 497 -33.38 -33.23 19.02
CA GLY B 497 -33.82 -33.87 20.28
C GLY B 497 -34.15 -32.86 21.37
N LEU B 498 -34.49 -31.62 21.02
CA LEU B 498 -35.02 -30.59 21.97
C LEU B 498 -36.52 -30.45 21.78
N GLY B 499 -37.17 -29.88 22.79
CA GLY B 499 -38.59 -29.55 22.69
C GLY B 499 -38.71 -28.14 22.16
N ALA B 500 -39.61 -27.93 21.22
CA ALA B 500 -39.94 -26.60 20.69
C ALA B 500 -40.74 -25.85 21.76
N PRO B 501 -40.54 -24.55 21.85
CA PRO B 501 -41.40 -23.73 22.68
C PRO B 501 -42.86 -23.84 22.23
N ASP B 502 -43.78 -23.53 23.16
CA ASP B 502 -45.22 -23.47 22.88
C ASP B 502 -45.46 -22.44 21.77
N ALA B 503 -46.49 -22.64 20.96
CA ALA B 503 -46.92 -21.68 19.93
C ALA B 503 -47.00 -20.28 20.52
N ASP B 504 -46.48 -19.30 19.77
CA ASP B 504 -46.65 -17.85 20.03
C ASP B 504 -47.18 -17.22 18.75
N ASP B 505 -48.49 -16.98 18.69
CA ASP B 505 -49.18 -16.70 17.41
C ASP B 505 -49.16 -15.21 17.08
N THR B 506 -48.45 -14.39 17.80
CA THR B 506 -48.42 -12.91 17.56
C THR B 506 -48.30 -12.64 16.05
N TYR B 507 -47.35 -13.27 15.35
CA TYR B 507 -47.01 -12.96 13.95
C TYR B 507 -47.44 -14.04 12.98
N TYR B 508 -48.15 -15.09 13.44
CA TYR B 508 -48.65 -16.16 12.57
C TYR B 508 -49.79 -15.65 11.70
N HIS B 509 -49.78 -16.11 10.47
CA HIS B 509 -50.81 -15.85 9.46
C HIS B 509 -50.69 -16.88 8.35
N ASN B 510 -51.69 -16.86 7.48
CA ASN B 510 -51.83 -17.81 6.37
C ASN B 510 -51.64 -17.15 5.00
N ASN B 511 -51.15 -15.91 4.95
CA ASN B 511 -51.07 -15.19 3.66
C ASN B 511 -49.91 -15.75 2.83
N LYS B 512 -50.05 -15.63 1.52
CA LYS B 512 -49.05 -16.09 0.52
C LYS B 512 -48.79 -14.98 -0.49
N THR B 513 -47.69 -15.10 -1.22
CA THR B 513 -47.27 -14.15 -2.26
C THR B 513 -46.72 -14.93 -3.46
N ALA B 514 -47.02 -14.48 -4.67
CA ALA B 514 -46.53 -15.06 -5.94
C ALA B 514 -45.04 -14.74 -6.16
N GLY B 515 -44.35 -15.66 -6.84
CA GLY B 515 -43.05 -15.36 -7.48
C GLY B 515 -41.84 -15.67 -6.60
N VAL B 516 -42.05 -16.21 -5.40
CA VAL B 516 -40.92 -16.48 -4.46
C VAL B 516 -40.59 -17.98 -4.45
N SER B 517 -41.50 -18.83 -4.90
CA SER B 517 -41.28 -20.29 -4.90
C SER B 517 -40.44 -20.68 -6.11
N ILE B 518 -39.44 -21.55 -5.94
CA ILE B 518 -38.73 -22.18 -7.07
C ILE B 518 -39.58 -23.38 -7.60
N VAL B 519 -39.95 -24.30 -6.74
CA VAL B 519 -40.59 -25.59 -7.14
C VAL B 519 -41.92 -25.25 -7.81
N GLY B 520 -42.58 -24.20 -7.35
CA GLY B 520 -43.91 -23.77 -7.81
C GLY B 520 -43.85 -22.93 -9.09
N SER B 521 -42.66 -22.58 -9.59
CA SER B 521 -42.50 -21.63 -10.72
C SER B 521 -42.68 -22.36 -12.07
N GLY B 522 -42.99 -23.65 -12.04
CA GLY B 522 -43.46 -24.40 -13.22
C GLY B 522 -42.27 -24.93 -14.01
N PRO B 523 -42.48 -25.61 -15.17
CA PRO B 523 -41.37 -26.13 -15.94
C PRO B 523 -40.46 -25.00 -16.44
N LEU B 524 -39.20 -25.32 -16.67
CA LEU B 524 -38.24 -24.31 -17.17
C LEU B 524 -38.72 -23.89 -18.55
N PRO B 525 -38.62 -22.59 -18.90
CA PRO B 525 -39.05 -22.11 -20.20
C PRO B 525 -38.15 -22.53 -21.36
N THR B 526 -36.94 -23.00 -21.05
CA THR B 526 -35.97 -23.47 -22.06
C THR B 526 -35.12 -24.55 -21.39
N ILE B 527 -34.76 -25.58 -22.16
CA ILE B 527 -33.83 -26.64 -21.69
C ILE B 527 -32.47 -26.50 -22.36
N LYS B 528 -32.31 -25.50 -23.21
CA LYS B 528 -31.01 -25.28 -23.86
C LYS B 528 -29.95 -25.12 -22.77
N THR B 529 -28.79 -25.72 -23.00
CA THR B 529 -27.60 -25.75 -22.10
C THR B 529 -27.73 -26.85 -21.04
N LEU B 530 -28.89 -27.43 -20.78
CA LEU B 530 -28.96 -28.44 -19.70
C LEU B 530 -28.17 -29.67 -20.14
N ARG B 531 -27.65 -30.39 -19.18
CA ARG B 531 -26.56 -31.36 -19.36
C ARG B 531 -27.16 -32.77 -19.30
N VAL B 532 -26.86 -33.57 -20.31
CA VAL B 532 -27.34 -34.99 -20.29
C VAL B 532 -26.13 -35.91 -20.35
N GLY B 533 -26.03 -36.78 -19.35
CA GLY B 533 -24.98 -37.79 -19.28
C GLY B 533 -25.53 -39.10 -19.86
N ILE B 534 -24.85 -39.62 -20.88
CA ILE B 534 -25.23 -40.92 -21.51
C ILE B 534 -24.22 -41.96 -21.06
N LEU B 535 -24.64 -42.89 -20.20
CA LEU B 535 -23.73 -43.91 -19.63
C LEU B 535 -23.67 -45.12 -20.59
N ALA B 536 -22.52 -45.33 -21.22
CA ALA B 536 -22.28 -46.29 -22.32
C ALA B 536 -21.08 -47.18 -21.96
N THR B 537 -20.61 -47.94 -22.93
CA THR B 537 -19.50 -48.90 -22.73
C THR B 537 -18.79 -49.05 -24.06
N THR B 538 -17.47 -49.28 -23.99
CA THR B 538 -16.62 -49.71 -25.13
C THR B 538 -16.78 -51.23 -25.38
N SER B 539 -17.28 -51.99 -24.40
N SER B 539 -17.40 -51.96 -24.45
CA SER B 539 -17.55 -53.46 -24.47
CA SER B 539 -17.48 -53.46 -24.47
C SER B 539 -18.35 -53.79 -25.73
C SER B 539 -18.62 -53.96 -25.36
N GLU B 540 -19.44 -53.06 -25.93
CA GLU B 540 -20.53 -53.38 -26.88
C GLU B 540 -20.63 -52.29 -27.94
N SER B 541 -20.43 -52.64 -29.22
CA SER B 541 -20.52 -51.73 -30.39
C SER B 541 -21.95 -51.17 -30.48
N SER B 542 -22.95 -51.96 -30.06
CA SER B 542 -24.35 -51.54 -29.87
C SER B 542 -24.38 -50.31 -28.97
N ALA B 543 -23.67 -50.32 -27.83
CA ALA B 543 -23.81 -49.28 -26.78
C ALA B 543 -23.35 -47.92 -27.32
N LEU B 544 -22.24 -47.85 -28.08
CA LEU B 544 -21.71 -46.58 -28.65
C LEU B 544 -22.60 -46.07 -29.78
N ASP B 545 -23.19 -46.99 -30.57
N ASP B 545 -23.21 -46.98 -30.55
CA ASP B 545 -24.19 -46.65 -31.61
CA ASP B 545 -24.18 -46.60 -31.60
C ASP B 545 -25.42 -46.01 -30.96
C ASP B 545 -25.44 -46.01 -30.96
N GLN B 546 -25.96 -46.62 -29.90
CA GLN B 546 -27.15 -46.11 -29.17
C GLN B 546 -26.82 -44.69 -28.64
N ALA B 547 -25.62 -44.54 -28.09
CA ALA B 547 -25.14 -43.25 -27.50
C ALA B 547 -25.13 -42.20 -28.59
N ALA B 548 -24.59 -42.54 -29.75
CA ALA B 548 -24.46 -41.64 -30.91
C ALA B 548 -25.84 -41.22 -31.45
N GLN B 549 -26.78 -42.18 -31.49
N GLN B 549 -26.87 -42.07 -31.42
CA GLN B 549 -28.22 -41.96 -31.80
CA GLN B 549 -28.19 -41.63 -31.94
C GLN B 549 -28.73 -40.85 -30.88
C GLN B 549 -28.94 -40.83 -30.86
N LEU B 550 -28.75 -41.12 -29.56
CA LEU B 550 -29.29 -40.25 -28.48
C LEU B 550 -28.64 -38.86 -28.59
N ARG B 551 -27.34 -38.82 -28.84
CA ARG B 551 -26.54 -37.56 -28.96
C ARG B 551 -27.13 -36.67 -30.06
N THR B 552 -27.28 -37.20 -31.25
CA THR B 552 -27.85 -36.44 -32.40
C THR B 552 -29.20 -35.81 -31.99
N ARG B 553 -30.09 -36.62 -31.41
N ARG B 553 -30.10 -36.58 -31.36
CA ARG B 553 -31.49 -36.25 -31.04
CA ARG B 553 -31.51 -36.15 -31.11
C ARG B 553 -31.44 -35.10 -30.02
C ARG B 553 -31.57 -35.19 -29.91
N LEU B 554 -30.60 -35.28 -29.00
CA LEU B 554 -30.53 -34.37 -27.82
C LEU B 554 -29.79 -33.08 -28.20
N GLU B 555 -28.70 -33.18 -28.96
CA GLU B 555 -27.91 -31.99 -29.38
C GLU B 555 -28.75 -31.11 -30.30
N LYS B 556 -29.70 -31.67 -31.06
N LYS B 556 -29.61 -31.75 -31.11
CA LYS B 556 -30.56 -30.86 -31.96
CA LYS B 556 -30.71 -31.14 -31.89
C LYS B 556 -31.35 -29.86 -31.09
C LYS B 556 -31.28 -29.97 -31.11
N ASP B 557 -31.70 -30.27 -29.88
CA ASP B 557 -32.53 -29.43 -29.02
C ASP B 557 -31.69 -28.53 -28.10
N GLY B 558 -30.38 -28.47 -28.31
CA GLY B 558 -29.46 -27.52 -27.61
C GLY B 558 -29.00 -28.05 -26.27
N LEU B 559 -29.17 -29.34 -26.00
CA LEU B 559 -28.66 -29.97 -24.78
C LEU B 559 -27.17 -30.19 -24.93
N VAL B 560 -26.46 -30.14 -23.79
CA VAL B 560 -25.01 -30.42 -23.75
C VAL B 560 -24.87 -31.90 -23.41
N VAL B 561 -24.43 -32.69 -24.38
CA VAL B 561 -24.37 -34.15 -24.21
C VAL B 561 -22.97 -34.60 -23.85
N THR B 562 -22.88 -35.45 -22.84
CA THR B 562 -21.62 -36.10 -22.46
C THR B 562 -21.86 -37.60 -22.59
N VAL B 563 -21.12 -38.25 -23.49
CA VAL B 563 -21.09 -39.73 -23.52
C VAL B 563 -19.96 -40.18 -22.61
N VAL B 564 -20.27 -41.00 -21.65
CA VAL B 564 -19.35 -41.54 -20.63
C VAL B 564 -19.05 -43.00 -20.98
N ALA B 565 -17.78 -43.39 -20.96
CA ALA B 565 -17.43 -44.82 -21.13
C ALA B 565 -16.24 -45.12 -20.25
N GLU B 566 -15.73 -46.34 -20.29
CA GLU B 566 -14.56 -46.77 -19.50
C GLU B 566 -13.31 -45.96 -19.85
N THR B 567 -13.13 -45.70 -21.13
CA THR B 567 -11.91 -45.08 -21.72
C THR B 567 -12.38 -44.12 -22.79
N LEU B 568 -11.57 -43.10 -23.09
CA LEU B 568 -11.87 -42.17 -24.19
C LEU B 568 -11.63 -42.85 -25.54
N ARG B 569 -12.40 -42.43 -26.53
N ARG B 569 -12.35 -42.34 -26.55
CA ARG B 569 -12.27 -42.79 -27.96
CA ARG B 569 -12.23 -42.66 -27.99
C ARG B 569 -13.28 -41.91 -28.71
C ARG B 569 -13.07 -41.62 -28.75
N GLU B 570 -13.24 -41.93 -30.05
N GLU B 570 -13.14 -41.73 -30.07
CA GLU B 570 -14.21 -41.23 -30.94
CA GLU B 570 -14.09 -40.89 -30.85
C GLU B 570 -15.63 -41.28 -30.33
C GLU B 570 -15.53 -41.20 -30.37
N GLY B 571 -16.30 -40.15 -30.10
CA GLY B 571 -17.70 -40.20 -29.63
C GLY B 571 -17.87 -40.27 -28.12
N VAL B 572 -16.78 -40.52 -27.38
CA VAL B 572 -16.80 -40.58 -25.89
C VAL B 572 -16.11 -39.34 -25.35
N ASP B 573 -16.78 -38.64 -24.44
CA ASP B 573 -16.32 -37.32 -23.91
C ASP B 573 -15.59 -37.45 -22.57
N GLN B 574 -15.94 -38.46 -21.79
N GLN B 574 -16.09 -38.28 -21.66
CA GLN B 574 -15.57 -38.51 -20.37
CA GLN B 574 -15.44 -38.47 -20.34
C GLN B 574 -15.47 -39.96 -19.93
C GLN B 574 -15.35 -39.95 -20.06
N THR B 575 -14.46 -40.29 -19.13
CA THR B 575 -14.34 -41.61 -18.52
C THR B 575 -15.23 -41.70 -17.29
N TYR B 576 -15.65 -42.91 -16.94
CA TYR B 576 -16.36 -43.14 -15.67
C TYR B 576 -15.54 -42.52 -14.53
N SER B 577 -14.22 -42.58 -14.60
CA SER B 577 -13.36 -42.14 -13.47
C SER B 577 -13.63 -40.67 -13.14
N THR B 578 -13.86 -39.86 -14.15
CA THR B 578 -14.02 -38.39 -13.96
C THR B 578 -15.50 -38.00 -13.91
N ALA B 579 -16.42 -38.94 -14.10
CA ALA B 579 -17.86 -38.63 -14.21
C ALA B 579 -18.52 -38.67 -12.86
N ASP B 580 -19.57 -37.86 -12.68
CA ASP B 580 -20.33 -37.84 -11.42
C ASP B 580 -21.75 -37.37 -11.76
N ALA B 581 -22.75 -37.81 -11.02
CA ALA B 581 -24.13 -37.37 -11.30
C ALA B 581 -24.27 -35.84 -11.11
N THR B 582 -23.44 -35.22 -10.28
CA THR B 582 -23.49 -33.72 -10.10
C THR B 582 -23.18 -33.02 -11.42
N GLY B 583 -22.58 -33.70 -12.38
CA GLY B 583 -22.22 -33.17 -13.71
C GLY B 583 -23.36 -33.14 -14.72
N PHE B 584 -24.55 -33.64 -14.38
CA PHE B 584 -25.64 -33.81 -15.36
C PHE B 584 -26.96 -33.32 -14.74
N ASP B 585 -27.85 -32.85 -15.60
CA ASP B 585 -29.26 -32.54 -15.26
C ASP B 585 -30.16 -33.74 -15.53
N GLY B 586 -29.68 -34.67 -16.36
CA GLY B 586 -30.40 -35.93 -16.63
C GLY B 586 -29.40 -37.00 -16.98
N VAL B 587 -29.74 -38.25 -16.67
CA VAL B 587 -28.84 -39.41 -16.94
C VAL B 587 -29.60 -40.49 -17.72
N VAL B 588 -28.98 -40.95 -18.79
CA VAL B 588 -29.52 -42.00 -19.69
C VAL B 588 -28.51 -43.14 -19.73
N VAL B 589 -28.96 -44.37 -19.48
CA VAL B 589 -28.10 -45.57 -19.67
C VAL B 589 -28.54 -46.21 -20.97
N VAL B 590 -27.59 -46.51 -21.87
CA VAL B 590 -27.91 -47.29 -23.11
C VAL B 590 -27.93 -48.78 -22.71
N ASP B 591 -28.93 -49.54 -23.16
CA ASP B 591 -29.16 -50.85 -22.50
C ASP B 591 -27.97 -51.79 -22.82
N GLY B 592 -27.22 -51.50 -23.89
CA GLY B 592 -25.97 -52.21 -24.21
C GLY B 592 -24.94 -52.19 -23.10
N ALA B 593 -25.03 -51.27 -22.13
CA ALA B 593 -24.06 -51.10 -21.04
C ALA B 593 -24.51 -51.79 -19.75
N ALA B 594 -25.59 -52.60 -19.79
CA ALA B 594 -26.24 -53.20 -18.59
C ALA B 594 -25.21 -53.89 -17.70
N ALA B 595 -24.20 -54.57 -18.27
CA ALA B 595 -23.24 -55.39 -17.49
C ALA B 595 -22.43 -54.53 -16.51
N LEU B 596 -22.24 -53.24 -16.82
N LEU B 596 -22.23 -53.24 -16.82
CA LEU B 596 -21.47 -52.30 -15.98
CA LEU B 596 -21.46 -52.30 -15.97
C LEU B 596 -22.21 -52.01 -14.68
C LEU B 596 -22.20 -52.06 -14.64
N PHE B 597 -23.51 -52.30 -14.63
CA PHE B 597 -24.40 -51.96 -13.48
C PHE B 597 -24.53 -53.15 -12.50
N ALA B 598 -23.98 -54.34 -12.79
CA ALA B 598 -24.04 -55.53 -11.87
C ALA B 598 -23.22 -55.26 -10.60
N SER B 599 -23.61 -55.83 -9.45
CA SER B 599 -22.98 -55.64 -8.12
C SER B 599 -21.54 -56.18 -8.14
N THR B 600 -21.25 -57.08 -9.07
CA THR B 600 -19.99 -57.85 -9.18
C THR B 600 -19.01 -57.10 -10.10
N ALA B 601 -19.48 -56.04 -10.78
CA ALA B 601 -18.71 -55.31 -11.83
C ALA B 601 -17.49 -54.60 -11.20
N SER B 602 -16.32 -54.74 -11.81
CA SER B 602 -15.06 -54.18 -11.26
C SER B 602 -14.13 -53.86 -12.42
N SER B 603 -13.41 -52.74 -12.35
CA SER B 603 -12.42 -52.32 -13.38
C SER B 603 -11.31 -51.55 -12.69
N PRO B 604 -10.05 -51.69 -13.14
CA PRO B 604 -8.99 -50.79 -12.68
C PRO B 604 -9.15 -49.38 -13.26
N LEU B 605 -10.09 -49.14 -14.17
CA LEU B 605 -10.19 -47.85 -14.88
C LEU B 605 -11.16 -46.89 -14.19
N PHE B 606 -11.87 -47.34 -13.17
CA PHE B 606 -12.79 -46.46 -12.40
C PHE B 606 -13.15 -47.12 -11.11
N PRO B 607 -13.58 -46.31 -10.10
CA PRO B 607 -13.90 -46.86 -8.80
C PRO B 607 -15.07 -47.83 -8.81
N THR B 608 -14.99 -48.78 -7.90
CA THR B 608 -16.02 -49.84 -7.77
C THR B 608 -17.42 -49.20 -7.74
N GLY B 609 -18.32 -49.64 -8.62
CA GLY B 609 -19.74 -49.25 -8.57
C GLY B 609 -20.00 -47.89 -9.19
N ARG B 610 -19.01 -47.26 -9.82
CA ARG B 610 -19.14 -45.88 -10.35
C ARG B 610 -20.34 -45.76 -11.30
N PRO B 611 -20.49 -46.59 -12.37
CA PRO B 611 -21.56 -46.38 -13.32
C PRO B 611 -22.93 -46.40 -12.64
N LEU B 612 -23.17 -47.43 -11.82
CA LEU B 612 -24.46 -47.50 -11.12
C LEU B 612 -24.62 -46.31 -10.16
N GLN B 613 -23.57 -45.91 -9.43
N GLN B 613 -23.58 -45.90 -9.45
CA GLN B 613 -23.64 -44.81 -8.43
CA GLN B 613 -23.78 -44.81 -8.44
C GLN B 613 -24.11 -43.53 -9.14
C GLN B 613 -24.16 -43.51 -9.16
N ILE B 614 -23.67 -43.28 -10.37
CA ILE B 614 -24.06 -42.07 -11.15
C ILE B 614 -25.58 -42.10 -11.32
N PHE B 615 -26.12 -43.26 -11.67
CA PHE B 615 -27.54 -43.42 -12.01
C PHE B 615 -28.36 -43.27 -10.73
N VAL B 616 -27.94 -43.94 -9.69
CA VAL B 616 -28.69 -43.94 -8.41
C VAL B 616 -28.65 -42.51 -7.81
N ASP B 617 -27.47 -41.88 -7.78
CA ASP B 617 -27.37 -40.47 -7.31
C ASP B 617 -28.33 -39.59 -8.12
N ALA B 618 -28.28 -39.66 -9.45
CA ALA B 618 -29.15 -38.84 -10.33
C ALA B 618 -30.62 -39.06 -9.93
N TYR B 619 -31.01 -40.33 -9.74
CA TYR B 619 -32.41 -40.62 -9.37
C TYR B 619 -32.72 -40.00 -8.00
N ARG B 620 -31.86 -40.26 -7.01
CA ARG B 620 -32.13 -39.89 -5.62
C ARG B 620 -32.19 -38.36 -5.51
N TRP B 621 -31.52 -37.66 -6.42
CA TRP B 621 -31.42 -36.19 -6.36
C TRP B 621 -32.56 -35.59 -7.18
N GLY B 622 -33.47 -36.42 -7.71
CA GLY B 622 -34.72 -35.94 -8.33
C GLY B 622 -34.62 -35.69 -9.82
N LYS B 623 -33.54 -36.08 -10.48
CA LYS B 623 -33.31 -35.81 -11.90
C LYS B 623 -34.07 -36.79 -12.79
N PRO B 624 -34.43 -36.37 -14.03
CA PRO B 624 -34.91 -37.31 -15.04
C PRO B 624 -33.82 -38.34 -15.36
N VAL B 625 -34.19 -39.62 -15.30
CA VAL B 625 -33.24 -40.73 -15.54
C VAL B 625 -33.99 -41.77 -16.36
N GLY B 626 -33.26 -42.52 -17.16
CA GLY B 626 -33.95 -43.60 -17.88
C GLY B 626 -32.97 -44.57 -18.51
N VAL B 627 -33.53 -45.63 -19.05
CA VAL B 627 -32.73 -46.58 -19.84
C VAL B 627 -33.32 -46.61 -21.24
N CYS B 628 -32.47 -46.51 -22.25
CA CYS B 628 -32.91 -46.48 -23.66
C CYS B 628 -32.47 -47.79 -24.34
N GLY B 629 -33.39 -48.62 -24.84
CA GLY B 629 -33.04 -49.66 -25.84
C GLY B 629 -33.80 -50.99 -25.82
N GLY B 630 -34.64 -51.33 -24.83
CA GLY B 630 -35.46 -52.57 -24.95
C GLY B 630 -35.38 -53.50 -23.76
N LYS B 631 -34.16 -53.82 -23.29
CA LYS B 631 -33.92 -54.47 -21.96
C LYS B 631 -33.78 -53.37 -20.90
N SER B 632 -34.68 -52.38 -20.93
CA SER B 632 -34.81 -51.29 -19.94
C SER B 632 -35.08 -51.88 -18.54
N SER B 633 -35.81 -53.03 -18.51
CA SER B 633 -36.05 -53.96 -17.37
C SER B 633 -34.92 -53.97 -16.33
N GLU B 634 -33.82 -54.66 -16.64
CA GLU B 634 -32.58 -54.73 -15.81
C GLU B 634 -31.88 -53.39 -15.95
N VAL B 635 -30.98 -53.06 -15.03
CA VAL B 635 -30.42 -51.69 -14.84
C VAL B 635 -31.40 -50.99 -13.91
N LEU B 636 -32.67 -50.87 -14.32
CA LEU B 636 -33.72 -50.26 -13.46
C LEU B 636 -33.85 -51.14 -12.21
N ASP B 637 -33.67 -52.46 -12.34
CA ASP B 637 -33.72 -53.36 -11.16
C ASP B 637 -32.44 -53.21 -10.34
N ALA B 638 -31.26 -53.13 -10.99
CA ALA B 638 -29.97 -52.97 -10.29
C ALA B 638 -30.01 -51.70 -9.44
N ALA B 639 -30.67 -50.66 -9.94
CA ALA B 639 -30.75 -49.33 -9.26
C ALA B 639 -31.85 -49.32 -8.22
N ASP B 640 -32.67 -50.36 -8.15
CA ASP B 640 -33.94 -50.30 -7.38
C ASP B 640 -34.67 -49.03 -7.84
N VAL B 641 -34.65 -48.73 -9.14
CA VAL B 641 -35.36 -47.56 -9.70
C VAL B 641 -36.65 -48.05 -10.36
N PRO B 642 -37.81 -47.62 -9.82
CA PRO B 642 -39.09 -48.16 -10.26
C PRO B 642 -39.43 -47.67 -11.67
N GLU B 643 -39.74 -48.59 -12.59
N GLU B 643 -39.71 -48.65 -12.54
CA GLU B 643 -40.02 -48.25 -14.01
CA GLU B 643 -40.14 -48.49 -13.96
C GLU B 643 -41.31 -47.40 -14.12
C GLU B 643 -41.27 -47.48 -14.09
N ASP B 644 -42.21 -47.46 -13.14
CA ASP B 644 -43.45 -46.65 -13.20
C ASP B 644 -43.27 -45.30 -12.50
N GLY B 645 -42.03 -44.93 -12.15
CA GLY B 645 -41.75 -43.66 -11.46
C GLY B 645 -41.91 -42.46 -12.38
N ASP B 646 -42.51 -41.39 -11.86
N ASP B 646 -42.51 -41.39 -11.83
CA ASP B 646 -42.49 -40.09 -12.58
CA ASP B 646 -42.46 -40.00 -12.37
C ASP B 646 -41.02 -39.71 -12.71
C ASP B 646 -40.98 -39.69 -12.68
N GLY B 647 -40.67 -39.25 -13.90
CA GLY B 647 -39.28 -38.87 -14.24
C GLY B 647 -38.38 -40.07 -14.42
N VAL B 648 -38.94 -41.27 -14.60
CA VAL B 648 -38.16 -42.49 -14.93
C VAL B 648 -38.63 -42.94 -16.30
N TYR B 649 -37.72 -43.07 -17.24
CA TYR B 649 -38.05 -43.33 -18.67
C TYR B 649 -37.47 -44.68 -19.09
N SER B 650 -38.25 -45.42 -19.86
N SER B 650 -38.20 -45.44 -19.90
CA SER B 650 -37.98 -46.81 -20.33
CA SER B 650 -37.82 -46.80 -20.34
C SER B 650 -38.56 -46.92 -21.74
C SER B 650 -38.48 -47.09 -21.69
N GLU B 651 -37.73 -46.86 -22.77
CA GLU B 651 -38.21 -46.94 -24.18
C GLU B 651 -37.16 -47.64 -25.04
N GLU B 652 -37.61 -48.50 -25.95
CA GLU B 652 -36.76 -49.10 -27.00
C GLU B 652 -36.50 -48.06 -28.10
N SER B 653 -37.47 -47.20 -28.41
CA SER B 653 -37.37 -46.13 -29.44
C SER B 653 -36.62 -44.91 -28.90
N VAL B 654 -35.57 -44.46 -29.58
CA VAL B 654 -34.76 -43.27 -29.18
C VAL B 654 -35.64 -42.01 -29.31
N ASP B 655 -36.37 -41.87 -30.42
CA ASP B 655 -37.31 -40.76 -30.68
C ASP B 655 -38.32 -40.61 -29.53
N MET B 656 -38.98 -41.70 -29.14
CA MET B 656 -39.97 -41.72 -28.03
C MET B 656 -39.25 -41.41 -26.71
N PHE B 657 -38.07 -42.01 -26.50
CA PHE B 657 -37.30 -41.85 -25.25
C PHE B 657 -36.98 -40.36 -25.05
N VAL B 658 -36.50 -39.72 -26.10
CA VAL B 658 -36.01 -38.31 -26.03
C VAL B 658 -37.19 -37.38 -25.81
N GLU B 659 -38.28 -37.58 -26.56
N GLU B 659 -38.30 -37.59 -26.53
CA GLU B 659 -39.50 -36.75 -26.40
CA GLU B 659 -39.48 -36.70 -26.43
C GLU B 659 -39.90 -36.77 -24.94
C GLU B 659 -40.04 -36.79 -24.99
N GLU B 660 -40.00 -37.95 -24.33
CA GLU B 660 -40.42 -38.10 -22.91
C GLU B 660 -39.36 -37.42 -22.01
N PHE B 661 -38.09 -37.75 -22.23
CA PHE B 661 -36.95 -37.35 -21.35
C PHE B 661 -36.82 -35.82 -21.30
N GLU B 662 -37.01 -35.13 -22.43
CA GLU B 662 -36.89 -33.65 -22.50
C GLU B 662 -38.02 -32.97 -21.74
N LYS B 663 -39.22 -33.54 -21.72
CA LYS B 663 -40.26 -33.03 -20.81
C LYS B 663 -39.73 -33.16 -19.37
N GLY B 664 -39.04 -34.26 -19.04
CA GLY B 664 -38.43 -34.41 -17.71
C GLY B 664 -37.42 -33.30 -17.42
N LEU B 665 -36.63 -32.93 -18.41
CA LEU B 665 -35.59 -31.88 -18.24
C LEU B 665 -36.27 -30.54 -17.90
N ALA B 666 -37.41 -30.24 -18.51
CA ALA B 666 -38.15 -28.98 -18.24
C ALA B 666 -38.74 -29.04 -16.85
N THR B 667 -39.37 -30.16 -16.46
CA THR B 667 -39.86 -30.34 -15.07
C THR B 667 -38.68 -30.12 -14.11
N PHE B 668 -37.52 -30.68 -14.47
CA PHE B 668 -36.18 -30.43 -13.89
C PHE B 668 -35.97 -31.26 -12.63
N ARG B 669 -36.94 -31.25 -11.73
CA ARG B 669 -36.84 -32.05 -10.49
C ARG B 669 -38.16 -32.75 -10.15
N PHE B 670 -38.04 -34.04 -9.88
CA PHE B 670 -39.16 -34.96 -9.53
C PHE B 670 -39.22 -35.06 -8.02
N THR B 671 -40.05 -34.20 -7.43
CA THR B 671 -40.08 -33.92 -5.98
C THR B 671 -40.81 -35.01 -5.20
N ASP B 672 -41.47 -35.95 -5.90
CA ASP B 672 -42.18 -37.08 -5.27
C ASP B 672 -41.18 -38.06 -4.67
N ARG B 673 -39.87 -37.90 -4.95
CA ARG B 673 -38.82 -38.82 -4.45
C ARG B 673 -38.30 -38.41 -3.08
N PHE B 674 -38.87 -37.37 -2.47
CA PHE B 674 -38.43 -36.84 -1.16
C PHE B 674 -39.51 -37.02 -0.11
N ALA B 675 -39.14 -37.61 1.02
CA ALA B 675 -40.05 -37.90 2.13
C ALA B 675 -40.42 -36.62 2.87
N LEU B 676 -41.66 -36.52 3.32
CA LEU B 676 -42.19 -35.34 4.04
C LEU B 676 -42.51 -35.73 5.47
N ASP B 677 -42.32 -34.80 6.40
CA ASP B 677 -42.77 -34.94 7.79
C ASP B 677 -44.29 -35.17 7.75
N SER B 678 -44.80 -36.01 8.65
CA SER B 678 -46.26 -36.24 8.90
C SER B 678 -46.71 -35.37 10.08
N SER C 1 3.24 16.37 -27.36
CA SER C 1 4.13 15.73 -26.37
C SER C 1 4.30 14.26 -26.73
N PRO C 2 5.42 13.65 -26.34
CA PRO C 2 5.52 12.20 -26.48
C PRO C 2 4.50 11.45 -25.60
N LEU C 3 3.85 12.11 -24.63
CA LEU C 3 2.80 11.44 -23.77
C LEU C 3 1.39 11.96 -24.12
N ALA C 4 1.20 12.48 -25.32
CA ALA C 4 -0.10 13.02 -25.78
C ALA C 4 -1.27 12.06 -25.58
N ALA C 5 -1.08 10.75 -25.77
CA ALA C 5 -2.19 9.78 -25.73
C ALA C 5 -2.80 9.72 -24.32
N TYR C 6 -2.07 10.21 -23.32
CA TYR C 6 -2.53 10.10 -21.92
C TYR C 6 -3.10 11.42 -21.40
N GLU C 7 -3.11 12.46 -22.22
CA GLU C 7 -3.50 13.82 -21.81
C GLU C 7 -5.01 13.94 -21.64
N VAL C 8 -5.40 14.72 -20.64
CA VAL C 8 -6.82 14.96 -20.30
C VAL C 8 -7.07 16.45 -20.39
N ASP C 9 -7.99 16.83 -21.25
N ASP C 9 -8.05 16.82 -21.22
CA ASP C 9 -8.31 18.25 -21.45
CA ASP C 9 -8.41 18.22 -21.56
C ASP C 9 -9.51 18.59 -20.58
C ASP C 9 -9.57 18.66 -20.69
N ASP C 10 -9.40 19.73 -19.89
CA ASP C 10 -10.49 20.29 -19.07
C ASP C 10 -10.61 21.78 -19.39
N SER C 11 -10.42 22.16 -20.66
CA SER C 11 -10.59 23.56 -21.10
C SER C 11 -12.06 23.86 -21.42
N THR C 12 -12.91 22.85 -21.44
CA THR C 12 -14.36 22.95 -21.69
C THR C 12 -15.05 21.91 -20.82
N GLY C 13 -16.37 22.02 -20.68
CA GLY C 13 -17.20 20.94 -20.14
C GLY C 13 -17.62 21.15 -18.71
N TYR C 14 -18.52 20.27 -18.32
CA TYR C 14 -19.12 20.23 -16.99
C TYR C 14 -18.43 19.18 -16.14
N LEU C 15 -18.28 19.55 -14.87
CA LEU C 15 -17.66 18.71 -13.82
C LEU C 15 -18.34 17.35 -13.80
N THR C 16 -17.52 16.31 -13.70
CA THR C 16 -17.99 14.94 -13.54
C THR C 16 -17.24 14.22 -12.41
N SER C 17 -17.86 13.17 -11.90
CA SER C 17 -17.15 12.19 -11.08
C SER C 17 -16.08 11.53 -11.95
N ASP C 18 -15.24 10.69 -11.34
CA ASP C 18 -14.26 9.86 -12.09
C ASP C 18 -14.92 8.81 -12.96
N VAL C 19 -16.22 8.61 -12.82
CA VAL C 19 -16.92 7.66 -13.72
C VAL C 19 -17.90 8.45 -14.60
N GLY C 20 -17.66 9.73 -14.80
CA GLY C 20 -18.34 10.48 -15.88
C GLY C 20 -19.74 10.96 -15.55
N GLY C 21 -20.16 10.90 -14.29
CA GLY C 21 -21.51 11.38 -13.89
C GLY C 21 -21.39 12.87 -13.63
N PRO C 22 -22.09 13.77 -14.35
CA PRO C 22 -21.98 15.19 -14.06
C PRO C 22 -22.46 15.51 -12.64
N ILE C 23 -21.66 16.31 -11.92
CA ILE C 23 -21.86 16.66 -10.48
C ILE C 23 -21.48 18.11 -10.21
N GLN C 24 -21.63 18.51 -8.95
CA GLN C 24 -21.09 19.77 -8.43
C GLN C 24 -20.12 19.43 -7.31
N ASP C 25 -19.32 20.43 -6.92
CA ASP C 25 -18.33 20.13 -5.84
C ASP C 25 -18.09 21.33 -4.94
N GLN C 26 -19.05 22.24 -4.78
CA GLN C 26 -18.83 23.48 -4.03
C GLN C 26 -19.62 23.57 -2.74
N THR C 27 -20.71 22.82 -2.60
CA THR C 27 -21.49 22.80 -1.34
C THR C 27 -21.80 21.36 -0.94
N SER C 28 -21.63 21.05 0.33
CA SER C 28 -21.97 19.73 0.92
C SER C 28 -23.49 19.59 0.95
N LEU C 29 -23.97 18.35 0.84
CA LEU C 29 -25.37 17.99 1.06
C LEU C 29 -25.65 17.90 2.56
N LYS C 30 -26.65 18.65 3.01
CA LYS C 30 -26.96 18.85 4.45
C LYS C 30 -28.43 18.55 4.73
N ALA C 31 -28.70 18.14 5.97
CA ALA C 31 -30.10 17.99 6.46
C ALA C 31 -30.59 19.35 6.92
N GLY C 32 -31.09 20.16 5.98
CA GLY C 32 -31.45 21.55 6.27
C GLY C 32 -30.31 22.50 5.98
N ILE C 33 -30.68 23.77 5.82
CA ILE C 33 -29.70 24.76 5.35
C ILE C 33 -28.66 25.08 6.44
N ARG C 34 -28.93 24.85 7.72
CA ARG C 34 -27.93 24.95 8.79
C ARG C 34 -27.72 23.57 9.41
N GLY C 35 -27.89 22.53 8.63
CA GLY C 35 -27.85 21.15 9.16
C GLY C 35 -26.50 20.46 8.96
N PRO C 36 -26.44 19.25 9.51
CA PRO C 36 -25.25 18.41 9.42
C PRO C 36 -25.12 17.81 8.02
N THR C 37 -23.87 17.52 7.65
CA THR C 37 -23.56 16.90 6.36
C THR C 37 -23.97 15.43 6.30
N LEU C 38 -24.49 15.01 5.15
CA LEU C 38 -24.99 13.63 4.99
C LEU C 38 -23.88 12.69 4.51
N LEU C 39 -23.88 11.49 5.07
CA LEU C 39 -23.02 10.38 4.57
C LEU C 39 -23.31 10.04 3.12
N GLU C 40 -24.54 10.21 2.65
CA GLU C 40 -24.90 9.89 1.27
C GLU C 40 -24.30 10.89 0.29
N ASP C 41 -23.60 11.91 0.72
CA ASP C 41 -22.96 12.89 -0.19
C ASP C 41 -21.72 12.25 -0.83
N PHE C 42 -21.93 11.52 -1.90
CA PHE C 42 -20.84 10.85 -2.66
C PHE C 42 -19.97 11.89 -3.35
N MET C 43 -20.52 13.06 -3.68
CA MET C 43 -19.77 14.10 -4.40
C MET C 43 -18.64 14.57 -3.47
N PHE C 44 -19.01 14.82 -2.21
CA PHE C 44 -18.05 15.23 -1.17
C PHE C 44 -17.01 14.13 -0.98
N ARG C 45 -17.47 12.89 -0.71
CA ARG C 45 -16.46 11.89 -0.30
C ARG C 45 -15.51 11.54 -1.45
N GLN C 46 -15.98 11.44 -2.69
CA GLN C 46 -15.02 11.09 -3.76
C GLN C 46 -13.96 12.17 -3.93
N LYS C 47 -14.35 13.44 -3.76
CA LYS C 47 -13.42 14.55 -3.97
C LYS C 47 -12.42 14.58 -2.83
N ILE C 48 -12.91 14.46 -1.60
CA ILE C 48 -12.02 14.54 -0.43
C ILE C 48 -11.19 13.27 -0.33
N GLN C 49 -11.73 12.10 -0.59
CA GLN C 49 -10.90 10.87 -0.64
C GLN C 49 -9.73 11.11 -1.59
N HIS C 50 -9.98 11.60 -2.77
CA HIS C 50 -8.87 11.85 -3.74
C HIS C 50 -7.86 12.81 -3.13
N PHE C 51 -8.34 13.89 -2.54
CA PHE C 51 -7.43 14.87 -1.93
C PHE C 51 -6.59 14.23 -0.83
N ASP C 52 -7.25 13.47 0.02
CA ASP C 52 -6.62 12.85 1.20
C ASP C 52 -5.55 11.86 0.79
N HIS C 53 -5.56 11.39 -0.45
CA HIS C 53 -4.63 10.37 -0.95
C HIS C 53 -3.76 10.93 -2.06
N GLU C 54 -3.63 12.26 -2.19
CA GLU C 54 -2.82 12.81 -3.30
C GLU C 54 -1.34 12.44 -3.16
N ARG C 55 -0.84 12.39 -1.94
CA ARG C 55 0.61 12.30 -1.72
C ARG C 55 1.13 10.87 -1.82
N VAL C 56 2.37 10.76 -2.31
CA VAL C 56 3.13 9.51 -2.36
C VAL C 56 4.42 9.73 -1.61
N PRO C 57 5.12 8.66 -1.15
CA PRO C 57 6.39 8.87 -0.47
C PRO C 57 7.35 9.60 -1.41
N GLU C 58 8.06 10.60 -0.87
CA GLU C 58 9.17 11.19 -1.62
C GLU C 58 10.25 10.14 -1.85
N ARG C 59 11.11 10.36 -2.83
CA ARG C 59 12.27 9.50 -3.07
C ARG C 59 13.13 9.48 -1.80
N ALA C 60 13.70 8.32 -1.52
CA ALA C 60 14.51 8.11 -0.31
C ALA C 60 15.76 9.00 -0.37
N VAL C 61 16.31 9.23 -1.55
CA VAL C 61 17.33 10.29 -1.79
C VAL C 61 16.90 11.05 -3.05
N HIS C 62 17.46 12.22 -3.26
CA HIS C 62 17.15 13.02 -4.46
C HIS C 62 15.67 13.39 -4.45
N ALA C 63 15.06 13.58 -3.29
CA ALA C 63 13.63 13.92 -3.18
C ALA C 63 13.31 15.26 -3.84
N ARG C 64 14.26 16.17 -3.84
CA ARG C 64 14.07 17.52 -4.41
C ARG C 64 14.65 17.57 -5.79
N GLY C 65 13.80 17.82 -6.79
CA GLY C 65 14.32 17.85 -8.16
C GLY C 65 13.30 18.27 -9.20
N ALA C 66 13.73 18.37 -10.45
CA ALA C 66 12.86 18.89 -11.51
C ALA C 66 13.30 18.32 -12.84
N GLY C 67 12.33 18.12 -13.73
CA GLY C 67 12.59 17.39 -14.97
C GLY C 67 12.12 18.10 -16.23
N ALA C 68 12.57 17.55 -17.35
CA ALA C 68 12.09 18.00 -18.67
C ALA C 68 12.30 16.93 -19.72
N HIS C 69 11.51 17.06 -20.79
CA HIS C 69 11.58 16.21 -22.01
C HIS C 69 12.59 16.80 -23.00
N GLY C 70 13.17 15.93 -23.78
CA GLY C 70 13.98 16.40 -24.92
C GLY C 70 14.30 15.29 -25.87
N THR C 71 15.44 15.48 -26.57
N THR C 71 15.42 15.47 -26.58
CA THR C 71 15.87 14.56 -27.66
CA THR C 71 15.83 14.49 -27.61
C THR C 71 17.36 14.30 -27.52
C THR C 71 17.35 14.30 -27.59
N PHE C 72 17.76 13.06 -27.80
CA PHE C 72 19.17 12.69 -28.02
C PHE C 72 19.38 12.43 -29.50
N THR C 73 20.46 12.95 -30.04
CA THR C 73 20.81 12.70 -31.45
C THR C 73 22.22 12.12 -31.51
N SER C 74 22.39 10.94 -32.13
CA SER C 74 23.73 10.34 -32.28
C SER C 74 24.56 11.08 -33.32
N TYR C 75 25.85 11.26 -33.07
CA TYR C 75 26.77 11.91 -34.02
C TYR C 75 27.31 10.89 -35.01
N ALA C 76 27.08 9.57 -34.87
CA ALA C 76 27.73 8.56 -35.71
C ALA C 76 27.04 7.22 -35.51
N ASP C 77 27.44 6.27 -36.36
CA ASP C 77 27.17 4.84 -36.12
C ASP C 77 28.28 4.33 -35.22
N TRP C 78 27.93 4.03 -33.95
CA TRP C 78 28.90 3.56 -32.96
C TRP C 78 28.99 2.02 -32.84
N SER C 79 28.65 1.26 -33.88
N SER C 79 28.56 1.29 -33.89
CA SER C 79 28.80 -0.22 -33.84
CA SER C 79 28.60 -0.19 -34.01
C SER C 79 30.26 -0.63 -33.64
C SER C 79 30.01 -0.73 -33.70
N ASN C 80 31.23 0.27 -33.90
N ASN C 80 31.04 0.07 -33.99
CA ASN C 80 32.68 0.01 -33.67
CA ASN C 80 32.46 -0.31 -33.76
C ASN C 80 32.96 -0.28 -32.20
C ASN C 80 32.79 -0.48 -32.27
N ILE C 81 32.03 0.14 -31.34
CA ILE C 81 32.29 0.03 -29.88
C ILE C 81 31.06 -0.53 -29.14
N THR C 82 29.86 -0.43 -29.68
CA THR C 82 28.66 -0.91 -28.93
C THR C 82 27.59 -1.39 -29.88
N ALA C 83 26.86 -2.41 -29.47
CA ALA C 83 25.66 -2.85 -30.19
C ALA C 83 24.45 -1.93 -29.94
N ALA C 84 24.54 -0.94 -29.07
CA ALA C 84 23.36 -0.16 -28.64
C ALA C 84 22.64 0.48 -29.83
N SER C 85 21.36 0.17 -29.97
CA SER C 85 20.55 0.59 -31.13
C SER C 85 20.46 2.11 -31.18
N PHE C 86 20.33 2.80 -30.05
CA PHE C 86 20.16 4.27 -30.06
C PHE C 86 21.43 4.97 -30.53
N LEU C 87 22.55 4.26 -30.60
CA LEU C 87 23.83 4.84 -31.04
C LEU C 87 24.23 4.27 -32.42
N ASN C 88 23.30 3.68 -33.19
CA ASN C 88 23.74 2.88 -34.36
C ASN C 88 23.67 3.62 -35.70
N ALA C 89 23.40 4.90 -35.73
CA ALA C 89 23.41 5.68 -37.00
C ALA C 89 23.60 7.15 -36.73
N THR C 90 24.29 7.80 -37.65
CA THR C 90 24.45 9.26 -37.58
C THR C 90 23.08 9.92 -37.65
N GLY C 91 22.78 10.85 -36.73
CA GLY C 91 21.52 11.60 -36.75
C GLY C 91 20.35 10.86 -36.09
N LYS C 92 20.54 9.63 -35.65
CA LYS C 92 19.42 8.86 -35.11
C LYS C 92 18.96 9.54 -33.82
N GLN C 93 17.65 9.78 -33.73
CA GLN C 93 17.07 10.52 -32.60
C GLN C 93 16.28 9.58 -31.69
N THR C 94 16.40 9.85 -30.39
CA THR C 94 15.71 9.09 -29.33
C THR C 94 15.11 10.10 -28.38
N PRO C 95 13.82 9.96 -28.02
CA PRO C 95 13.29 10.82 -26.96
C PRO C 95 13.98 10.58 -25.62
N VAL C 96 14.08 11.65 -24.86
CA VAL C 96 14.61 11.54 -23.47
C VAL C 96 13.70 12.24 -22.47
N PHE C 97 13.85 11.84 -21.21
CA PHE C 97 13.38 12.62 -20.06
C PHE C 97 14.52 12.67 -19.08
N VAL C 98 14.75 13.86 -18.52
CA VAL C 98 15.85 14.08 -17.57
C VAL C 98 15.26 14.66 -16.28
N ARG C 99 15.71 14.16 -15.14
CA ARG C 99 15.43 14.80 -13.85
C ARG C 99 16.75 15.18 -13.20
N PHE C 100 16.82 16.40 -12.72
CA PHE C 100 17.94 16.92 -11.94
C PHE C 100 17.48 17.09 -10.52
N SER C 101 18.43 17.11 -9.56
CA SER C 101 18.03 17.02 -8.12
C SER C 101 19.18 17.38 -7.19
N THR C 102 18.88 17.65 -5.94
CA THR C 102 19.88 17.52 -4.84
C THR C 102 19.84 16.09 -4.33
N VAL C 103 20.44 15.82 -3.16
CA VAL C 103 20.49 14.43 -2.64
C VAL C 103 19.80 14.36 -1.28
N ALA C 104 20.20 15.20 -0.34
CA ALA C 104 19.84 15.04 1.10
C ALA C 104 18.47 15.63 1.44
N GLY C 105 18.12 16.77 0.86
CA GLY C 105 16.91 17.49 1.25
C GLY C 105 15.62 16.73 0.92
N SER C 106 14.61 16.96 1.71
CA SER C 106 13.22 16.52 1.42
C SER C 106 12.63 17.38 0.30
N ARG C 107 11.49 16.96 -0.24
N ARG C 107 11.42 17.00 -0.10
CA ARG C 107 11.00 17.45 -1.58
CA ARG C 107 10.58 17.84 -1.01
C ARG C 107 10.65 18.95 -1.54
C ARG C 107 10.37 19.19 -0.32
N GLY C 108 10.54 19.58 -0.36
N GLY C 108 10.54 20.24 -1.11
CA GLY C 108 10.25 21.03 -0.25
CA GLY C 108 10.37 21.63 -0.69
C GLY C 108 11.45 21.91 0.10
C GLY C 108 11.64 22.17 -0.10
N SER C 109 12.66 21.34 0.15
CA SER C 109 13.94 21.98 0.49
C SER C 109 14.51 22.81 -0.67
N ALA C 110 15.46 23.66 -0.40
CA ALA C 110 15.94 24.68 -1.36
C ALA C 110 16.80 24.03 -2.43
N ASP C 111 16.68 24.50 -3.66
CA ASP C 111 17.55 24.06 -4.75
C ASP C 111 19.02 24.37 -4.44
N THR C 112 19.28 25.52 -3.81
CA THR C 112 20.66 26.03 -3.62
C THR C 112 21.28 25.63 -2.28
N ALA C 113 20.84 24.54 -1.68
CA ALA C 113 21.62 23.84 -0.63
C ALA C 113 22.99 23.43 -1.20
N ARG C 114 24.01 23.32 -0.36
CA ARG C 114 25.26 22.71 -0.79
C ARG C 114 25.10 21.20 -0.78
N ASP C 115 25.30 20.55 -1.89
CA ASP C 115 25.03 19.11 -1.99
C ASP C 115 25.63 18.54 -3.27
N VAL C 116 25.68 17.22 -3.33
CA VAL C 116 25.79 16.53 -4.63
C VAL C 116 24.46 16.73 -5.35
N HIS C 117 24.48 16.68 -6.68
CA HIS C 117 23.24 16.81 -7.48
C HIS C 117 23.09 15.61 -8.39
N GLY C 118 21.86 15.19 -8.58
CA GLY C 118 21.50 14.16 -9.54
C GLY C 118 21.31 14.73 -10.92
N PHE C 119 21.59 13.85 -11.88
CA PHE C 119 21.40 14.11 -13.32
C PHE C 119 21.04 12.75 -13.92
N ALA C 120 19.75 12.48 -14.00
CA ALA C 120 19.20 11.15 -14.39
C ALA C 120 18.54 11.30 -15.76
N THR C 121 19.00 10.51 -16.71
CA THR C 121 18.56 10.58 -18.11
C THR C 121 17.92 9.26 -18.55
N ARG C 122 16.71 9.32 -19.07
CA ARG C 122 16.06 8.17 -19.71
C ARG C 122 16.09 8.38 -21.22
N PHE C 123 16.58 7.38 -21.92
CA PHE C 123 16.52 7.29 -23.39
C PHE C 123 15.41 6.29 -23.69
N TYR C 124 14.34 6.75 -24.33
CA TYR C 124 13.24 5.84 -24.73
C TYR C 124 13.61 5.17 -26.06
N THR C 125 14.51 4.19 -26.00
CA THR C 125 15.12 3.65 -27.25
C THR C 125 14.18 2.69 -27.93
N ASP C 126 14.49 2.44 -29.20
CA ASP C 126 13.74 1.46 -30.04
C ASP C 126 14.09 0.02 -29.66
N GLU C 127 14.92 -0.19 -28.64
CA GLU C 127 15.22 -1.52 -28.07
C GLU C 127 15.09 -1.44 -26.54
N GLY C 128 14.22 -0.55 -26.08
CA GLY C 128 13.88 -0.48 -24.65
C GLY C 128 14.36 0.80 -23.98
N ASN C 129 13.78 1.10 -22.83
CA ASN C 129 14.23 2.25 -22.03
C ASN C 129 15.62 2.00 -21.45
N PHE C 130 16.51 2.96 -21.67
CA PHE C 130 17.89 2.94 -21.12
C PHE C 130 18.07 4.16 -20.25
N ASP C 131 18.37 3.92 -18.98
CA ASP C 131 18.57 5.01 -18.02
C ASP C 131 20.06 5.12 -17.65
N ILE C 132 20.58 6.35 -17.68
CA ILE C 132 21.88 6.67 -17.04
C ILE C 132 21.57 7.53 -15.84
N VAL C 133 21.72 6.94 -14.66
CA VAL C 133 21.33 7.60 -13.41
C VAL C 133 22.58 8.21 -12.80
N GLY C 134 22.86 9.44 -13.15
CA GLY C 134 24.16 10.05 -12.84
C GLY C 134 24.05 11.18 -11.84
N ASN C 135 25.21 11.73 -11.50
CA ASN C 135 25.36 12.93 -10.63
C ASN C 135 26.21 14.00 -11.32
N ASN C 136 26.27 15.18 -10.73
CA ASN C 136 27.11 16.29 -11.26
C ASN C 136 28.55 16.17 -10.82
N ILE C 137 28.84 15.23 -9.95
CA ILE C 137 30.20 14.95 -9.40
C ILE C 137 30.53 13.52 -9.81
N PRO C 138 31.74 13.26 -10.36
CA PRO C 138 32.01 11.97 -11.01
C PRO C 138 32.33 10.81 -10.05
N VAL C 139 32.53 11.12 -8.77
CA VAL C 139 32.99 10.15 -7.76
C VAL C 139 31.93 10.12 -6.67
N PHE C 140 31.81 8.99 -5.99
CA PHE C 140 30.83 8.84 -4.91
C PHE C 140 31.53 8.67 -3.57
N PHE C 141 30.80 8.90 -2.48
CA PHE C 141 31.41 8.91 -1.15
C PHE C 141 31.91 7.55 -0.69
N ILE C 142 31.29 6.47 -1.13
CA ILE C 142 31.48 5.12 -0.53
C ILE C 142 31.80 4.13 -1.65
N GLN C 143 32.41 3.02 -1.26
CA GLN C 143 32.94 2.00 -2.19
C GLN C 143 32.11 0.72 -2.18
N ASP C 144 31.00 0.66 -1.44
CA ASP C 144 30.17 -0.57 -1.44
C ASP C 144 28.74 -0.10 -1.20
N ALA C 145 27.79 -0.55 -2.00
CA ALA C 145 26.37 -0.20 -1.86
C ALA C 145 25.82 -0.49 -0.47
N ILE C 146 26.34 -1.51 0.23
CA ILE C 146 25.80 -1.85 1.57
C ILE C 146 25.94 -0.71 2.54
N GLN C 147 26.83 0.21 2.27
CA GLN C 147 27.08 1.37 3.16
C GLN C 147 26.15 2.56 2.87
N PHE C 148 25.32 2.48 1.84
CA PHE C 148 24.50 3.64 1.45
C PHE C 148 23.65 4.15 2.59
N PRO C 149 22.93 3.29 3.37
CA PRO C 149 22.12 3.82 4.47
C PRO C 149 22.98 4.50 5.56
N ASP C 150 24.21 4.04 5.74
CA ASP C 150 25.09 4.70 6.73
C ASP C 150 25.39 6.12 6.26
N LEU C 151 25.85 6.25 5.01
CA LEU C 151 26.14 7.58 4.46
C LEU C 151 24.89 8.45 4.58
N ILE C 152 23.75 7.97 4.09
CA ILE C 152 22.56 8.83 4.00
C ILE C 152 21.99 9.16 5.39
N HIS C 153 21.98 8.21 6.32
CA HIS C 153 21.53 8.53 7.69
C HIS C 153 22.43 9.64 8.24
N SER C 154 23.74 9.54 8.00
CA SER C 154 24.69 10.51 8.58
C SER C 154 24.51 11.92 8.00
N VAL C 155 24.17 12.08 6.71
N VAL C 155 24.11 12.01 6.73
CA VAL C 155 24.05 13.45 6.12
CA VAL C 155 24.02 13.31 6.03
C VAL C 155 22.62 14.00 6.30
C VAL C 155 22.65 13.95 6.25
N LYS C 156 21.61 13.13 6.34
CA LYS C 156 20.24 13.60 6.61
C LYS C 156 20.14 14.10 8.03
N PRO C 157 19.01 14.75 8.36
CA PRO C 157 18.87 15.40 9.67
C PRO C 157 19.00 14.38 10.81
N ARG C 158 19.45 14.88 11.95
CA ARG C 158 19.56 14.02 13.16
C ARG C 158 18.16 13.51 13.54
N PRO C 159 18.04 12.18 13.76
CA PRO C 159 16.72 11.56 13.81
C PRO C 159 15.89 11.73 15.06
N ASP C 160 16.43 12.39 16.10
CA ASP C 160 15.60 12.74 17.27
C ASP C 160 14.73 13.97 17.00
N ASN C 161 15.28 14.98 16.33
CA ASN C 161 14.59 16.27 16.11
C ASN C 161 14.48 16.64 14.62
N GLU C 162 15.00 15.83 13.70
CA GLU C 162 15.05 16.09 12.25
C GLU C 162 15.58 17.52 11.97
N ILE C 163 16.76 17.79 12.51
CA ILE C 163 17.56 18.99 12.21
C ILE C 163 18.98 18.54 11.89
N PRO C 164 19.69 19.09 10.89
CA PRO C 164 19.24 20.17 10.01
C PRO C 164 18.82 19.67 8.63
N GLN C 165 17.92 20.44 8.01
CA GLN C 165 17.43 20.16 6.63
C GLN C 165 18.51 20.45 5.60
N ALA C 166 18.64 19.54 4.63
CA ALA C 166 19.40 19.75 3.39
C ALA C 166 20.79 20.30 3.66
N ALA C 167 21.52 19.62 4.53
CA ALA C 167 22.85 20.12 4.91
C ALA C 167 23.74 19.03 5.49
N THR C 168 25.02 19.12 5.12
CA THR C 168 26.08 18.29 5.73
C THR C 168 26.70 19.03 6.95
N ALA C 169 26.22 20.21 7.31
CA ALA C 169 26.87 21.06 8.34
C ALA C 169 26.39 20.65 9.73
N HIS C 170 26.69 19.41 10.13
CA HIS C 170 26.28 18.88 11.43
C HIS C 170 27.18 17.70 11.82
N ASP C 171 27.25 17.45 13.12
CA ASP C 171 28.14 16.43 13.70
C ASP C 171 28.07 15.10 12.97
N SER C 172 26.91 14.52 12.78
CA SER C 172 26.82 13.13 12.26
C SER C 172 27.54 13.02 10.89
N ALA C 173 27.31 13.96 10.00
CA ALA C 173 27.86 13.90 8.64
C ALA C 173 29.38 13.87 8.73
N TRP C 174 29.92 14.80 9.52
CA TRP C 174 31.39 14.96 9.62
C TRP C 174 32.00 13.83 10.44
N ASP C 175 31.24 13.21 11.34
CA ASP C 175 31.65 11.98 12.03
C ASP C 175 31.85 10.89 10.98
N PHE C 176 30.83 10.65 10.17
CA PHE C 176 30.90 9.63 9.09
C PHE C 176 32.08 9.94 8.16
N PHE C 177 32.22 11.19 7.66
CA PHE C 177 33.29 11.51 6.70
C PHE C 177 34.65 11.20 7.36
N SER C 178 34.80 11.54 8.64
CA SER C 178 36.15 11.38 9.25
C SER C 178 36.40 9.91 9.58
N GLN C 179 35.38 9.07 9.78
CA GLN C 179 35.58 7.65 10.10
C GLN C 179 35.66 6.82 8.84
N GLN C 180 35.14 7.33 7.71
CA GLN C 180 35.07 6.55 6.46
C GLN C 180 35.83 7.31 5.40
N PRO C 181 37.17 7.16 5.34
CA PRO C 181 38.02 8.02 4.51
C PRO C 181 37.77 7.96 2.99
N SER C 182 37.10 6.90 2.51
CA SER C 182 36.64 6.85 1.12
C SER C 182 35.93 8.18 0.75
N THR C 183 35.26 8.80 1.72
CA THR C 183 34.39 9.98 1.47
C THR C 183 35.19 11.17 1.00
N MET C 184 36.52 11.18 1.15
CA MET C 184 37.28 12.42 0.95
C MET C 184 37.08 12.94 -0.47
N HIS C 185 37.08 12.12 -1.52
CA HIS C 185 37.07 12.67 -2.89
C HIS C 185 35.76 13.43 -3.19
N THR C 186 34.64 12.78 -2.97
CA THR C 186 33.32 13.41 -3.13
C THR C 186 33.20 14.60 -2.19
N LEU C 187 33.69 14.49 -0.96
CA LEU C 187 33.62 15.63 -0.02
C LEU C 187 34.32 16.86 -0.61
N PHE C 188 35.52 16.69 -1.17
CA PHE C 188 36.21 17.85 -1.76
C PHE C 188 35.39 18.41 -2.91
N TRP C 189 34.82 17.55 -3.77
CA TRP C 189 33.97 18.08 -4.85
C TRP C 189 32.76 18.82 -4.28
N ALA C 190 32.12 18.29 -3.25
CA ALA C 190 30.90 18.94 -2.69
C ALA C 190 31.25 20.31 -2.07
N MET C 191 32.44 20.43 -1.48
CA MET C 191 32.88 21.67 -0.80
C MET C 191 33.42 22.68 -1.81
N SER C 192 33.61 22.26 -3.05
CA SER C 192 33.97 23.14 -4.18
C SER C 192 32.69 23.82 -4.70
N GLY C 193 32.81 24.64 -5.71
CA GLY C 193 31.63 25.23 -6.37
C GLY C 193 30.72 24.20 -6.99
N HIS C 194 31.21 22.98 -7.22
CA HIS C 194 30.33 21.90 -7.73
C HIS C 194 29.20 21.60 -6.73
N GLY C 195 29.34 21.95 -5.45
CA GLY C 195 28.27 21.77 -4.44
C GLY C 195 27.16 22.80 -4.56
N ILE C 196 27.42 23.90 -5.26
CA ILE C 196 26.44 24.99 -5.40
C ILE C 196 26.49 25.50 -6.84
N PRO C 197 26.09 24.66 -7.82
CA PRO C 197 26.08 25.09 -9.20
C PRO C 197 25.13 26.27 -9.47
N ARG C 198 25.46 27.07 -10.47
CA ARG C 198 24.62 28.21 -10.85
C ARG C 198 23.26 27.76 -11.41
N SER C 199 23.23 26.59 -12.03
CA SER C 199 21.95 26.05 -12.56
C SER C 199 22.20 24.61 -12.92
N TYR C 200 21.13 23.87 -13.17
CA TYR C 200 21.24 22.51 -13.70
C TYR C 200 21.91 22.53 -15.09
N ARG C 201 21.79 23.65 -15.81
CA ARG C 201 22.28 23.77 -17.19
C ARG C 201 23.79 24.06 -17.17
N HIS C 202 24.34 24.50 -16.02
CA HIS C 202 25.74 24.92 -15.87
C HIS C 202 26.51 23.88 -15.08
N MET C 203 26.01 22.63 -15.11
CA MET C 203 26.69 21.49 -14.48
C MET C 203 26.74 20.36 -15.50
N ASP C 204 27.70 19.46 -15.30
CA ASP C 204 27.88 18.25 -16.09
C ASP C 204 27.15 17.09 -15.42
N GLY C 205 27.02 16.01 -16.15
CA GLY C 205 26.49 14.72 -15.67
C GLY C 205 27.52 13.62 -15.80
N PHE C 206 27.63 12.80 -14.79
CA PHE C 206 28.58 11.67 -14.78
C PHE C 206 27.85 10.38 -14.39
N GLY C 207 28.18 9.29 -15.08
CA GLY C 207 27.69 7.97 -14.68
C GLY C 207 28.33 7.48 -13.40
N CYS C 208 29.49 8.04 -13.07
CA CYS C 208 30.37 7.68 -11.93
C CYS C 208 31.03 6.31 -12.17
N HIS C 209 30.22 5.24 -12.27
CA HIS C 209 30.78 3.89 -12.43
C HIS C 209 31.43 3.65 -13.78
N THR C 210 32.41 2.77 -13.78
CA THR C 210 32.82 2.09 -15.00
C THR C 210 31.70 1.15 -15.47
N PHE C 211 31.28 1.30 -16.71
CA PHE C 211 30.34 0.37 -17.36
C PHE C 211 31.08 -0.34 -18.49
N ARG C 212 30.41 -1.25 -19.15
CA ARG C 212 30.96 -1.86 -20.39
C ARG C 212 30.12 -1.46 -21.59
N PHE C 213 30.83 -1.20 -22.67
CA PHE C 213 30.25 -1.20 -24.04
C PHE C 213 30.58 -2.56 -24.63
N VAL C 214 29.56 -3.19 -25.15
CA VAL C 214 29.60 -4.58 -25.68
C VAL C 214 29.20 -4.51 -27.14
N LYS C 215 30.08 -4.98 -28.00
CA LYS C 215 29.72 -5.05 -29.43
C LYS C 215 28.86 -6.29 -29.69
N ASP C 216 28.22 -6.32 -30.83
CA ASP C 216 27.43 -7.47 -31.31
C ASP C 216 28.32 -8.70 -31.46
N ASP C 217 29.62 -8.54 -31.67
CA ASP C 217 30.55 -9.70 -31.74
C ASP C 217 30.93 -10.23 -30.36
N GLY C 218 30.48 -9.59 -29.26
CA GLY C 218 30.71 -10.07 -27.89
C GLY C 218 31.89 -9.42 -27.21
N SER C 219 32.74 -8.71 -27.94
CA SER C 219 33.90 -8.04 -27.31
C SER C 219 33.41 -6.84 -26.48
N SER C 220 34.18 -6.49 -25.48
CA SER C 220 33.80 -5.40 -24.53
C SER C 220 34.96 -4.44 -24.27
N LYS C 221 34.57 -3.21 -23.98
CA LYS C 221 35.49 -2.16 -23.50
C LYS C 221 34.88 -1.56 -22.25
N LEU C 222 35.72 -0.93 -21.45
CA LEU C 222 35.33 -0.23 -20.19
C LEU C 222 35.09 1.23 -20.51
N ILE C 223 34.00 1.81 -20.01
CA ILE C 223 33.63 3.20 -20.27
C ILE C 223 33.23 3.94 -18.99
N LYS C 224 33.36 5.24 -19.07
CA LYS C 224 32.79 6.23 -18.14
C LYS C 224 31.95 7.18 -18.97
N TRP C 225 30.76 7.49 -18.47
CA TRP C 225 29.86 8.49 -19.10
C TRP C 225 30.14 9.87 -18.55
N HIS C 226 30.25 10.80 -19.48
N HIS C 226 30.30 10.87 -19.43
CA HIS C 226 30.45 12.23 -19.21
CA HIS C 226 30.50 12.28 -19.05
C HIS C 226 29.49 13.01 -20.07
C HIS C 226 29.67 13.16 -19.99
N PHE C 227 28.61 13.76 -19.46
CA PHE C 227 27.73 14.69 -20.17
C PHE C 227 28.29 16.09 -19.96
N LYS C 228 28.85 16.67 -21.00
N LYS C 228 28.81 16.68 -21.02
CA LYS C 228 29.57 17.97 -20.93
CA LYS C 228 29.56 17.97 -20.99
C LYS C 228 28.63 19.10 -21.35
C LYS C 228 28.63 19.13 -21.38
N SER C 229 28.39 20.04 -20.44
CA SER C 229 27.46 21.17 -20.63
C SER C 229 27.94 22.05 -21.78
N ARG C 230 27.05 22.33 -22.72
CA ARG C 230 27.32 23.34 -23.76
C ARG C 230 27.03 24.75 -23.26
N GLN C 231 26.51 24.93 -22.07
CA GLN C 231 26.25 26.26 -21.45
C GLN C 231 27.47 26.76 -20.68
N GLY C 232 28.43 25.91 -20.40
CA GLY C 232 29.58 26.27 -19.54
C GLY C 232 29.38 25.86 -18.11
N LYS C 233 30.44 25.84 -17.34
CA LYS C 233 30.42 25.48 -15.90
C LYS C 233 30.32 26.79 -15.14
N ALA C 234 29.47 26.84 -14.11
CA ALA C 234 29.35 28.03 -13.26
C ALA C 234 28.79 27.62 -11.92
N SER C 235 29.20 28.36 -10.92
CA SER C 235 28.82 28.17 -9.51
C SER C 235 28.22 29.45 -8.98
N LEU C 236 27.50 29.35 -7.88
CA LEU C 236 27.19 30.44 -6.96
C LEU C 236 28.38 30.59 -6.02
N VAL C 237 28.44 31.71 -5.29
CA VAL C 237 29.22 31.77 -4.03
C VAL C 237 28.30 31.44 -2.86
N TRP C 238 28.90 30.93 -1.81
CA TRP C 238 28.13 30.38 -0.68
C TRP C 238 27.18 31.41 -0.07
N GLU C 239 27.70 32.61 0.16
N GLU C 239 27.63 32.61 0.29
CA GLU C 239 26.95 33.65 0.91
CA GLU C 239 26.71 33.61 0.90
C GLU C 239 25.79 34.16 0.05
C GLU C 239 25.50 33.79 -0.01
N GLU C 240 25.80 33.91 -1.29
CA GLU C 240 24.73 34.15 -2.27
C GLU C 240 23.77 32.95 -2.25
N ALA C 241 24.31 31.72 -2.28
CA ALA C 241 23.49 30.51 -2.20
C ALA C 241 22.59 30.54 -0.98
N GLN C 242 23.10 30.93 0.18
CA GLN C 242 22.28 30.95 1.41
C GLN C 242 21.12 31.95 1.30
N VAL C 243 21.35 33.12 0.69
CA VAL C 243 20.26 34.10 0.53
C VAL C 243 19.26 33.55 -0.49
N LEU C 244 19.78 32.99 -1.57
CA LEU C 244 18.92 32.51 -2.64
C LEU C 244 18.03 31.38 -2.11
N SER C 245 18.53 30.55 -1.19
N SER C 245 18.50 30.57 -1.15
CA SER C 245 17.72 29.49 -0.58
CA SER C 245 17.73 29.45 -0.57
C SER C 245 16.43 30.07 0.03
C SER C 245 16.51 29.97 0.26
N GLY C 246 16.51 31.25 0.62
CA GLY C 246 15.36 31.86 1.31
C GLY C 246 14.51 32.68 0.32
N LYS C 247 15.14 33.44 -0.58
CA LYS C 247 14.43 34.35 -1.52
C LYS C 247 13.80 33.52 -2.66
N ASN C 248 14.41 32.40 -3.04
CA ASN C 248 13.85 31.57 -4.17
C ASN C 248 14.33 30.12 -4.03
N ALA C 249 13.66 29.35 -3.19
CA ALA C 249 13.91 27.91 -3.01
C ALA C 249 13.81 27.17 -4.35
N ASP C 250 13.06 27.74 -5.32
CA ASP C 250 12.77 27.11 -6.61
C ASP C 250 13.73 27.56 -7.70
N PHE C 251 14.89 28.14 -7.34
CA PHE C 251 15.72 28.86 -8.35
C PHE C 251 16.15 27.95 -9.51
N HIS C 252 16.62 26.75 -9.21
CA HIS C 252 17.13 25.88 -10.29
C HIS C 252 15.96 25.39 -11.16
N ARG C 253 14.86 24.99 -10.55
CA ARG C 253 13.72 24.49 -11.35
C ARG C 253 13.14 25.64 -12.18
N GLN C 254 13.12 26.85 -11.66
CA GLN C 254 12.61 27.99 -12.42
C GLN C 254 13.58 28.31 -13.56
N ASP C 255 14.89 28.30 -13.32
CA ASP C 255 15.91 28.57 -14.36
C ASP C 255 15.73 27.60 -15.53
N LEU C 256 15.49 26.32 -15.24
CA LEU C 256 15.37 25.28 -16.27
C LEU C 256 14.08 25.51 -17.05
N TRP C 257 12.98 25.65 -16.35
N TRP C 257 12.98 25.65 -16.35
CA TRP C 257 11.66 25.86 -16.97
CA TRP C 257 11.64 25.87 -16.95
C TRP C 257 11.73 27.07 -17.92
C TRP C 257 11.71 27.06 -17.90
N ASP C 258 12.29 28.16 -17.42
CA ASP C 258 12.33 29.43 -18.18
C ASP C 258 13.20 29.28 -19.42
N ALA C 259 14.34 28.60 -19.30
CA ALA C 259 15.28 28.39 -20.43
C ALA C 259 14.53 27.63 -21.51
N ILE C 260 13.74 26.62 -21.14
CA ILE C 260 12.98 25.84 -22.14
C ILE C 260 11.90 26.70 -22.77
N GLU C 261 11.15 27.48 -21.98
N GLU C 261 11.13 27.45 -21.97
CA GLU C 261 10.03 28.28 -22.54
CA GLU C 261 10.03 28.27 -22.52
C GLU C 261 10.55 29.40 -23.45
C GLU C 261 10.60 29.29 -23.51
N SER C 262 11.79 29.85 -23.25
CA SER C 262 12.39 30.94 -24.08
C SER C 262 13.03 30.40 -25.35
N GLY C 263 13.03 29.08 -25.58
CA GLY C 263 13.69 28.49 -26.75
C GLY C 263 15.19 28.36 -26.56
N ASN C 264 15.64 28.34 -25.32
CA ASN C 264 17.06 28.18 -24.91
C ASN C 264 17.22 26.85 -24.16
N GLY C 265 16.66 25.81 -24.72
CA GLY C 265 16.70 24.47 -24.07
C GLY C 265 18.16 24.02 -23.93
N PRO C 266 18.56 23.57 -22.72
CA PRO C 266 19.96 23.29 -22.45
C PRO C 266 20.44 22.06 -23.23
N GLU C 267 21.72 22.06 -23.51
CA GLU C 267 22.40 21.00 -24.30
C GLU C 267 23.65 20.47 -23.60
N TRP C 268 23.91 19.19 -23.83
CA TRP C 268 25.12 18.49 -23.38
C TRP C 268 25.63 17.63 -24.53
N ASP C 269 26.95 17.60 -24.67
CA ASP C 269 27.60 16.51 -25.43
C ASP C 269 27.65 15.28 -24.51
N VAL C 270 27.02 14.22 -24.97
CA VAL C 270 27.10 12.90 -24.30
C VAL C 270 28.41 12.25 -24.73
N CYS C 271 29.33 12.06 -23.81
CA CYS C 271 30.70 11.59 -24.11
C CYS C 271 30.99 10.35 -23.29
N VAL C 272 31.99 9.60 -23.74
CA VAL C 272 32.58 8.52 -22.93
C VAL C 272 34.09 8.63 -22.96
N GLN C 273 34.70 8.15 -21.90
CA GLN C 273 36.09 7.63 -21.90
C GLN C 273 35.98 6.14 -22.18
N ILE C 274 36.83 5.65 -23.07
N ILE C 274 36.82 5.60 -23.04
CA ILE C 274 36.84 4.24 -23.54
CA ILE C 274 36.71 4.16 -23.43
C ILE C 274 38.23 3.71 -23.26
C ILE C 274 38.11 3.54 -23.44
N VAL C 275 38.32 2.63 -22.48
CA VAL C 275 39.60 1.93 -22.30
C VAL C 275 39.42 0.44 -22.38
N ASP C 276 40.53 -0.25 -22.60
CA ASP C 276 40.51 -1.71 -22.69
C ASP C 276 40.26 -2.38 -21.35
N GLU C 277 39.70 -3.58 -21.39
CA GLU C 277 39.56 -4.45 -20.20
C GLU C 277 40.91 -4.61 -19.51
N SER C 278 42.00 -4.68 -20.28
CA SER C 278 43.36 -4.88 -19.73
C SER C 278 43.83 -3.68 -18.89
N GLN C 279 43.15 -2.53 -18.95
N GLN C 279 43.17 -2.51 -18.97
CA GLN C 279 43.59 -1.32 -18.24
CA GLN C 279 43.56 -1.26 -18.28
C GLN C 279 42.78 -1.10 -16.95
C GLN C 279 42.87 -1.12 -16.89
N ALA C 280 42.17 -2.15 -16.42
CA ALA C 280 41.40 -2.08 -15.16
C ALA C 280 42.25 -1.58 -14.00
N GLN C 281 43.56 -1.90 -13.95
CA GLN C 281 44.46 -1.54 -12.84
C GLN C 281 45.65 -0.73 -13.43
N ALA C 282 45.59 -0.30 -14.69
CA ALA C 282 46.73 0.31 -15.41
C ALA C 282 46.95 1.79 -15.06
N PHE C 283 45.97 2.50 -14.49
CA PHE C 283 46.06 3.97 -14.26
C PHE C 283 46.51 4.30 -12.82
N GLY C 284 46.87 3.33 -11.97
CA GLY C 284 47.30 3.64 -10.59
C GLY C 284 46.17 3.51 -9.57
N PHE C 285 45.01 3.07 -10.02
CA PHE C 285 43.83 2.80 -9.16
C PHE C 285 43.00 1.75 -9.92
N ASP C 286 41.93 1.27 -9.30
CA ASP C 286 41.09 0.19 -9.86
C ASP C 286 39.87 0.83 -10.51
N LEU C 287 39.57 0.48 -11.75
CA LEU C 287 38.38 1.04 -12.45
C LEU C 287 37.10 0.52 -11.80
N LEU C 288 37.13 -0.47 -10.93
CA LEU C 288 35.89 -0.89 -10.21
C LEU C 288 35.59 0.04 -9.03
N ASP C 289 36.46 1.00 -8.75
CA ASP C 289 36.38 1.82 -7.52
C ASP C 289 35.70 3.14 -7.85
N PRO C 290 34.45 3.35 -7.35
CA PRO C 290 33.67 4.55 -7.71
C PRO C 290 34.11 5.86 -7.04
N THR C 291 35.20 5.83 -6.26
CA THR C 291 35.81 7.05 -5.65
C THR C 291 36.91 7.62 -6.53
N LYS C 292 37.10 7.05 -7.71
CA LYS C 292 38.22 7.43 -8.60
C LYS C 292 37.71 7.96 -9.94
N ILE C 293 38.38 8.97 -10.49
CA ILE C 293 38.23 9.37 -11.91
C ILE C 293 39.38 8.82 -12.73
N ILE C 294 39.14 8.64 -14.01
CA ILE C 294 40.24 8.49 -14.97
C ILE C 294 40.61 9.90 -15.40
N PRO C 295 41.80 10.39 -15.02
CA PRO C 295 42.23 11.68 -15.53
C PRO C 295 42.12 11.69 -17.06
N GLU C 296 41.67 12.82 -17.62
CA GLU C 296 41.47 12.96 -19.07
C GLU C 296 42.84 12.92 -19.78
N GLU C 297 43.91 13.15 -19.06
CA GLU C 297 45.26 13.09 -19.69
C GLU C 297 45.54 11.63 -20.05
N TYR C 298 44.89 10.66 -19.41
CA TYR C 298 45.12 9.22 -19.68
C TYR C 298 44.11 8.61 -20.65
N ALA C 299 42.94 9.21 -20.80
CA ALA C 299 41.84 8.69 -21.62
C ALA C 299 40.98 9.87 -22.01
N PRO C 300 41.07 10.32 -23.27
CA PRO C 300 40.31 11.49 -23.68
C PRO C 300 38.84 11.16 -23.89
N LEU C 301 38.03 12.19 -23.97
CA LEU C 301 36.57 12.03 -24.20
C LEU C 301 36.29 11.83 -25.69
N THR C 302 35.40 10.91 -25.99
CA THR C 302 34.77 10.71 -27.33
C THR C 302 33.34 11.25 -27.26
N LYS C 303 32.99 12.18 -28.12
CA LYS C 303 31.60 12.74 -28.19
C LYS C 303 30.72 11.75 -28.93
N LEU C 304 29.68 11.22 -28.28
CA LEU C 304 28.77 10.25 -28.93
C LEU C 304 27.56 10.93 -29.56
N GLY C 305 27.02 12.00 -28.99
CA GLY C 305 25.83 12.65 -29.50
C GLY C 305 25.40 13.82 -28.65
N LEU C 306 24.28 14.43 -29.04
CA LEU C 306 23.79 15.65 -28.40
C LEU C 306 22.55 15.31 -27.59
N LEU C 307 22.52 15.80 -26.35
CA LEU C 307 21.31 15.77 -25.51
C LEU C 307 20.79 17.20 -25.45
N LYS C 308 19.51 17.41 -25.80
CA LYS C 308 18.86 18.73 -25.70
C LYS C 308 17.53 18.57 -24.98
N LEU C 309 17.34 19.38 -23.96
CA LEU C 309 16.05 19.43 -23.28
C LEU C 309 15.27 20.62 -23.83
N ASP C 310 14.08 20.39 -24.34
CA ASP C 310 13.35 21.49 -25.00
C ASP C 310 11.84 21.39 -24.79
N ARG C 311 11.33 20.61 -23.85
CA ARG C 311 9.88 20.60 -23.57
C ARG C 311 9.68 20.41 -22.08
N ASN C 312 8.97 21.31 -21.47
CA ASN C 312 8.58 21.18 -20.05
C ASN C 312 7.44 20.19 -19.91
N PRO C 313 7.29 19.59 -18.70
CA PRO C 313 6.15 18.72 -18.45
C PRO C 313 4.84 19.49 -18.53
N THR C 314 3.75 18.71 -18.67
CA THR C 314 2.36 19.20 -18.58
C THR C 314 1.88 19.12 -17.12
N ASN C 315 2.12 17.99 -16.47
CA ASN C 315 1.74 17.80 -15.06
C ASN C 315 3.00 17.32 -14.34
N TYR C 316 3.49 18.13 -13.42
CA TYR C 316 4.69 17.83 -12.62
C TYR C 316 4.57 16.51 -11.88
N PHE C 317 3.44 16.32 -11.19
CA PHE C 317 3.33 15.11 -10.37
C PHE C 317 3.38 13.89 -11.31
N ALA C 318 2.60 13.92 -12.37
CA ALA C 318 2.43 12.71 -13.20
C ALA C 318 3.73 12.34 -13.92
N GLU C 319 4.51 13.36 -14.29
CA GLU C 319 5.72 13.18 -15.12
C GLU C 319 6.97 13.22 -14.24
N THR C 320 7.29 14.36 -13.63
CA THR C 320 8.50 14.50 -12.79
C THR C 320 8.39 13.71 -11.49
N GLU C 321 7.34 13.87 -10.71
CA GLU C 321 7.33 13.15 -9.40
C GLU C 321 7.32 11.64 -9.66
N GLN C 322 6.58 11.15 -10.67
CA GLN C 322 6.39 9.68 -10.83
C GLN C 322 7.51 9.05 -11.68
N VAL C 323 8.46 9.79 -12.29
CA VAL C 323 9.46 9.08 -13.12
C VAL C 323 10.32 8.19 -12.21
N MET C 324 10.49 6.93 -12.59
CA MET C 324 11.14 5.95 -11.73
C MET C 324 12.34 5.34 -12.46
N PHE C 325 13.49 5.95 -12.27
CA PHE C 325 14.74 5.56 -12.96
C PHE C 325 15.31 4.30 -12.34
N GLN C 326 16.06 3.58 -13.15
CA GLN C 326 16.75 2.35 -12.67
C GLN C 326 18.00 2.12 -13.50
N PRO C 327 19.15 1.85 -12.87
CA PRO C 327 20.29 1.34 -13.63
C PRO C 327 20.04 -0.07 -14.20
N GLY C 328 19.02 -0.76 -13.72
CA GLY C 328 18.57 -2.02 -14.29
C GLY C 328 17.89 -1.83 -15.65
N HIS C 329 17.51 -0.61 -15.98
CA HIS C 329 16.99 -0.28 -17.33
C HIS C 329 18.19 -0.18 -18.26
N ILE C 330 18.63 -1.32 -18.74
CA ILE C 330 19.84 -1.46 -19.57
C ILE C 330 19.39 -2.02 -20.93
N VAL C 331 20.20 -1.78 -21.96
CA VAL C 331 19.87 -2.26 -23.32
C VAL C 331 21.05 -3.06 -23.85
N ARG C 332 20.77 -3.92 -24.82
CA ARG C 332 21.82 -4.65 -25.59
C ARG C 332 22.91 -3.68 -26.01
N GLY C 333 24.15 -4.02 -25.73
CA GLY C 333 25.28 -3.17 -26.10
C GLY C 333 25.91 -2.50 -24.92
N ILE C 334 25.26 -2.58 -23.76
CA ILE C 334 25.80 -2.02 -22.49
C ILE C 334 25.84 -3.15 -21.46
N ASP C 335 26.80 -3.18 -20.58
CA ASP C 335 26.79 -4.11 -19.44
C ASP C 335 27.39 -3.44 -18.21
N PHE C 336 27.18 -4.15 -17.12
CA PHE C 336 27.64 -3.74 -15.79
C PHE C 336 29.13 -4.06 -15.63
N THR C 337 29.73 -3.53 -14.57
CA THR C 337 30.97 -4.02 -14.00
C THR C 337 30.74 -4.41 -12.54
N GLU C 338 31.79 -5.01 -12.03
CA GLU C 338 31.84 -5.51 -10.64
C GLU C 338 32.18 -4.40 -9.64
N ASP C 339 31.86 -3.14 -9.94
CA ASP C 339 31.93 -2.03 -8.97
C ASP C 339 30.91 -2.33 -7.88
N PRO C 340 31.31 -2.56 -6.63
CA PRO C 340 30.38 -3.03 -5.60
C PRO C 340 29.32 -1.99 -5.22
N LEU C 341 29.53 -0.74 -5.61
CA LEU C 341 28.50 0.31 -5.43
C LEU C 341 27.42 0.16 -6.51
N LEU C 342 27.83 0.03 -7.76
CA LEU C 342 26.88 -0.23 -8.87
C LEU C 342 26.09 -1.51 -8.65
N GLN C 343 26.79 -2.56 -8.20
CA GLN C 343 26.17 -3.90 -8.10
C GLN C 343 24.94 -3.79 -7.19
N GLY C 344 25.05 -3.12 -6.06
CA GLY C 344 23.90 -3.07 -5.14
C GLY C 344 22.83 -2.07 -5.56
N ARG C 345 23.19 -1.03 -6.32
CA ARG C 345 22.19 -0.11 -6.88
C ARG C 345 21.19 -0.92 -7.70
N LEU C 346 21.65 -1.98 -8.39
CA LEU C 346 20.74 -2.71 -9.30
C LEU C 346 19.57 -3.24 -8.51
N PHE C 347 19.80 -3.69 -7.31
CA PHE C 347 18.69 -4.15 -6.42
C PHE C 347 17.79 -3.00 -5.97
N SER C 348 18.42 -1.94 -5.47
N SER C 348 18.40 -1.91 -5.48
CA SER C 348 17.72 -0.83 -4.77
CA SER C 348 17.64 -0.85 -4.74
C SER C 348 16.64 -0.22 -5.65
C SER C 348 16.62 -0.18 -5.63
N TYR C 349 16.98 0.13 -6.87
CA TYR C 349 16.08 0.93 -7.73
C TYR C 349 14.87 0.11 -8.20
N LEU C 350 14.95 -1.20 -8.25
CA LEU C 350 13.74 -1.98 -8.60
C LEU C 350 12.85 -2.04 -7.37
N ASP C 351 13.45 -2.32 -6.21
CA ASP C 351 12.68 -2.46 -4.95
C ASP C 351 12.02 -1.15 -4.52
N THR C 352 12.72 -0.02 -4.62
CA THR C 352 12.20 1.24 -4.03
C THR C 352 10.94 1.71 -4.76
N GLN C 353 10.77 1.35 -6.02
CA GLN C 353 9.56 1.80 -6.70
C GLN C 353 8.31 1.16 -6.13
N LEU C 354 8.42 0.02 -5.45
CA LEU C 354 7.25 -0.55 -4.74
C LEU C 354 6.78 0.39 -3.64
N ASN C 355 7.75 1.00 -2.97
CA ASN C 355 7.43 1.97 -1.89
C ASN C 355 6.76 3.18 -2.53
N ARG C 356 7.33 3.72 -3.59
CA ARG C 356 6.79 4.98 -4.16
C ARG C 356 5.43 4.77 -4.80
N ASN C 357 5.27 3.71 -5.59
CA ASN C 357 4.03 3.49 -6.36
C ASN C 357 2.98 2.75 -5.55
N GLY C 358 3.39 2.03 -4.51
CA GLY C 358 2.48 1.24 -3.68
C GLY C 358 2.07 -0.06 -4.33
N GLY C 359 2.67 -0.45 -5.44
CA GLY C 359 2.29 -1.67 -6.14
C GLY C 359 3.24 -1.90 -7.29
N PRO C 360 3.15 -3.07 -7.92
CA PRO C 360 4.20 -3.58 -8.79
C PRO C 360 4.10 -3.16 -10.26
N ASN C 361 3.10 -2.38 -10.63
CA ASN C 361 2.84 -2.02 -12.05
C ASN C 361 3.35 -0.62 -12.36
N PHE C 362 4.36 -0.13 -11.66
CA PHE C 362 4.92 1.22 -11.87
C PHE C 362 5.48 1.43 -13.29
N GLU C 363 5.92 0.40 -14.00
CA GLU C 363 6.41 0.59 -15.38
C GLU C 363 5.23 0.94 -16.31
N GLN C 364 3.97 0.81 -15.88
CA GLN C 364 2.80 1.17 -16.73
C GLN C 364 2.44 2.65 -16.60
N LEU C 365 3.02 3.38 -15.67
CA LEU C 365 2.78 4.84 -15.62
C LEU C 365 3.27 5.43 -16.94
N PRO C 366 2.54 6.41 -17.50
CA PRO C 366 2.92 6.92 -18.84
C PRO C 366 4.40 7.29 -18.95
N ILE C 367 4.93 8.03 -17.95
CA ILE C 367 6.34 8.49 -18.00
C ILE C 367 7.33 7.31 -18.00
N ASN C 368 6.94 6.17 -17.42
CA ASN C 368 7.81 4.98 -17.35
C ASN C 368 7.59 3.99 -18.51
N MET C 369 6.51 4.13 -19.27
N MET C 369 6.52 4.16 -19.29
CA MET C 369 6.29 3.20 -20.38
CA MET C 369 6.25 3.23 -20.41
C MET C 369 7.44 3.30 -21.39
C MET C 369 7.35 3.33 -21.46
N PRO C 370 7.70 2.20 -22.09
CA PRO C 370 8.58 2.22 -23.26
C PRO C 370 7.80 2.66 -24.51
N ARG C 371 8.54 2.94 -25.58
N ARG C 371 8.54 2.86 -25.59
CA ARG C 371 7.98 3.33 -26.89
CA ARG C 371 7.99 3.35 -26.88
C ARG C 371 8.22 2.19 -27.89
C ARG C 371 7.89 2.18 -27.87
N VAL C 372 8.12 0.96 -27.42
CA VAL C 372 8.09 -0.27 -28.25
C VAL C 372 7.20 -1.26 -27.53
N PRO C 373 6.74 -2.30 -28.22
CA PRO C 373 5.87 -3.30 -27.62
C PRO C 373 6.51 -4.06 -26.48
N ILE C 374 5.63 -4.49 -25.58
CA ILE C 374 6.01 -5.33 -24.43
C ILE C 374 5.45 -6.72 -24.65
N HIS C 375 6.31 -7.72 -24.61
CA HIS C 375 5.91 -9.14 -24.73
C HIS C 375 6.48 -9.95 -23.58
N ASN C 376 5.70 -10.14 -22.52
CA ASN C 376 6.19 -11.02 -21.45
C ASN C 376 5.02 -11.60 -20.66
N ASN C 377 5.41 -12.45 -19.71
CA ASN C 377 4.43 -13.24 -18.93
C ASN C 377 4.26 -12.68 -17.52
N ASN C 378 4.66 -11.45 -17.30
CA ASN C 378 4.30 -10.73 -16.06
C ASN C 378 2.80 -10.49 -16.04
N ARG C 379 2.16 -10.70 -14.89
CA ARG C 379 0.68 -10.64 -14.82
C ARG C 379 0.18 -10.07 -13.49
N ASP C 380 -1.03 -9.56 -13.55
CA ASP C 380 -1.79 -9.25 -12.31
C ASP C 380 -1.04 -8.16 -11.54
N GLY C 381 -1.14 -8.19 -10.22
CA GLY C 381 -0.62 -7.09 -9.39
C GLY C 381 -1.61 -5.95 -9.25
N ALA C 382 -1.57 -5.23 -8.14
CA ALA C 382 -2.42 -4.05 -7.93
C ALA C 382 -2.20 -3.08 -9.10
N GLY C 383 -3.26 -2.46 -9.55
CA GLY C 383 -3.14 -1.39 -10.56
C GLY C 383 -2.86 -1.92 -11.95
N GLN C 384 -3.09 -3.19 -12.24
CA GLN C 384 -2.82 -3.77 -13.56
C GLN C 384 -3.70 -3.08 -14.60
N MET C 385 -3.09 -2.39 -15.55
N MET C 385 -3.03 -2.43 -15.54
CA MET C 385 -3.88 -1.70 -16.63
CA MET C 385 -3.64 -1.61 -16.62
C MET C 385 -4.06 -2.61 -17.86
C MET C 385 -3.82 -2.39 -17.92
N PHE C 386 -3.14 -3.53 -18.12
CA PHE C 386 -3.16 -4.27 -19.41
C PHE C 386 -4.26 -5.31 -19.35
N ILE C 387 -4.82 -5.63 -20.52
CA ILE C 387 -5.75 -6.78 -20.68
C ILE C 387 -5.03 -7.78 -21.56
N HIS C 388 -4.36 -8.75 -20.96
CA HIS C 388 -3.49 -9.66 -21.71
C HIS C 388 -4.33 -10.69 -22.46
N ARG C 389 -4.07 -10.85 -23.74
N ARG C 389 -4.11 -10.82 -23.76
CA ARG C 389 -4.81 -11.82 -24.60
CA ARG C 389 -4.84 -11.84 -24.59
C ARG C 389 -4.21 -13.21 -24.57
C ARG C 389 -4.27 -13.24 -24.35
N ASN C 390 -2.97 -13.36 -24.13
CA ASN C 390 -2.31 -14.68 -24.07
C ASN C 390 -2.70 -15.38 -22.78
N LYS C 391 -3.54 -16.40 -22.86
N LYS C 391 -3.52 -16.42 -22.94
CA LYS C 391 -4.01 -17.10 -21.64
CA LYS C 391 -4.10 -17.29 -21.87
C LYS C 391 -3.08 -18.27 -21.30
C LYS C 391 -3.06 -18.25 -21.28
N TYR C 392 -1.90 -18.39 -21.92
CA TYR C 392 -0.89 -19.39 -21.51
C TYR C 392 0.44 -18.73 -21.17
N PRO C 393 0.50 -17.81 -20.17
CA PRO C 393 1.71 -17.05 -19.87
C PRO C 393 2.71 -17.85 -19.04
N TYR C 394 3.24 -18.91 -19.68
CA TYR C 394 4.36 -19.70 -19.13
C TYR C 394 5.22 -20.14 -20.30
N THR C 395 6.47 -20.36 -19.97
CA THR C 395 7.51 -20.88 -20.88
C THR C 395 8.07 -22.08 -20.18
N PRO C 396 8.29 -23.24 -20.84
CA PRO C 396 7.88 -23.49 -22.22
C PRO C 396 6.41 -23.86 -22.37
N ASN C 397 5.83 -23.39 -23.46
CA ASN C 397 4.43 -23.74 -23.79
C ASN C 397 4.35 -24.23 -25.22
N THR C 398 3.35 -25.05 -25.49
CA THR C 398 2.85 -25.27 -26.87
C THR C 398 1.53 -24.54 -27.08
N LEU C 399 0.75 -24.25 -26.04
CA LEU C 399 -0.63 -23.73 -26.24
C LEU C 399 -0.62 -22.28 -26.69
N ASN C 400 0.51 -21.57 -26.57
CA ASN C 400 0.68 -20.25 -27.24
C ASN C 400 1.79 -20.35 -28.30
N SER C 401 2.04 -21.57 -28.84
CA SER C 401 2.99 -21.81 -29.94
C SER C 401 4.42 -21.40 -29.58
N GLY C 402 4.80 -21.45 -28.30
CA GLY C 402 6.16 -21.11 -27.85
C GLY C 402 6.46 -19.61 -27.85
N TYR C 403 5.43 -18.78 -27.86
CA TYR C 403 5.59 -17.30 -27.74
C TYR C 403 5.21 -16.85 -26.34
N PRO C 404 5.86 -15.79 -25.82
CA PRO C 404 6.98 -15.08 -26.44
C PRO C 404 8.25 -15.93 -26.56
N ARG C 405 9.06 -15.68 -27.59
N ARG C 405 9.06 -15.65 -27.58
CA ARG C 405 10.32 -16.43 -27.84
CA ARG C 405 10.34 -16.35 -27.83
C ARG C 405 11.46 -15.82 -26.99
C ARG C 405 11.46 -15.80 -26.93
N GLN C 406 12.39 -16.64 -26.52
CA GLN C 406 13.55 -16.20 -25.72
C GLN C 406 14.47 -15.33 -26.58
N ALA C 407 14.92 -14.19 -26.08
CA ALA C 407 15.88 -13.34 -26.82
C ALA C 407 17.22 -13.43 -26.11
N ASN C 408 18.31 -13.43 -26.89
CA ASN C 408 19.67 -13.66 -26.34
C ASN C 408 20.69 -13.10 -27.35
N GLN C 409 21.96 -13.41 -27.16
CA GLN C 409 23.03 -12.86 -28.03
C GLN C 409 22.72 -13.23 -29.49
N ASN C 410 22.19 -14.42 -29.73
CA ASN C 410 22.10 -14.92 -31.13
C ASN C 410 20.72 -14.78 -31.74
N ALA C 411 19.70 -14.35 -30.98
CA ALA C 411 18.34 -14.27 -31.53
C ALA C 411 17.54 -13.18 -30.83
N GLY C 412 16.74 -12.47 -31.59
CA GLY C 412 15.80 -11.49 -31.05
C GLY C 412 16.43 -10.24 -30.43
N ARG C 413 17.70 -9.94 -30.74
N ARG C 413 17.71 -9.95 -30.69
CA ARG C 413 18.39 -8.75 -30.20
CA ARG C 413 18.37 -8.72 -30.18
C ARG C 413 18.26 -8.77 -28.67
C ARG C 413 18.33 -8.76 -28.64
N GLY C 414 18.44 -9.94 -28.04
CA GLY C 414 18.39 -10.01 -26.57
C GLY C 414 19.55 -9.25 -25.94
N PHE C 415 19.33 -8.72 -24.76
CA PHE C 415 20.43 -8.33 -23.87
C PHE C 415 21.30 -9.57 -23.62
N PHE C 416 22.61 -9.38 -23.50
CA PHE C 416 23.48 -10.51 -23.06
C PHE C 416 24.60 -9.92 -22.21
N THR C 417 24.93 -10.64 -21.14
CA THR C 417 26.09 -10.32 -20.28
C THR C 417 27.37 -10.43 -21.14
N ALA C 418 28.28 -9.49 -21.02
CA ALA C 418 29.53 -9.52 -21.82
C ALA C 418 30.17 -10.91 -21.66
N PRO C 419 30.31 -11.71 -22.73
CA PRO C 419 30.69 -13.11 -22.54
C PRO C 419 32.14 -13.36 -22.12
N GLY C 420 33.00 -12.36 -22.14
CA GLY C 420 34.36 -12.43 -21.56
C GLY C 420 34.41 -12.32 -20.04
N ARG C 421 33.28 -12.01 -19.39
CA ARG C 421 33.32 -11.75 -17.93
C ARG C 421 33.43 -13.06 -17.18
N THR C 422 34.20 -13.06 -16.11
CA THR C 422 34.43 -14.25 -15.27
C THR C 422 34.40 -13.86 -13.81
N ALA C 423 34.31 -14.84 -12.94
CA ALA C 423 34.58 -14.64 -11.52
C ALA C 423 35.50 -15.76 -11.06
N SER C 424 36.29 -15.48 -10.06
CA SER C 424 37.19 -16.51 -9.51
C SER C 424 37.47 -16.18 -8.06
N GLY C 425 37.42 -17.18 -7.21
CA GLY C 425 37.97 -17.07 -5.85
C GLY C 425 36.93 -17.43 -4.82
N ALA C 426 37.24 -17.13 -3.57
CA ALA C 426 36.39 -17.43 -2.41
C ALA C 426 35.18 -16.49 -2.46
N LEU C 427 34.09 -16.93 -1.87
CA LEU C 427 32.90 -16.08 -1.64
C LEU C 427 33.20 -15.27 -0.39
N VAL C 428 33.39 -13.95 -0.51
CA VAL C 428 34.04 -13.12 0.52
C VAL C 428 33.22 -11.85 0.76
N ARG C 429 33.19 -11.42 2.01
CA ARG C 429 32.78 -10.07 2.42
C ARG C 429 34.05 -9.30 2.77
N GLU C 430 34.92 -9.09 1.78
N GLU C 430 34.95 -9.11 1.82
CA GLU C 430 36.26 -8.47 1.90
CA GLU C 430 36.21 -8.36 2.04
C GLU C 430 36.39 -7.33 0.88
C GLU C 430 36.36 -7.33 0.94
N VAL C 431 37.01 -6.21 1.30
CA VAL C 431 37.31 -5.08 0.39
C VAL C 431 38.61 -5.37 -0.36
N SER C 432 38.62 -5.15 -1.66
CA SER C 432 39.86 -5.27 -2.46
C SER C 432 40.90 -4.29 -1.94
N PRO C 433 42.16 -4.71 -1.67
CA PRO C 433 43.19 -3.77 -1.28
C PRO C 433 43.48 -2.74 -2.38
N THR C 434 43.08 -2.99 -3.63
CA THR C 434 43.23 -2.01 -4.72
C THR C 434 42.38 -0.76 -4.49
N PHE C 435 41.46 -0.82 -3.51
CA PHE C 435 40.55 0.32 -3.24
C PHE C 435 41.10 1.24 -2.13
N ASN C 436 42.28 0.93 -1.57
CA ASN C 436 42.68 1.47 -0.25
C ASN C 436 43.22 2.91 -0.31
N ASP C 437 43.58 3.47 -1.44
CA ASP C 437 44.10 4.86 -1.45
C ASP C 437 42.92 5.84 -1.51
N HIS C 438 42.58 6.40 -0.37
CA HIS C 438 41.43 7.32 -0.23
C HIS C 438 41.81 8.77 -0.39
N TRP C 439 43.13 9.08 -0.55
CA TRP C 439 43.59 10.48 -0.38
C TRP C 439 44.28 11.10 -1.59
N SER C 440 44.91 10.31 -2.45
N SER C 440 44.88 10.32 -2.48
CA SER C 440 45.70 10.85 -3.57
CA SER C 440 45.72 10.86 -3.57
C SER C 440 44.77 11.62 -4.51
C SER C 440 44.84 11.57 -4.61
N GLN C 441 43.64 11.03 -4.89
CA GLN C 441 42.73 11.71 -5.86
C GLN C 441 42.08 12.97 -5.28
N PRO C 442 41.62 12.98 -4.01
CA PRO C 442 41.21 14.24 -3.40
C PRO C 442 42.29 15.33 -3.56
N ARG C 443 43.55 14.92 -3.38
CA ARG C 443 44.66 15.90 -3.50
C ARG C 443 44.84 16.30 -4.97
N LEU C 444 44.70 15.39 -5.93
CA LEU C 444 44.73 15.71 -7.36
C LEU C 444 43.64 16.75 -7.67
N PHE C 445 42.44 16.51 -7.17
CA PHE C 445 41.30 17.45 -7.39
C PHE C 445 41.67 18.82 -6.81
N PHE C 446 42.07 18.85 -5.56
CA PHE C 446 42.39 20.14 -4.87
C PHE C 446 43.48 20.90 -5.63
N ASN C 447 44.50 20.18 -6.05
CA ASN C 447 45.67 20.79 -6.79
C ASN C 447 45.20 21.43 -8.10
N SER C 448 44.11 20.94 -8.69
CA SER C 448 43.59 21.33 -10.01
C SER C 448 42.73 22.61 -9.91
N LEU C 449 42.41 23.08 -8.71
CA LEU C 449 41.60 24.30 -8.53
C LEU C 449 42.53 25.52 -8.53
N THR C 450 41.98 26.65 -8.90
CA THR C 450 42.74 27.93 -8.89
C THR C 450 42.89 28.38 -7.46
N PRO C 451 43.77 29.35 -7.18
CA PRO C 451 43.97 29.78 -5.80
C PRO C 451 42.68 30.28 -5.13
N VAL C 452 41.90 31.12 -5.81
CA VAL C 452 40.62 31.59 -5.20
C VAL C 452 39.66 30.41 -4.99
N GLU C 453 39.63 29.47 -5.92
CA GLU C 453 38.79 28.28 -5.83
C GLU C 453 39.20 27.39 -4.64
N GLN C 454 40.51 27.28 -4.41
CA GLN C 454 41.01 26.56 -3.23
C GLN C 454 40.52 27.28 -1.97
N GLN C 455 40.58 28.62 -1.95
CA GLN C 455 40.08 29.40 -0.80
C GLN C 455 38.58 29.13 -0.56
N PHE C 456 37.77 29.13 -1.62
CA PHE C 456 36.32 28.90 -1.46
C PHE C 456 36.12 27.55 -0.79
N LEU C 457 36.88 26.54 -1.21
CA LEU C 457 36.72 25.16 -0.71
C LEU C 457 37.12 25.12 0.75
N VAL C 458 38.28 25.73 1.06
CA VAL C 458 38.71 25.86 2.48
C VAL C 458 37.59 26.54 3.25
N ASN C 459 37.02 27.61 2.69
CA ASN C 459 35.99 28.42 3.40
C ASN C 459 34.70 27.64 3.60
N ALA C 460 34.35 26.75 2.69
CA ALA C 460 33.14 25.92 2.87
C ALA C 460 33.40 24.93 4.02
N MET C 461 34.60 24.34 4.05
CA MET C 461 34.96 23.45 5.17
C MET C 461 35.04 24.20 6.50
N ARG C 462 35.59 25.42 6.53
CA ARG C 462 35.58 26.25 7.76
C ARG C 462 34.17 26.55 8.22
N PHE C 463 33.27 26.88 7.28
CA PHE C 463 31.85 27.13 7.60
C PHE C 463 31.27 25.88 8.29
N GLU C 464 31.29 24.75 7.57
CA GLU C 464 30.57 23.54 8.06
C GLU C 464 31.19 22.99 9.35
N ILE C 465 32.51 22.88 9.36
CA ILE C 465 33.18 22.21 10.49
C ILE C 465 33.05 23.07 11.74
N SER C 466 32.98 24.40 11.60
CA SER C 466 32.77 25.28 12.75
C SER C 466 31.40 25.04 13.41
N LEU C 467 30.46 24.39 12.71
CA LEU C 467 29.11 24.12 13.26
C LEU C 467 29.07 22.73 13.89
N VAL C 468 30.13 21.96 13.78
CA VAL C 468 30.22 20.64 14.46
C VAL C 468 30.48 20.87 15.96
N LYS C 469 29.61 20.37 16.82
N LYS C 469 29.65 20.33 16.83
CA LYS C 469 29.69 20.61 18.29
CA LYS C 469 29.70 20.64 18.30
C LYS C 469 30.86 19.80 18.89
C LYS C 469 30.71 19.74 19.01
N SER C 470 30.95 18.52 18.52
CA SER C 470 31.94 17.56 19.10
C SER C 470 33.38 17.99 18.77
N GLU C 471 34.16 18.37 19.79
N GLU C 471 34.19 18.21 19.82
CA GLU C 471 35.59 18.72 19.58
CA GLU C 471 35.66 18.38 19.71
C GLU C 471 36.33 17.50 19.01
C GLU C 471 36.31 17.14 19.10
N GLU C 472 35.97 16.29 19.40
N GLU C 472 35.95 15.97 19.60
CA GLU C 472 36.67 15.05 18.94
CA GLU C 472 36.48 14.70 19.05
C GLU C 472 36.30 14.72 17.49
C GLU C 472 36.29 14.75 17.52
N VAL C 473 35.05 14.94 17.07
CA VAL C 473 34.74 14.80 15.62
C VAL C 473 35.59 15.81 14.89
N LYS C 474 35.68 17.05 15.41
CA LYS C 474 36.46 18.08 14.67
C LYS C 474 37.93 17.68 14.55
N LYS C 475 38.51 17.14 15.62
N LYS C 475 38.51 17.16 15.63
CA LYS C 475 39.89 16.62 15.59
CA LYS C 475 39.89 16.60 15.61
C LYS C 475 40.00 15.50 14.54
C LYS C 475 40.00 15.52 14.54
N ASN C 476 39.04 14.60 14.50
CA ASN C 476 39.07 13.44 13.58
C ASN C 476 38.93 13.95 12.16
N VAL C 477 38.16 15.03 11.93
CA VAL C 477 38.07 15.62 10.57
C VAL C 477 39.44 16.17 10.18
N LEU C 478 40.10 16.90 11.07
CA LEU C 478 41.45 17.44 10.71
C LEU C 478 42.45 16.32 10.42
N THR C 479 42.40 15.21 11.14
CA THR C 479 43.25 14.01 10.88
C THR C 479 43.07 13.56 9.44
N GLN C 480 41.82 13.46 8.95
CA GLN C 480 41.59 12.96 7.58
C GLN C 480 41.96 14.02 6.57
N LEU C 481 41.54 15.28 6.78
CA LEU C 481 41.90 16.32 5.79
C LEU C 481 43.43 16.37 5.64
N ASN C 482 44.12 16.29 6.77
CA ASN C 482 45.60 16.37 6.78
C ASN C 482 46.23 15.29 5.90
N ARG C 483 45.60 14.14 5.71
CA ARG C 483 46.15 13.08 4.85
C ARG C 483 46.06 13.48 3.38
N VAL C 484 45.11 14.36 3.02
CA VAL C 484 44.99 14.93 1.65
C VAL C 484 45.97 16.08 1.48
N SER C 485 45.91 17.05 2.39
CA SER C 485 46.72 18.30 2.31
C SER C 485 46.97 18.84 3.72
N HIS C 486 48.23 18.99 4.11
CA HIS C 486 48.53 19.62 5.42
C HIS C 486 48.02 21.07 5.40
N ASP C 487 48.19 21.75 4.29
CA ASP C 487 47.79 23.17 4.13
C ASP C 487 46.28 23.30 4.33
N VAL C 488 45.50 22.40 3.74
CA VAL C 488 44.03 22.43 3.99
C VAL C 488 43.76 22.25 5.47
N ALA C 489 44.40 21.28 6.11
CA ALA C 489 44.13 21.02 7.53
C ALA C 489 44.48 22.27 8.35
N VAL C 490 45.61 22.91 8.04
CA VAL C 490 46.08 24.11 8.81
C VAL C 490 45.06 25.24 8.65
N ARG C 491 44.58 25.46 7.45
CA ARG C 491 43.74 26.63 7.13
C ARG C 491 42.37 26.39 7.74
N VAL C 492 41.87 25.15 7.67
CA VAL C 492 40.58 24.81 8.30
C VAL C 492 40.73 24.91 9.82
N ALA C 493 41.78 24.31 10.39
CA ALA C 493 42.03 24.32 11.85
C ALA C 493 41.97 25.75 12.41
N ALA C 494 42.52 26.71 11.68
CA ALA C 494 42.63 28.12 12.11
C ALA C 494 41.23 28.67 12.37
N ALA C 495 40.22 28.28 11.59
CA ALA C 495 38.86 28.82 11.82
C ALA C 495 38.23 28.23 13.07
N ILE C 496 38.62 27.02 13.49
CA ILE C 496 37.92 26.29 14.58
C ILE C 496 38.80 26.26 15.84
N GLY C 497 39.93 26.97 15.89
CA GLY C 497 40.75 27.17 17.11
C GLY C 497 41.49 25.91 17.55
N LEU C 498 41.58 24.90 16.70
CA LEU C 498 42.37 23.67 16.96
C LEU C 498 43.69 23.77 16.20
N GLY C 499 44.66 22.98 16.63
CA GLY C 499 45.90 22.82 15.86
C GLY C 499 45.75 21.65 14.90
N ALA C 500 46.26 21.82 13.69
CA ALA C 500 46.31 20.76 12.69
C ALA C 500 47.38 19.80 13.17
N PRO C 501 47.14 18.51 12.96
CA PRO C 501 48.14 17.49 13.26
C PRO C 501 49.33 17.66 12.31
N ASP C 502 50.48 17.10 12.70
CA ASP C 502 51.70 17.18 11.89
C ASP C 502 51.46 16.62 10.49
N ALA C 503 52.15 17.19 9.51
CA ALA C 503 52.13 16.72 8.12
C ALA C 503 52.34 15.22 8.06
N ASP C 504 51.51 14.56 7.28
CA ASP C 504 51.68 13.12 6.94
C ASP C 504 51.75 13.02 5.43
N ASP C 505 52.93 12.90 4.86
CA ASP C 505 53.10 13.10 3.40
C ASP C 505 52.88 11.84 2.58
N THR C 506 52.36 10.76 3.14
CA THR C 506 52.26 9.47 2.40
C THR C 506 51.57 9.68 1.05
N TYR C 507 50.47 10.46 1.01
CA TYR C 507 49.65 10.62 -0.23
C TYR C 507 49.78 12.01 -0.86
N TYR C 508 50.67 12.88 -0.35
CA TYR C 508 50.85 14.23 -0.92
C TYR C 508 51.52 14.13 -2.27
N HIS C 509 51.11 14.99 -3.19
CA HIS C 509 51.73 15.13 -4.53
C HIS C 509 51.29 16.44 -5.15
N ASN C 510 51.90 16.80 -6.26
CA ASN C 510 51.70 18.10 -6.92
C ASN C 510 50.97 17.92 -8.25
N ASN C 511 50.41 16.73 -8.54
CA ASN C 511 49.84 16.45 -9.87
C ASN C 511 48.49 17.17 -10.05
N LYS C 512 48.17 17.55 -11.27
CA LYS C 512 46.90 18.27 -11.60
C LYS C 512 46.21 17.53 -12.73
N THR C 513 44.91 17.75 -12.87
CA THR C 513 44.14 17.22 -14.02
C THR C 513 43.23 18.30 -14.61
N ALA C 514 43.05 18.24 -15.93
CA ALA C 514 42.22 19.20 -16.67
C ALA C 514 40.73 18.92 -16.45
N GLY C 515 39.95 20.00 -16.50
CA GLY C 515 38.49 19.89 -16.73
C GLY C 515 37.71 19.74 -15.43
N VAL C 516 38.32 19.86 -14.26
CA VAL C 516 37.60 19.74 -12.97
C VAL C 516 37.38 21.13 -12.35
N SER C 517 38.19 22.13 -12.67
CA SER C 517 38.03 23.51 -12.14
C SER C 517 36.85 24.22 -12.81
N ILE C 518 36.04 24.89 -12.01
CA ILE C 518 35.01 25.82 -12.56
C ILE C 518 35.67 27.18 -12.85
N VAL C 519 36.37 27.75 -11.88
CA VAL C 519 36.96 29.13 -11.95
C VAL C 519 37.91 29.16 -13.13
N GLY C 520 38.59 28.05 -13.41
CA GLY C 520 39.61 27.98 -14.47
C GLY C 520 39.04 27.58 -15.81
N SER C 521 37.72 27.44 -15.97
CA SER C 521 37.12 26.85 -17.21
C SER C 521 36.81 27.94 -18.22
N GLY C 522 37.10 29.20 -17.87
CA GLY C 522 37.25 30.31 -18.83
C GLY C 522 35.87 30.92 -19.01
N PRO C 523 35.70 31.91 -19.90
CA PRO C 523 34.43 32.57 -20.04
C PRO C 523 33.35 31.59 -20.50
N LEU C 524 32.12 31.87 -20.10
CA LEU C 524 30.98 31.07 -20.56
C LEU C 524 30.91 31.16 -22.06
N PRO C 525 30.49 30.07 -22.73
CA PRO C 525 30.43 30.07 -24.18
C PRO C 525 29.19 30.75 -24.76
N THR C 526 28.23 31.09 -23.90
CA THR C 526 26.99 31.80 -24.26
C THR C 526 26.53 32.57 -23.00
N ILE C 527 25.99 33.76 -23.21
CA ILE C 527 25.36 34.55 -22.12
C ILE C 527 23.85 34.53 -22.31
N LYS C 528 23.30 33.85 -23.31
CA LYS C 528 21.83 33.79 -23.43
C LYS C 528 21.24 33.23 -22.15
N THR C 529 20.10 33.79 -21.74
CA THR C 529 19.37 33.47 -20.49
C THR C 529 19.95 34.15 -19.27
N LEU C 530 21.15 34.72 -19.35
CA LEU C 530 21.68 35.34 -18.14
C LEU C 530 20.84 36.59 -17.77
N ARG C 531 20.76 36.88 -16.48
CA ARG C 531 19.75 37.81 -15.91
C ARG C 531 20.37 39.16 -15.60
N VAL C 532 19.82 40.23 -16.17
CA VAL C 532 20.35 41.60 -15.90
C VAL C 532 19.27 42.38 -15.18
N GLY C 533 19.57 42.80 -13.97
CA GLY C 533 18.73 43.69 -13.15
C GLY C 533 19.10 45.12 -13.43
N ILE C 534 18.12 45.87 -13.90
CA ILE C 534 18.27 47.34 -14.16
C ILE C 534 17.55 48.05 -13.03
N LEU C 535 18.29 48.75 -12.18
CA LEU C 535 17.73 49.48 -11.04
C LEU C 535 17.39 50.90 -11.49
N ALA C 536 16.11 51.23 -11.48
CA ALA C 536 15.61 52.52 -11.99
C ALA C 536 14.78 53.17 -10.90
N THR C 537 14.01 54.20 -11.31
CA THR C 537 13.11 54.93 -10.39
C THR C 537 11.95 55.48 -11.20
N THR C 538 10.79 55.55 -10.55
CA THR C 538 9.60 56.20 -11.15
C THR C 538 9.66 57.70 -10.93
N SER C 539 10.63 58.19 -10.15
N SER C 539 10.58 58.20 -10.11
CA SER C 539 10.71 59.61 -9.73
CA SER C 539 10.71 59.65 -9.77
C SER C 539 11.36 60.47 -10.81
C SER C 539 11.07 60.45 -11.03
N GLU C 540 11.88 59.85 -11.89
CA GLU C 540 12.54 60.54 -13.01
C GLU C 540 12.13 59.84 -14.30
N SER C 541 11.40 60.54 -15.15
CA SER C 541 10.90 59.97 -16.44
C SER C 541 12.13 59.58 -17.28
N SER C 542 13.24 60.30 -17.11
CA SER C 542 14.50 59.98 -17.82
C SER C 542 15.11 58.64 -17.35
N ALA C 543 14.98 58.25 -16.07
CA ALA C 543 15.46 56.93 -15.58
C ALA C 543 14.69 55.78 -16.28
N LEU C 544 13.38 55.89 -16.38
CA LEU C 544 12.57 54.87 -17.09
C LEU C 544 12.97 54.83 -18.56
N ASP C 545 13.26 55.99 -19.15
N ASP C 545 13.29 55.97 -19.20
CA ASP C 545 13.74 56.10 -20.55
CA ASP C 545 13.70 55.92 -20.63
C ASP C 545 15.05 55.33 -20.70
C ASP C 545 15.11 55.31 -20.74
N GLN C 546 16.01 55.56 -19.81
CA GLN C 546 17.33 54.90 -19.85
C GLN C 546 17.10 53.39 -19.72
N ALA C 547 16.24 52.98 -18.81
CA ALA C 547 16.03 51.52 -18.57
C ALA C 547 15.41 50.88 -19.81
N ALA C 548 14.50 51.58 -20.47
CA ALA C 548 13.85 51.05 -21.69
C ALA C 548 14.88 50.89 -22.82
N GLN C 549 15.75 51.88 -22.93
N GLN C 549 15.80 51.82 -23.00
CA GLN C 549 16.84 51.91 -23.93
CA GLN C 549 16.79 51.70 -24.12
C GLN C 549 17.72 50.67 -23.70
C GLN C 549 17.84 50.63 -23.74
N LEU C 550 18.18 50.51 -22.47
CA LEU C 550 19.06 49.40 -22.02
C LEU C 550 18.36 48.07 -22.25
N ARG C 551 17.08 48.00 -21.91
CA ARG C 551 16.29 46.76 -22.11
C ARG C 551 16.35 46.30 -23.57
N THR C 552 16.04 47.16 -24.55
N THR C 552 16.06 47.22 -24.50
CA THR C 552 16.02 46.65 -25.96
CA THR C 552 16.04 46.89 -25.95
C THR C 552 17.43 46.23 -26.36
C THR C 552 17.40 46.31 -26.37
N ARG C 553 18.49 46.95 -25.95
CA ARG C 553 19.84 46.59 -26.40
C ARG C 553 20.24 45.25 -25.79
N LEU C 554 19.86 44.97 -24.55
CA LEU C 554 20.27 43.69 -23.90
C LEU C 554 19.38 42.54 -24.36
N GLU C 555 18.07 42.76 -24.54
CA GLU C 555 17.14 41.70 -25.01
C GLU C 555 17.52 41.24 -26.41
N LYS C 556 18.13 42.09 -27.21
CA LYS C 556 18.50 41.72 -28.60
C LYS C 556 19.46 40.54 -28.54
N ASP C 557 20.27 40.50 -27.48
CA ASP C 557 21.33 39.47 -27.30
C ASP C 557 20.85 38.29 -26.42
N GLY C 558 19.56 38.19 -26.13
CA GLY C 558 18.99 37.04 -25.43
C GLY C 558 19.23 37.05 -23.94
N LEU C 559 19.59 38.20 -23.35
CA LEU C 559 19.61 38.35 -21.88
C LEU C 559 18.19 38.51 -21.34
N VAL C 560 17.96 38.07 -20.10
CA VAL C 560 16.63 38.24 -19.45
C VAL C 560 16.74 39.49 -18.61
N VAL C 561 16.02 40.51 -18.99
CA VAL C 561 16.07 41.85 -18.36
C VAL C 561 14.93 42.00 -17.36
N THR C 562 15.27 42.43 -16.17
CA THR C 562 14.32 42.86 -15.14
C THR C 562 14.57 44.34 -14.89
N VAL C 563 13.58 45.18 -15.13
CA VAL C 563 13.63 46.59 -14.66
C VAL C 563 12.97 46.65 -13.28
N VAL C 564 13.67 47.19 -12.31
CA VAL C 564 13.23 47.32 -10.92
C VAL C 564 12.91 48.78 -10.67
N ALA C 565 11.86 49.06 -9.95
CA ALA C 565 11.59 50.44 -9.48
C ALA C 565 10.76 50.38 -8.21
N GLU C 566 10.34 51.51 -7.67
CA GLU C 566 9.65 51.53 -6.37
C GLU C 566 8.27 50.88 -6.49
N THR C 567 7.62 51.07 -7.63
CA THR C 567 6.27 50.55 -7.91
C THR C 567 6.22 50.03 -9.34
N LEU C 568 5.30 49.12 -9.63
CA LEU C 568 5.11 48.61 -10.99
C LEU C 568 4.39 49.64 -11.85
N ARG C 569 4.76 49.70 -13.12
N ARG C 569 4.65 49.50 -13.15
CA ARG C 569 4.09 50.46 -14.19
CA ARG C 569 4.01 50.21 -14.29
C ARG C 569 4.67 49.94 -15.50
C ARG C 569 4.47 49.50 -15.58
N GLU C 570 4.17 50.44 -16.64
N GLU C 570 3.94 49.90 -16.73
CA GLU C 570 4.57 49.94 -17.97
CA GLU C 570 4.44 49.36 -18.00
C GLU C 570 6.11 49.83 -18.01
C GLU C 570 5.94 49.71 -18.07
N GLY C 571 6.69 48.67 -18.34
CA GLY C 571 8.15 48.65 -18.53
C GLY C 571 8.91 48.29 -17.28
N VAL C 572 8.24 48.21 -16.13
CA VAL C 572 8.86 47.84 -14.83
C VAL C 572 8.35 46.46 -14.45
N ASP C 573 9.25 45.53 -14.20
CA ASP C 573 8.92 44.11 -13.96
C ASP C 573 8.75 43.79 -12.48
N GLN C 574 9.63 44.31 -11.63
N GLN C 574 9.40 44.56 -11.64
CA GLN C 574 9.58 44.06 -10.17
CA GLN C 574 9.63 44.17 -10.25
C GLN C 574 9.72 45.36 -9.38
C GLN C 574 9.79 45.39 -9.35
N THR C 575 9.24 45.33 -8.15
CA THR C 575 9.43 46.37 -7.13
C THR C 575 10.71 46.10 -6.39
N TYR C 576 11.30 47.16 -5.82
CA TYR C 576 12.44 46.98 -4.91
C TYR C 576 12.07 46.02 -3.79
N SER C 577 10.81 46.04 -3.34
CA SER C 577 10.41 45.19 -2.22
C SER C 577 10.70 43.71 -2.55
N THR C 578 10.46 43.27 -3.79
CA THR C 578 10.62 41.83 -4.14
C THR C 578 11.99 41.55 -4.74
N ALA C 579 12.79 42.58 -5.04
CA ALA C 579 14.06 42.39 -5.75
C ALA C 579 15.19 42.04 -4.81
N ASP C 580 16.13 41.29 -5.33
CA ASP C 580 17.33 40.90 -4.57
C ASP C 580 18.45 40.61 -5.58
N ALA C 581 19.69 40.85 -5.18
CA ALA C 581 20.86 40.61 -6.05
C ALA C 581 20.93 39.13 -6.46
N THR C 582 20.42 38.22 -5.64
CA THR C 582 20.42 36.79 -6.05
C THR C 582 19.55 36.54 -7.27
N GLY C 583 18.68 37.47 -7.65
CA GLY C 583 17.86 37.37 -8.84
C GLY C 583 18.61 37.75 -10.09
N PHE C 584 19.89 38.17 -10.01
CA PHE C 584 20.58 38.68 -11.20
C PHE C 584 21.96 38.09 -11.36
N ASP C 585 22.44 38.03 -12.62
CA ASP C 585 23.84 37.68 -12.94
C ASP C 585 24.67 38.99 -13.10
N GLY C 586 23.98 40.08 -13.32
CA GLY C 586 24.62 41.39 -13.49
C GLY C 586 23.65 42.47 -13.06
N VAL C 587 24.15 43.56 -12.48
CA VAL C 587 23.26 44.66 -12.05
C VAL C 587 23.76 45.98 -12.65
N VAL C 588 22.81 46.72 -13.18
CA VAL C 588 23.04 48.05 -13.84
C VAL C 588 22.15 49.06 -13.16
N VAL C 589 22.73 50.17 -12.70
CA VAL C 589 21.97 51.34 -12.20
C VAL C 589 21.92 52.35 -13.33
N VAL C 590 20.75 52.87 -13.66
CA VAL C 590 20.67 53.99 -14.65
C VAL C 590 20.88 55.27 -13.85
N ASP C 591 21.67 56.20 -14.39
CA ASP C 591 22.15 57.32 -13.54
C ASP C 591 20.99 58.27 -13.20
N GLY C 592 19.88 58.23 -13.94
CA GLY C 592 18.65 58.92 -13.55
C GLY C 592 18.16 58.47 -12.17
N ALA C 593 18.57 57.30 -11.68
CA ALA C 593 18.09 56.77 -10.39
C ALA C 593 19.10 57.05 -9.28
N ALA C 594 20.12 57.89 -9.49
CA ALA C 594 21.23 58.01 -8.51
C ALA C 594 20.75 58.38 -7.09
N ALA C 595 19.68 59.18 -6.96
CA ALA C 595 19.19 59.64 -5.65
C ALA C 595 18.78 58.49 -4.71
N LEU C 596 18.30 57.37 -5.25
N LEU C 596 18.30 57.36 -5.24
CA LEU C 596 17.90 56.19 -4.45
CA LEU C 596 17.91 56.21 -4.41
C LEU C 596 19.10 55.55 -3.76
C LEU C 596 19.12 55.60 -3.69
N PHE C 597 20.34 55.85 -4.16
CA PHE C 597 21.52 55.05 -3.75
C PHE C 597 22.24 55.61 -2.50
N ALA C 598 21.59 55.58 -1.33
CA ALA C 598 22.15 55.93 0.00
C ALA C 598 21.96 54.76 1.00
N SER C 602 14.98 55.59 2.18
CA SER C 602 13.79 55.29 3.03
C SER C 602 12.45 55.43 2.24
N SER C 603 11.46 54.60 2.56
CA SER C 603 10.18 54.52 1.81
C SER C 603 9.32 53.44 2.45
N PRO C 604 8.00 53.63 2.55
CA PRO C 604 7.13 52.56 3.02
C PRO C 604 7.02 51.46 1.95
N LEU C 605 7.53 51.67 0.74
CA LEU C 605 7.37 50.71 -0.39
C LEU C 605 8.51 49.69 -0.43
N PHE C 606 9.56 49.82 0.37
CA PHE C 606 10.66 48.82 0.41
C PHE C 606 11.51 49.01 1.64
N PRO C 607 12.23 47.96 2.08
CA PRO C 607 13.05 48.09 3.28
C PRO C 607 14.19 49.11 3.10
N THR C 608 14.51 49.77 4.20
CA THR C 608 15.53 50.84 4.19
C THR C 608 16.84 50.34 3.56
N GLY C 609 17.32 51.04 2.55
CA GLY C 609 18.63 50.74 1.96
C GLY C 609 18.55 49.68 0.87
N ARG C 610 17.35 49.23 0.52
CA ARG C 610 17.22 48.09 -0.43
C ARG C 610 17.89 48.40 -1.78
N PRO C 611 17.68 49.55 -2.47
CA PRO C 611 18.30 49.71 -3.77
C PRO C 611 19.83 49.54 -3.69
N LEU C 612 20.47 50.29 -2.77
CA LEU C 612 21.96 50.22 -2.64
C LEU C 612 22.37 48.79 -2.28
N GLN C 613 21.63 48.12 -1.39
N GLN C 613 21.61 48.13 -1.39
CA GLN C 613 22.04 46.76 -0.94
CA GLN C 613 22.00 46.78 -0.91
C GLN C 613 22.07 45.81 -2.16
C GLN C 613 22.00 45.80 -2.08
N ILE C 614 21.11 45.93 -3.08
CA ILE C 614 21.15 45.03 -4.28
C ILE C 614 22.47 45.21 -5.03
N PHE C 615 22.87 46.46 -5.21
CA PHE C 615 24.10 46.78 -5.97
C PHE C 615 25.30 46.28 -5.17
N VAL C 616 25.34 46.54 -3.89
CA VAL C 616 26.48 46.15 -3.01
C VAL C 616 26.59 44.62 -2.95
N ASP C 617 25.48 43.91 -2.75
CA ASP C 617 25.52 42.43 -2.77
C ASP C 617 26.06 41.93 -4.09
N ALA C 618 25.57 42.46 -5.21
CA ALA C 618 25.97 42.01 -6.54
C ALA C 618 27.49 42.16 -6.66
N TYR C 619 28.02 43.30 -6.19
CA TYR C 619 29.47 43.57 -6.28
C TYR C 619 30.21 42.57 -5.38
N ARG C 620 29.75 42.43 -4.11
N ARG C 620 29.80 42.41 -4.12
CA ARG C 620 30.38 41.59 -3.04
CA ARG C 620 30.56 41.57 -3.15
C ARG C 620 30.44 40.12 -3.46
C ARG C 620 30.57 40.12 -3.63
N TRP C 621 29.51 39.68 -4.30
CA TRP C 621 29.38 38.29 -4.77
C TRP C 621 30.06 38.07 -6.12
N GLY C 622 30.75 39.08 -6.66
CA GLY C 622 31.61 38.90 -7.82
C GLY C 622 30.98 39.18 -9.15
N LYS C 623 29.76 39.72 -9.17
CA LYS C 623 29.01 39.89 -10.43
C LYS C 623 29.47 41.15 -11.17
N PRO C 624 29.36 41.20 -12.50
CA PRO C 624 29.51 42.48 -13.19
C PRO C 624 28.46 43.45 -12.71
N VAL C 625 28.88 44.71 -12.44
CA VAL C 625 28.00 45.80 -11.98
C VAL C 625 28.36 47.05 -12.74
N GLY C 626 27.43 47.98 -12.87
CA GLY C 626 27.82 49.25 -13.47
C GLY C 626 26.72 50.25 -13.44
N VAL C 627 27.08 51.45 -13.90
CA VAL C 627 26.18 52.62 -13.97
C VAL C 627 26.15 53.05 -15.40
N CYS C 628 24.97 53.19 -15.97
CA CYS C 628 24.78 53.59 -17.37
C CYS C 628 24.20 55.01 -17.41
N GLY C 629 24.84 55.88 -18.18
CA GLY C 629 24.32 57.22 -18.48
C GLY C 629 25.43 58.29 -18.40
N GLY C 630 26.55 58.02 -17.76
CA GLY C 630 27.67 58.99 -17.74
C GLY C 630 28.03 59.46 -16.37
N LYS C 631 27.08 59.49 -15.45
CA LYS C 631 27.28 59.97 -14.08
C LYS C 631 27.29 58.78 -13.12
N SER C 632 28.48 58.36 -12.69
CA SER C 632 28.67 57.09 -11.95
C SER C 632 29.17 57.36 -10.54
N SER C 633 29.76 58.52 -10.29
CA SER C 633 30.44 58.79 -9.02
C SER C 633 29.52 58.60 -7.82
N GLU C 634 28.33 59.13 -7.87
CA GLU C 634 27.43 59.20 -6.68
C GLU C 634 27.06 57.75 -6.30
N VAL C 635 26.74 56.94 -7.27
CA VAL C 635 26.31 55.53 -7.01
C VAL C 635 27.53 54.73 -6.56
N LEU C 636 28.64 54.78 -7.31
CA LEU C 636 29.82 53.92 -7.00
C LEU C 636 30.38 54.33 -5.64
N ASP C 637 30.40 55.63 -5.31
CA ASP C 637 30.95 56.05 -3.98
C ASP C 637 30.03 55.57 -2.87
N ALA C 638 28.71 55.66 -3.04
CA ALA C 638 27.76 55.19 -2.01
C ALA C 638 27.95 53.67 -1.79
N ALA C 639 28.26 52.94 -2.86
CA ALA C 639 28.44 51.46 -2.83
C ALA C 639 29.86 51.08 -2.36
N ASP C 640 30.76 52.06 -2.24
CA ASP C 640 32.18 51.72 -1.95
C ASP C 640 32.74 50.79 -3.03
N VAL C 641 32.44 51.09 -4.30
CA VAL C 641 32.89 50.28 -5.47
C VAL C 641 33.82 51.17 -6.29
N PRO C 642 35.05 50.70 -6.53
CA PRO C 642 36.02 51.49 -7.28
C PRO C 642 35.67 51.52 -8.77
N GLU C 643 35.67 52.71 -9.39
N GLU C 643 35.72 52.73 -9.34
CA GLU C 643 35.32 52.84 -10.85
CA GLU C 643 35.36 52.98 -10.76
C GLU C 643 36.32 52.06 -11.69
C GLU C 643 36.32 52.18 -11.66
N ASP C 644 37.56 51.93 -11.23
CA ASP C 644 38.60 51.24 -12.04
C ASP C 644 38.55 49.72 -11.80
N GLY C 645 37.64 49.22 -10.96
CA GLY C 645 37.62 47.76 -10.69
C GLY C 645 37.32 46.92 -11.91
N ASP C 646 37.93 45.73 -12.02
N ASP C 646 37.90 45.71 -11.97
CA ASP C 646 37.52 44.79 -13.10
CA ASP C 646 37.56 44.67 -12.97
C ASP C 646 36.07 44.39 -12.81
C ASP C 646 36.06 44.34 -12.79
N GLY C 647 35.27 44.33 -13.86
CA GLY C 647 33.84 43.97 -13.74
C GLY C 647 33.02 45.09 -13.15
N VAL C 648 33.51 46.33 -13.23
CA VAL C 648 32.77 47.56 -12.87
C VAL C 648 32.73 48.42 -14.12
N TYR C 649 31.55 48.81 -14.56
CA TYR C 649 31.36 49.52 -15.85
C TYR C 649 30.71 50.89 -15.64
N SER C 650 31.15 51.86 -16.42
N SER C 650 31.22 51.88 -16.36
CA SER C 650 30.59 53.23 -16.41
CA SER C 650 30.61 53.23 -16.44
C SER C 650 30.75 53.81 -17.81
C SER C 650 30.76 53.74 -17.87
N GLU C 651 29.63 54.02 -18.51
CA GLU C 651 29.56 54.59 -19.88
C GLU C 651 28.28 55.38 -20.01
N GLU C 652 28.35 56.50 -20.73
CA GLU C 652 27.13 57.21 -21.18
C GLU C 652 26.47 56.44 -22.34
N SER C 653 27.24 55.96 -23.30
CA SER C 653 26.77 55.22 -24.48
C SER C 653 26.14 53.89 -24.05
N VAL C 654 24.85 53.71 -24.29
CA VAL C 654 24.16 52.40 -24.04
C VAL C 654 24.88 51.29 -24.82
N ASP C 655 25.30 51.53 -26.06
N ASP C 655 25.15 51.53 -26.10
CA ASP C 655 25.99 50.49 -26.86
CA ASP C 655 25.75 50.49 -26.97
C ASP C 655 27.32 50.13 -26.20
C ASP C 655 27.12 50.14 -26.40
N MET C 656 28.17 51.10 -25.88
N MET C 656 27.89 51.13 -25.92
CA MET C 656 29.49 50.78 -25.28
CA MET C 656 29.25 50.87 -25.39
C MET C 656 29.26 50.14 -23.90
C MET C 656 29.13 50.13 -24.05
N PHE C 657 28.26 50.62 -23.15
CA PHE C 657 27.94 50.00 -21.85
C PHE C 657 27.68 48.50 -22.04
N VAL C 658 26.78 48.18 -22.94
CA VAL C 658 26.32 46.79 -23.16
C VAL C 658 27.48 45.95 -23.69
N GLU C 659 28.27 46.44 -24.64
N GLU C 659 28.27 46.49 -24.62
CA GLU C 659 29.42 45.63 -25.15
CA GLU C 659 29.44 45.77 -25.19
C GLU C 659 30.36 45.28 -23.98
C GLU C 659 30.41 45.35 -24.08
N GLU C 660 30.70 46.24 -23.14
CA GLU C 660 31.61 45.97 -22.00
C GLU C 660 30.93 45.00 -21.01
N PHE C 661 29.67 45.25 -20.70
CA PHE C 661 28.92 44.55 -19.64
C PHE C 661 28.76 43.09 -20.06
N GLU C 662 28.56 42.85 -21.33
CA GLU C 662 28.35 41.47 -21.85
C GLU C 662 29.64 40.68 -21.74
N LYS C 663 30.78 41.32 -21.90
CA LYS C 663 32.06 40.60 -21.63
C LYS C 663 32.10 40.17 -20.17
N GLY C 664 31.69 41.05 -19.25
CA GLY C 664 31.69 40.77 -17.81
C GLY C 664 30.71 39.62 -17.50
N LEU C 665 29.60 39.58 -18.19
CA LEU C 665 28.64 38.46 -17.94
C LEU C 665 29.28 37.14 -18.40
N ALA C 666 30.07 37.13 -19.46
CA ALA C 666 30.72 35.90 -19.93
C ALA C 666 31.80 35.53 -18.91
N THR C 667 32.56 36.51 -18.40
CA THR C 667 33.57 36.25 -17.33
C THR C 667 32.86 35.64 -16.10
N PHE C 668 31.69 36.18 -15.82
CA PHE C 668 30.65 35.66 -14.90
C PHE C 668 30.95 36.02 -13.45
N ARG C 669 32.19 35.75 -13.00
CA ARG C 669 32.58 36.10 -11.64
C ARG C 669 33.97 36.76 -11.66
N PHE C 670 34.07 37.88 -10.94
CA PHE C 670 35.30 38.68 -10.76
C PHE C 670 35.92 38.26 -9.42
N THR C 671 36.82 37.28 -9.49
CA THR C 671 37.32 36.61 -8.27
C THR C 671 38.36 37.47 -7.52
N ASP C 672 38.82 38.59 -8.09
CA ASP C 672 39.75 39.52 -7.40
C ASP C 672 39.08 40.20 -6.20
N ARG C 673 37.76 40.03 -6.02
CA ARG C 673 37.03 40.64 -4.90
C ARG C 673 36.99 39.75 -3.65
N PHE C 674 37.70 38.63 -3.63
CA PHE C 674 37.67 37.69 -2.48
C PHE C 674 39.07 37.59 -1.84
N ALA C 675 39.12 37.74 -0.53
CA ALA C 675 40.36 37.68 0.28
C ALA C 675 40.93 36.26 0.21
N LEU C 676 42.25 36.14 0.26
CA LEU C 676 42.94 34.84 0.30
C LEU C 676 43.71 34.72 1.60
N ASP C 677 43.81 33.51 2.14
CA ASP C 677 44.71 33.21 3.29
C ASP C 677 46.15 33.55 2.86
N SER C 678 46.99 33.93 3.81
CA SER C 678 48.40 34.35 3.52
C SER C 678 49.39 33.22 3.81
N SER D 1 0.37 -18.33 24.42
CA SER D 1 1.23 -18.09 25.60
C SER D 1 2.62 -17.63 25.15
N PRO D 2 3.33 -18.13 24.10
CA PRO D 2 4.57 -17.47 23.68
C PRO D 2 4.39 -16.01 23.27
N LEU D 3 3.18 -15.65 22.83
CA LEU D 3 2.86 -14.28 22.36
C LEU D 3 1.92 -13.61 23.37
N ALA D 4 1.93 -14.05 24.63
CA ALA D 4 1.02 -13.51 25.65
C ALA D 4 1.12 -12.01 25.81
N ALA D 5 2.29 -11.39 25.63
CA ALA D 5 2.49 -9.95 25.79
C ALA D 5 1.58 -9.15 24.86
N TYR D 6 1.16 -9.75 23.76
CA TYR D 6 0.40 -9.05 22.69
C TYR D 6 -1.10 -9.32 22.78
N GLU D 7 -1.55 -10.16 23.71
CA GLU D 7 -2.96 -10.56 23.76
C GLU D 7 -3.81 -9.42 24.29
N VAL D 8 -5.02 -9.37 23.76
CA VAL D 8 -6.06 -8.38 24.16
C VAL D 8 -7.27 -9.15 24.64
N ASP D 9 -7.65 -8.87 25.88
CA ASP D 9 -8.82 -9.57 26.47
C ASP D 9 -10.08 -8.69 26.36
N ASP D 10 -11.14 -9.27 25.83
CA ASP D 10 -12.46 -8.62 25.68
C ASP D 10 -13.51 -9.48 26.38
N SER D 11 -13.18 -10.09 27.51
CA SER D 11 -14.16 -10.96 28.24
C SER D 11 -15.00 -10.07 29.16
N THR D 12 -14.57 -8.83 29.38
CA THR D 12 -15.30 -7.83 30.18
C THR D 12 -15.26 -6.47 29.50
N GLY D 13 -16.05 -5.51 30.00
CA GLY D 13 -15.80 -4.11 29.64
C GLY D 13 -16.82 -3.54 28.66
N TYR D 14 -16.83 -2.21 28.59
CA TYR D 14 -17.66 -1.47 27.62
C TYR D 14 -16.84 -1.29 26.32
N LEU D 15 -17.60 -1.35 25.24
CA LEU D 15 -17.08 -1.04 23.88
C LEU D 15 -16.38 0.30 23.86
N THR D 16 -15.20 0.33 23.24
CA THR D 16 -14.45 1.56 23.00
C THR D 16 -14.06 1.67 21.51
N SER D 17 -13.74 2.88 21.14
CA SER D 17 -13.01 3.09 19.89
C SER D 17 -11.61 2.52 20.03
N ASP D 18 -10.84 2.55 18.95
CA ASP D 18 -9.41 2.18 19.02
C ASP D 18 -8.58 3.12 19.91
N VAL D 19 -9.09 4.30 20.26
CA VAL D 19 -8.38 5.24 21.12
C VAL D 19 -9.09 5.29 22.48
N GLY D 20 -9.82 4.25 22.83
CA GLY D 20 -10.26 4.07 24.24
C GLY D 20 -11.47 4.88 24.63
N GLY D 21 -12.13 5.56 23.69
CA GLY D 21 -13.36 6.32 24.00
C GLY D 21 -14.54 5.38 24.05
N PRO D 22 -15.29 5.23 25.16
CA PRO D 22 -16.45 4.36 25.16
C PRO D 22 -17.54 4.80 24.18
N ILE D 23 -18.02 3.83 23.43
CA ILE D 23 -18.97 4.10 22.34
C ILE D 23 -20.02 3.00 22.25
N GLN D 24 -20.91 3.13 21.28
CA GLN D 24 -21.82 2.04 20.86
C GLN D 24 -21.58 1.73 19.38
N ASP D 25 -22.10 0.63 18.85
CA ASP D 25 -21.80 0.27 17.45
C ASP D 25 -22.99 -0.43 16.78
N GLN D 26 -24.23 -0.22 17.27
CA GLN D 26 -25.40 -0.99 16.77
C GLN D 26 -26.40 -0.16 15.97
N THR D 27 -26.42 1.16 16.14
CA THR D 27 -27.33 2.03 15.38
C THR D 27 -26.54 3.21 14.89
N SER D 28 -26.76 3.54 13.61
CA SER D 28 -26.19 4.73 12.95
C SER D 28 -26.84 5.99 13.52
N LEU D 29 -26.09 7.09 13.47
CA LEU D 29 -26.63 8.42 13.84
C LEU D 29 -27.34 9.02 12.63
N LYS D 30 -28.60 9.39 12.83
CA LYS D 30 -29.47 9.85 11.75
C LYS D 30 -30.11 11.20 12.08
N ALA D 31 -30.40 11.96 11.03
CA ALA D 31 -31.20 13.21 11.12
C ALA D 31 -32.68 12.82 11.18
N GLY D 32 -33.14 12.49 12.38
CA GLY D 32 -34.49 11.98 12.58
C GLY D 32 -34.54 10.46 12.56
N ILE D 33 -35.60 9.92 13.16
CA ILE D 33 -35.78 8.47 13.35
C ILE D 33 -35.91 7.71 12.01
N ARG D 34 -36.38 8.33 10.93
CA ARG D 34 -36.43 7.73 9.59
C ARG D 34 -35.55 8.56 8.64
N GLY D 35 -34.49 9.16 9.19
CA GLY D 35 -33.66 10.08 8.41
C GLY D 35 -32.39 9.49 7.87
N PRO D 36 -31.67 10.30 7.09
CA PRO D 36 -30.39 9.89 6.49
C PRO D 36 -29.28 9.84 7.54
N THR D 37 -28.27 9.01 7.28
CA THR D 37 -27.11 8.85 8.20
C THR D 37 -26.19 10.07 8.09
N LEU D 38 -25.62 10.46 9.22
CA LEU D 38 -24.76 11.66 9.31
C LEU D 38 -23.28 11.30 9.11
N LEU D 39 -22.57 12.16 8.35
CA LEU D 39 -21.11 12.07 8.14
C LEU D 39 -20.39 12.21 9.48
N GLU D 40 -20.97 12.93 10.45
CA GLU D 40 -20.30 13.11 11.77
C GLU D 40 -20.38 11.82 12.62
N ASP D 41 -20.95 10.75 12.11
CA ASP D 41 -20.99 9.48 12.89
C ASP D 41 -19.63 8.80 12.76
N PHE D 42 -18.74 9.14 13.69
CA PHE D 42 -17.38 8.56 13.72
C PHE D 42 -17.44 7.12 14.18
N MET D 43 -18.44 6.77 15.00
CA MET D 43 -18.58 5.40 15.48
C MET D 43 -18.77 4.45 14.29
N PHE D 44 -19.70 4.81 13.41
CA PHE D 44 -19.95 4.11 12.15
C PHE D 44 -18.64 4.04 11.33
N ARG D 45 -18.05 5.18 11.04
CA ARG D 45 -16.99 5.15 10.03
C ARG D 45 -15.76 4.41 10.57
N GLN D 46 -15.40 4.49 11.86
CA GLN D 46 -14.17 3.79 12.25
C GLN D 46 -14.42 2.28 12.16
N LYS D 47 -15.63 1.84 12.50
CA LYS D 47 -15.93 0.40 12.54
C LYS D 47 -15.97 -0.12 11.10
N ILE D 48 -16.63 0.62 10.21
CA ILE D 48 -16.77 0.14 8.80
C ILE D 48 -15.43 0.30 8.08
N GLN D 49 -14.67 1.36 8.33
CA GLN D 49 -13.32 1.45 7.72
C GLN D 49 -12.52 0.21 8.09
N HIS D 50 -12.52 -0.15 9.36
CA HIS D 50 -11.72 -1.34 9.77
C HIS D 50 -12.21 -2.54 9.00
N PHE D 51 -13.53 -2.74 8.92
CA PHE D 51 -14.10 -3.92 8.26
C PHE D 51 -13.67 -3.93 6.79
N ASP D 52 -13.79 -2.77 6.16
CA ASP D 52 -13.48 -2.61 4.71
C ASP D 52 -12.04 -2.92 4.39
N HIS D 53 -11.17 -2.83 5.40
CA HIS D 53 -9.72 -3.05 5.23
C HIS D 53 -9.23 -4.31 5.97
N GLU D 54 -10.11 -5.23 6.34
CA GLU D 54 -9.65 -6.45 7.06
C GLU D 54 -8.72 -7.34 6.21
N ARG D 55 -8.93 -7.38 4.91
CA ARG D 55 -8.27 -8.39 4.08
C ARG D 55 -6.86 -7.96 3.67
N VAL D 56 -5.99 -8.94 3.52
CA VAL D 56 -4.64 -8.72 2.98
C VAL D 56 -4.46 -9.70 1.84
N PRO D 57 -3.53 -9.44 0.89
CA PRO D 57 -3.33 -10.40 -0.19
C PRO D 57 -3.03 -11.79 0.37
N GLU D 58 -3.64 -12.80 -0.21
CA GLU D 58 -3.25 -14.20 0.11
C GLU D 58 -1.82 -14.44 -0.39
N ARG D 59 -1.16 -15.44 0.18
CA ARG D 59 0.19 -15.80 -0.29
C ARG D 59 0.13 -16.14 -1.78
N ALA D 60 1.20 -15.81 -2.50
CA ALA D 60 1.23 -16.06 -3.96
C ALA D 60 1.16 -17.55 -4.27
N VAL D 61 1.74 -18.36 -3.38
CA VAL D 61 1.55 -19.82 -3.37
C VAL D 61 1.32 -20.23 -1.93
N HIS D 62 0.81 -21.44 -1.75
CA HIS D 62 0.55 -21.97 -0.39
C HIS D 62 -0.49 -21.09 0.31
N ALA D 63 -1.42 -20.47 -0.42
CA ALA D 63 -2.44 -19.59 0.18
C ALA D 63 -3.32 -20.34 1.19
N ARG D 64 -3.56 -21.62 0.99
CA ARG D 64 -4.45 -22.40 1.88
C ARG D 64 -3.58 -23.16 2.87
N GLY D 65 -3.73 -22.89 4.16
CA GLY D 65 -2.92 -23.61 5.17
C GLY D 65 -3.35 -23.31 6.56
N ALA D 66 -2.69 -23.95 7.52
CA ALA D 66 -3.06 -23.86 8.94
C ALA D 66 -1.81 -24.11 9.76
N GLY D 67 -1.75 -23.47 10.93
CA GLY D 67 -0.54 -23.48 11.76
C GLY D 67 -0.80 -23.80 13.21
N ALA D 68 0.30 -24.09 13.90
CA ALA D 68 0.28 -24.33 15.35
C ALA D 68 1.66 -24.05 15.94
N HIS D 69 1.63 -23.76 17.22
CA HIS D 69 2.81 -23.54 18.05
C HIS D 69 3.32 -24.87 18.64
N GLY D 70 4.60 -24.91 18.94
CA GLY D 70 5.16 -26.05 19.69
C GLY D 70 6.57 -25.82 20.09
N THR D 71 7.25 -26.95 20.28
CA THR D 71 8.61 -26.93 20.86
C THR D 71 9.46 -27.91 20.09
N PHE D 72 10.72 -27.53 19.86
CA PHE D 72 11.77 -28.40 19.31
C PHE D 72 12.69 -28.72 20.47
N THR D 73 13.09 -29.99 20.59
CA THR D 73 14.06 -30.40 21.65
C THR D 73 15.23 -31.13 21.00
N SER D 74 16.45 -30.68 21.22
CA SER D 74 17.66 -31.33 20.63
C SER D 74 17.90 -32.68 21.34
N TYR D 75 18.32 -33.67 20.58
CA TYR D 75 18.67 -35.01 21.18
C TYR D 75 20.11 -35.03 21.65
N ALA D 76 20.94 -34.05 21.28
CA ALA D 76 22.42 -34.14 21.51
C ALA D 76 23.02 -32.75 21.39
N ASP D 77 24.30 -32.66 21.74
CA ASP D 77 25.17 -31.51 21.45
C ASP D 77 25.74 -31.75 20.05
N TRP D 78 25.25 -31.00 19.04
CA TRP D 78 25.65 -31.19 17.63
C TRP D 78 26.77 -30.24 17.19
N SER D 79 27.48 -29.65 18.14
N SER D 79 27.49 -29.65 18.14
CA SER D 79 28.70 -28.82 17.89
CA SER D 79 28.59 -28.69 17.85
C SER D 79 29.63 -29.53 16.90
C SER D 79 29.72 -29.37 17.07
N ASN D 80 29.76 -30.86 16.98
N ASN D 80 29.77 -30.71 17.04
CA ASN D 80 30.74 -31.61 16.16
CA ASN D 80 30.74 -31.48 16.24
C ASN D 80 30.38 -31.55 14.68
C ASN D 80 30.46 -31.36 14.74
N ILE D 81 29.23 -30.99 14.33
CA ILE D 81 28.85 -30.87 12.89
C ILE D 81 28.31 -29.47 12.57
N THR D 82 27.84 -28.72 13.57
CA THR D 82 27.23 -27.39 13.25
C THR D 82 27.40 -26.48 14.44
N ALA D 83 27.69 -25.18 14.20
CA ALA D 83 27.67 -24.16 15.26
C ALA D 83 26.23 -23.76 15.67
N ALA D 84 25.19 -24.23 15.00
CA ALA D 84 23.81 -23.79 15.27
C ALA D 84 23.49 -23.86 16.77
N SER D 85 23.25 -22.72 17.41
CA SER D 85 23.00 -22.66 18.88
C SER D 85 21.84 -23.57 19.29
N PHE D 86 20.74 -23.63 18.54
CA PHE D 86 19.53 -24.37 18.96
C PHE D 86 19.83 -25.87 18.99
N LEU D 87 20.95 -26.28 18.39
CA LEU D 87 21.35 -27.71 18.35
C LEU D 87 22.55 -27.94 19.27
N ASN D 88 22.92 -27.03 20.20
CA ASN D 88 24.24 -27.15 20.87
C ASN D 88 24.20 -27.89 22.21
N ALA D 89 23.10 -28.48 22.60
CA ALA D 89 23.06 -29.23 23.89
C ALA D 89 21.92 -30.21 23.92
N THR D 90 22.19 -31.36 24.52
CA THR D 90 21.15 -32.39 24.75
C THR D 90 20.00 -31.78 25.57
N GLY D 91 18.78 -31.96 25.09
CA GLY D 91 17.57 -31.44 25.76
C GLY D 91 17.28 -29.96 25.50
N LYS D 92 18.11 -29.25 24.74
CA LYS D 92 17.89 -27.80 24.56
C LYS D 92 16.58 -27.59 23.80
N GLN D 93 15.72 -26.74 24.35
CA GLN D 93 14.35 -26.49 23.82
C GLN D 93 14.28 -25.11 23.16
N THR D 94 13.62 -25.07 22.02
CA THR D 94 13.42 -23.84 21.25
C THR D 94 11.96 -23.83 20.83
N PRO D 95 11.26 -22.69 21.06
CA PRO D 95 9.88 -22.59 20.60
C PRO D 95 9.82 -22.64 19.08
N VAL D 96 8.76 -23.23 18.57
CA VAL D 96 8.49 -23.25 17.11
C VAL D 96 7.06 -22.79 16.79
N PHE D 97 6.90 -22.39 15.52
CA PHE D 97 5.60 -22.25 14.87
C PHE D 97 5.71 -22.92 13.52
N VAL D 98 4.74 -23.75 13.18
CA VAL D 98 4.69 -24.48 11.89
C VAL D 98 3.41 -24.06 11.17
N ARG D 99 3.52 -23.87 9.86
CA ARG D 99 2.32 -23.81 8.99
C ARG D 99 2.43 -24.87 7.92
N PHE D 100 1.34 -25.60 7.72
CA PHE D 100 1.14 -26.62 6.66
C PHE D 100 0.20 -26.02 5.63
N SER D 101 0.25 -26.52 4.42
CA SER D 101 -0.50 -25.88 3.34
C SER D 101 -0.61 -26.80 2.14
N THR D 102 -1.47 -26.46 1.20
CA THR D 102 -1.38 -26.89 -0.21
C THR D 102 -0.53 -25.86 -0.95
N VAL D 103 -0.48 -25.93 -2.27
CA VAL D 103 0.33 -24.97 -3.08
C VAL D 103 -0.55 -24.14 -4.01
N ALA D 104 -1.38 -24.76 -4.81
CA ALA D 104 -2.04 -24.10 -5.96
C ALA D 104 -3.29 -23.34 -5.54
N GLY D 105 -4.13 -23.89 -4.66
CA GLY D 105 -5.44 -23.28 -4.39
C GLY D 105 -5.33 -21.94 -3.70
N SER D 106 -6.37 -21.13 -3.88
CA SER D 106 -6.56 -19.88 -3.13
C SER D 106 -7.02 -20.18 -1.70
N ARG D 107 -7.16 -19.13 -0.92
N ARG D 107 -7.04 -19.17 -0.82
CA ARG D 107 -7.85 -19.19 0.38
CA ARG D 107 -7.05 -19.35 0.66
C ARG D 107 -9.26 -19.74 0.18
C ARG D 107 -8.36 -20.01 1.15
N GLY D 108 -9.63 -20.67 1.07
N GLY D 108 -9.41 -20.07 0.30
CA GLY D 108 -10.94 -21.32 1.07
CA GLY D 108 -10.69 -20.76 0.60
C GLY D 108 -10.97 -22.48 0.10
C GLY D 108 -10.91 -22.17 0.00
N SER D 109 -9.94 -22.70 -0.73
CA SER D 109 -9.96 -23.97 -1.49
C SER D 109 -9.85 -25.16 -0.51
N ALA D 110 -10.20 -26.34 -0.98
CA ALA D 110 -10.25 -27.52 -0.08
C ALA D 110 -8.86 -28.00 0.33
N ASP D 111 -8.76 -28.48 1.58
CA ASP D 111 -7.55 -29.14 2.10
C ASP D 111 -7.19 -30.38 1.29
N THR D 112 -8.18 -31.12 0.80
CA THR D 112 -7.98 -32.46 0.20
C THR D 112 -7.91 -32.38 -1.34
N ALA D 113 -7.54 -31.22 -1.91
CA ALA D 113 -7.10 -31.17 -3.31
C ALA D 113 -5.87 -32.08 -3.49
N ARG D 114 -5.66 -32.61 -4.69
CA ARG D 114 -4.36 -33.27 -4.99
C ARG D 114 -3.31 -32.19 -5.20
N ASP D 115 -2.25 -32.21 -4.42
CA ASP D 115 -1.23 -31.14 -4.55
C ASP D 115 0.04 -31.52 -3.83
N VAL D 116 1.09 -30.75 -4.08
CA VAL D 116 2.22 -30.66 -3.17
C VAL D 116 1.73 -29.97 -1.90
N HIS D 117 2.34 -30.23 -0.78
CA HIS D 117 2.00 -29.60 0.51
C HIS D 117 3.20 -28.94 1.10
N GLY D 118 2.97 -27.80 1.74
CA GLY D 118 3.98 -27.09 2.50
C GLY D 118 4.06 -27.59 3.91
N PHE D 119 5.26 -27.47 4.46
CA PHE D 119 5.58 -27.78 5.85
C PHE D 119 6.68 -26.80 6.24
N ALA D 120 6.29 -25.65 6.78
CA ALA D 120 7.19 -24.53 7.08
C ALA D 120 7.36 -24.43 8.59
N THR D 121 8.60 -24.44 9.05
CA THR D 121 8.91 -24.48 10.50
C THR D 121 9.79 -23.29 10.86
N ARG D 122 9.36 -22.51 11.85
CA ARG D 122 10.18 -21.44 12.42
C ARG D 122 10.68 -21.90 13.79
N PHE D 123 11.98 -21.82 13.97
CA PHE D 123 12.65 -22.03 15.27
C PHE D 123 12.99 -20.65 15.81
N TYR D 124 12.38 -20.21 16.91
CA TYR D 124 12.70 -18.92 17.55
C TYR D 124 13.94 -19.09 18.40
N THR D 125 15.09 -19.19 17.77
CA THR D 125 16.31 -19.63 18.46
C THR D 125 16.89 -18.48 19.28
N ASP D 126 17.77 -18.82 20.25
CA ASP D 126 18.48 -17.81 21.07
C ASP D 126 19.59 -17.10 20.30
N GLU D 127 19.76 -17.40 19.01
N GLU D 127 19.76 -17.36 19.00
CA GLU D 127 20.66 -16.69 18.05
CA GLU D 127 20.65 -16.55 18.14
C GLU D 127 19.86 -16.31 16.79
C GLU D 127 19.89 -16.17 16.87
N GLY D 128 18.57 -16.05 16.97
CA GLY D 128 17.74 -15.53 15.85
C GLY D 128 16.76 -16.52 15.33
N ASN D 129 15.75 -16.03 14.62
CA ASN D 129 14.75 -16.92 13.99
C ASN D 129 15.41 -17.67 12.83
N PHE D 130 15.21 -18.97 12.83
CA PHE D 130 15.66 -19.87 11.76
C PHE D 130 14.45 -20.58 11.18
N ASP D 131 14.22 -20.44 9.87
CA ASP D 131 13.09 -21.07 9.20
C ASP D 131 13.59 -22.16 8.26
N ILE D 132 12.93 -23.32 8.33
CA ILE D 132 13.08 -24.36 7.30
C ILE D 132 11.75 -24.40 6.57
N VAL D 133 11.74 -23.88 5.35
CA VAL D 133 10.53 -23.76 4.54
C VAL D 133 10.47 -24.93 3.59
N GLY D 134 9.80 -25.99 4.07
CA GLY D 134 9.77 -27.29 3.40
C GLY D 134 8.47 -27.68 2.73
N ASN D 135 8.45 -28.83 2.07
CA ASN D 135 7.24 -29.45 1.47
C ASN D 135 7.13 -30.91 1.95
N ASN D 136 6.01 -31.58 1.67
CA ASN D 136 5.85 -33.02 2.06
C ASN D 136 6.46 -33.92 1.00
N ILE D 137 7.04 -33.34 -0.05
CA ILE D 137 7.67 -34.05 -1.18
C ILE D 137 9.09 -33.51 -1.28
N PRO D 138 10.09 -34.42 -1.35
CA PRO D 138 11.46 -33.99 -1.17
C PRO D 138 12.10 -33.33 -2.39
N VAL D 139 11.44 -33.38 -3.54
CA VAL D 139 11.95 -32.92 -4.84
C VAL D 139 10.98 -31.87 -5.38
N PHE D 140 11.54 -30.94 -6.12
CA PHE D 140 10.75 -29.82 -6.69
C PHE D 140 10.67 -29.98 -8.21
N PHE D 141 9.65 -29.37 -8.81
CA PHE D 141 9.31 -29.52 -10.23
C PHE D 141 10.42 -29.01 -11.14
N ILE D 142 11.08 -27.94 -10.74
CA ILE D 142 11.94 -27.13 -11.62
C ILE D 142 13.34 -26.98 -11.00
N GLN D 143 14.32 -26.67 -11.85
CA GLN D 143 15.77 -26.65 -11.48
C GLN D 143 16.33 -25.24 -11.37
N ASP D 144 15.50 -24.21 -11.59
CA ASP D 144 16.00 -22.80 -11.53
C ASP D 144 14.82 -21.95 -11.07
N ALA D 145 15.06 -21.12 -10.06
CA ALA D 145 14.03 -20.27 -9.45
C ALA D 145 13.39 -19.34 -10.47
N ILE D 146 14.12 -18.95 -11.52
CA ILE D 146 13.57 -18.02 -12.53
C ILE D 146 12.36 -18.66 -13.22
N GLN D 147 12.19 -19.97 -13.14
CA GLN D 147 11.07 -20.67 -13.80
C GLN D 147 9.84 -20.73 -12.89
N PHE D 148 9.91 -20.27 -11.64
CA PHE D 148 8.81 -20.47 -10.69
C PHE D 148 7.51 -19.88 -11.25
N PRO D 149 7.48 -18.65 -11.80
CA PRO D 149 6.21 -18.14 -12.33
C PRO D 149 5.64 -18.93 -13.50
N ASP D 150 6.53 -19.60 -14.25
CA ASP D 150 6.07 -20.43 -15.37
C ASP D 150 5.32 -21.65 -14.80
N LEU D 151 5.97 -22.35 -13.89
CA LEU D 151 5.33 -23.50 -13.21
C LEU D 151 3.99 -23.04 -12.62
N ILE D 152 4.02 -21.97 -11.82
CA ILE D 152 2.81 -21.64 -11.02
C ILE D 152 1.71 -21.12 -11.95
N HIS D 153 2.02 -20.28 -12.93
CA HIS D 153 0.99 -19.89 -13.91
C HIS D 153 0.37 -21.15 -14.53
N SER D 154 1.19 -22.13 -14.87
CA SER D 154 0.65 -23.32 -15.61
C SER D 154 -0.25 -24.17 -14.72
N VAL D 155 0.02 -24.26 -13.41
N VAL D 155 0.11 -24.29 -13.43
CA VAL D 155 -0.81 -25.14 -12.52
CA VAL D 155 -0.67 -25.10 -12.45
C VAL D 155 -2.01 -24.41 -11.91
C VAL D 155 -1.97 -24.38 -12.05
N LYS D 156 -1.91 -23.08 -11.76
CA LYS D 156 -3.04 -22.26 -11.29
C LYS D 156 -4.07 -22.17 -12.40
N PRO D 157 -5.28 -21.68 -12.08
CA PRO D 157 -6.39 -21.69 -13.01
C PRO D 157 -6.09 -20.93 -14.30
N ARG D 158 -6.71 -21.35 -15.38
CA ARG D 158 -6.50 -20.66 -16.68
C ARG D 158 -6.93 -19.20 -16.52
N PRO D 159 -6.10 -18.25 -16.95
CA PRO D 159 -6.31 -16.84 -16.57
C PRO D 159 -7.37 -16.07 -17.32
N ASP D 160 -8.06 -16.66 -18.30
CA ASP D 160 -9.25 -16.01 -18.88
C ASP D 160 -10.46 -16.15 -17.98
N ASN D 161 -10.67 -17.34 -17.43
CA ASN D 161 -11.89 -17.60 -16.66
C ASN D 161 -11.62 -18.08 -15.23
N GLU D 162 -10.34 -18.18 -14.83
CA GLU D 162 -9.90 -18.68 -13.51
C GLU D 162 -10.60 -20.02 -13.20
N ILE D 163 -10.42 -20.98 -14.08
CA ILE D 163 -10.86 -22.39 -13.92
C ILE D 163 -9.68 -23.25 -14.34
N PRO D 164 -9.28 -24.31 -13.62
CA PRO D 164 -9.97 -24.84 -12.45
C PRO D 164 -9.25 -24.50 -11.14
N GLN D 165 -10.00 -24.46 -10.05
CA GLN D 165 -9.47 -24.24 -8.68
C GLN D 165 -8.67 -25.44 -8.17
N ALA D 166 -7.49 -25.17 -7.60
CA ALA D 166 -6.74 -26.11 -6.75
C ALA D 166 -6.59 -27.46 -7.48
N ALA D 167 -6.12 -27.44 -8.71
CA ALA D 167 -6.02 -28.68 -9.52
C ALA D 167 -4.97 -28.52 -10.61
N THR D 168 -4.22 -29.62 -10.85
CA THR D 168 -3.34 -29.79 -12.03
C THR D 168 -4.11 -30.41 -13.20
N ALA D 169 -5.39 -30.75 -13.04
CA ALA D 169 -6.16 -31.49 -14.07
C ALA D 169 -6.68 -30.54 -15.13
N HIS D 170 -5.77 -29.93 -15.90
CA HIS D 170 -6.13 -29.04 -17.01
C HIS D 170 -4.95 -28.90 -17.97
N ASP D 171 -5.24 -28.51 -19.18
CA ASP D 171 -4.30 -28.49 -20.32
C ASP D 171 -3.01 -27.77 -19.94
N SER D 172 -3.07 -26.56 -19.37
CA SER D 172 -1.85 -25.75 -19.20
C SER D 172 -0.83 -26.48 -18.35
N ALA D 173 -1.29 -27.15 -17.28
CA ALA D 173 -0.36 -27.77 -16.32
C ALA D 173 0.39 -28.91 -17.03
N TRP D 174 -0.38 -29.73 -17.73
CA TRP D 174 0.20 -30.94 -18.41
C TRP D 174 1.01 -30.49 -19.64
N ASP D 175 0.69 -29.35 -20.24
CA ASP D 175 1.52 -28.74 -21.31
C ASP D 175 2.89 -28.45 -20.69
N PHE D 176 2.88 -27.73 -19.55
CA PHE D 176 4.14 -27.38 -18.86
C PHE D 176 4.92 -28.65 -18.51
N PHE D 177 4.26 -29.63 -17.93
CA PHE D 177 4.98 -30.81 -17.43
C PHE D 177 5.63 -31.52 -18.62
N SER D 178 4.91 -31.61 -19.72
CA SER D 178 5.39 -32.41 -20.88
C SER D 178 6.47 -31.63 -21.62
N GLN D 179 6.49 -30.29 -21.54
CA GLN D 179 7.52 -29.46 -22.22
C GLN D 179 8.74 -29.26 -21.30
N GLN D 180 8.61 -29.44 -19.98
CA GLN D 180 9.67 -29.20 -18.98
C GLN D 180 9.91 -30.50 -18.21
N PRO D 181 10.70 -31.42 -18.79
CA PRO D 181 10.84 -32.76 -18.22
C PRO D 181 11.38 -32.84 -16.80
N SER D 182 12.08 -31.80 -16.31
CA SER D 182 12.50 -31.75 -14.90
C SER D 182 11.32 -32.06 -13.97
N THR D 183 10.11 -31.70 -14.40
CA THR D 183 8.88 -31.84 -13.59
C THR D 183 8.56 -33.29 -13.27
N MET D 184 9.12 -34.26 -14.00
CA MET D 184 8.65 -35.67 -13.84
C MET D 184 8.77 -36.19 -12.40
N HIS D 185 9.83 -35.91 -11.67
CA HIS D 185 10.00 -36.50 -10.33
C HIS D 185 8.88 -36.01 -9.39
N THR D 186 8.75 -34.71 -9.18
CA THR D 186 7.66 -34.18 -8.34
C THR D 186 6.31 -34.62 -8.85
N LEU D 187 6.12 -34.68 -10.17
CA LEU D 187 4.84 -35.05 -10.75
C LEU D 187 4.50 -36.47 -10.26
N PHE D 188 5.44 -37.40 -10.32
CA PHE D 188 5.15 -38.78 -9.86
C PHE D 188 4.82 -38.78 -8.36
N TRP D 189 5.50 -37.99 -7.52
CA TRP D 189 5.17 -37.87 -6.08
C TRP D 189 3.75 -37.32 -5.94
N ALA D 190 3.41 -36.29 -6.69
CA ALA D 190 2.09 -35.62 -6.53
C ALA D 190 0.95 -36.56 -6.96
N MET D 191 1.21 -37.43 -7.93
CA MET D 191 0.21 -38.38 -8.49
C MET D 191 0.11 -39.65 -7.60
N SER D 192 1.04 -39.83 -6.68
CA SER D 192 1.01 -40.88 -5.63
C SER D 192 0.13 -40.42 -4.48
N GLY D 193 0.00 -41.24 -3.46
CA GLY D 193 -0.75 -40.87 -2.26
C GLY D 193 -0.14 -39.67 -1.53
N HIS D 194 1.10 -39.30 -1.83
CA HIS D 194 1.73 -38.11 -1.22
C HIS D 194 0.97 -36.84 -1.65
N GLY D 195 0.25 -36.89 -2.75
CA GLY D 195 -0.57 -35.76 -3.23
C GLY D 195 -1.84 -35.59 -2.41
N ILE D 196 -2.27 -36.62 -1.66
CA ILE D 196 -3.55 -36.58 -0.89
C ILE D 196 -3.29 -37.22 0.46
N PRO D 197 -2.42 -36.62 1.30
CA PRO D 197 -2.17 -37.14 2.63
C PRO D 197 -3.45 -37.18 3.47
N ARG D 198 -3.53 -38.19 4.35
CA ARG D 198 -4.64 -38.35 5.29
C ARG D 198 -4.71 -37.16 6.25
N SER D 199 -3.58 -36.60 6.62
CA SER D 199 -3.52 -35.42 7.49
C SER D 199 -2.14 -34.79 7.41
N TYR D 200 -2.01 -33.58 7.96
CA TYR D 200 -0.70 -32.91 8.07
C TYR D 200 0.19 -33.73 9.00
N ARG D 201 -0.46 -34.49 9.92
CA ARG D 201 0.28 -35.25 10.95
C ARG D 201 0.83 -36.56 10.37
N HIS D 202 0.26 -36.99 9.26
CA HIS D 202 0.60 -38.27 8.58
C HIS D 202 1.42 -38.01 7.32
N MET D 203 2.15 -36.89 7.26
CA MET D 203 3.08 -36.60 6.14
C MET D 203 4.40 -36.16 6.78
N ASP D 204 5.46 -36.25 6.00
CA ASP D 204 6.80 -35.82 6.39
C ASP D 204 7.01 -34.39 5.86
N GLY D 205 8.10 -33.79 6.34
CA GLY D 205 8.61 -32.50 5.84
C GLY D 205 10.01 -32.64 5.27
N PHE D 206 10.31 -31.95 4.20
CA PHE D 206 11.63 -32.00 3.56
C PHE D 206 12.07 -30.57 3.22
N GLY D 207 13.34 -30.29 3.49
CA GLY D 207 13.96 -29.04 3.00
C GLY D 207 14.08 -28.97 1.50
N CYS D 208 14.13 -30.11 0.81
CA CYS D 208 14.36 -30.29 -0.63
C CYS D 208 15.82 -29.98 -0.99
N HIS D 209 16.28 -28.76 -0.78
CA HIS D 209 17.65 -28.39 -1.18
C HIS D 209 18.70 -29.03 -0.31
N THR D 210 19.88 -29.21 -0.87
CA THR D 210 21.11 -29.35 -0.10
C THR D 210 21.42 -28.02 0.58
N PHE D 211 21.65 -28.06 1.88
CA PHE D 211 22.20 -26.93 2.64
C PHE D 211 23.58 -27.32 3.14
N ARG D 212 24.20 -26.42 3.90
CA ARG D 212 25.47 -26.70 4.59
C ARG D 212 25.26 -26.61 6.09
N PHE D 213 25.91 -27.51 6.80
CA PHE D 213 26.22 -27.35 8.23
C PHE D 213 27.63 -26.81 8.31
N VAL D 214 27.81 -25.78 9.11
CA VAL D 214 29.10 -25.09 9.22
C VAL D 214 29.52 -25.09 10.68
N LYS D 215 30.68 -25.68 10.95
CA LYS D 215 31.23 -25.67 12.31
C LYS D 215 31.88 -24.35 12.66
N ASP D 216 32.13 -24.11 13.94
CA ASP D 216 32.81 -22.89 14.41
C ASP D 216 34.24 -22.82 13.85
N ASP D 217 34.84 -23.95 13.45
CA ASP D 217 36.20 -23.98 12.82
C ASP D 217 36.12 -23.64 11.32
N GLY D 218 34.93 -23.41 10.74
CA GLY D 218 34.76 -23.00 9.34
C GLY D 218 34.55 -24.18 8.41
N SER D 219 34.76 -25.42 8.87
CA SER D 219 34.49 -26.60 8.02
C SER D 219 33.00 -26.78 7.78
N SER D 220 32.68 -27.37 6.67
CA SER D 220 31.28 -27.59 6.26
C SER D 220 31.06 -29.03 5.80
N LYS D 221 29.80 -29.44 5.91
CA LYS D 221 29.23 -30.67 5.35
C LYS D 221 27.94 -30.31 4.63
N LEU D 222 27.54 -31.11 3.65
CA LEU D 222 26.29 -30.95 2.88
C LEU D 222 25.19 -31.75 3.59
N ILE D 223 24.01 -31.15 3.76
CA ILE D 223 22.88 -31.82 4.44
C ILE D 223 21.60 -31.71 3.64
N LYS D 224 20.72 -32.65 3.92
CA LYS D 224 19.30 -32.62 3.51
C LYS D 224 18.49 -32.72 4.79
N TRP D 225 17.44 -31.91 4.92
CA TRP D 225 16.54 -31.98 6.10
C TRP D 225 15.40 -32.91 5.81
N HIS D 226 15.12 -33.79 6.77
N HIS D 226 15.04 -33.79 6.75
CA HIS D 226 14.00 -34.76 6.74
CA HIS D 226 13.89 -34.71 6.56
C HIS D 226 13.26 -34.67 8.07
C HIS D 226 13.18 -34.88 7.89
N PHE D 227 11.98 -34.31 8.05
CA PHE D 227 11.17 -34.37 9.29
C PHE D 227 10.29 -35.60 9.16
N LYS D 228 10.55 -36.61 9.99
N LYS D 228 10.57 -36.61 10.00
CA LYS D 228 9.94 -37.95 9.83
CA LYS D 228 9.94 -37.95 9.86
C LYS D 228 8.79 -38.08 10.83
C LYS D 228 8.79 -38.05 10.84
N SER D 229 7.59 -38.24 10.32
CA SER D 229 6.35 -38.30 11.14
C SER D 229 6.44 -39.44 12.15
N ARG D 230 6.18 -39.14 13.42
N ARG D 230 6.12 -39.17 13.42
CA ARG D 230 6.02 -40.18 14.48
CA ARG D 230 5.97 -40.23 14.46
C ARG D 230 4.55 -40.62 14.57
C ARG D 230 4.57 -40.85 14.37
N GLN D 231 3.67 -40.21 13.62
CA GLN D 231 2.28 -40.68 13.54
C GLN D 231 2.13 -41.81 12.50
N GLY D 232 3.14 -41.98 11.65
CA GLY D 232 3.03 -42.82 10.47
C GLY D 232 2.66 -42.05 9.24
N LYS D 233 2.82 -42.68 8.09
N LYS D 233 2.78 -42.72 8.08
N LYS D 233 2.84 -42.66 8.07
CA LYS D 233 2.42 -42.15 6.77
CA LYS D 233 2.45 -42.22 6.72
CA LYS D 233 2.42 -42.08 6.78
C LYS D 233 1.06 -42.75 6.41
C LYS D 233 1.11 -42.78 6.27
C LYS D 233 1.08 -42.72 6.41
N ALA D 234 0.17 -41.91 5.89
CA ALA D 234 -1.13 -42.37 5.41
C ALA D 234 -1.68 -41.41 4.36
N SER D 235 -2.46 -41.96 3.47
CA SER D 235 -3.10 -41.27 2.35
C SER D 235 -4.59 -41.49 2.38
N LEU D 236 -5.29 -40.60 1.74
CA LEU D 236 -6.67 -40.81 1.25
C LEU D 236 -6.61 -41.58 -0.05
N VAL D 237 -7.73 -42.12 -0.51
CA VAL D 237 -7.90 -42.49 -1.93
C VAL D 237 -8.63 -41.36 -2.66
N TRP D 238 -8.35 -41.25 -3.93
CA TRP D 238 -8.82 -40.07 -4.69
C TRP D 238 -10.35 -39.91 -4.57
N GLU D 239 -11.10 -41.00 -4.77
N GLU D 239 -11.14 -40.97 -4.87
CA GLU D 239 -12.58 -40.93 -4.87
CA GLU D 239 -12.64 -40.99 -4.78
C GLU D 239 -13.18 -40.58 -3.49
C GLU D 239 -13.06 -40.32 -3.47
N GLU D 240 -12.42 -40.73 -2.38
CA GLU D 240 -12.72 -40.23 -1.01
C GLU D 240 -12.36 -38.76 -0.92
N ALA D 241 -11.15 -38.41 -1.37
CA ALA D 241 -10.64 -37.03 -1.30
C ALA D 241 -11.61 -36.12 -2.02
N GLN D 242 -12.15 -36.51 -3.17
CA GLN D 242 -13.07 -35.61 -3.93
C GLN D 242 -14.35 -35.32 -3.12
N VAL D 243 -14.89 -36.33 -2.47
CA VAL D 243 -16.12 -36.11 -1.67
C VAL D 243 -15.77 -35.28 -0.44
N LEU D 244 -14.64 -35.59 0.20
CA LEU D 244 -14.20 -34.89 1.40
C LEU D 244 -14.00 -33.41 1.08
N SER D 245 -13.51 -33.07 -0.12
N SER D 245 -13.56 -33.05 -0.13
CA SER D 245 -13.29 -31.66 -0.49
CA SER D 245 -13.29 -31.63 -0.50
C SER D 245 -14.63 -30.93 -0.32
C SER D 245 -14.63 -30.85 -0.54
N GLY D 246 -15.76 -31.54 -0.69
CA GLY D 246 -17.09 -30.94 -0.58
C GLY D 246 -17.70 -31.02 0.81
N LYS D 247 -17.58 -32.16 1.48
CA LYS D 247 -18.21 -32.38 2.81
C LYS D 247 -17.49 -31.60 3.89
N ASN D 248 -16.17 -31.44 3.74
CA ASN D 248 -15.33 -30.77 4.75
C ASN D 248 -14.07 -30.24 4.12
N ALA D 249 -14.15 -29.03 3.56
CA ALA D 249 -12.99 -28.34 2.98
C ALA D 249 -11.92 -28.07 4.02
N ASP D 250 -12.27 -28.09 5.30
CA ASP D 250 -11.40 -27.77 6.45
C ASP D 250 -10.83 -29.05 7.07
N PHE D 251 -10.89 -30.21 6.40
CA PHE D 251 -10.55 -31.50 7.07
C PHE D 251 -9.13 -31.49 7.70
N HIS D 252 -8.09 -31.05 6.99
CA HIS D 252 -6.73 -31.12 7.56
C HIS D 252 -6.57 -30.13 8.71
N ARG D 253 -7.08 -28.90 8.59
CA ARG D 253 -6.93 -27.92 9.67
C ARG D 253 -7.71 -28.39 10.90
N GLN D 254 -8.87 -29.00 10.68
N GLN D 254 -8.88 -28.99 10.73
CA GLN D 254 -9.73 -29.50 11.79
CA GLN D 254 -9.63 -29.45 11.92
C GLN D 254 -9.03 -30.67 12.49
C GLN D 254 -8.88 -30.62 12.55
N ASP D 255 -8.38 -31.54 11.73
CA ASP D 255 -7.66 -32.74 12.24
C ASP D 255 -6.52 -32.28 13.12
N LEU D 256 -5.76 -31.28 12.64
CA LEU D 256 -4.61 -30.76 13.41
C LEU D 256 -5.09 -30.10 14.69
N TRP D 257 -6.07 -29.19 14.57
N TRP D 257 -6.07 -29.20 14.54
CA TRP D 257 -6.58 -28.40 15.73
CA TRP D 257 -6.65 -28.42 15.66
C TRP D 257 -7.10 -29.37 16.80
C TRP D 257 -7.08 -29.38 16.77
N ASP D 258 -7.86 -30.38 16.36
CA ASP D 258 -8.46 -31.39 17.29
C ASP D 258 -7.39 -32.27 17.92
N ALA D 259 -6.37 -32.66 17.19
CA ALA D 259 -5.26 -33.45 17.77
C ALA D 259 -4.56 -32.67 18.87
N ILE D 260 -4.33 -31.37 18.69
CA ILE D 260 -3.68 -30.55 19.73
C ILE D 260 -4.62 -30.37 20.93
N GLU D 261 -5.90 -30.11 20.70
N GLU D 261 -5.91 -30.14 20.68
CA GLU D 261 -6.81 -29.88 21.85
CA GLU D 261 -6.94 -29.89 21.74
C GLU D 261 -6.94 -31.16 22.67
C GLU D 261 -7.08 -31.15 22.62
N SER D 262 -6.89 -32.34 22.05
CA SER D 262 -7.08 -33.63 22.77
C SER D 262 -5.78 -34.08 23.42
N GLY D 263 -4.68 -33.34 23.35
CA GLY D 263 -3.41 -33.73 23.97
C GLY D 263 -2.67 -34.75 23.14
N ASN D 264 -2.99 -34.86 21.86
CA ASN D 264 -2.33 -35.71 20.85
C ASN D 264 -1.54 -34.82 19.86
N GLY D 265 -0.77 -33.89 20.37
CA GLY D 265 0.01 -32.96 19.54
C GLY D 265 0.99 -33.77 18.68
N PRO D 266 0.99 -33.56 17.35
CA PRO D 266 1.79 -34.39 16.45
C PRO D 266 3.28 -34.12 16.65
N GLU D 267 4.06 -35.17 16.39
CA GLU D 267 5.52 -35.19 16.56
C GLU D 267 6.22 -35.65 15.26
N TRP D 268 7.42 -35.14 15.06
CA TRP D 268 8.38 -35.51 14.01
C TRP D 268 9.76 -35.60 14.62
N ASP D 269 10.53 -36.59 14.17
CA ASP D 269 12.00 -36.54 14.33
C ASP D 269 12.56 -35.63 13.24
N VAL D 270 13.26 -34.62 13.67
CA VAL D 270 13.99 -33.71 12.77
C VAL D 270 15.30 -34.41 12.46
N CYS D 271 15.52 -34.75 11.20
CA CYS D 271 16.68 -35.57 10.80
C CYS D 271 17.45 -34.85 9.68
N VAL D 272 18.69 -35.27 9.47
CA VAL D 272 19.46 -34.84 8.27
C VAL D 272 20.14 -36.08 7.69
N GLN D 273 20.32 -36.05 6.38
CA GLN D 273 21.42 -36.81 5.71
C GLN D 273 22.62 -35.88 5.69
N ILE D 274 23.81 -36.38 6.08
N ILE D 274 23.78 -36.39 6.13
CA ILE D 274 25.07 -35.59 6.27
CA ILE D 274 25.01 -35.57 6.08
C ILE D 274 26.17 -36.20 5.39
C ILE D 274 26.00 -36.31 5.18
N VAL D 275 26.62 -35.52 4.33
CA VAL D 275 27.63 -36.07 3.39
C VAL D 275 28.73 -35.01 3.24
N ASP D 276 29.91 -35.43 2.78
N ASP D 276 29.85 -35.43 2.68
CA ASP D 276 31.04 -34.50 2.60
CA ASP D 276 31.03 -34.56 2.55
C ASP D 276 30.86 -33.63 1.35
C ASP D 276 30.88 -33.66 1.32
N GLU D 277 31.51 -32.48 1.36
CA GLU D 277 31.62 -31.55 0.19
C GLU D 277 32.11 -32.33 -1.05
N SER D 278 32.99 -33.33 -0.86
CA SER D 278 33.55 -34.14 -1.97
C SER D 278 32.51 -35.08 -2.62
N GLN D 279 31.33 -35.21 -2.03
N GLN D 279 31.33 -35.22 -2.02
CA GLN D 279 30.30 -36.14 -2.51
CA GLN D 279 30.26 -36.15 -2.46
C GLN D 279 29.24 -35.41 -3.30
C GLN D 279 29.27 -35.43 -3.39
N ALA D 280 29.49 -34.17 -3.70
CA ALA D 280 28.50 -33.36 -4.47
C ALA D 280 28.06 -34.05 -5.77
N GLN D 281 28.94 -34.81 -6.45
CA GLN D 281 28.61 -35.47 -7.73
C GLN D 281 28.90 -36.99 -7.59
N ALA D 282 29.05 -37.49 -6.39
CA ALA D 282 29.48 -38.89 -6.11
C ALA D 282 28.32 -39.90 -6.26
N PHE D 283 27.04 -39.50 -6.20
CA PHE D 283 25.89 -40.43 -6.09
C PHE D 283 25.20 -40.64 -7.45
N GLY D 284 25.80 -40.18 -8.54
CA GLY D 284 25.28 -40.34 -9.91
C GLY D 284 24.35 -39.19 -10.30
N PHE D 285 24.34 -38.15 -9.49
CA PHE D 285 23.57 -36.92 -9.79
C PHE D 285 24.22 -35.80 -9.00
N ASP D 286 23.76 -34.56 -9.21
CA ASP D 286 24.38 -33.38 -8.60
C ASP D 286 23.58 -32.94 -7.36
N LEU D 287 24.24 -32.80 -6.22
CA LEU D 287 23.58 -32.38 -4.97
C LEU D 287 23.06 -30.95 -5.08
N LEU D 288 23.41 -30.21 -6.12
CA LEU D 288 22.80 -28.86 -6.31
C LEU D 288 21.45 -28.97 -7.02
N ASP D 289 21.05 -30.14 -7.50
CA ASP D 289 19.85 -30.34 -8.33
C ASP D 289 18.66 -30.67 -7.40
N PRO D 290 17.64 -29.78 -7.30
CA PRO D 290 16.54 -29.97 -6.34
C PRO D 290 15.51 -30.97 -6.84
N THR D 291 15.73 -31.58 -8.02
CA THR D 291 14.86 -32.66 -8.55
C THR D 291 15.36 -34.04 -8.14
N LYS D 292 16.36 -34.12 -7.28
CA LYS D 292 16.98 -35.41 -6.90
C LYS D 292 16.91 -35.61 -5.39
N ILE D 293 16.69 -36.85 -4.95
CA ILE D 293 16.91 -37.29 -3.55
C ILE D 293 18.25 -38.04 -3.49
N ILE D 294 18.84 -38.00 -2.31
CA ILE D 294 19.92 -38.94 -1.92
C ILE D 294 19.22 -40.18 -1.40
N PRO D 295 19.29 -41.31 -2.13
CA PRO D 295 18.71 -42.54 -1.62
C PRO D 295 19.28 -42.87 -0.24
N GLU D 296 18.41 -43.28 0.66
CA GLU D 296 18.81 -43.55 2.05
C GLU D 296 19.85 -44.68 2.10
N GLU D 297 19.91 -45.53 1.10
CA GLU D 297 20.93 -46.60 1.03
C GLU D 297 22.32 -45.96 0.91
N TYR D 298 22.44 -44.73 0.40
CA TYR D 298 23.75 -44.04 0.26
C TYR D 298 24.11 -43.18 1.47
N ALA D 299 23.10 -42.68 2.19
CA ALA D 299 23.35 -41.74 3.31
C ALA D 299 22.19 -41.92 4.26
N PRO D 300 22.44 -42.51 5.43
CA PRO D 300 21.37 -42.72 6.39
C PRO D 300 20.99 -41.41 7.10
N LEU D 301 19.78 -41.42 7.67
CA LEU D 301 19.23 -40.29 8.44
C LEU D 301 19.86 -40.30 9.82
N THR D 302 20.31 -39.15 10.25
CA THR D 302 20.73 -38.87 11.62
C THR D 302 19.58 -38.10 12.30
N LYS D 303 19.08 -38.57 13.43
CA LYS D 303 18.04 -37.89 14.21
C LYS D 303 18.66 -36.79 15.03
N LEU D 304 18.25 -35.52 14.80
CA LEU D 304 18.82 -34.41 15.57
C LEU D 304 17.96 -34.09 16.80
N GLY D 305 16.63 -34.17 16.66
CA GLY D 305 15.75 -33.76 17.76
C GLY D 305 14.30 -34.01 17.48
N LEU D 306 13.44 -33.61 18.41
CA LEU D 306 11.99 -33.83 18.37
C LEU D 306 11.27 -32.49 18.11
N LEU D 307 10.40 -32.51 17.11
CA LEU D 307 9.44 -31.41 16.87
C LEU D 307 8.07 -31.87 17.34
N LYS D 308 7.47 -31.13 18.26
CA LYS D 308 6.11 -31.41 18.75
C LYS D 308 5.27 -30.15 18.65
N LEU D 309 4.12 -30.29 18.02
CA LEU D 309 3.13 -29.19 17.98
C LEU D 309 2.09 -29.43 19.06
N ASP D 310 1.90 -28.49 19.98
CA ASP D 310 0.97 -28.73 21.10
C ASP D 310 0.16 -27.52 21.55
N ARG D 311 0.11 -26.46 20.75
N ARG D 311 0.20 -26.42 20.82
CA ARG D 311 -0.71 -25.29 21.14
CA ARG D 311 -0.62 -25.22 21.12
C ARG D 311 -1.24 -24.57 19.91
C ARG D 311 -1.25 -24.72 19.82
N ASN D 312 -2.57 -24.53 19.82
CA ASN D 312 -3.27 -23.87 18.72
C ASN D 312 -3.13 -22.36 18.89
N PRO D 313 -3.24 -21.63 17.76
CA PRO D 313 -3.26 -20.17 17.84
C PRO D 313 -4.47 -19.64 18.59
N THR D 314 -4.36 -18.37 19.00
CA THR D 314 -5.44 -17.60 19.65
C THR D 314 -6.26 -16.87 18.59
N ASN D 315 -5.55 -16.25 17.64
CA ASN D 315 -6.23 -15.52 16.53
C ASN D 315 -5.53 -15.98 15.25
N TYR D 316 -6.29 -16.64 14.39
CA TYR D 316 -5.77 -17.24 13.14
C TYR D 316 -5.17 -16.17 12.24
N PHE D 317 -5.88 -15.07 12.07
CA PHE D 317 -5.37 -14.04 11.15
C PHE D 317 -4.03 -13.54 11.66
N ALA D 318 -3.97 -13.18 12.93
CA ALA D 318 -2.79 -12.49 13.52
C ALA D 318 -1.58 -13.42 13.53
N GLU D 319 -1.81 -14.74 13.71
CA GLU D 319 -0.69 -15.69 13.87
C GLU D 319 -0.50 -16.50 12.60
N THR D 320 -1.48 -17.27 12.17
CA THR D 320 -1.32 -18.11 10.98
C THR D 320 -1.28 -17.27 9.67
N GLU D 321 -2.21 -16.36 9.49
CA GLU D 321 -2.27 -15.69 8.17
C GLU D 321 -1.04 -14.81 8.04
N GLN D 322 -0.65 -14.13 9.11
CA GLN D 322 0.45 -13.15 9.09
C GLN D 322 1.86 -13.77 9.18
N VAL D 323 2.04 -15.06 9.50
CA VAL D 323 3.42 -15.57 9.67
C VAL D 323 4.13 -15.51 8.31
N MET D 324 5.32 -14.94 8.26
CA MET D 324 6.05 -14.63 7.01
C MET D 324 7.39 -15.35 7.05
N PHE D 325 7.40 -16.55 6.51
CA PHE D 325 8.61 -17.41 6.49
C PHE D 325 9.59 -16.95 5.45
N GLN D 326 10.88 -17.19 5.72
CA GLN D 326 11.93 -16.87 4.72
C GLN D 326 13.08 -17.86 4.86
N PRO D 327 13.59 -18.44 3.75
CA PRO D 327 14.86 -19.17 3.84
C PRO D 327 16.04 -18.24 4.18
N GLY D 328 15.90 -16.92 3.99
CA GLY D 328 16.88 -15.93 4.47
C GLY D 328 16.96 -15.81 5.95
N HIS D 329 15.96 -16.35 6.65
CA HIS D 329 16.03 -16.46 8.13
C HIS D 329 16.96 -17.62 8.46
N ILE D 330 18.24 -17.32 8.50
CA ILE D 330 19.31 -18.34 8.67
C ILE D 330 20.11 -17.93 9.90
N VAL D 331 20.74 -18.90 10.54
CA VAL D 331 21.52 -18.65 11.79
C VAL D 331 22.95 -19.15 11.56
N ARG D 332 23.88 -18.63 12.37
CA ARG D 332 25.28 -19.13 12.41
C ARG D 332 25.24 -20.66 12.53
N GLY D 333 25.98 -21.33 11.67
CA GLY D 333 26.07 -22.81 11.70
C GLY D 333 25.38 -23.48 10.52
N ILE D 334 24.63 -22.70 9.73
CA ILE D 334 23.91 -23.17 8.54
C ILE D 334 24.38 -22.27 7.40
N ASP D 335 24.49 -22.80 6.21
CA ASP D 335 24.73 -21.95 5.02
C ASP D 335 23.97 -22.51 3.85
N PHE D 336 23.90 -21.71 2.81
CA PHE D 336 23.27 -22.06 1.54
C PHE D 336 24.20 -22.92 0.69
N THR D 337 23.62 -23.48 -0.33
CA THR D 337 24.33 -24.05 -1.50
C THR D 337 23.89 -23.33 -2.77
N GLU D 338 24.64 -23.58 -3.84
CA GLU D 338 24.49 -23.02 -5.19
C GLU D 338 23.37 -23.73 -5.97
N ASP D 339 22.42 -24.33 -5.28
CA ASP D 339 21.20 -24.85 -5.92
C ASP D 339 20.47 -23.65 -6.51
N PRO D 340 20.29 -23.56 -7.85
CA PRO D 340 19.77 -22.33 -8.44
C PRO D 340 18.30 -22.10 -8.13
N LEU D 341 17.64 -23.12 -7.59
CA LEU D 341 16.25 -22.93 -7.08
C LEU D 341 16.30 -22.26 -5.72
N LEU D 342 17.09 -22.79 -4.79
CA LEU D 342 17.28 -22.15 -3.49
C LEU D 342 17.75 -20.69 -3.65
N GLN D 343 18.75 -20.48 -4.50
CA GLN D 343 19.37 -19.18 -4.68
C GLN D 343 18.30 -18.11 -4.93
N GLY D 344 17.36 -18.40 -5.82
CA GLY D 344 16.34 -17.37 -6.16
C GLY D 344 15.30 -17.21 -5.07
N ARG D 345 14.99 -18.29 -4.33
CA ARG D 345 14.07 -18.19 -3.20
C ARG D 345 14.52 -17.10 -2.24
N LEU D 346 15.80 -16.99 -1.98
CA LEU D 346 16.31 -16.02 -1.00
C LEU D 346 15.81 -14.61 -1.34
N PHE D 347 15.72 -14.29 -2.61
CA PHE D 347 15.19 -12.97 -3.01
C PHE D 347 13.68 -12.93 -2.76
N SER D 348 12.97 -13.95 -3.22
N SER D 348 12.95 -13.93 -3.25
CA SER D 348 11.49 -13.97 -3.34
CA SER D 348 11.46 -13.88 -3.33
C SER D 348 10.78 -13.76 -1.99
C SER D 348 10.83 -13.66 -1.94
N TYR D 349 11.27 -14.41 -0.94
CA TYR D 349 10.54 -14.42 0.34
C TYR D 349 10.80 -13.13 1.10
N LEU D 350 11.83 -12.36 0.80
CA LEU D 350 11.98 -11.05 1.48
C LEU D 350 11.08 -10.03 0.76
N ASP D 351 11.05 -10.07 -0.56
CA ASP D 351 10.27 -9.12 -1.41
C ASP D 351 8.77 -9.34 -1.18
N THR D 352 8.30 -10.56 -1.18
CA THR D 352 6.85 -10.84 -1.23
C THR D 352 6.20 -10.38 0.07
N GLN D 353 6.92 -10.28 1.18
CA GLN D 353 6.26 -9.82 2.42
C GLN D 353 5.85 -8.34 2.28
N LEU D 354 6.51 -7.56 1.40
CA LEU D 354 6.09 -6.17 1.16
C LEU D 354 4.68 -6.19 0.58
N ASN D 355 4.39 -7.13 -0.32
CA ASN D 355 3.02 -7.25 -0.88
C ASN D 355 2.03 -7.61 0.23
N ARG D 356 2.37 -8.63 1.02
CA ARG D 356 1.39 -9.10 2.02
C ARG D 356 1.15 -8.05 3.10
N ASN D 357 2.23 -7.48 3.64
CA ASN D 357 2.11 -6.58 4.81
C ASN D 357 1.78 -5.17 4.38
N GLY D 358 2.11 -4.79 3.14
CA GLY D 358 1.88 -3.43 2.64
C GLY D 358 2.94 -2.45 3.09
N GLY D 359 3.98 -2.90 3.78
CA GLY D 359 5.06 -2.02 4.27
C GLY D 359 6.21 -2.83 4.80
N PRO D 360 7.33 -2.20 5.15
CA PRO D 360 8.60 -2.89 5.36
C PRO D 360 8.82 -3.40 6.76
N ASN D 361 7.88 -3.17 7.69
CA ASN D 361 8.13 -3.50 9.12
C ASN D 361 7.46 -4.81 9.50
N PHE D 362 7.30 -5.75 8.57
CA PHE D 362 6.62 -7.06 8.79
C PHE D 362 7.33 -7.91 9.86
N GLU D 363 8.63 -7.75 10.09
CA GLU D 363 9.29 -8.53 11.15
C GLU D 363 8.87 -8.02 12.53
N GLN D 364 8.11 -6.94 12.67
CA GLN D 364 7.62 -6.44 13.98
C GLN D 364 6.30 -7.08 14.36
N LEU D 365 5.62 -7.77 13.43
CA LEU D 365 4.36 -8.45 13.79
C LEU D 365 4.74 -9.45 14.87
N PRO D 366 3.91 -9.62 15.90
CA PRO D 366 4.24 -10.54 17.00
C PRO D 366 4.74 -11.90 16.55
N ILE D 367 4.02 -12.53 15.62
CA ILE D 367 4.37 -13.89 15.12
C ILE D 367 5.75 -13.89 14.48
N ASN D 368 6.18 -12.78 13.92
CA ASN D 368 7.49 -12.72 13.22
C ASN D 368 8.62 -12.20 14.08
N MET D 369 8.33 -11.64 15.26
N MET D 369 8.35 -11.63 15.25
CA MET D 369 9.34 -11.10 16.18
CA MET D 369 9.42 -11.10 16.08
C MET D 369 10.26 -12.20 16.66
C MET D 369 10.32 -12.25 16.53
N PRO D 370 11.58 -11.93 16.79
CA PRO D 370 12.47 -12.90 17.45
C PRO D 370 12.28 -12.83 18.97
N ARG D 371 12.93 -13.79 19.65
N ARG D 371 12.95 -13.74 19.68
CA ARG D 371 12.92 -13.97 21.13
CA ARG D 371 12.82 -13.81 21.17
C ARG D 371 14.28 -13.57 21.70
C ARG D 371 14.10 -13.30 21.83
N VAL D 372 14.96 -12.62 21.07
CA VAL D 372 16.23 -12.05 21.51
C VAL D 372 16.26 -10.63 21.03
N PRO D 373 17.14 -9.78 21.61
CA PRO D 373 17.19 -8.38 21.25
C PRO D 373 17.62 -8.19 19.79
N ILE D 374 17.14 -7.06 19.27
CA ILE D 374 17.47 -6.55 17.93
C ILE D 374 18.33 -5.32 18.10
N HIS D 375 19.51 -5.32 17.48
CA HIS D 375 20.40 -4.16 17.44
C HIS D 375 20.79 -3.86 16.02
N ASN D 376 20.11 -2.89 15.37
CA ASN D 376 20.56 -2.52 14.01
C ASN D 376 20.12 -1.09 13.68
N ASN D 377 20.54 -0.63 12.51
CA ASN D 377 20.32 0.74 12.06
C ASN D 377 19.22 0.82 11.00
N ASN D 378 18.37 -0.19 10.94
CA ASN D 378 17.13 -0.10 10.12
C ASN D 378 16.18 0.88 10.80
N ARG D 379 15.56 1.75 10.02
CA ARG D 379 14.78 2.87 10.60
C ARG D 379 13.53 3.16 9.80
N ASP D 380 12.54 3.76 10.46
CA ASP D 380 11.41 4.41 9.76
C ASP D 380 10.63 3.36 9.00
N GLY D 381 10.02 3.75 7.88
CA GLY D 381 9.11 2.87 7.14
C GLY D 381 7.71 2.87 7.70
N ALA D 382 6.73 2.62 6.87
CA ALA D 382 5.32 2.60 7.29
C ALA D 382 5.18 1.58 8.43
N GLY D 383 4.38 1.91 9.41
CA GLY D 383 4.03 0.98 10.49
C GLY D 383 5.16 0.79 11.47
N GLN D 384 6.12 1.71 11.55
CA GLN D 384 7.27 1.57 12.48
C GLN D 384 6.77 1.57 13.93
N MET D 385 7.01 0.48 14.65
CA MET D 385 6.52 0.33 16.04
C MET D 385 7.61 0.72 17.03
N PHE D 386 8.87 0.62 16.67
CA PHE D 386 9.95 0.82 17.64
C PHE D 386 10.22 2.32 17.80
N ILE D 387 10.66 2.72 18.99
CA ILE D 387 11.13 4.10 19.23
C ILE D 387 12.63 3.98 19.53
N HIS D 388 13.46 4.15 18.51
CA HIS D 388 14.91 3.94 18.62
C HIS D 388 15.57 5.08 19.39
N ARG D 389 16.34 4.73 20.43
N ARG D 389 16.32 4.75 20.44
CA ARG D 389 17.09 5.68 21.30
CA ARG D 389 17.06 5.76 21.25
C ARG D 389 18.43 6.12 20.69
C ARG D 389 18.32 6.23 20.52
N ASN D 390 19.00 5.34 19.79
CA ASN D 390 20.30 5.65 19.16
C ASN D 390 20.08 6.66 18.05
N LYS D 391 20.49 7.90 18.23
N LYS D 391 20.52 7.89 18.29
CA LYS D 391 20.27 8.97 17.22
CA LYS D 391 20.41 9.06 17.39
C LYS D 391 21.47 9.04 16.25
C LYS D 391 21.41 8.98 16.22
N TYR D 392 22.34 8.03 16.25
CA TYR D 392 23.44 7.96 15.27
C TYR D 392 23.45 6.62 14.56
N PRO D 393 22.37 6.27 13.85
CA PRO D 393 22.27 4.94 13.23
C PRO D 393 23.03 4.82 11.92
N TYR D 394 24.33 4.96 12.00
CA TYR D 394 25.26 4.76 10.90
C TYR D 394 26.55 4.14 11.46
N THR D 395 27.16 3.34 10.62
CA THR D 395 28.48 2.72 10.83
C THR D 395 29.37 3.16 9.70
N PRO D 396 30.64 3.55 9.92
CA PRO D 396 31.21 3.69 11.27
C PRO D 396 30.83 5.01 11.93
N ASN D 397 30.67 4.95 13.25
CA ASN D 397 30.33 6.14 14.07
C ASN D 397 31.31 6.21 15.27
N THR D 398 31.51 7.44 15.76
CA THR D 398 32.03 7.63 17.13
C THR D 398 30.90 8.12 18.05
N LEU D 399 29.88 8.78 17.53
CA LEU D 399 28.92 9.46 18.41
C LEU D 399 28.02 8.46 19.11
N ASN D 400 27.95 7.21 18.66
CA ASN D 400 27.35 6.10 19.45
C ASN D 400 28.42 5.06 19.83
N SER D 401 29.67 5.53 19.97
CA SER D 401 30.81 4.73 20.52
C SER D 401 31.04 3.48 19.67
N GLY D 402 30.65 3.51 18.40
CA GLY D 402 30.88 2.39 17.49
C GLY D 402 29.93 1.23 17.67
N TYR D 403 28.78 1.45 18.32
CA TYR D 403 27.74 0.45 18.43
C TYR D 403 26.66 0.75 17.42
N PRO D 404 25.94 -0.28 16.94
CA PRO D 404 26.20 -1.70 17.20
C PRO D 404 27.53 -2.15 16.58
N ARG D 405 28.14 -3.16 17.21
CA ARG D 405 29.40 -3.73 16.67
C ARG D 405 29.12 -4.76 15.58
N GLN D 406 30.02 -4.87 14.62
CA GLN D 406 29.92 -5.86 13.53
C GLN D 406 30.09 -7.27 14.08
N ALA D 407 29.22 -8.18 13.71
CA ALA D 407 29.38 -9.60 14.06
C ALA D 407 29.82 -10.41 12.86
N ASN D 408 30.74 -11.36 13.09
CA ASN D 408 31.34 -12.14 12.00
C ASN D 408 31.87 -13.46 12.58
N GLN D 409 32.65 -14.17 11.80
CA GLN D 409 33.09 -15.51 12.25
C GLN D 409 33.82 -15.39 13.59
N ASN D 410 34.64 -14.36 13.75
CA ASN D 410 35.57 -14.21 14.90
C ASN D 410 35.00 -13.35 16.03
N ALA D 411 33.84 -12.69 15.89
CA ALA D 411 33.35 -11.76 16.93
C ALA D 411 31.83 -11.76 16.97
N GLY D 412 31.23 -11.80 18.14
CA GLY D 412 29.79 -11.55 18.30
C GLY D 412 28.91 -12.66 17.75
N ARG D 413 29.47 -13.85 17.50
CA ARG D 413 28.69 -15.02 17.01
C ARG D 413 27.97 -14.64 15.71
N GLY D 414 28.67 -13.91 14.88
CA GLY D 414 28.10 -13.56 13.57
C GLY D 414 27.78 -14.75 12.70
N PHE D 415 26.75 -14.62 11.85
CA PHE D 415 26.62 -15.47 10.67
C PHE D 415 27.88 -15.31 9.85
N PHE D 416 28.32 -16.39 9.21
CA PHE D 416 29.40 -16.26 8.20
C PHE D 416 29.17 -17.25 7.10
N THR D 417 29.48 -16.83 5.87
CA THR D 417 29.43 -17.75 4.71
C THR D 417 30.50 -18.84 4.93
N ALA D 418 30.19 -20.09 4.61
CA ALA D 418 31.16 -21.21 4.73
C ALA D 418 32.45 -20.77 4.03
N PRO D 419 33.57 -20.63 4.74
CA PRO D 419 34.73 -20.00 4.12
C PRO D 419 35.44 -20.84 3.06
N GLY D 420 35.13 -22.13 2.93
CA GLY D 420 35.69 -22.94 1.82
C GLY D 420 34.94 -22.78 0.53
N ARG D 421 33.85 -21.99 0.50
CA ARG D 421 33.07 -21.85 -0.75
C ARG D 421 33.82 -20.95 -1.73
N THR D 422 33.76 -21.33 -3.00
CA THR D 422 34.41 -20.60 -4.09
C THR D 422 33.45 -20.50 -5.26
N ALA D 423 33.79 -19.63 -6.20
CA ALA D 423 33.18 -19.70 -7.53
C ALA D 423 34.29 -19.54 -8.55
N SER D 424 34.05 -20.06 -9.75
N SER D 424 34.08 -20.10 -9.75
N SER D 424 34.06 -20.11 -9.73
CA SER D 424 35.05 -20.06 -10.85
CA SER D 424 35.08 -20.08 -10.85
CA SER D 424 34.97 -19.88 -10.86
C SER D 424 34.38 -20.28 -12.19
C SER D 424 34.39 -20.28 -12.20
C SER D 424 34.20 -20.09 -12.15
N GLY D 425 34.70 -19.42 -13.17
CA GLY D 425 34.21 -19.56 -14.54
C GLY D 425 33.56 -18.31 -15.05
N ALA D 426 32.97 -18.44 -16.21
CA ALA D 426 32.28 -17.37 -16.93
C ALA D 426 31.00 -17.02 -16.16
N LEU D 427 30.58 -15.78 -16.30
CA LEU D 427 29.23 -15.36 -15.82
C LEU D 427 28.24 -15.85 -16.88
N VAL D 428 27.42 -16.85 -16.53
CA VAL D 428 26.62 -17.60 -17.52
C VAL D 428 25.15 -17.67 -17.13
N ARG D 429 24.29 -17.66 -18.14
CA ARG D 429 22.88 -18.08 -18.02
C ARG D 429 22.77 -19.45 -18.71
N GLU D 430 23.45 -20.43 -18.14
N GLU D 430 23.45 -20.44 -18.17
CA GLU D 430 23.61 -21.81 -18.70
CA GLU D 430 23.46 -21.80 -18.76
C GLU D 430 23.21 -22.84 -17.64
C GLU D 430 23.19 -22.83 -17.66
N VAL D 431 22.55 -23.91 -18.06
CA VAL D 431 22.20 -25.04 -17.16
C VAL D 431 23.36 -26.05 -17.14
N SER D 432 23.78 -26.45 -15.95
CA SER D 432 24.84 -27.48 -15.74
C SER D 432 24.38 -28.78 -16.42
N PRO D 433 25.22 -29.41 -17.30
CA PRO D 433 24.84 -30.72 -17.86
C PRO D 433 24.66 -31.80 -16.83
N THR D 434 25.14 -31.60 -15.60
CA THR D 434 24.97 -32.54 -14.46
C THR D 434 23.48 -32.62 -14.04
N PHE D 435 22.66 -31.68 -14.51
CA PHE D 435 21.21 -31.61 -14.19
C PHE D 435 20.34 -32.36 -15.21
N ASN D 436 20.93 -32.95 -16.26
CA ASN D 436 20.17 -33.31 -17.48
C ASN D 436 19.36 -34.61 -17.36
N ASP D 437 19.55 -35.46 -16.36
CA ASP D 437 18.76 -36.71 -16.27
C ASP D 437 17.47 -36.43 -15.52
N HIS D 438 16.37 -36.30 -16.23
CA HIS D 438 15.06 -35.91 -15.67
C HIS D 438 14.22 -37.15 -15.41
N TRP D 439 14.73 -38.37 -15.71
CA TRP D 439 13.83 -39.56 -15.80
C TRP D 439 14.22 -40.71 -14.88
N SER D 440 15.50 -40.90 -14.57
N SER D 440 15.49 -40.93 -14.53
CA SER D 440 15.98 -42.05 -13.77
CA SER D 440 15.89 -42.13 -13.76
C SER D 440 15.29 -42.02 -12.40
C SER D 440 15.35 -42.05 -12.32
N GLN D 441 15.26 -40.85 -11.74
CA GLN D 441 14.80 -40.80 -10.33
C GLN D 441 13.28 -40.93 -10.29
N PRO D 442 12.50 -40.36 -11.22
CA PRO D 442 11.09 -40.72 -11.26
C PRO D 442 10.86 -42.24 -11.38
N ARG D 443 11.71 -42.91 -12.15
CA ARG D 443 11.61 -44.39 -12.29
C ARG D 443 12.01 -45.04 -10.98
N LEU D 444 13.05 -44.57 -10.31
CA LEU D 444 13.45 -45.03 -8.94
C LEU D 444 12.23 -44.96 -8.01
N PHE D 445 11.57 -43.81 -7.97
CA PHE D 445 10.37 -43.60 -7.12
C PHE D 445 9.30 -44.65 -7.50
N PHE D 446 8.92 -44.71 -8.77
CA PHE D 446 7.81 -45.57 -9.23
C PHE D 446 8.14 -47.02 -8.84
N ASN D 447 9.40 -47.41 -9.01
CA ASN D 447 9.80 -48.82 -8.72
C ASN D 447 9.67 -49.13 -7.24
N SER D 448 9.73 -48.13 -6.36
CA SER D 448 9.78 -48.27 -4.90
C SER D 448 8.36 -48.30 -4.29
N LEU D 449 7.33 -48.17 -5.11
CA LEU D 449 5.90 -48.29 -4.67
C LEU D 449 5.44 -49.73 -4.77
N THR D 450 4.44 -50.08 -3.97
CA THR D 450 3.81 -51.43 -4.05
C THR D 450 2.96 -51.49 -5.31
N PRO D 451 2.54 -52.70 -5.76
CA PRO D 451 1.72 -52.79 -6.95
C PRO D 451 0.41 -51.97 -6.91
N VAL D 452 -0.36 -51.99 -5.82
N VAL D 452 -0.30 -52.03 -5.77
CA VAL D 452 -1.61 -51.18 -5.80
CA VAL D 452 -1.56 -51.25 -5.55
C VAL D 452 -1.23 -49.70 -5.67
C VAL D 452 -1.19 -49.77 -5.70
N GLU D 453 -0.11 -49.37 -5.03
CA GLU D 453 0.39 -47.96 -5.04
C GLU D 453 0.69 -47.51 -6.45
N GLN D 454 1.35 -48.36 -7.25
CA GLN D 454 1.62 -48.07 -8.66
C GLN D 454 0.28 -47.89 -9.41
N GLN D 455 -0.71 -48.75 -9.13
CA GLN D 455 -2.03 -48.62 -9.77
C GLN D 455 -2.67 -47.26 -9.41
N PHE D 456 -2.59 -46.85 -8.15
CA PHE D 456 -3.21 -45.59 -7.69
C PHE D 456 -2.57 -44.44 -8.47
N LEU D 457 -1.26 -44.48 -8.70
CA LEU D 457 -0.50 -43.41 -9.42
C LEU D 457 -0.89 -43.40 -10.89
N VAL D 458 -0.96 -44.58 -11.51
CA VAL D 458 -1.45 -44.70 -12.89
C VAL D 458 -2.88 -44.12 -12.95
N ASN D 459 -3.72 -44.47 -12.00
CA ASN D 459 -5.14 -44.03 -12.00
C ASN D 459 -5.25 -42.50 -11.83
N ALA D 460 -4.38 -41.90 -11.04
CA ALA D 460 -4.40 -40.42 -10.86
C ALA D 460 -4.05 -39.78 -12.19
N MET D 461 -3.04 -40.31 -12.89
CA MET D 461 -2.63 -39.78 -14.21
C MET D 461 -3.77 -40.02 -15.20
N ARG D 462 -4.40 -41.21 -15.19
CA ARG D 462 -5.53 -41.44 -16.09
C ARG D 462 -6.64 -40.41 -15.85
N PHE D 463 -6.94 -40.14 -14.58
CA PHE D 463 -7.97 -39.16 -14.19
C PHE D 463 -7.60 -37.82 -14.84
N GLU D 464 -6.44 -37.29 -14.50
CA GLU D 464 -6.10 -35.89 -14.86
C GLU D 464 -5.89 -35.78 -16.36
N ILE D 465 -5.14 -36.71 -16.96
CA ILE D 465 -4.79 -36.54 -18.40
C ILE D 465 -6.07 -36.69 -19.23
N SER D 466 -7.03 -37.52 -18.79
CA SER D 466 -8.32 -37.63 -19.54
C SER D 466 -9.06 -36.30 -19.62
N LEU D 467 -8.78 -35.35 -18.73
CA LEU D 467 -9.46 -34.03 -18.70
C LEU D 467 -8.69 -33.01 -19.54
N VAL D 468 -7.53 -33.36 -20.08
CA VAL D 468 -6.76 -32.48 -20.98
C VAL D 468 -7.43 -32.51 -22.34
N LYS D 469 -7.90 -31.34 -22.82
N LYS D 469 -7.82 -31.35 -22.86
CA LYS D 469 -8.62 -31.19 -24.12
CA LYS D 469 -8.65 -31.30 -24.11
C LYS D 469 -7.67 -31.49 -25.28
C LYS D 469 -7.75 -31.33 -25.35
N SER D 470 -6.50 -30.88 -25.27
CA SER D 470 -5.56 -30.91 -26.42
C SER D 470 -5.00 -32.33 -26.67
N GLU D 471 -5.24 -32.89 -27.85
N GLU D 471 -5.22 -32.87 -27.88
CA GLU D 471 -4.71 -34.22 -28.23
CA GLU D 471 -4.66 -34.17 -28.33
C GLU D 471 -3.18 -34.10 -28.40
C GLU D 471 -3.15 -34.08 -28.32
N GLU D 472 -2.67 -32.93 -28.81
N GLU D 472 -2.58 -32.97 -28.81
CA GLU D 472 -1.21 -32.63 -28.92
CA GLU D 472 -1.11 -32.78 -28.89
C GLU D 472 -0.59 -32.74 -27.51
C GLU D 472 -0.51 -32.74 -27.47
N VAL D 473 -1.12 -32.03 -26.51
CA VAL D 473 -0.59 -32.10 -25.13
C VAL D 473 -0.60 -33.57 -24.62
N LYS D 474 -1.72 -34.28 -24.77
CA LYS D 474 -1.81 -35.68 -24.27
C LYS D 474 -0.70 -36.54 -24.88
N LYS D 475 -0.47 -36.39 -26.20
N LYS D 475 -0.49 -36.38 -26.19
CA LYS D 475 0.62 -37.12 -26.89
CA LYS D 475 0.60 -37.11 -26.90
C LYS D 475 1.97 -36.73 -26.28
C LYS D 475 1.94 -36.73 -26.28
N ASN D 476 2.18 -35.43 -26.04
CA ASN D 476 3.45 -34.98 -25.46
C ASN D 476 3.63 -35.54 -24.05
N VAL D 477 2.54 -35.63 -23.29
CA VAL D 477 2.63 -36.19 -21.92
C VAL D 477 3.07 -37.66 -22.01
N LEU D 478 2.46 -38.40 -22.93
CA LEU D 478 2.83 -39.85 -23.10
C LEU D 478 4.29 -39.99 -23.53
N THR D 479 4.81 -39.07 -24.33
CA THR D 479 6.25 -39.06 -24.73
C THR D 479 7.11 -38.97 -23.48
N GLN D 480 6.81 -38.06 -22.53
CA GLN D 480 7.58 -37.93 -21.29
C GLN D 480 7.38 -39.08 -20.34
N LEU D 481 6.14 -39.52 -20.09
CA LEU D 481 5.95 -40.65 -19.16
C LEU D 481 6.70 -41.89 -19.71
N ASN D 482 6.68 -42.07 -21.02
CA ASN D 482 7.35 -43.23 -21.69
C ASN D 482 8.85 -43.23 -21.38
N ARG D 483 9.48 -42.08 -21.16
CA ARG D 483 10.91 -42.05 -20.87
C ARG D 483 11.19 -42.50 -19.44
N VAL D 484 10.21 -42.43 -18.55
CA VAL D 484 10.31 -42.97 -17.17
C VAL D 484 9.97 -44.45 -17.21
N SER D 485 8.82 -44.79 -17.79
CA SER D 485 8.32 -46.18 -17.80
C SER D 485 7.43 -46.41 -19.00
N HIS D 486 7.79 -47.37 -19.84
CA HIS D 486 6.90 -47.76 -20.96
C HIS D 486 5.58 -48.29 -20.37
N ASP D 487 5.61 -49.08 -19.30
CA ASP D 487 4.38 -49.69 -18.73
C ASP D 487 3.42 -48.55 -18.27
N VAL D 488 3.97 -47.53 -17.63
CA VAL D 488 3.13 -46.39 -17.17
C VAL D 488 2.48 -45.74 -18.39
N ALA D 489 3.27 -45.46 -19.43
CA ALA D 489 2.76 -44.82 -20.64
C ALA D 489 1.63 -45.69 -21.24
N VAL D 490 1.83 -47.01 -21.31
CA VAL D 490 0.80 -47.91 -21.94
C VAL D 490 -0.50 -47.85 -21.14
N ARG D 491 -0.40 -47.94 -19.83
CA ARG D 491 -1.54 -48.04 -18.91
C ARG D 491 -2.30 -46.71 -18.86
N VAL D 492 -1.55 -45.62 -18.86
CA VAL D 492 -2.19 -44.27 -18.94
C VAL D 492 -2.86 -44.10 -20.31
N ALA D 493 -2.15 -44.41 -21.39
CA ALA D 493 -2.64 -44.24 -22.78
C ALA D 493 -3.99 -44.99 -22.97
N ALA D 494 -4.14 -46.15 -22.33
CA ALA D 494 -5.37 -46.99 -22.43
C ALA D 494 -6.59 -46.17 -22.03
N ALA D 495 -6.47 -45.30 -21.01
CA ALA D 495 -7.65 -44.56 -20.50
C ALA D 495 -8.03 -43.42 -21.46
N ILE D 496 -7.13 -42.96 -22.31
CA ILE D 496 -7.37 -41.75 -23.14
C ILE D 496 -7.40 -42.17 -24.62
N GLY D 497 -7.35 -43.46 -24.89
CA GLY D 497 -7.57 -44.00 -26.26
C GLY D 497 -6.53 -43.51 -27.25
N LEU D 498 -5.33 -43.16 -26.77
CA LEU D 498 -4.14 -42.96 -27.63
C LEU D 498 -3.28 -44.21 -27.51
N GLY D 499 -2.36 -44.39 -28.47
CA GLY D 499 -1.31 -45.41 -28.37
C GLY D 499 -0.09 -44.84 -27.65
N ALA D 500 0.53 -45.62 -26.78
CA ALA D 500 1.80 -45.19 -26.18
C ALA D 500 2.90 -45.24 -27.24
N PRO D 501 3.88 -44.33 -27.22
CA PRO D 501 4.99 -44.42 -28.15
C PRO D 501 5.83 -45.64 -27.82
N ASP D 502 6.63 -46.07 -28.79
CA ASP D 502 7.51 -47.24 -28.57
C ASP D 502 8.43 -47.01 -27.37
N ALA D 503 8.69 -48.08 -26.65
CA ALA D 503 9.62 -48.08 -25.51
C ALA D 503 10.91 -47.34 -25.89
N ASP D 504 11.41 -46.53 -24.96
CA ASP D 504 12.71 -45.86 -25.06
C ASP D 504 13.46 -46.11 -23.78
N ASP D 505 14.40 -47.05 -23.79
CA ASP D 505 14.94 -47.63 -22.53
C ASP D 505 16.16 -46.88 -21.99
N THR D 506 16.49 -45.70 -22.50
CA THR D 506 17.71 -44.97 -22.10
C THR D 506 17.76 -44.86 -20.58
N TYR D 507 16.65 -44.51 -19.95
CA TYR D 507 16.60 -44.20 -18.50
C TYR D 507 15.91 -45.31 -17.70
N TYR D 508 15.53 -46.42 -18.33
CA TYR D 508 14.83 -47.50 -17.60
C TYR D 508 15.85 -48.23 -16.75
N HIS D 509 15.41 -48.65 -15.56
CA HIS D 509 16.19 -49.44 -14.57
C HIS D 509 15.22 -50.03 -13.55
N ASN D 510 15.75 -50.91 -12.72
CA ASN D 510 14.97 -51.69 -11.74
C ASN D 510 15.40 -51.38 -10.32
N ASN D 511 16.14 -50.30 -10.08
CA ASN D 511 16.59 -49.93 -8.73
C ASN D 511 15.40 -49.41 -7.90
N LYS D 512 15.44 -49.69 -6.60
CA LYS D 512 14.42 -49.27 -5.61
C LYS D 512 15.11 -48.53 -4.48
N THR D 513 14.34 -47.77 -3.71
CA THR D 513 14.83 -47.08 -2.51
C THR D 513 13.79 -47.17 -1.39
N ALA D 514 14.28 -47.25 -0.18
CA ALA D 514 13.46 -47.37 1.05
C ALA D 514 12.82 -46.02 1.40
N GLY D 515 11.66 -46.11 2.03
CA GLY D 515 11.09 -44.99 2.79
C GLY D 515 10.28 -44.02 1.93
N VAL D 516 10.00 -44.31 0.67
CA VAL D 516 9.14 -43.40 -0.16
C VAL D 516 7.73 -43.96 -0.32
N SER D 517 7.51 -45.22 0.00
CA SER D 517 6.20 -45.85 -0.16
C SER D 517 5.33 -45.54 1.04
N ILE D 518 4.06 -45.26 0.82
CA ILE D 518 3.08 -45.13 1.92
C ILE D 518 2.53 -46.53 2.26
N VAL D 519 2.01 -47.19 1.24
CA VAL D 519 1.31 -48.52 1.35
C VAL D 519 2.29 -49.50 1.97
N GLY D 520 3.59 -49.30 1.77
CA GLY D 520 4.67 -50.22 2.17
C GLY D 520 5.22 -49.91 3.54
N SER D 521 4.80 -48.83 4.20
CA SER D 521 5.48 -48.36 5.43
C SER D 521 4.84 -49.00 6.65
N GLY D 522 3.96 -50.00 6.45
CA GLY D 522 3.54 -50.95 7.51
C GLY D 522 2.40 -50.34 8.29
N PRO D 523 1.83 -51.05 9.27
CA PRO D 523 0.74 -50.48 10.03
C PRO D 523 1.19 -49.18 10.72
N LEU D 524 0.24 -48.27 10.96
CA LEU D 524 0.46 -47.03 11.76
C LEU D 524 0.98 -47.41 13.14
N PRO D 525 1.93 -46.64 13.72
CA PRO D 525 2.50 -46.89 15.04
C PRO D 525 1.55 -46.56 16.18
N THR D 526 0.51 -45.77 15.92
CA THR D 526 -0.49 -45.38 16.92
C THR D 526 -1.81 -45.19 16.19
N ILE D 527 -2.91 -45.56 16.84
CA ILE D 527 -4.26 -45.31 16.29
C ILE D 527 -4.92 -44.17 17.05
N LYS D 528 -4.26 -43.55 18.01
CA LYS D 528 -4.86 -42.44 18.77
C LYS D 528 -5.27 -41.37 17.74
N THR D 529 -6.43 -40.77 17.97
CA THR D 529 -7.08 -39.70 17.15
C THR D 529 -7.84 -40.29 15.97
N LEU D 530 -7.64 -41.56 15.60
CA LEU D 530 -8.39 -42.07 14.44
C LEU D 530 -9.88 -42.10 14.80
N ARG D 531 -10.70 -41.98 13.75
CA ARG D 531 -12.14 -41.62 13.84
C ARG D 531 -13.00 -42.88 13.61
N VAL D 532 -13.84 -43.24 14.57
CA VAL D 532 -14.76 -44.39 14.40
C VAL D 532 -16.19 -43.88 14.37
N GLY D 533 -16.91 -44.13 13.29
CA GLY D 533 -18.33 -43.85 13.22
C GLY D 533 -19.13 -45.08 13.62
N ILE D 534 -19.99 -44.93 14.62
CA ILE D 534 -20.92 -46.03 15.06
C ILE D 534 -22.32 -45.66 14.57
N LEU D 535 -22.85 -46.43 13.61
CA LEU D 535 -24.16 -46.22 12.99
C LEU D 535 -25.21 -46.93 13.84
N ALA D 536 -26.05 -46.15 14.50
CA ALA D 536 -27.07 -46.64 15.45
C ALA D 536 -28.43 -46.15 15.01
N THR D 537 -29.43 -46.34 15.87
CA THR D 537 -30.82 -45.89 15.64
C THR D 537 -31.44 -45.51 16.97
N THR D 538 -32.31 -44.50 16.93
CA THR D 538 -33.18 -44.15 18.09
C THR D 538 -34.38 -45.11 18.16
N SER D 539 -34.65 -45.91 17.14
CA SER D 539 -35.87 -46.75 17.04
C SER D 539 -35.76 -47.98 17.96
N GLU D 540 -34.59 -48.18 18.58
CA GLU D 540 -34.26 -49.37 19.42
C GLU D 540 -33.35 -48.94 20.57
N SER D 541 -33.81 -48.96 21.82
CA SER D 541 -32.97 -48.51 22.96
C SER D 541 -31.76 -49.45 23.08
N SER D 542 -31.88 -50.72 22.67
CA SER D 542 -30.74 -51.68 22.69
C SER D 542 -29.65 -51.28 21.67
N ALA D 543 -29.99 -50.71 20.50
CA ALA D 543 -29.00 -50.18 19.53
C ALA D 543 -28.19 -49.04 20.17
N LEU D 544 -28.84 -48.15 20.91
CA LEU D 544 -28.15 -47.05 21.61
C LEU D 544 -27.31 -47.62 22.76
N ASP D 545 -27.80 -48.70 23.39
CA ASP D 545 -27.00 -49.39 24.44
C ASP D 545 -25.73 -49.98 23.82
N GLN D 546 -25.81 -50.63 22.67
CA GLN D 546 -24.65 -51.25 21.99
C GLN D 546 -23.66 -50.13 21.67
N ALA D 547 -24.21 -49.01 21.20
CA ALA D 547 -23.34 -47.88 20.77
C ALA D 547 -22.59 -47.32 21.98
N ALA D 548 -23.24 -47.18 23.13
CA ALA D 548 -22.62 -46.63 24.35
C ALA D 548 -21.50 -47.57 24.82
N GLN D 549 -21.72 -48.87 24.71
CA GLN D 549 -20.73 -49.84 25.22
C GLN D 549 -19.51 -49.82 24.29
N LEU D 550 -19.74 -49.76 22.97
CA LEU D 550 -18.65 -49.62 21.97
C LEU D 550 -17.89 -48.32 22.23
N ARG D 551 -18.59 -47.23 22.49
CA ARG D 551 -17.93 -45.93 22.75
C ARG D 551 -16.94 -46.06 23.90
N THR D 552 -17.37 -46.62 25.03
CA THR D 552 -16.53 -46.69 26.22
C THR D 552 -15.25 -47.44 25.86
N ARG D 553 -15.39 -48.57 25.18
CA ARG D 553 -14.26 -49.48 24.88
C ARG D 553 -13.32 -48.79 23.88
N LEU D 554 -13.86 -48.11 22.88
CA LEU D 554 -13.01 -47.46 21.85
C LEU D 554 -12.37 -46.18 22.40
N GLU D 555 -13.07 -45.39 23.21
CA GLU D 555 -12.53 -44.13 23.74
C GLU D 555 -11.37 -44.44 24.69
N LYS D 556 -11.42 -45.58 25.36
CA LYS D 556 -10.36 -45.98 26.31
C LYS D 556 -9.02 -45.96 25.56
N ASP D 557 -9.03 -46.30 24.27
CA ASP D 557 -7.79 -46.48 23.49
C ASP D 557 -7.47 -45.19 22.72
N GLY D 558 -8.16 -44.09 23.01
CA GLY D 558 -7.86 -42.76 22.42
C GLY D 558 -8.43 -42.58 21.01
N LEU D 559 -9.39 -43.41 20.60
CA LEU D 559 -10.11 -43.20 19.33
C LEU D 559 -11.17 -42.10 19.51
N VAL D 560 -11.42 -41.34 18.44
CA VAL D 560 -12.49 -40.31 18.44
C VAL D 560 -13.74 -40.95 17.91
N VAL D 561 -14.74 -41.13 18.79
CA VAL D 561 -15.97 -41.89 18.50
C VAL D 561 -17.12 -40.95 18.17
N THR D 562 -17.78 -41.18 17.06
CA THR D 562 -19.01 -40.49 16.68
C THR D 562 -20.13 -41.52 16.63
N VAL D 563 -21.12 -41.37 17.50
CA VAL D 563 -22.38 -42.17 17.38
C VAL D 563 -23.32 -41.38 16.48
N VAL D 564 -23.78 -42.03 15.41
CA VAL D 564 -24.70 -41.48 14.40
C VAL D 564 -26.08 -42.07 14.62
N ALA D 565 -27.11 -41.25 14.61
CA ALA D 565 -28.50 -41.76 14.56
C ALA D 565 -29.40 -40.78 13.81
N GLU D 566 -30.70 -41.09 13.77
CA GLU D 566 -31.64 -40.30 12.95
C GLU D 566 -31.69 -38.87 13.47
N THR D 567 -31.65 -38.71 14.80
CA THR D 567 -31.83 -37.43 15.51
C THR D 567 -30.81 -37.39 16.65
N LEU D 568 -30.45 -36.22 17.12
CA LEU D 568 -29.58 -36.03 18.30
C LEU D 568 -30.35 -36.31 19.60
N ARG D 569 -29.68 -36.91 20.56
N ARG D 569 -29.58 -36.72 20.61
CA ARG D 569 -30.13 -37.02 21.97
CA ARG D 569 -29.97 -36.95 22.02
C ARG D 569 -28.89 -37.46 22.75
C ARG D 569 -28.68 -37.13 22.82
N GLU D 570 -29.04 -37.63 24.06
N GLU D 570 -28.77 -37.21 24.13
CA GLU D 570 -27.93 -38.04 24.95
CA GLU D 570 -27.59 -37.60 24.94
C GLU D 570 -27.13 -39.14 24.21
C GLU D 570 -27.09 -38.96 24.42
N GLY D 571 -25.81 -38.99 24.04
CA GLY D 571 -25.02 -40.14 23.57
C GLY D 571 -24.91 -40.23 22.05
N VAL D 572 -25.68 -39.42 21.30
CA VAL D 572 -25.62 -39.37 19.81
C VAL D 572 -24.92 -38.05 19.43
N ASP D 573 -23.87 -38.12 18.62
CA ASP D 573 -23.01 -36.93 18.30
C ASP D 573 -23.51 -36.26 17.03
N GLN D 574 -23.87 -37.03 16.01
N GLN D 574 -24.08 -37.05 16.13
CA GLN D 574 -24.30 -36.48 14.71
CA GLN D 574 -24.24 -36.70 14.72
C GLN D 574 -25.56 -37.18 14.26
C GLN D 574 -25.50 -37.31 14.10
N THR D 575 -26.28 -36.53 13.36
CA THR D 575 -27.43 -37.08 12.62
C THR D 575 -26.92 -37.73 11.35
N TYR D 576 -27.69 -38.66 10.78
CA TYR D 576 -27.38 -39.24 9.46
C TYR D 576 -27.29 -38.15 8.38
N SER D 577 -28.07 -37.09 8.54
CA SER D 577 -28.11 -36.03 7.51
C SER D 577 -26.72 -35.40 7.39
N THR D 578 -25.99 -35.25 8.49
CA THR D 578 -24.67 -34.55 8.41
C THR D 578 -23.51 -35.55 8.32
N ALA D 579 -23.78 -36.85 8.44
CA ALA D 579 -22.72 -37.88 8.47
C ALA D 579 -22.33 -38.30 7.07
N ASP D 580 -21.05 -38.66 6.94
CA ASP D 580 -20.48 -39.16 5.67
C ASP D 580 -19.30 -40.07 5.98
N ALA D 581 -19.04 -41.07 5.12
CA ALA D 581 -17.91 -41.99 5.35
C ALA D 581 -16.56 -41.26 5.34
N THR D 582 -16.47 -40.11 4.66
CA THR D 582 -15.23 -39.29 4.68
C THR D 582 -14.94 -38.75 6.09
N GLY D 583 -15.91 -38.77 7.03
CA GLY D 583 -15.65 -38.34 8.40
C GLY D 583 -15.09 -39.42 9.32
N PHE D 584 -14.87 -40.63 8.81
CA PHE D 584 -14.41 -41.76 9.65
C PHE D 584 -13.25 -42.49 9.01
N ASP D 585 -12.41 -43.07 9.88
CA ASP D 585 -11.32 -44.01 9.50
C ASP D 585 -11.84 -45.44 9.60
N GLY D 586 -12.97 -45.63 10.28
CA GLY D 586 -13.62 -46.96 10.29
C GLY D 586 -15.08 -46.80 10.64
N VAL D 587 -15.88 -47.78 10.23
CA VAL D 587 -17.35 -47.67 10.44
C VAL D 587 -17.87 -48.96 11.07
N VAL D 588 -18.60 -48.79 12.14
CA VAL D 588 -19.20 -49.92 12.92
C VAL D 588 -20.71 -49.76 12.84
N VAL D 589 -21.44 -50.81 12.48
CA VAL D 589 -22.92 -50.80 12.62
C VAL D 589 -23.25 -51.67 13.84
N VAL D 590 -24.05 -51.16 14.74
CA VAL D 590 -24.62 -51.99 15.85
C VAL D 590 -25.79 -52.78 15.27
N ASP D 591 -25.87 -54.10 15.54
CA ASP D 591 -26.85 -54.94 14.81
C ASP D 591 -28.30 -54.59 15.19
N GLY D 592 -28.53 -53.89 16.29
CA GLY D 592 -29.86 -53.34 16.63
C GLY D 592 -30.34 -52.29 15.65
N ALA D 593 -29.46 -51.78 14.78
CA ALA D 593 -29.83 -50.75 13.76
C ALA D 593 -29.98 -51.37 12.38
N ALA D 594 -30.04 -52.71 12.23
CA ALA D 594 -29.99 -53.40 10.92
C ALA D 594 -31.13 -52.93 9.99
N ALA D 595 -32.28 -52.55 10.55
CA ALA D 595 -33.47 -52.15 9.76
C ALA D 595 -33.21 -50.91 8.89
N LEU D 596 -32.31 -50.02 9.31
N LEU D 596 -32.30 -50.02 9.30
CA LEU D 596 -32.02 -48.77 8.56
CA LEU D 596 -31.99 -48.79 8.53
C LEU D 596 -31.21 -49.09 7.28
C LEU D 596 -31.36 -49.15 7.18
N PHE D 597 -30.73 -50.32 7.11
CA PHE D 597 -29.88 -50.70 5.98
C PHE D 597 -30.72 -51.37 4.86
N ALA D 598 -32.03 -51.57 5.05
CA ALA D 598 -32.96 -52.12 4.01
C ALA D 598 -33.14 -51.11 2.87
N SER D 599 -33.25 -51.59 1.62
CA SER D 599 -33.46 -50.78 0.38
C SER D 599 -34.79 -49.99 0.43
N THR D 600 -35.68 -50.38 1.35
CA THR D 600 -37.05 -49.83 1.58
C THR D 600 -36.93 -48.57 2.46
N ALA D 601 -35.90 -48.52 3.33
CA ALA D 601 -35.77 -47.53 4.42
C ALA D 601 -35.87 -46.11 3.85
N SER D 602 -36.69 -45.27 4.48
CA SER D 602 -36.91 -43.86 4.06
C SER D 602 -37.31 -43.03 5.28
N SER D 603 -36.90 -41.76 5.29
CA SER D 603 -37.16 -40.81 6.40
C SER D 603 -37.01 -39.39 5.89
N PRO D 604 -37.85 -38.44 6.37
CA PRO D 604 -37.63 -37.04 6.04
C PRO D 604 -36.41 -36.49 6.76
N LEU D 605 -35.75 -37.29 7.61
CA LEU D 605 -34.69 -36.77 8.50
C LEU D 605 -33.32 -36.93 7.85
N PHE D 606 -33.18 -37.68 6.78
CA PHE D 606 -31.88 -37.86 6.07
C PHE D 606 -32.15 -38.31 4.65
N PRO D 607 -31.19 -38.10 3.74
CA PRO D 607 -31.35 -38.54 2.37
C PRO D 607 -31.55 -40.06 2.24
N THR D 608 -32.37 -40.43 1.28
CA THR D 608 -32.64 -41.85 0.93
C THR D 608 -31.31 -42.62 0.89
N GLY D 609 -31.24 -43.73 1.63
CA GLY D 609 -30.11 -44.66 1.57
C GLY D 609 -28.89 -44.21 2.36
N ARG D 610 -28.94 -43.11 3.10
CA ARG D 610 -27.72 -42.53 3.73
C ARG D 610 -27.05 -43.53 4.69
N PRO D 611 -27.74 -44.26 5.60
CA PRO D 611 -27.04 -45.17 6.50
C PRO D 611 -26.22 -46.18 5.70
N LEU D 612 -26.82 -46.84 4.70
CA LEU D 612 -26.11 -47.89 3.94
C LEU D 612 -24.99 -47.26 3.10
N GLN D 613 -25.19 -46.05 2.56
N GLN D 613 -25.20 -46.05 2.56
CA GLN D 613 -24.16 -45.43 1.69
CA GLN D 613 -24.17 -45.40 1.71
C GLN D 613 -22.90 -45.13 2.54
C GLN D 613 -22.91 -45.14 2.55
N ILE D 614 -23.05 -44.74 3.80
CA ILE D 614 -21.88 -44.51 4.71
C ILE D 614 -21.07 -45.81 4.78
N PHE D 615 -21.75 -46.93 5.01
CA PHE D 615 -21.11 -48.25 5.17
C PHE D 615 -20.44 -48.66 3.86
N VAL D 616 -21.13 -48.55 2.74
CA VAL D 616 -20.67 -48.94 1.39
C VAL D 616 -19.45 -48.08 1.02
N ASP D 617 -19.56 -46.76 1.18
CA ASP D 617 -18.41 -45.87 0.83
C ASP D 617 -17.20 -46.27 1.67
N ALA D 618 -17.36 -46.48 2.96
CA ALA D 618 -16.23 -46.80 3.85
C ALA D 618 -15.57 -48.09 3.35
N TYR D 619 -16.38 -49.09 2.96
CA TYR D 619 -15.85 -50.38 2.46
C TYR D 619 -15.08 -50.15 1.15
N ARG D 620 -15.70 -49.43 0.23
N ARG D 620 -15.70 -49.49 0.17
CA ARG D 620 -15.17 -49.28 -1.15
CA ARG D 620 -15.11 -49.30 -1.18
C ARG D 620 -13.92 -48.39 -1.12
C ARG D 620 -13.81 -48.49 -1.02
N TRP D 621 -13.75 -47.56 -0.09
CA TRP D 621 -12.52 -46.71 0.10
C TRP D 621 -11.44 -47.40 0.94
N GLY D 622 -11.67 -48.67 1.35
CA GLY D 622 -10.63 -49.51 1.97
C GLY D 622 -10.61 -49.55 3.48
N LYS D 623 -11.59 -48.94 4.16
CA LYS D 623 -11.55 -48.74 5.61
C LYS D 623 -11.96 -50.05 6.29
N PRO D 624 -11.53 -50.25 7.54
CA PRO D 624 -12.10 -51.31 8.38
C PRO D 624 -13.60 -51.00 8.55
N VAL D 625 -14.45 -52.03 8.34
CA VAL D 625 -15.92 -51.94 8.49
C VAL D 625 -16.37 -53.18 9.26
N GLY D 626 -17.46 -53.06 9.98
CA GLY D 626 -18.05 -54.28 10.54
C GLY D 626 -19.37 -54.04 11.24
N VAL D 627 -19.91 -55.14 11.76
CA VAL D 627 -21.22 -55.17 12.45
C VAL D 627 -20.98 -55.83 13.79
N CYS D 628 -21.35 -55.17 14.86
CA CYS D 628 -21.13 -55.61 16.25
C CYS D 628 -22.48 -56.09 16.79
N GLY D 629 -22.49 -57.32 17.30
CA GLY D 629 -23.64 -57.86 18.07
C GLY D 629 -23.98 -59.30 17.69
N GLY D 630 -23.57 -59.79 16.53
CA GLY D 630 -23.77 -61.22 16.13
C GLY D 630 -24.69 -61.41 14.95
N LYS D 631 -25.61 -60.47 14.70
CA LYS D 631 -26.49 -60.50 13.52
C LYS D 631 -25.93 -59.55 12.45
N SER D 632 -25.13 -60.08 11.57
CA SER D 632 -24.31 -59.29 10.61
C SER D 632 -24.84 -59.49 9.19
N SER D 633 -25.57 -60.58 8.94
CA SER D 633 -26.00 -60.96 7.57
C SER D 633 -26.80 -59.84 6.89
N GLU D 634 -27.79 -59.23 7.56
CA GLU D 634 -28.75 -58.31 6.87
C GLU D 634 -27.94 -57.07 6.38
N VAL D 635 -27.09 -56.56 7.25
CA VAL D 635 -26.26 -55.37 6.92
C VAL D 635 -25.24 -55.71 5.83
N LEU D 636 -24.42 -56.74 6.06
CA LEU D 636 -23.34 -57.09 5.11
C LEU D 636 -23.94 -57.46 3.75
N ASP D 637 -25.07 -58.17 3.70
CA ASP D 637 -25.71 -58.54 2.42
C ASP D 637 -26.21 -57.27 1.71
N ALA D 638 -26.84 -56.33 2.43
CA ALA D 638 -27.39 -55.08 1.84
C ALA D 638 -26.23 -54.29 1.22
N ALA D 639 -25.06 -54.36 1.84
CA ALA D 639 -23.84 -53.63 1.40
C ALA D 639 -23.04 -54.43 0.37
N ASP D 640 -23.40 -55.68 0.08
CA ASP D 640 -22.60 -56.55 -0.82
C ASP D 640 -21.17 -56.63 -0.29
N VAL D 641 -21.01 -56.74 1.02
CA VAL D 641 -19.71 -56.89 1.73
C VAL D 641 -19.62 -58.33 2.23
N PRO D 642 -18.56 -59.08 1.85
CA PRO D 642 -18.39 -60.45 2.30
C PRO D 642 -17.91 -60.52 3.74
N GLU D 643 -18.54 -61.38 4.55
N GLU D 643 -18.56 -61.38 4.53
CA GLU D 643 -18.22 -61.51 6.00
CA GLU D 643 -18.27 -61.60 5.97
C GLU D 643 -16.77 -62.01 6.16
C GLU D 643 -16.80 -62.02 6.16
N ASP D 644 -16.23 -62.73 5.18
CA ASP D 644 -14.85 -63.26 5.28
C ASP D 644 -13.82 -62.23 4.79
N GLY D 645 -14.24 -61.03 4.38
CA GLY D 645 -13.28 -60.08 3.80
C GLY D 645 -12.24 -59.62 4.82
N ASP D 646 -11.01 -59.38 4.35
N ASP D 646 -11.04 -59.37 4.34
CA ASP D 646 -9.98 -58.73 5.18
CA ASP D 646 -9.97 -58.72 5.14
C ASP D 646 -10.51 -57.34 5.55
C ASP D 646 -10.49 -57.33 5.54
N GLY D 647 -10.37 -56.96 6.81
CA GLY D 647 -10.84 -55.65 7.31
C GLY D 647 -12.36 -55.56 7.37
N VAL D 648 -13.05 -56.70 7.47
CA VAL D 648 -14.52 -56.77 7.65
C VAL D 648 -14.71 -57.57 8.93
N TYR D 649 -15.40 -57.00 9.92
CA TYR D 649 -15.46 -57.57 11.28
C TYR D 649 -16.93 -57.87 11.63
N SER D 650 -17.12 -59.05 12.21
N SER D 650 -17.15 -59.02 12.27
CA SER D 650 -18.43 -59.52 12.73
CA SER D 650 -18.48 -59.45 12.74
C SER D 650 -18.16 -60.31 14.00
C SER D 650 -18.27 -60.32 13.97
N GLU D 651 -18.56 -59.78 15.14
CA GLU D 651 -18.40 -60.42 16.46
C GLU D 651 -19.58 -60.02 17.31
N GLU D 652 -20.08 -60.95 18.13
CA GLU D 652 -21.07 -60.64 19.18
C GLU D 652 -20.40 -59.86 20.29
N SER D 653 -19.23 -60.29 20.73
CA SER D 653 -18.44 -59.74 21.86
C SER D 653 -17.90 -58.36 21.49
N VAL D 654 -18.32 -57.34 22.22
CA VAL D 654 -17.82 -55.95 22.02
C VAL D 654 -16.30 -55.95 22.18
N ASP D 655 -15.80 -56.64 23.20
CA ASP D 655 -14.33 -56.70 23.48
C ASP D 655 -13.57 -57.32 22.32
N MET D 656 -14.05 -58.47 21.80
N MET D 656 -14.02 -58.44 21.75
CA MET D 656 -13.43 -59.16 20.66
CA MET D 656 -13.31 -59.10 20.62
C MET D 656 -13.55 -58.25 19.42
C MET D 656 -13.58 -58.33 19.32
N PHE D 657 -14.75 -57.69 19.19
CA PHE D 657 -15.01 -56.79 18.05
C PHE D 657 -13.93 -55.69 18.06
N VAL D 658 -13.76 -55.02 19.19
CA VAL D 658 -12.84 -53.85 19.29
C VAL D 658 -11.40 -54.31 19.11
N GLU D 659 -10.99 -55.43 19.71
CA GLU D 659 -9.59 -55.94 19.52
C GLU D 659 -9.29 -56.13 18.04
N GLU D 660 -10.18 -56.78 17.28
CA GLU D 660 -9.99 -57.04 15.85
C GLU D 660 -9.99 -55.71 15.06
N PHE D 661 -11.01 -54.91 15.32
CA PHE D 661 -11.27 -53.64 14.58
C PHE D 661 -10.04 -52.75 14.72
N GLU D 662 -9.46 -52.66 15.92
CA GLU D 662 -8.29 -51.79 16.21
C GLU D 662 -7.05 -52.25 15.41
N LYS D 663 -6.90 -53.55 15.16
CA LYS D 663 -5.82 -54.02 14.25
C LYS D 663 -6.10 -53.47 12.84
N GLY D 664 -7.37 -53.44 12.43
CA GLY D 664 -7.76 -52.93 11.10
C GLY D 664 -7.48 -51.42 11.00
N LEU D 665 -7.72 -50.68 12.07
CA LEU D 665 -7.48 -49.21 12.05
C LEU D 665 -5.97 -48.98 11.88
N ALA D 666 -5.11 -49.80 12.49
CA ALA D 666 -3.65 -49.69 12.32
C ALA D 666 -3.28 -50.07 10.89
N THR D 667 -3.86 -51.10 10.28
CA THR D 667 -3.62 -51.47 8.89
C THR D 667 -4.03 -50.27 7.99
N PHE D 668 -5.10 -49.63 8.38
CA PHE D 668 -5.62 -48.32 7.90
C PHE D 668 -6.32 -48.49 6.57
N ARG D 669 -5.70 -49.16 5.63
CA ARG D 669 -6.34 -49.43 4.33
C ARG D 669 -6.19 -50.88 3.90
N PHE D 670 -7.28 -51.44 3.40
CA PHE D 670 -7.38 -52.83 2.86
C PHE D 670 -7.32 -52.75 1.34
N THR D 671 -6.09 -52.87 0.84
CA THR D 671 -5.77 -52.58 -0.57
C THR D 671 -6.25 -53.70 -1.48
N ASP D 672 -6.69 -54.84 -0.93
CA ASP D 672 -7.23 -55.96 -1.75
C ASP D 672 -8.56 -55.58 -2.43
N ARG D 673 -9.17 -54.43 -2.09
CA ARG D 673 -10.50 -54.03 -2.59
C ARG D 673 -10.36 -53.15 -3.85
N PHE D 674 -9.15 -53.01 -4.38
CA PHE D 674 -8.86 -52.18 -5.56
C PHE D 674 -8.33 -53.07 -6.69
N ALA D 675 -8.91 -52.92 -7.87
CA ALA D 675 -8.58 -53.71 -9.07
C ALA D 675 -7.25 -53.22 -9.63
N LEU D 676 -6.49 -54.15 -10.19
CA LEU D 676 -5.18 -53.88 -10.81
C LEU D 676 -5.28 -54.14 -12.30
N ASP D 677 -4.59 -53.33 -13.09
CA ASP D 677 -4.32 -53.68 -14.49
C ASP D 677 -3.58 -55.04 -14.53
N SER D 678 -3.86 -55.87 -15.49
CA SER D 678 -3.23 -57.23 -15.57
C SER D 678 -1.71 -57.17 -15.84
FE HDD E . -6.87 20.13 8.58
CHA HDD E . -4.09 18.21 8.75
CHB HDD E . -5.85 22.11 11.17
CHC HDD E . -9.51 22.22 8.00
CHD HDD E . -7.97 18.02 6.08
NA HDD E . -5.22 20.21 9.69
C1A HDD E . -4.21 19.33 9.68
C2A HDD E . -3.25 19.64 10.72
C3A HDD E . -3.76 20.75 11.40
C4A HDD E . -4.97 21.06 10.71
CMA HDD E . -3.19 21.47 12.58
CAA HDD E . -1.93 18.98 11.10
CBA HDD E . -2.08 17.99 12.24
CGA HDD E . -0.67 17.43 12.50
O1A HDD E . 0.23 18.22 12.98
O2A HDD E . -0.36 16.27 12.13
NB HDD E . -7.51 21.90 9.37
C1B HDD E . -7.06 22.49 10.53
C2B HDD E . -7.86 23.55 11.01
C3B HDD E . -8.91 23.59 10.04
C4B HDD E . -8.65 22.52 9.12
CMB HDD E . -7.70 24.39 12.24
CAB HDD E . -10.11 24.45 9.93
CBB HDD E . -10.56 25.03 10.98
NC HDD E . -8.38 20.18 7.19
C1C HDD E . -9.40 21.06 7.14
C2C HDD E . -10.45 20.82 6.13
C3C HDD E . -9.99 19.55 5.69
C4C HDD E . -8.73 19.17 6.35
CMC HDD E . -11.72 21.56 5.84
CAC HDD E . -10.57 18.66 4.72
CBC HDD E . -11.81 18.62 4.44
ND HDD E . -6.17 18.49 7.64
C1D HDD E . -6.78 17.72 6.69
C2D HDD E . -6.17 16.36 6.42
C3D HDD E . -4.89 16.41 7.29
C4D HDD E . -5.03 17.80 7.93
CMD HDD E . -5.97 16.10 4.97
CAD HDD E . -3.52 16.05 6.73
CBD HDD E . -2.76 15.15 7.64
CGD HDD E . -3.80 14.72 8.57
O1D HDD E . -4.98 15.34 8.33
O2D HDD E . -3.72 13.93 9.53
OND HDD E . -7.02 15.23 6.83
CA CA F . 0.27 30.12 -9.96
CA CA G . -25.93 9.35 20.62
CA CA H . -28.57 18.35 -5.01
CA CA I . -0.02 -0.05 0.05
CA CA J . 3.92 42.37 13.22
FE HDD K . -22.23 -5.32 -0.12
CHA HDD K . -19.50 -6.24 -1.92
CHB HDD K . -24.34 -6.76 -2.42
CHC HDD K . -24.87 -4.73 1.99
CHD HDD K . -20.14 -3.76 2.06
NA HDD K . -21.97 -6.41 -1.78
C1A HDD K . -20.80 -6.67 -2.44
C2A HDD K . -20.98 -7.36 -3.69
C3A HDD K . -22.39 -7.50 -3.83
C4A HDD K . -22.92 -6.89 -2.65
CMA HDD K . -23.16 -8.12 -4.93
CAA HDD K . -19.96 -7.83 -4.65
CBA HDD K . -19.78 -6.89 -5.82
CGA HDD K . -18.78 -7.57 -6.77
O1A HDD K . -19.15 -8.59 -7.38
O2A HDD K . -17.57 -7.16 -6.87
NB HDD K . -24.23 -5.75 -0.16
C1B HDD K . -24.94 -6.21 -1.23
C2B HDD K . -26.41 -6.16 -1.10
C3B HDD K . -26.46 -5.55 0.19
C4B HDD K . -25.15 -5.36 0.73
CMB HDD K . -27.47 -6.47 -2.07
CAB HDD K . -27.62 -5.20 1.00
CBB HDD K . -28.75 -4.97 0.49
NC HDD K . -22.41 -4.48 1.75
C1C HDD K . -23.57 -4.26 2.42
C2C HDD K . -23.45 -3.53 3.68
C3C HDD K . -22.11 -3.20 3.64
C4C HDD K . -21.52 -3.81 2.43
CMC HDD K . -24.51 -3.12 4.65
CAC HDD K . -21.29 -2.43 4.56
CBC HDD K . -21.74 -1.52 5.36
ND HDD K . -20.23 -5.05 0.04
C1D HDD K . -19.58 -4.33 0.96
C2D HDD K . -18.12 -4.02 0.66
C3D HDD K . -17.91 -4.82 -0.61
C4D HDD K . -19.31 -5.44 -0.85
CMD HDD K . -17.19 -4.28 1.80
CAD HDD K . -16.70 -5.72 -0.71
CBD HDD K . -16.10 -5.56 -2.07
CGD HDD K . -16.62 -4.32 -2.61
O1D HDD K . -17.60 -3.88 -1.73
O2D HDD K . -16.38 -3.71 -3.68
OND HDD K . -17.88 -2.59 0.43
CA CA L . -18.47 -20.85 15.41
CA CA M . -35.70 -26.25 -3.88
OH2 1PE N . -13.59 -58.45 -6.78
C12 1PE N . -14.67 -58.45 -7.70
C22 1PE N . -16.01 -58.27 -7.03
OH3 1PE N . -16.62 -57.08 -7.52
C13 1PE N . -15.73 -55.63 -5.78
C23 1PE N . -16.96 -56.13 -6.51
OH4 1PE N . -14.63 -55.42 -6.67
C14 1PE N . -12.27 -55.12 -6.84
C24 1PE N . -13.50 -54.84 -6.03
OH5 1PE N . -11.51 -56.16 -6.23
C15 1PE N . -9.89 -57.90 -6.48
C25 1PE N . -10.42 -56.61 -7.03
OH6 1PE N . -10.80 -58.96 -6.78
C16 1PE N . -9.50 -60.55 -8.00
C26 1PE N . -10.22 -60.25 -6.73
OH7 1PE N . -9.33 -61.94 -8.22
OH2 1PE O . -39.59 -18.38 24.80
C12 1PE O . -40.41 -18.50 23.65
C22 1PE O . -41.85 -18.70 23.99
OH3 1PE O . -42.01 -19.96 24.63
C13 1PE O . -43.34 -21.26 26.17
C23 1PE O . -43.35 -20.28 25.00
OH4 1PE O . -42.72 -22.49 25.78
C14 1PE O . -42.09 -24.77 26.29
C24 1PE O . -42.78 -23.51 26.77
OH5 1PE O . -40.69 -24.52 26.12
C15 1PE O . -38.52 -25.24 25.49
C25 1PE O . -39.96 -25.64 25.64
OH6 1PE O . -37.96 -25.06 26.78
C16 1PE O . -36.38 -24.01 28.27
C26 1PE O . -36.98 -24.04 26.87
OH7 1PE O . -35.53 -25.14 28.52
OH2 1PE P . -8.94 4.84 -22.52
C12 1PE P . -10.15 5.58 -22.40
C22 1PE P . -10.24 6.75 -23.36
OH3 1PE P . -9.27 7.76 -23.06
C13 1PE P . -8.59 9.70 -21.78
C23 1PE P . -9.60 8.58 -21.93
OH4 1PE P . -7.83 9.51 -20.60
C14 1PE P . -5.73 8.26 -20.46
C24 1PE P . -6.41 9.60 -20.76
OH5 1PE P . -5.89 7.37 -21.57
C15 1PE P . -4.86 5.68 -22.94
C25 1PE P . -5.08 6.20 -21.52
OH6 1PE P . -6.11 5.70 -23.64
C16 1PE P . -7.32 5.83 -25.70
C26 1PE P . -5.97 5.64 -25.05
OH7 1PE P . -7.56 7.18 -26.07
FE HDD Q . 21.00 6.52 -6.25
CHA HDD Q . 17.87 7.81 -6.50
CHB HDD Q . 22.26 8.82 -8.48
CHC HDD Q . 24.19 5.45 -5.56
CHD HDD Q . 19.74 4.14 -4.13
NA HDD Q . 20.26 8.10 -7.24
C1A HDD Q . 18.95 8.46 -7.27
C2A HDD Q . 18.75 9.53 -8.20
C3A HDD Q . 20.01 9.81 -8.78
C4A HDD Q . 20.88 8.89 -8.11
CMA HDD Q . 20.34 10.82 -9.79
CAA HDD Q . 17.45 10.25 -8.49
CBA HDD Q . 16.79 9.81 -9.77
CGA HDD Q . 15.59 10.67 -10.00
O1A HDD Q . 15.77 11.86 -10.36
O2A HDD Q . 14.42 10.23 -9.84
NB HDD Q . 22.90 7.09 -6.85
C1B HDD Q . 23.21 7.90 -7.90
C2B HDD Q . 24.60 7.96 -8.27
C3B HDD Q . 25.15 6.95 -7.39
C4B HDD Q . 24.07 6.47 -6.57
CMB HDD Q . 25.28 8.72 -9.36
CAB HDD Q . 26.52 6.43 -7.28
CBB HDD Q . 27.32 6.46 -8.25
NC HDD Q . 21.85 5.13 -4.99
C1C HDD Q . 23.14 4.80 -4.89
C2C HDD Q . 23.39 3.70 -4.00
C3C HDD Q . 22.08 3.27 -3.68
C4C HDD Q . 21.17 4.19 -4.33
CMC HDD Q . 24.72 3.04 -3.66
CAC HDD Q . 21.60 2.19 -2.84
CBC HDD Q . 22.23 1.12 -2.61
ND HDD Q . 19.21 6.10 -5.48
C1D HDD Q . 18.86 5.02 -4.69
C2D HDD Q . 17.37 4.78 -4.51
C3D HDD Q . 16.73 5.94 -5.27
C4D HDD Q . 18.01 6.71 -5.72
CMD HDD Q . 16.93 4.59 -3.09
CAD HDD Q . 15.60 6.83 -4.67
CBD HDD Q . 14.53 7.00 -5.70
CGD HDD Q . 14.84 6.02 -6.71
O1D HDD Q . 16.05 5.39 -6.51
O2D HDD Q . 14.11 5.82 -7.72
OND HDD Q . 17.00 3.50 -5.14
CA CA R . 33.53 28.36 -7.36
OH2 1PE S . 34.87 -12.30 -28.94
C12 1PE S . 35.15 -12.38 -30.34
C22 1PE S . 35.37 -11.03 -30.97
OH3 1PE S . 35.37 -11.08 -32.40
C13 1PE S . 34.23 -11.78 -34.47
C23 1PE S . 34.33 -11.90 -32.97
OH4 1PE S . 33.15 -12.60 -34.96
C14 1PE S . 30.70 -12.90 -35.09
C24 1PE S . 31.87 -12.20 -34.46
OH5 1PE S . 29.47 -12.24 -34.73
C15 1PE S . 28.10 -10.20 -34.99
C25 1PE S . 29.35 -10.93 -35.33
OH6 1PE S . 28.19 -8.83 -35.43
C16 1PE S . 29.47 -6.66 -34.96
C26 1PE S . 29.35 -8.19 -34.91
OH7 1PE S . 30.03 -6.15 -33.62
OH2 1PE T . 20.99 30.27 -29.77
C12 1PE T . 19.67 29.80 -29.93
C22 1PE T . 18.78 30.25 -28.81
OH3 1PE T . 18.20 31.53 -29.13
C13 1PE T . 16.69 33.31 -28.57
C23 1PE T . 17.04 31.85 -28.38
OH4 1PE T . 17.86 34.12 -28.62
C14 1PE T . 18.77 36.37 -28.87
C24 1PE T . 17.54 35.51 -28.66
OH5 1PE T . 19.27 36.21 -30.19
C15 1PE T . 21.40 35.71 -31.17
C25 1PE T . 20.61 36.70 -30.37
OH6 1PE T . 22.16 36.36 -32.18
C16 1PE T . 22.98 34.38 -33.26
C26 1PE T . 23.34 35.66 -32.54
OH7 1PE T . 23.07 33.24 -32.42
OH2 1PE U . 18.27 19.41 -37.26
C12 1PE U . 18.38 19.81 -35.90
C22 1PE U . 19.65 19.31 -35.22
OH3 1PE U . 19.49 17.99 -34.72
C13 1PE U . 21.93 17.90 -34.34
C23 1PE U . 20.55 17.55 -33.81
OH4 1PE U . 22.95 16.89 -34.16
C14 1PE U . 24.80 15.67 -35.37
C24 1PE U . 23.83 16.84 -35.29
OH5 1PE U . 24.22 14.39 -35.66
C15 1PE U . 23.26 14.50 -37.82
C25 1PE U . 24.39 13.96 -37.01
OH6 1PE U . 23.32 14.12 -39.21
C16 1PE U . 24.82 15.97 -39.80
C26 1PE U . 24.50 14.50 -39.92
OH7 1PE U . 23.73 16.82 -40.17
OH2 1PE V . 3.85 0.52 -29.77
OH2 1PE V . 2.21 -5.66 -30.35
C12 1PE V . 3.59 1.00 -28.47
C12 1PE V . 1.79 -5.57 -29.04
C22 1PE V . 4.47 0.33 -27.48
C22 1PE V . 2.88 -5.80 -28.09
OH3 1PE V . 4.09 0.66 -26.15
OH3 1PE V . 2.42 -6.52 -26.97
C13 1PE V . 2.55 -0.63 -24.96
C13 1PE V . 2.61 -4.22 -26.47
C23 1PE V . 3.98 -0.48 -25.31
C23 1PE V . 2.19 -5.55 -25.94
OH4 1PE V . 2.35 -1.83 -24.24
OH4 1PE V . 2.87 -3.24 -25.48
C14 1PE V . 0.50 -0.50 -23.44
C14 1PE V . 0.67 -2.22 -25.04
C24 1PE V . 1.06 -1.89 -23.64
C24 1PE V . 1.84 -3.08 -24.51
OH5 1PE V . -0.86 -0.40 -23.89
OH5 1PE V . 0.04 -1.51 -23.96
C15 1PE V . -1.31 2.00 -23.88
C15 1PE V . -1.66 0.01 -23.20
C25 1PE V . -1.60 0.65 -23.27
C25 1PE V . -1.23 -0.98 -24.27
OH6 1PE V . -2.53 2.69 -24.11
OH6 1PE V . -1.47 1.36 -23.60
C16 1PE V . -1.32 3.95 -25.72
C16 1PE V . 0.59 1.50 -24.86
C26 1PE V . -2.36 3.99 -24.66
C26 1PE V . -0.90 1.47 -24.91
OH7 1PE V . -1.88 4.18 -27.00
OH7 1PE V . 1.11 2.09 -26.01
FE HDD W . 8.14 -21.28 -1.87
CHA HDD W . 5.72 -19.78 -0.02
CHB HDD W . 8.01 -24.07 0.07
CHC HDD W . 10.26 -22.92 -4.06
CHD HDD W . 8.45 -18.41 -3.68
NA HDD W . 6.96 -21.87 -0.34
C1A HDD W . 6.06 -21.15 0.34
C2A HDD W . 5.52 -21.82 1.51
C3A HDD W . 6.19 -23.09 1.50
C4A HDD W . 7.10 -23.00 0.37
CMA HDD W . 6.02 -24.18 2.48
CAA HDD W . 4.49 -21.37 2.48
CBA HDD W . 5.07 -20.85 3.77
CGA HDD W . 3.90 -20.54 4.66
O1A HDD W . 3.23 -21.48 5.17
O2A HDD W . 3.62 -19.34 4.87
NB HDD W . 8.96 -23.19 -1.99
C1B HDD W . 8.86 -24.15 -1.06
C2B HDD W . 9.75 -25.28 -1.27
C3B HDD W . 10.38 -24.92 -2.51
C4B HDD W . 9.85 -23.64 -2.88
CMB HDD W . 9.92 -26.53 -0.51
CAB HDD W . 11.38 -25.65 -3.28
CBB HDD W . 12.20 -26.44 -2.74
NC HDD W . 9.09 -20.81 -3.61
C1C HDD W . 9.93 -21.56 -4.34
C2C HDD W . 10.57 -20.88 -5.44
C3C HDD W . 10.04 -19.55 -5.30
C4C HDD W . 9.17 -19.58 -4.15
CMC HDD W . 11.56 -21.38 -6.45
CAC HDD W . 10.35 -18.31 -6.05
CBC HDD W . 11.44 -18.10 -6.73
ND HDD W . 7.25 -19.49 -1.87
C1D HDD W . 7.60 -18.42 -2.65
C2D HDD W . 6.92 -17.12 -2.21
C3D HDD W . 6.05 -17.50 -1.02
C4D HDD W . 6.32 -19.03 -0.98
CMD HDD W . 6.30 -16.31 -3.35
CAD HDD W . 4.63 -16.99 -0.95
CBD HDD W . 4.36 -16.55 0.48
CGD HDD W . 5.65 -16.44 1.12
O1D HDD W . 6.60 -16.89 0.24
O2D HDD W . 5.89 -15.98 2.25
OND HDD W . 7.94 -16.15 -1.82
CA CA X . -5.77 -24.86 -18.86
CA CA Y . -1.77 -44.43 -1.50
OH2 1PE Z . 20.06 -35.84 29.10
C12 1PE Z . 19.60 -34.52 29.42
C22 1PE Z . 18.42 -34.04 28.60
OH3 1PE Z . 17.80 -35.12 27.87
C13 1PE Z . 16.89 -35.64 25.70
C23 1PE Z . 16.84 -34.71 26.89
OH4 1PE Z . 16.02 -35.22 24.65
C14 1PE Z . 13.75 -35.97 24.13
C24 1PE Z . 14.64 -35.17 25.05
OH5 1PE Z . 12.55 -35.25 23.84
C15 1PE Z . 10.92 -33.80 24.88
C25 1PE Z . 11.71 -35.09 24.97
OH6 1PE Z . 10.84 -33.15 26.14
C16 1PE Z . 9.94 -33.31 28.36
C26 1PE Z . 10.64 -34.03 27.25
OH7 1PE Z . 9.16 -34.19 29.15
OH2 1PE AA . 7.12 -5.76 24.94
OH2 1PE AA . 12.89 -5.21 26.69
C12 1PE AA . 6.58 -6.83 24.25
C12 1PE AA . 13.12 -4.53 25.48
C22 1PE AA . 6.43 -6.48 22.84
C22 1PE AA . 12.38 -3.24 25.40
OH3 1PE AA . 6.90 -5.15 22.66
OH3 1PE AA . 12.31 -2.88 24.03
C13 1PE AA . 8.56 -4.13 21.37
C13 1PE AA . 10.80 -4.10 22.72
C23 1PE AA . 8.28 -5.15 22.36
C23 1PE AA . 12.18 -4.04 23.23
OH4 1PE AA . 9.97 -3.96 21.31
OH4 1PE AA . 10.77 -3.48 21.45
C14 1PE AA . 12.06 -4.66 20.42
C14 1PE AA . 12.63 -3.85 20.02
C24 1PE AA . 10.63 -5.04 20.66
C24 1PE AA . 11.27 -4.35 20.43
OH5 1PE AA . 12.83 -5.82 20.11
OH5 1PE AA . 13.46 -4.92 19.57
C15 1PE AA . 13.13 -8.14 20.34
C15 1PE AA . 15.23 -5.80 20.85
C25 1PE AA . 12.40 -6.97 20.83
C25 1PE AA . 13.79 -5.82 20.62
OH6 1PE AA . 12.77 -9.20 21.18
OH6 1PE AA . 15.65 -4.54 21.33
C16 1PE AA . 13.11 -10.14 23.32
C16 1PE AA . 17.67 -3.67 22.16
C26 1PE AA . 13.13 -8.91 22.52
C26 1PE AA . 17.01 -4.25 21.03
OH7 1PE AA . 14.18 -10.15 24.23
OH7 1PE AA . 17.41 -4.40 23.40
#